data_9GNE
#
_entry.id   9GNE
#
loop_
_entity.id
_entity.type
_entity.pdbx_description
1 polymer 'Acylamino-acid-releasing enzyme'
2 non-polymer ~{N}-[(2~{S},3~{S})-3-oxidanylbutan-2-yl]ethanamide
#
_entity_poly.entity_id   1
_entity_poly.type   'polypeptide(L)'
_entity_poly.pdbx_seq_one_letter_code
;MERQVLLSEPEEAAALYRGLSRQPALSAACLGPEVTTQYGGRYRTVHTEWTQRDLERMENIRFCRQYLVFHDGDSVVFAG
PAGNSVETRGELLSRESPSGTMKAVLRKAGGTGTAEEKQFLEVWEKNRKLKSFNLSALEKHGPVYEDDCFGCLSWSHSET
HLLYVADKKRPKAESFFQTKALDVTGSDDEMARTKKPDQAIKGDQFLFYEDWGENMVSKSTPVLCVLDIESGNISVLEGV
PESVSPGQAFWAPGDTGVVFVGWWHEPFRLGIRFCTNRRSALYYVDLTGGKCELLSDESVAVTSPRLSPDQCRIVYLRFP
SLVPHQQCGQLCLYDWYTRVTSVVVDIVPRQLGEDFSGIYCSLLPLGCWSADSQRVVFDSPQRSRQDLFAVDTQMGSVTS
LTAGGSGGSWKLLTIDRDLMVVQFSTPSVPPSLKVGFLPPAGKEQAVSWVSLEEAEPFPDISWSIRVLQPPPQQEHVQYA
GLDFEAILLQPSNSPEKTQVPMVVMPHGGPHSSFVTAWMLFPAMLCKMGFAVLLVNYRGSTGFGQDSILSLPGNVGHQDV
KDVQFAVEQVLQEEHFDAGRVALMGGSHGGFLSCHLIGQYPETYSACVVRNPVINIASMMGSTDIPDWCMVEAGFSYSSD
CLPDLSVWAAMLDKSPIKYAPQVKTPLLLMLGQEDRRVPFKQGMEYYRVLKARNVPVRLLLYPKSTHALSEVEVESDSFM
NAVLWLCTHLGS
;
_entity_poly.pdbx_strand_id   A,B,C,D
#
# COMPACT_ATOMS: atom_id res chain seq x y z
N PRO A 10 -15.89 -18.18 30.04
CA PRO A 10 -14.71 -17.92 29.22
C PRO A 10 -13.86 -16.76 29.75
N GLU A 11 -14.41 -16.00 30.68
CA GLU A 11 -13.66 -14.87 31.23
C GLU A 11 -12.57 -15.35 32.19
N GLU A 12 -12.88 -16.34 33.02
CA GLU A 12 -11.90 -16.85 33.98
C GLU A 12 -10.70 -17.45 33.27
N ALA A 13 -10.94 -18.24 32.21
CA ALA A 13 -9.83 -18.83 31.47
C ALA A 13 -8.98 -17.76 30.80
N ALA A 14 -9.62 -16.74 30.23
CA ALA A 14 -8.87 -15.65 29.60
C ALA A 14 -8.01 -14.92 30.62
N ALA A 15 -8.57 -14.65 31.81
CA ALA A 15 -7.79 -13.98 32.85
C ALA A 15 -6.62 -14.84 33.30
N LEU A 16 -6.85 -16.16 33.46
CA LEU A 16 -5.78 -17.06 33.86
C LEU A 16 -4.66 -17.10 32.82
N TYR A 17 -5.04 -17.17 31.53
CA TYR A 17 -4.02 -17.18 30.48
C TYR A 17 -3.25 -15.86 30.45
N ARG A 18 -3.96 -14.74 30.62
CA ARG A 18 -3.28 -13.44 30.67
C ARG A 18 -2.30 -13.38 31.83
N GLY A 19 -2.69 -13.89 32.99
CA GLY A 19 -1.79 -13.88 34.13
C GLY A 19 -0.57 -14.77 33.94
N LEU A 20 -0.79 -15.97 33.37
CA LEU A 20 0.31 -16.92 33.22
C LEU A 20 1.24 -16.58 32.06
N SER A 21 0.79 -15.79 31.08
CA SER A 21 1.65 -15.40 29.98
C SER A 21 2.50 -14.18 30.29
N ARG A 22 2.35 -13.60 31.48
CA ARG A 22 3.11 -12.40 31.83
C ARG A 22 4.57 -12.70 32.15
N GLN A 23 4.86 -13.91 32.61
CA GLN A 23 6.22 -14.23 33.03
C GLN A 23 7.17 -14.29 31.85
N PRO A 24 8.31 -13.61 31.90
CA PRO A 24 9.23 -13.59 30.75
C PRO A 24 10.09 -14.84 30.72
N ALA A 25 10.91 -14.93 29.66
CA ALA A 25 11.81 -16.07 29.48
C ALA A 25 13.15 -15.58 28.94
N LEU A 26 14.23 -16.21 29.39
CA LEU A 26 15.56 -15.81 28.97
C LEU A 26 15.83 -16.27 27.54
N SER A 27 16.73 -15.53 26.86
CA SER A 27 17.06 -15.86 25.48
C SER A 27 18.56 -15.98 25.27
N ALA A 28 19.35 -15.15 25.95
CA ALA A 28 20.80 -15.15 25.76
C ALA A 28 21.42 -14.35 26.89
N ALA A 29 22.75 -14.47 27.01
CA ALA A 29 23.50 -13.73 28.02
C ALA A 29 24.93 -13.57 27.56
N CYS A 30 25.61 -12.59 28.14
CA CYS A 30 27.01 -12.30 27.83
C CYS A 30 27.63 -11.59 29.02
N LEU A 31 28.96 -11.57 29.03
CA LEU A 31 29.73 -10.97 30.12
C LEU A 31 30.61 -9.87 29.58
N GLY A 32 30.64 -8.73 30.28
CA GLY A 32 31.43 -7.60 29.87
C GLY A 32 32.85 -7.65 30.39
N PRO A 33 33.63 -6.63 30.07
CA PRO A 33 35.03 -6.59 30.54
C PRO A 33 35.10 -6.31 32.04
N GLU A 34 36.22 -6.71 32.63
CA GLU A 34 36.45 -6.53 34.05
C GLU A 34 37.08 -5.16 34.30
N VAL A 35 36.51 -4.43 35.26
CA VAL A 35 36.94 -3.07 35.59
C VAL A 35 37.47 -3.07 37.01
N THR A 36 38.66 -2.51 37.19
CA THR A 36 39.30 -2.42 38.50
C THR A 36 38.90 -1.09 39.15
N THR A 37 38.10 -1.16 40.20
CA THR A 37 37.61 0.02 40.89
C THR A 37 38.74 0.71 41.67
N ARG A 42 37.16 -5.62 42.12
CA ARG A 42 36.78 -5.63 40.72
C ARG A 42 35.33 -6.04 40.55
N TYR A 43 34.75 -5.69 39.40
CA TYR A 43 33.36 -6.03 39.11
C TYR A 43 33.19 -6.21 37.61
N ARG A 44 32.10 -6.88 37.24
CA ARG A 44 31.80 -7.18 35.85
C ARG A 44 30.33 -6.89 35.59
N THR A 45 30.01 -6.69 34.31
CA THR A 45 28.64 -6.44 33.87
C THR A 45 28.16 -7.62 33.04
N VAL A 46 26.93 -8.05 33.31
CA VAL A 46 26.30 -9.16 32.60
C VAL A 46 25.08 -8.65 31.86
N HIS A 47 25.04 -8.87 30.56
CA HIS A 47 23.94 -8.42 29.71
C HIS A 47 22.98 -9.58 29.45
N THR A 48 21.72 -9.39 29.80
CA THR A 48 20.69 -10.42 29.65
C THR A 48 19.63 -9.94 28.68
N GLU A 49 19.15 -10.84 27.83
CA GLU A 49 18.08 -10.56 26.88
C GLU A 49 16.89 -11.47 27.19
N TRP A 50 15.70 -10.89 27.24
CA TRP A 50 14.50 -11.61 27.62
C TRP A 50 13.44 -11.46 26.52
N THR A 51 12.49 -12.39 26.51
CA THR A 51 11.38 -12.35 25.57
C THR A 51 10.08 -12.55 26.34
N GLN A 52 9.01 -11.91 25.85
CA GLN A 52 7.71 -11.98 26.49
C GLN A 52 6.62 -11.91 25.44
N ARG A 53 5.43 -12.38 25.81
CA ARG A 53 4.28 -12.35 24.93
C ARG A 53 3.38 -11.18 25.32
N ASP A 54 3.15 -10.29 24.36
CA ASP A 54 2.22 -9.17 24.55
C ASP A 54 0.92 -9.50 23.84
N LEU A 55 -0.17 -9.57 24.60
CA LEU A 55 -1.46 -9.94 24.03
C LEU A 55 -2.23 -8.73 23.49
N GLU A 56 -1.97 -7.53 24.01
CA GLU A 56 -2.63 -6.34 23.48
C GLU A 56 -2.20 -6.08 22.05
N ARG A 57 -0.90 -6.23 21.76
CA ARG A 57 -0.37 -6.04 20.42
C ARG A 57 -0.28 -7.34 19.63
N MET A 58 -0.38 -8.49 20.30
CA MET A 58 -0.27 -9.81 19.67
C MET A 58 1.07 -9.96 18.94
N GLU A 59 2.15 -9.86 19.73
CA GLU A 59 3.49 -9.98 19.20
C GLU A 59 4.41 -10.47 20.32
N ASN A 60 5.66 -10.76 19.96
CA ASN A 60 6.68 -11.19 20.91
C ASN A 60 7.64 -10.03 21.14
N ILE A 61 7.65 -9.50 22.36
CA ILE A 61 8.47 -8.35 22.71
C ILE A 61 9.79 -8.84 23.28
N ARG A 62 10.89 -8.31 22.74
CA ARG A 62 12.24 -8.63 23.19
C ARG A 62 12.88 -7.38 23.79
N PHE A 63 13.41 -7.50 24.99
CA PHE A 63 14.05 -6.39 25.67
C PHE A 63 15.36 -6.84 26.30
N CYS A 64 16.09 -5.89 26.85
CA CYS A 64 17.42 -6.13 27.40
C CYS A 64 17.52 -5.56 28.80
N ARG A 65 18.44 -6.12 29.60
CA ARG A 65 18.66 -5.68 30.96
C ARG A 65 20.11 -5.97 31.33
N GLN A 66 20.67 -5.16 32.23
CA GLN A 66 22.06 -5.26 32.62
C GLN A 66 22.17 -5.44 34.14
N TYR A 67 23.11 -6.29 34.55
CA TYR A 67 23.37 -6.56 35.96
C TYR A 67 24.84 -6.36 36.26
N LEU A 68 25.15 -6.09 37.52
CA LEU A 68 26.51 -5.88 37.99
C LEU A 68 26.86 -6.92 39.05
N VAL A 69 28.01 -7.55 38.92
CA VAL A 69 28.48 -8.57 39.86
C VAL A 69 29.86 -8.18 40.34
N PHE A 70 30.01 -8.02 41.66
CA PHE A 70 31.30 -7.69 42.28
C PHE A 70 31.93 -8.97 42.80
N HIS A 71 33.14 -9.27 42.31
CA HIS A 71 33.84 -10.50 42.69
C HIS A 71 35.22 -10.16 43.23
N ASP A 72 35.65 -10.92 44.23
CA ASP A 72 36.95 -10.71 44.85
C ASP A 72 37.94 -11.79 44.42
N ASP A 74 37.56 -15.17 43.28
CA ASP A 74 36.85 -16.41 42.99
C ASP A 74 35.66 -16.60 43.92
N SER A 75 35.00 -15.49 44.26
CA SER A 75 33.82 -15.52 45.12
C SER A 75 32.90 -14.38 44.72
N VAL A 76 31.58 -14.63 44.76
CA VAL A 76 30.59 -13.62 44.42
C VAL A 76 30.33 -12.74 45.62
N VAL A 77 31.05 -11.62 45.71
CA VAL A 77 30.92 -10.74 46.86
C VAL A 77 29.58 -10.02 46.84
N PHE A 78 29.16 -9.52 45.67
CA PHE A 78 27.95 -8.73 45.57
C PHE A 78 27.36 -8.88 44.17
N ALA A 79 26.04 -8.72 44.07
CA ALA A 79 25.35 -8.80 42.80
C ALA A 79 24.03 -8.03 42.91
N GLY A 80 23.68 -7.31 41.84
CA GLY A 80 22.45 -6.55 41.81
C GLY A 80 22.17 -5.94 40.46
N PRO A 81 20.96 -5.38 40.30
CA PRO A 81 20.60 -4.76 39.03
C PRO A 81 21.30 -3.43 38.82
N ALA A 82 21.42 -3.05 37.55
CA ALA A 82 22.15 -1.84 37.17
C ALA A 82 21.38 -1.06 36.10
N GLY A 83 20.07 -0.92 36.29
CA GLY A 83 19.27 -0.11 35.41
C GLY A 83 17.89 -0.72 35.21
N ASN A 84 17.21 -0.24 34.17
CA ASN A 84 15.88 -0.69 33.81
C ASN A 84 15.94 -1.49 32.51
N SER A 85 14.78 -1.89 32.00
CA SER A 85 14.67 -2.71 30.81
C SER A 85 14.25 -1.85 29.62
N VAL A 86 15.02 -1.95 28.53
CA VAL A 86 14.77 -1.17 27.32
C VAL A 86 14.45 -2.13 26.19
N GLU A 87 13.31 -1.92 25.53
CA GLU A 87 12.90 -2.79 24.44
C GLU A 87 13.64 -2.41 23.16
N THR A 88 14.09 -3.43 22.43
CA THR A 88 14.80 -3.25 21.18
C THR A 88 14.04 -3.95 20.06
N ARG A 89 13.94 -3.29 18.91
CA ARG A 89 13.21 -3.84 17.76
C ARG A 89 14.06 -3.73 16.51
N GLY A 90 14.07 -4.79 15.72
CA GLY A 90 14.77 -4.81 14.45
C GLY A 90 16.15 -5.40 14.46
N GLU A 91 16.60 -6.00 15.57
CA GLU A 91 17.93 -6.57 15.68
C GLU A 91 17.85 -8.08 15.45
N LEU A 92 18.63 -8.57 14.49
CA LEU A 92 18.65 -10.00 14.15
C LEU A 92 19.81 -10.73 14.79
N LEU A 93 21.03 -10.27 14.54
CA LEU A 93 22.24 -10.89 15.07
C LEU A 93 23.12 -9.84 15.70
N SER A 94 23.81 -10.22 16.78
CA SER A 94 24.73 -9.33 17.47
C SER A 94 25.86 -10.15 18.07
N ARG A 95 27.03 -9.52 18.19
CA ARG A 95 28.19 -10.19 18.77
C ARG A 95 29.14 -9.14 19.32
N GLU A 96 29.39 -9.17 20.62
CA GLU A 96 30.36 -8.28 21.22
C GLU A 96 31.77 -8.62 20.76
N SER A 97 32.65 -7.63 20.83
CA SER A 97 34.02 -7.82 20.40
C SER A 97 34.75 -8.77 21.35
N PRO A 98 35.77 -9.47 20.88
CA PRO A 98 36.54 -10.35 21.78
C PRO A 98 37.17 -9.58 22.94
N SER A 99 37.59 -8.34 22.71
CA SER A 99 38.12 -7.49 23.78
C SER A 99 37.04 -6.65 24.44
N GLY A 100 35.81 -6.68 23.94
CA GLY A 100 34.72 -5.92 24.51
C GLY A 100 34.65 -4.47 24.08
N THR A 101 35.56 -4.01 23.21
CA THR A 101 35.59 -2.60 22.84
C THR A 101 34.41 -2.23 21.94
N MET A 102 34.15 -3.05 20.91
CA MET A 102 33.17 -2.75 19.89
C MET A 102 32.01 -3.75 19.95
N LYS A 103 31.04 -3.55 19.06
CA LYS A 103 29.89 -4.45 18.98
C LYS A 103 29.29 -4.38 17.58
N ALA A 104 29.13 -5.52 16.94
CA ALA A 104 28.56 -5.59 15.60
C ALA A 104 27.11 -6.05 15.67
N VAL A 105 26.23 -5.33 14.97
CA VAL A 105 24.80 -5.60 15.02
C VAL A 105 24.26 -5.68 13.59
N LEU A 106 23.34 -6.61 13.37
CA LEU A 106 22.60 -6.71 12.11
C LEU A 106 21.18 -6.21 12.35
N ARG A 107 20.75 -5.23 11.55
CA ARG A 107 19.47 -4.56 11.73
C ARG A 107 18.64 -4.68 10.47
N LYS A 108 17.38 -5.08 10.63
CA LYS A 108 16.43 -5.15 9.52
C LYS A 108 15.57 -3.90 9.51
N ALA A 109 16.20 -2.78 9.16
CA ALA A 109 15.51 -1.49 9.12
C ALA A 109 14.57 -1.40 7.93
N GLU A 117 12.90 -3.43 5.55
CA GLU A 117 12.92 -3.87 4.16
C GLU A 117 14.34 -4.24 3.73
N LYS A 118 15.31 -3.43 4.15
CA LYS A 118 16.70 -3.66 3.82
C LYS A 118 17.46 -4.16 5.05
N GLN A 119 18.72 -4.52 4.85
CA GLN A 119 19.56 -5.07 5.90
C GLN A 119 20.79 -4.19 6.08
N PHE A 120 21.11 -3.88 7.33
CA PHE A 120 22.21 -3.00 7.68
C PHE A 120 23.16 -3.71 8.65
N LEU A 121 24.46 -3.48 8.49
CA LEU A 121 25.47 -4.00 9.40
C LEU A 121 26.16 -2.81 10.07
N GLU A 122 25.94 -2.64 11.37
CA GLU A 122 26.44 -1.48 12.09
C GLU A 122 27.48 -1.89 13.12
N VAL A 123 28.46 -1.00 13.33
CA VAL A 123 29.55 -1.25 14.26
C VAL A 123 29.50 -0.15 15.32
N TRP A 124 28.98 -0.48 16.50
CA TRP A 124 28.92 0.45 17.61
C TRP A 124 30.21 0.39 18.42
N GLU A 125 30.65 1.55 18.90
CA GLU A 125 31.79 1.64 19.80
C GLU A 125 31.56 2.79 20.78
N LYS A 126 31.69 2.50 22.07
CA LYS A 126 31.50 3.47 23.15
C LYS A 126 30.08 4.00 23.05
N ASN A 127 29.86 5.29 22.78
CA ASN A 127 28.54 5.89 22.76
C ASN A 127 28.19 6.47 21.38
N ARG A 128 28.81 5.94 20.33
CA ARG A 128 28.55 6.44 18.99
C ARG A 128 28.66 5.30 17.99
N LYS A 129 27.83 5.37 16.94
CA LYS A 129 27.86 4.40 15.87
C LYS A 129 29.01 4.74 14.92
N LEU A 130 30.04 3.89 14.90
CA LEU A 130 31.20 4.17 14.05
C LEU A 130 30.81 4.21 12.58
N LYS A 131 30.34 3.09 12.05
CA LYS A 131 29.95 3.04 10.65
C LYS A 131 28.86 1.99 10.47
N SER A 132 27.99 2.25 9.49
CA SER A 132 26.93 1.33 9.09
C SER A 132 27.05 1.07 7.60
N PHE A 133 26.91 -0.21 7.23
CA PHE A 133 27.00 -0.63 5.84
C PHE A 133 25.64 -1.11 5.35
N ASN A 134 25.25 -0.64 4.17
CA ASN A 134 24.04 -1.11 3.50
C ASN A 134 24.40 -2.37 2.69
N LEU A 135 23.96 -3.53 3.17
CA LEU A 135 24.34 -4.77 2.52
C LEU A 135 23.62 -4.98 1.20
N SER A 136 22.37 -4.54 1.08
CA SER A 136 21.60 -4.79 -0.13
C SER A 136 22.11 -3.96 -1.30
N ALA A 137 22.40 -2.67 -1.08
CA ALA A 137 22.80 -1.80 -2.18
C ALA A 137 24.17 -2.14 -2.75
N LEU A 138 25.00 -2.87 -2.01
CA LEU A 138 26.29 -3.26 -2.55
C LEU A 138 26.18 -4.31 -3.65
N GLU A 139 25.07 -5.06 -3.67
CA GLU A 139 24.77 -6.03 -4.73
C GLU A 139 25.91 -7.05 -4.87
N LYS A 140 26.12 -7.81 -3.80
CA LYS A 140 27.15 -8.86 -3.79
C LYS A 140 26.64 -10.22 -3.34
N HIS A 141 25.48 -10.29 -2.70
CA HIS A 141 24.93 -11.54 -2.21
C HIS A 141 23.46 -11.33 -1.88
N GLY A 142 22.80 -12.40 -1.43
CA GLY A 142 21.41 -12.34 -1.06
C GLY A 142 21.24 -11.92 0.39
N PRO A 143 20.03 -12.07 0.92
CA PRO A 143 19.80 -11.75 2.33
C PRO A 143 20.60 -12.63 3.26
N VAL A 144 20.95 -12.08 4.43
CA VAL A 144 21.76 -12.77 5.42
C VAL A 144 20.93 -13.87 6.08
N TYR A 145 21.60 -14.78 6.79
CA TYR A 145 20.96 -15.89 7.46
C TYR A 145 20.81 -15.56 8.94
N GLU A 146 19.57 -15.63 9.44
CA GLU A 146 19.27 -15.33 10.84
C GLU A 146 18.95 -16.57 11.66
N ASP A 147 19.09 -17.76 11.06
CA ASP A 147 18.75 -19.00 11.75
C ASP A 147 19.88 -19.42 12.68
N ASP A 148 19.67 -20.52 13.40
CA ASP A 148 20.68 -21.09 14.28
C ASP A 148 21.50 -22.20 13.65
N CYS A 149 20.97 -22.85 12.60
CA CYS A 149 21.71 -23.93 11.96
C CYS A 149 22.88 -23.39 11.15
N PHE A 150 22.67 -22.31 10.38
CA PHE A 150 23.72 -21.75 9.54
C PHE A 150 24.17 -20.36 9.96
N GLY A 151 23.33 -19.61 10.67
CA GLY A 151 23.66 -18.24 11.01
C GLY A 151 24.88 -18.15 11.91
N CYS A 152 25.79 -17.23 11.59
CA CYS A 152 27.00 -17.05 12.38
C CYS A 152 27.55 -15.67 12.13
N LEU A 153 28.16 -15.08 13.16
CA LEU A 153 28.81 -13.78 13.06
C LEU A 153 30.00 -13.79 14.01
N SER A 154 31.22 -13.81 13.46
CA SER A 154 32.42 -13.97 14.27
C SER A 154 33.40 -12.86 13.98
N TRP A 155 33.87 -12.20 15.04
CA TRP A 155 34.90 -11.18 14.90
C TRP A 155 36.26 -11.81 14.60
N SER A 156 37.07 -11.09 13.84
CA SER A 156 38.41 -11.55 13.54
C SER A 156 39.29 -11.49 14.79
N HIS A 157 40.36 -12.27 14.78
CA HIS A 157 41.28 -12.26 15.91
C HIS A 157 42.07 -10.95 15.98
N SER A 158 42.31 -10.32 14.83
CA SER A 158 42.93 -9.01 14.77
C SER A 158 41.93 -7.88 14.94
N GLU A 159 40.65 -8.20 15.10
CA GLU A 159 39.57 -7.23 15.35
C GLU A 159 39.37 -6.27 14.18
N THR A 160 39.77 -6.67 12.98
CA THR A 160 39.67 -5.80 11.82
C THR A 160 38.70 -6.29 10.75
N HIS A 161 38.24 -7.53 10.84
CA HIS A 161 37.37 -8.12 9.83
C HIS A 161 36.14 -8.73 10.49
N LEU A 162 35.12 -8.98 9.68
CA LEU A 162 33.91 -9.66 10.12
C LEU A 162 33.57 -10.75 9.11
N LEU A 163 32.88 -11.79 9.57
CA LEU A 163 32.51 -12.91 8.72
C LEU A 163 31.08 -13.33 9.01
N TYR A 164 30.32 -13.64 7.96
CA TYR A 164 28.95 -14.09 8.13
C TYR A 164 28.58 -15.00 6.95
N VAL A 165 27.33 -15.44 6.95
CA VAL A 165 26.82 -16.37 5.93
C VAL A 165 25.59 -15.73 5.29
N ALA A 166 25.56 -15.73 3.95
CA ALA A 166 24.45 -15.11 3.23
C ALA A 166 24.14 -15.92 1.98
N ASP A 167 22.92 -15.75 1.47
CA ASP A 167 22.48 -16.49 0.30
C ASP A 167 23.29 -16.09 -0.93
N LYS A 168 23.37 -17.01 -1.89
CA LYS A 168 24.12 -16.76 -3.11
C LYS A 168 23.35 -15.81 -4.02
N LYS A 169 24.05 -15.29 -5.04
CA LYS A 169 23.48 -14.35 -5.99
C LYS A 169 23.03 -15.09 -7.23
N ARG A 170 21.73 -15.03 -7.52
CA ARG A 170 21.18 -15.66 -8.72
C ARG A 170 21.25 -14.69 -9.89
N PRO A 171 21.70 -15.13 -11.06
CA PRO A 171 21.78 -14.22 -12.21
C PRO A 171 20.41 -13.66 -12.58
N LYS A 172 20.41 -12.41 -13.04
CA LYS A 172 19.16 -11.74 -13.37
C LYS A 172 18.51 -12.39 -14.58
N ALA A 173 17.18 -12.39 -14.59
CA ALA A 173 16.40 -12.98 -15.66
C ALA A 173 15.32 -12.01 -16.11
N GLU A 174 14.96 -12.12 -17.40
CA GLU A 174 13.95 -11.25 -18.00
C GLU A 174 13.03 -12.08 -18.88
N SER A 175 11.84 -11.56 -19.11
CA SER A 175 10.85 -12.22 -19.95
C SER A 175 11.23 -12.09 -21.42
N PHE A 176 10.58 -12.90 -22.25
CA PHE A 176 10.84 -12.87 -23.68
C PHE A 176 10.33 -11.57 -24.32
N PHE A 177 9.22 -11.05 -23.84
CA PHE A 177 8.59 -9.86 -24.38
C PHE A 177 8.72 -8.74 -23.36
N GLN A 178 9.84 -8.03 -23.41
CA GLN A 178 10.12 -6.93 -22.49
C GLN A 178 10.42 -5.68 -23.31
N THR A 179 9.77 -4.57 -22.95
CA THR A 179 9.99 -3.29 -23.61
C THR A 179 11.27 -2.68 -23.09
N LYS A 180 12.28 -2.57 -23.95
CA LYS A 180 13.58 -2.04 -23.58
C LYS A 180 13.80 -0.70 -24.26
N ALA A 181 14.22 0.29 -23.48
CA ALA A 181 14.48 1.63 -24.00
C ALA A 181 15.65 1.62 -24.99
N ALA A 200 21.60 -10.39 -19.06
CA ALA A 200 20.43 -11.05 -18.49
C ALA A 200 20.05 -12.28 -19.30
N ILE A 201 19.54 -13.31 -18.63
CA ILE A 201 19.09 -14.53 -19.27
C ILE A 201 17.59 -14.42 -19.49
N LYS A 202 17.15 -14.68 -20.72
CA LYS A 202 15.74 -14.57 -21.09
C LYS A 202 15.10 -15.95 -21.04
N GLY A 203 14.01 -16.06 -20.28
CA GLY A 203 13.25 -17.29 -20.16
C GLY A 203 13.49 -18.07 -18.88
N ASP A 204 14.55 -17.74 -18.14
CA ASP A 204 14.86 -18.40 -16.87
C ASP A 204 14.23 -17.70 -15.69
N GLN A 205 13.14 -16.98 -15.89
CA GLN A 205 12.52 -16.22 -14.81
C GLN A 205 11.95 -17.15 -13.74
N PHE A 206 11.28 -18.22 -14.15
CA PHE A 206 10.55 -19.10 -13.23
C PHE A 206 11.28 -20.41 -12.99
N LEU A 207 12.61 -20.37 -12.92
CA LEU A 207 13.39 -21.57 -12.63
C LEU A 207 13.12 -22.04 -11.21
N PHE A 208 13.52 -23.28 -10.94
CA PHE A 208 13.26 -23.92 -9.66
C PHE A 208 14.54 -23.93 -8.82
N TYR A 209 14.42 -23.47 -7.57
CA TYR A 209 15.53 -23.47 -6.61
C TYR A 209 15.06 -24.18 -5.35
N GLU A 210 15.73 -25.27 -5.01
CA GLU A 210 15.30 -26.13 -3.90
C GLU A 210 15.79 -25.58 -2.56
N ASP A 211 14.91 -25.61 -1.57
CA ASP A 211 15.19 -25.07 -0.25
C ASP A 211 15.46 -26.21 0.74
N TRP A 212 15.76 -25.84 1.97
CA TRP A 212 16.09 -26.80 3.03
C TRP A 212 14.86 -27.13 3.87
N GLY A 213 13.82 -27.60 3.19
CA GLY A 213 12.67 -28.17 3.88
C GLY A 213 11.93 -27.20 4.78
N GLU A 214 11.61 -27.68 5.98
CA GLU A 214 10.72 -26.97 6.88
C GLU A 214 11.34 -25.68 7.42
N ASN A 215 10.53 -24.62 7.45
CA ASN A 215 10.88 -23.35 8.09
C ASN A 215 12.13 -22.72 7.49
N MET A 216 12.50 -23.09 6.27
CA MET A 216 13.66 -22.54 5.59
C MET A 216 13.31 -22.18 4.15
N VAL A 217 12.18 -21.50 3.98
CA VAL A 217 11.70 -21.16 2.65
C VAL A 217 12.66 -20.18 1.99
N SER A 218 12.98 -20.43 0.71
CA SER A 218 13.87 -19.59 -0.09
C SER A 218 15.26 -19.51 0.53
N LYS A 219 15.82 -20.68 0.85
CA LYS A 219 17.18 -20.79 1.38
C LYS A 219 17.81 -22.02 0.70
N SER A 220 18.49 -21.78 -0.42
CA SER A 220 18.97 -22.86 -1.28
C SER A 220 20.45 -23.17 -1.05
N THR A 221 21.33 -22.18 -1.26
CA THR A 221 22.77 -22.40 -1.18
C THR A 221 23.42 -21.19 -0.52
N PRO A 222 23.84 -21.31 0.74
CA PRO A 222 24.52 -20.21 1.41
C PRO A 222 25.99 -20.14 1.02
N VAL A 223 26.61 -19.02 1.38
CA VAL A 223 28.01 -18.76 1.07
C VAL A 223 28.60 -17.89 2.17
N LEU A 224 29.91 -17.98 2.34
CA LEU A 224 30.64 -17.24 3.37
C LEU A 224 31.09 -15.89 2.84
N CYS A 225 30.79 -14.83 3.57
CA CYS A 225 31.17 -13.47 3.19
C CYS A 225 32.03 -12.85 4.27
N VAL A 226 33.06 -12.13 3.84
CA VAL A 226 34.01 -11.49 4.74
C VAL A 226 34.03 -10.00 4.44
N LEU A 227 33.87 -9.18 5.47
CA LEU A 227 33.80 -7.73 5.34
C LEU A 227 34.99 -7.10 6.06
N ASP A 228 35.68 -6.19 5.37
CA ASP A 228 36.80 -5.46 5.93
C ASP A 228 36.28 -4.11 6.40
N ILE A 229 36.45 -3.83 7.70
CA ILE A 229 35.85 -2.63 8.29
C ILE A 229 36.53 -1.37 7.78
N GLU A 230 37.86 -1.39 7.66
CA GLU A 230 38.58 -0.19 7.24
C GLU A 230 38.19 0.22 5.82
N SER A 231 38.46 -0.65 4.84
CA SER A 231 38.19 -0.31 3.45
C SER A 231 36.70 -0.28 3.16
N GLY A 232 35.96 -1.24 3.69
CA GLY A 232 34.53 -1.35 3.41
C GLY A 232 34.17 -2.35 2.33
N ASN A 233 35.11 -3.15 1.85
CA ASN A 233 34.86 -4.11 0.81
C ASN A 233 34.29 -5.41 1.38
N ILE A 234 33.56 -6.14 0.54
CA ILE A 234 32.98 -7.43 0.89
C ILE A 234 33.46 -8.46 -0.12
N SER A 235 34.01 -9.56 0.36
CA SER A 235 34.54 -10.60 -0.50
C SER A 235 33.95 -11.95 -0.13
N VAL A 236 33.63 -12.75 -1.13
CA VAL A 236 33.09 -14.09 -0.93
C VAL A 236 34.23 -15.10 -1.10
N LEU A 237 34.30 -16.06 -0.19
CA LEU A 237 35.36 -17.05 -0.23
C LEU A 237 35.21 -17.96 -1.44
N GLU A 238 36.35 -18.43 -1.95
CA GLU A 238 36.36 -19.19 -3.20
C GLU A 238 37.05 -20.54 -3.05
N GLY A 239 36.72 -21.27 -1.99
CA GLY A 239 37.30 -22.60 -1.80
C GLY A 239 36.30 -23.64 -1.39
N VAL A 240 35.05 -23.23 -1.18
CA VAL A 240 34.01 -24.16 -0.74
C VAL A 240 33.67 -25.11 -1.87
N PRO A 241 33.60 -26.42 -1.62
CA PRO A 241 33.24 -27.36 -2.69
C PRO A 241 31.83 -27.10 -3.21
N GLU A 242 31.62 -27.45 -4.48
CA GLU A 242 30.37 -27.12 -5.16
C GLU A 242 29.19 -27.83 -4.53
N SER A 243 29.36 -29.10 -4.16
CA SER A 243 28.26 -29.94 -3.65
C SER A 243 28.12 -29.87 -2.14
N VAL A 244 28.54 -28.78 -1.51
CA VAL A 244 28.52 -28.65 -0.05
C VAL A 244 28.04 -27.26 0.32
N SER A 245 27.10 -27.18 1.26
CA SER A 245 26.64 -25.91 1.80
C SER A 245 27.35 -25.64 3.12
N PRO A 246 28.00 -24.50 3.28
CA PRO A 246 28.77 -24.24 4.50
C PRO A 246 27.96 -23.55 5.60
N GLY A 247 28.47 -23.65 6.81
CA GLY A 247 27.85 -22.98 7.93
C GLY A 247 28.69 -23.09 9.18
N GLN A 248 28.22 -22.44 10.23
CA GLN A 248 28.83 -22.49 11.56
C GLN A 248 30.32 -22.16 11.50
N ALA A 249 30.67 -21.14 10.72
CA ALA A 249 32.07 -20.80 10.50
C ALA A 249 32.63 -19.96 11.64
N PHE A 250 33.95 -20.07 11.83
CA PHE A 250 34.67 -19.23 12.76
C PHE A 250 36.11 -19.10 12.28
N TRP A 251 36.79 -18.06 12.76
CA TRP A 251 38.13 -17.77 12.28
C TRP A 251 39.14 -18.76 12.85
N ALA A 252 40.08 -19.18 12.01
CA ALA A 252 41.13 -20.08 12.43
C ALA A 252 42.16 -19.33 13.28
N PRO A 253 42.94 -20.05 14.08
CA PRO A 253 44.00 -19.39 14.86
C PRO A 253 45.01 -18.72 13.95
N GLY A 254 45.27 -17.43 14.22
CA GLY A 254 46.19 -16.65 13.43
C GLY A 254 45.57 -15.85 12.31
N ASP A 255 44.24 -15.90 12.16
CA ASP A 255 43.53 -15.19 11.09
C ASP A 255 44.08 -15.55 9.72
N THR A 256 44.36 -16.84 9.52
CA THR A 256 44.88 -17.34 8.26
C THR A 256 43.82 -18.02 7.40
N GLY A 257 42.75 -18.52 8.00
CA GLY A 257 41.72 -19.19 7.25
C GLY A 257 40.42 -19.24 8.03
N VAL A 258 39.46 -19.98 7.48
CA VAL A 258 38.14 -20.12 8.07
C VAL A 258 37.82 -21.60 8.20
N VAL A 259 37.36 -22.01 9.38
CA VAL A 259 36.96 -23.39 9.66
C VAL A 259 35.45 -23.44 9.78
N PHE A 260 34.82 -24.33 9.03
CA PHE A 260 33.36 -24.39 8.96
C PHE A 260 32.89 -25.83 8.90
N VAL A 261 31.57 -26.00 8.96
CA VAL A 261 30.91 -27.29 8.85
C VAL A 261 30.14 -27.30 7.53
N GLY A 262 30.39 -28.32 6.72
CA GLY A 262 29.77 -28.45 5.42
C GLY A 262 28.75 -29.58 5.40
N TRP A 263 27.58 -29.28 4.86
CA TRP A 263 26.49 -30.23 4.71
C TRP A 263 26.35 -30.65 3.25
N TRP A 264 26.14 -31.93 3.02
CA TRP A 264 26.03 -32.48 1.67
C TRP A 264 24.59 -32.40 1.19
N HIS A 265 24.40 -31.87 -0.02
CA HIS A 265 23.07 -31.70 -0.60
C HIS A 265 23.00 -32.33 -1.98
N GLU A 266 23.61 -33.51 -2.15
CA GLU A 266 23.59 -34.21 -3.41
C GLU A 266 23.00 -35.60 -3.23
N PRO A 267 22.00 -35.99 -4.01
CA PRO A 267 21.34 -35.22 -5.07
C PRO A 267 20.14 -34.43 -4.58
N PHE A 268 19.66 -34.68 -3.36
CA PHE A 268 18.48 -34.00 -2.83
C PHE A 268 18.89 -33.15 -1.63
N ARG A 269 17.95 -32.32 -1.19
CA ARG A 269 18.10 -31.50 0.02
C ARG A 269 17.07 -31.98 1.02
N LEU A 270 17.47 -32.89 1.91
CA LEU A 270 16.56 -33.38 2.93
C LEU A 270 16.34 -32.33 4.00
N GLY A 271 15.23 -32.46 4.72
CA GLY A 271 14.93 -31.49 5.76
C GLY A 271 15.98 -31.51 6.85
N ILE A 272 16.24 -30.34 7.43
CA ILE A 272 17.29 -30.19 8.42
C ILE A 272 16.79 -29.75 9.78
N ARG A 273 15.58 -29.21 9.90
CA ARG A 273 15.06 -28.82 11.20
C ARG A 273 14.68 -30.05 12.01
N PHE A 274 15.06 -30.05 13.30
CA PHE A 274 14.75 -31.18 14.21
C PHE A 274 15.34 -32.48 13.66
N CYS A 275 16.48 -32.39 12.95
CA CYS A 275 17.13 -33.58 12.44
C CYS A 275 18.64 -33.41 12.56
N THR A 276 19.31 -34.39 13.15
CA THR A 276 20.75 -34.36 13.36
C THR A 276 21.42 -35.60 12.81
N ASN A 277 20.95 -36.07 11.64
CA ASN A 277 21.52 -37.24 11.00
C ASN A 277 21.91 -36.98 9.55
N ARG A 278 22.05 -35.71 9.16
CA ARG A 278 22.43 -35.38 7.80
C ARG A 278 23.94 -35.46 7.65
N ARG A 279 24.38 -36.01 6.51
CA ARG A 279 25.81 -36.15 6.26
C ARG A 279 26.49 -34.79 6.24
N SER A 280 27.63 -34.70 6.92
CA SER A 280 28.33 -33.43 7.07
C SER A 280 29.81 -33.72 7.32
N ALA A 281 30.60 -32.66 7.35
CA ALA A 281 32.02 -32.78 7.62
C ALA A 281 32.56 -31.43 8.09
N LEU A 282 33.81 -31.44 8.55
CA LEU A 282 34.50 -30.25 9.05
C LEU A 282 35.59 -29.88 8.05
N TYR A 283 35.54 -28.64 7.54
CA TYR A 283 36.45 -28.20 6.50
C TYR A 283 37.20 -26.95 6.93
N TYR A 284 38.37 -26.75 6.34
CA TYR A 284 39.20 -25.57 6.56
C TYR A 284 39.59 -24.98 5.21
N VAL A 285 39.37 -23.68 5.03
CA VAL A 285 39.59 -23.01 3.76
C VAL A 285 40.43 -21.78 3.99
N ASP A 286 41.53 -21.65 3.23
CA ASP A 286 42.38 -20.47 3.34
C ASP A 286 41.71 -19.27 2.70
N LEU A 287 42.04 -18.08 3.22
CA LEU A 287 41.43 -16.85 2.73
C LEU A 287 41.81 -16.60 1.28
N THR A 288 43.08 -16.79 0.92
CA THR A 288 43.56 -16.56 -0.43
C THR A 288 44.10 -17.86 -1.01
N GLY A 289 43.80 -18.10 -2.28
CA GLY A 289 44.23 -19.28 -2.98
C GLY A 289 43.19 -20.38 -3.08
N GLY A 290 42.15 -20.35 -2.25
CA GLY A 290 41.10 -21.33 -2.34
C GLY A 290 41.48 -22.73 -1.91
N LYS A 291 42.55 -22.88 -1.14
CA LYS A 291 42.93 -24.19 -0.64
C LYS A 291 41.91 -24.71 0.36
N CYS A 292 41.58 -25.99 0.25
CA CYS A 292 40.60 -26.62 1.12
C CYS A 292 41.20 -27.87 1.73
N GLU A 293 40.86 -28.14 3.00
CA GLU A 293 41.38 -29.29 3.71
C GLU A 293 40.26 -29.89 4.56
N LEU A 294 40.33 -31.21 4.74
CA LEU A 294 39.35 -31.96 5.51
C LEU A 294 39.93 -32.33 6.86
N LEU A 295 39.10 -32.21 7.90
CA LEU A 295 39.56 -32.44 9.27
C LEU A 295 38.85 -33.56 10.01
N SER A 296 37.82 -34.17 9.43
CA SER A 296 37.08 -35.23 10.11
C SER A 296 36.63 -36.26 9.07
N ASP A 297 35.97 -37.30 9.55
CA ASP A 297 35.43 -38.33 8.67
C ASP A 297 34.27 -37.77 7.83
N GLU A 298 34.15 -38.27 6.60
CA GLU A 298 33.18 -37.76 5.65
C GLU A 298 31.93 -38.63 5.55
N SER A 299 31.78 -39.62 6.42
CA SER A 299 30.66 -40.55 6.35
C SER A 299 29.82 -40.54 7.63
N VAL A 300 29.81 -39.41 8.34
CA VAL A 300 29.06 -39.30 9.59
C VAL A 300 28.82 -37.82 9.85
N ALA A 301 27.75 -37.53 10.59
CA ALA A 301 27.40 -36.15 10.91
C ALA A 301 28.32 -35.60 11.99
N VAL A 302 28.82 -34.39 11.77
CA VAL A 302 29.65 -33.67 12.73
C VAL A 302 29.12 -32.25 12.86
N THR A 303 29.03 -31.75 14.09
CA THR A 303 28.42 -30.46 14.33
C THR A 303 29.04 -29.79 15.54
N SER A 304 28.69 -28.51 15.72
CA SER A 304 29.02 -27.68 16.87
C SER A 304 30.51 -27.67 17.18
N PRO A 305 31.34 -27.07 16.33
CA PRO A 305 32.77 -26.94 16.67
C PRO A 305 33.06 -25.66 17.43
N ARG A 306 33.94 -25.79 18.44
CA ARG A 306 34.34 -24.67 19.28
C ARG A 306 35.85 -24.66 19.42
N LEU A 307 36.41 -23.48 19.66
CA LEU A 307 37.84 -23.28 19.76
C LEU A 307 38.24 -22.91 21.18
N SER A 308 39.34 -23.46 21.66
CA SER A 308 39.79 -23.20 23.01
C SER A 308 40.40 -21.80 23.12
N PRO A 309 40.33 -21.18 24.31
CA PRO A 309 40.98 -19.88 24.48
C PRO A 309 42.49 -19.92 24.24
N ASP A 310 43.14 -21.05 24.51
CA ASP A 310 44.55 -21.19 24.19
C ASP A 310 44.79 -21.30 22.69
N GLN A 311 43.73 -21.48 21.89
CA GLN A 311 43.82 -21.55 20.44
C GLN A 311 44.70 -22.71 19.99
N CYS A 312 44.47 -23.89 20.59
CA CYS A 312 45.26 -25.06 20.27
C CYS A 312 44.45 -26.34 20.12
N ARG A 313 43.13 -26.30 20.29
CA ARG A 313 42.32 -27.51 20.14
C ARG A 313 40.90 -27.12 19.76
N ILE A 314 40.20 -28.07 19.17
CA ILE A 314 38.82 -27.89 18.73
C ILE A 314 38.00 -29.07 19.25
N VAL A 315 36.77 -28.82 19.66
CA VAL A 315 35.88 -29.85 20.17
C VAL A 315 34.55 -29.78 19.43
N TYR A 316 34.03 -30.95 19.05
CA TYR A 316 32.78 -31.00 18.31
C TYR A 316 32.01 -32.26 18.69
N LEU A 317 30.81 -32.42 18.12
CA LEU A 317 29.96 -33.56 18.38
C LEU A 317 29.84 -34.39 17.11
N ARG A 318 30.01 -35.70 17.24
CA ARG A 318 29.94 -36.62 16.11
C ARG A 318 28.85 -37.65 16.37
N PHE A 319 28.04 -37.92 15.34
CA PHE A 319 26.93 -38.84 15.44
C PHE A 319 27.22 -40.11 14.65
N PRO A 320 27.20 -41.29 15.28
CA PRO A 320 27.64 -42.49 14.55
C PRO A 320 26.65 -42.99 13.51
N SER A 321 25.37 -43.03 13.83
CA SER A 321 24.36 -43.60 12.94
C SER A 321 23.57 -42.51 12.26
N LEU A 322 22.91 -42.87 11.16
CA LEU A 322 22.11 -41.94 10.38
C LEU A 322 20.64 -42.31 10.32
N VAL A 323 20.22 -43.37 10.99
CA VAL A 323 18.84 -43.85 10.90
C VAL A 323 17.90 -42.96 11.70
N PRO A 324 18.07 -42.78 13.01
CA PRO A 324 17.12 -41.97 13.76
C PRO A 324 17.44 -40.48 13.67
N HIS A 325 16.39 -39.66 13.77
CA HIS A 325 16.55 -38.23 13.63
C HIS A 325 17.16 -37.58 14.87
N GLN A 326 17.17 -38.26 16.01
CA GLN A 326 17.85 -37.77 17.20
C GLN A 326 18.42 -38.96 17.95
N GLN A 327 19.70 -38.88 18.29
CA GLN A 327 20.39 -39.99 18.93
C GLN A 327 21.40 -39.44 19.93
N CYS A 328 22.24 -40.32 20.45
CA CYS A 328 23.28 -39.95 21.41
C CYS A 328 24.61 -39.84 20.68
N GLY A 329 25.20 -38.64 20.70
CA GLY A 329 26.45 -38.39 20.04
C GLY A 329 27.65 -38.59 20.95
N GLN A 330 28.83 -38.36 20.38
CA GLN A 330 30.08 -38.46 21.13
C GLN A 330 30.88 -37.18 20.95
N LEU A 331 31.56 -36.77 22.02
CA LEU A 331 32.34 -35.54 22.02
C LEU A 331 33.75 -35.85 21.52
N CYS A 332 34.11 -35.31 20.37
CA CYS A 332 35.41 -35.55 19.76
C CYS A 332 36.28 -34.31 19.85
N LEU A 333 37.59 -34.54 19.96
CA LEU A 333 38.58 -33.48 20.11
C LEU A 333 39.64 -33.61 19.03
N TYR A 334 40.08 -32.47 18.50
CA TYR A 334 41.06 -32.39 17.44
C TYR A 334 42.15 -31.40 17.84
N ASP A 335 43.41 -31.82 17.70
CA ASP A 335 44.53 -30.97 18.06
C ASP A 335 45.03 -30.23 16.83
N TRP A 336 45.17 -28.90 16.95
CA TRP A 336 45.51 -28.09 15.79
C TRP A 336 46.97 -28.32 15.37
N TYR A 337 47.87 -28.46 16.33
CA TYR A 337 49.29 -28.60 16.02
C TYR A 337 49.68 -30.06 15.75
N THR A 338 49.32 -30.96 16.68
CA THR A 338 49.68 -32.37 16.52
C THR A 338 48.89 -33.05 15.41
N ARG A 339 47.77 -32.46 14.98
CA ARG A 339 46.93 -33.02 13.92
C ARG A 339 46.48 -34.44 14.27
N VAL A 340 45.90 -34.59 15.46
CA VAL A 340 45.41 -35.87 15.94
C VAL A 340 43.98 -35.70 16.42
N THR A 341 43.23 -36.80 16.42
CA THR A 341 41.84 -36.81 16.83
C THR A 341 41.64 -37.85 17.93
N SER A 342 40.70 -37.57 18.82
CA SER A 342 40.41 -38.45 19.94
C SER A 342 38.95 -38.31 20.33
N VAL A 343 38.46 -39.27 21.11
CA VAL A 343 37.08 -39.29 21.59
C VAL A 343 37.12 -39.04 23.09
N VAL A 344 36.74 -37.82 23.50
CA VAL A 344 36.71 -37.50 24.91
C VAL A 344 35.59 -38.24 25.62
N VAL A 345 34.41 -38.31 25.01
CA VAL A 345 33.28 -39.03 25.56
C VAL A 345 32.73 -39.95 24.48
N ASP A 346 32.07 -41.03 24.92
CA ASP A 346 31.54 -42.03 24.02
C ASP A 346 30.06 -42.25 24.31
N ILE A 347 29.44 -43.09 23.48
CA ILE A 347 28.01 -43.34 23.58
C ILE A 347 27.76 -44.29 24.76
N VAL A 348 26.89 -43.87 25.68
CA VAL A 348 26.51 -44.68 26.83
C VAL A 348 25.40 -45.62 26.40
N PRO A 349 25.58 -46.94 26.48
CA PRO A 349 24.53 -47.86 26.06
C PRO A 349 23.27 -47.74 26.90
N ARG A 350 23.39 -47.93 28.22
CA ARG A 350 22.26 -47.78 29.12
C ARG A 350 22.46 -46.63 30.10
N GLN A 351 23.55 -46.65 30.88
CA GLN A 351 23.84 -45.60 31.85
C GLN A 351 25.27 -45.74 32.36
N LEU A 352 26.04 -44.66 32.27
CA LEU A 352 27.42 -44.63 32.78
C LEU A 352 27.38 -43.97 34.16
N GLY A 353 27.09 -44.77 35.18
CA GLY A 353 26.90 -44.24 36.52
C GLY A 353 25.47 -43.80 36.76
N GLU A 354 25.25 -43.29 37.96
CA GLU A 354 23.92 -42.84 38.38
C GLU A 354 23.69 -41.37 38.08
N ASP A 355 24.55 -40.73 37.29
CA ASP A 355 24.42 -39.32 36.99
C ASP A 355 24.52 -38.97 35.52
N PHE A 356 25.00 -39.88 34.67
CA PHE A 356 25.17 -39.61 33.25
C PHE A 356 24.42 -40.65 32.41
N SER A 357 23.87 -40.21 31.29
CA SER A 357 23.21 -41.11 30.36
C SER A 357 23.55 -40.82 28.89
N GLY A 358 24.34 -39.81 28.60
CA GLY A 358 24.73 -39.49 27.24
C GLY A 358 24.53 -38.02 26.92
N ILE A 359 25.11 -37.63 25.80
CA ILE A 359 25.02 -36.26 25.29
C ILE A 359 23.90 -36.20 24.26
N TYR A 360 22.90 -35.37 24.53
CA TYR A 360 21.72 -35.25 23.67
C TYR A 360 21.46 -33.83 23.20
N CYS A 361 22.43 -32.94 23.34
CA CYS A 361 22.27 -31.55 22.92
C CYS A 361 22.70 -31.39 21.47
N SER A 362 21.86 -30.70 20.69
CA SER A 362 22.18 -30.50 19.27
C SER A 362 23.29 -29.47 19.08
N LEU A 363 23.29 -28.40 19.87
CA LEU A 363 24.26 -27.34 19.77
C LEU A 363 24.91 -27.10 21.12
N LEU A 364 26.25 -27.05 21.12
CA LEU A 364 26.96 -26.65 22.33
C LEU A 364 26.83 -25.16 22.55
N PRO A 365 27.00 -24.69 23.79
CA PRO A 365 26.93 -23.25 24.05
C PRO A 365 28.01 -22.50 23.28
N LEU A 366 27.72 -21.23 22.98
CA LEU A 366 28.68 -20.41 22.26
C LEU A 366 29.99 -20.29 23.02
N GLY A 367 29.92 -20.09 24.33
CA GLY A 367 31.08 -20.20 25.18
C GLY A 367 30.96 -21.44 26.05
N CYS A 368 31.88 -22.38 25.89
CA CYS A 368 31.82 -23.63 26.64
C CYS A 368 33.14 -24.06 27.26
N TRP A 369 34.27 -23.49 26.85
CA TRP A 369 35.56 -23.85 27.41
C TRP A 369 35.75 -23.20 28.78
N SER A 370 36.87 -23.49 29.40
CA SER A 370 37.26 -22.90 30.68
C SER A 370 38.53 -22.09 30.50
N ALA A 371 38.92 -21.37 31.56
CA ALA A 371 40.12 -20.55 31.51
C ALA A 371 41.37 -21.41 31.29
N ASP A 372 41.42 -22.57 31.94
CA ASP A 372 42.56 -23.47 31.80
C ASP A 372 42.61 -24.15 30.43
N SER A 373 41.55 -24.02 29.63
CA SER A 373 41.48 -24.62 28.30
C SER A 373 41.65 -26.14 28.36
N GLN A 374 41.09 -26.76 29.40
CA GLN A 374 41.15 -28.19 29.58
C GLN A 374 39.82 -28.82 29.97
N ARG A 375 38.78 -28.02 30.20
CA ARG A 375 37.49 -28.53 30.61
C ARG A 375 36.39 -27.91 29.75
N VAL A 376 35.31 -28.67 29.54
CA VAL A 376 34.19 -28.22 28.75
C VAL A 376 32.91 -28.44 29.56
N VAL A 377 32.08 -27.41 29.66
CA VAL A 377 30.84 -27.46 30.41
C VAL A 377 29.68 -27.41 29.42
N PHE A 378 28.73 -28.34 29.56
CA PHE A 378 27.55 -28.36 28.71
C PHE A 378 26.34 -28.71 29.57
N ASP A 379 25.17 -28.74 28.94
CA ASP A 379 23.92 -29.11 29.60
C ASP A 379 23.24 -30.19 28.79
N SER A 380 22.83 -31.26 29.45
CA SER A 380 22.23 -32.40 28.77
C SER A 380 21.06 -32.93 29.58
N PRO A 381 20.07 -33.55 28.92
CA PRO A 381 19.01 -34.23 29.65
C PRO A 381 19.52 -35.49 30.33
N GLN A 382 18.84 -35.87 31.40
CA GLN A 382 19.15 -37.08 32.15
C GLN A 382 17.86 -37.57 32.77
N ARG A 383 17.44 -38.78 32.40
CA ARG A 383 16.15 -39.32 32.82
C ARG A 383 15.04 -38.34 32.49
N SER A 384 14.35 -37.84 33.51
CA SER A 384 13.26 -36.90 33.33
C SER A 384 13.62 -35.50 33.82
N ARG A 385 14.88 -35.11 33.70
CA ARG A 385 15.31 -33.77 34.09
C ARG A 385 16.44 -33.33 33.17
N GLN A 386 16.96 -32.12 33.43
CA GLN A 386 18.09 -31.58 32.68
C GLN A 386 19.16 -31.14 33.65
N ASP A 387 20.42 -31.44 33.33
CA ASP A 387 21.52 -31.20 34.25
C ASP A 387 22.68 -30.57 33.51
N LEU A 388 23.65 -30.07 34.29
CA LEU A 388 24.88 -29.49 33.78
C LEU A 388 26.05 -30.41 34.08
N PHE A 389 26.91 -30.61 33.08
CA PHE A 389 28.02 -31.54 33.19
C PHE A 389 29.32 -30.85 32.79
N ALA A 390 30.41 -31.25 33.44
CA ALA A 390 31.75 -30.78 33.13
C ALA A 390 32.62 -31.98 32.76
N VAL A 391 33.27 -31.90 31.62
CA VAL A 391 34.05 -33.01 31.06
C VAL A 391 35.48 -32.55 30.86
N ASP A 392 36.43 -33.36 31.32
CA ASP A 392 37.85 -33.10 31.12
C ASP A 392 38.29 -33.69 29.78
N THR A 393 39.09 -32.94 29.04
CA THR A 393 39.54 -33.37 27.71
C THR A 393 40.81 -34.19 27.76
N GLN A 394 41.36 -34.45 28.94
CA GLN A 394 42.55 -35.29 29.08
C GLN A 394 42.23 -36.60 29.79
N MET A 395 41.64 -36.53 30.99
CA MET A 395 41.28 -37.75 31.71
C MET A 395 40.08 -38.43 31.06
N GLY A 396 39.05 -37.66 30.71
CA GLY A 396 37.85 -38.19 30.11
C GLY A 396 36.68 -38.36 31.05
N SER A 397 36.81 -37.97 32.31
CA SER A 397 35.73 -38.12 33.27
C SER A 397 34.69 -37.01 33.10
N VAL A 398 33.45 -37.34 33.43
CA VAL A 398 32.34 -36.40 33.36
C VAL A 398 31.73 -36.28 34.74
N THR A 399 31.63 -35.05 35.24
CA THR A 399 31.12 -34.78 36.59
C THR A 399 29.88 -33.91 36.49
N SER A 400 28.84 -34.26 37.23
CA SER A 400 27.59 -33.53 37.24
C SER A 400 27.63 -32.47 38.33
N LEU A 401 27.53 -31.20 37.93
CA LEU A 401 27.55 -30.11 38.90
C LEU A 401 26.23 -29.97 39.63
N THR A 402 25.11 -30.26 38.98
CA THR A 402 23.78 -30.12 39.57
C THR A 402 23.20 -31.46 40.02
N ALA A 403 24.06 -32.41 40.35
CA ALA A 403 23.60 -33.73 40.77
C ALA A 403 22.90 -33.66 42.11
N GLY A 404 22.00 -34.61 42.34
CA GLY A 404 21.22 -34.63 43.56
C GLY A 404 20.04 -33.69 43.51
N GLY A 405 19.37 -33.56 44.64
CA GLY A 405 18.20 -32.71 44.74
C GLY A 405 16.92 -33.43 44.36
N SER A 406 15.85 -32.64 44.30
CA SER A 406 14.53 -33.18 43.98
C SER A 406 14.20 -33.10 42.49
N GLY A 407 14.82 -32.19 41.75
CA GLY A 407 14.54 -32.06 40.33
C GLY A 407 14.88 -30.66 39.85
N GLY A 408 14.32 -30.32 38.70
CA GLY A 408 14.53 -29.02 38.10
C GLY A 408 15.32 -29.13 36.79
N SER A 409 15.24 -28.05 36.01
CA SER A 409 15.90 -27.95 34.73
C SER A 409 16.88 -26.79 34.75
N TRP A 410 18.14 -27.07 34.38
CA TRP A 410 19.20 -26.09 34.35
C TRP A 410 19.68 -25.90 32.92
N LYS A 411 19.93 -24.65 32.54
CA LYS A 411 20.43 -24.34 31.20
C LYS A 411 21.60 -23.37 31.33
N LEU A 412 22.67 -23.63 30.59
CA LEU A 412 23.86 -22.79 30.61
C LEU A 412 23.80 -21.79 29.47
N LEU A 413 23.96 -20.51 29.79
CA LEU A 413 23.93 -19.47 28.75
C LEU A 413 25.32 -19.07 28.29
N THR A 414 26.26 -18.90 29.20
CA THR A 414 27.63 -18.56 28.81
C THR A 414 28.57 -18.88 29.97
N ILE A 415 29.85 -18.99 29.64
CA ILE A 415 30.92 -19.13 30.63
C ILE A 415 32.16 -18.40 30.13
N ASP A 416 32.59 -17.39 30.88
CA ASP A 416 33.78 -16.62 30.52
C ASP A 416 34.61 -16.39 31.77
N ARG A 417 35.89 -16.74 31.71
CA ARG A 417 36.82 -16.60 32.83
C ARG A 417 36.27 -17.28 34.08
N ASP A 418 35.78 -18.52 33.89
CA ASP A 418 35.28 -19.37 34.97
C ASP A 418 34.06 -18.79 35.68
N LEU A 419 33.31 -17.92 35.01
CA LEU A 419 32.06 -17.37 35.54
C LEU A 419 30.91 -17.88 34.67
N MET A 420 29.95 -18.56 35.29
CA MET A 420 28.88 -19.25 34.57
C MET A 420 27.55 -18.57 34.84
N VAL A 421 26.78 -18.35 33.78
CA VAL A 421 25.43 -17.79 33.85
C VAL A 421 24.45 -18.90 33.53
N VAL A 422 23.46 -19.08 34.39
CA VAL A 422 22.59 -20.25 34.36
C VAL A 422 21.15 -19.82 34.53
N GLN A 423 20.25 -20.47 33.80
CA GLN A 423 18.81 -20.30 33.98
C GLN A 423 18.24 -21.57 34.62
N PHE A 424 17.47 -21.39 35.69
CA PHE A 424 16.89 -22.50 36.43
C PHE A 424 15.37 -22.41 36.39
N SER A 425 14.72 -23.51 36.01
CA SER A 425 13.27 -23.54 35.93
C SER A 425 12.74 -24.85 36.50
N THR A 426 11.54 -24.79 37.07
CA THR A 426 10.85 -25.96 37.59
C THR A 426 9.37 -25.82 37.26
N PRO A 427 8.64 -26.93 37.14
CA PRO A 427 7.22 -26.86 36.75
C PRO A 427 6.36 -25.94 37.61
N SER A 428 6.80 -25.61 38.81
CA SER A 428 6.02 -24.78 39.72
C SER A 428 6.64 -23.40 39.96
N VAL A 429 7.60 -22.98 39.13
CA VAL A 429 8.19 -21.65 39.26
C VAL A 429 8.76 -21.20 37.93
N PRO A 430 8.48 -19.98 37.48
CA PRO A 430 9.02 -19.50 36.21
C PRO A 430 10.54 -19.41 36.26
N PRO A 431 11.21 -19.32 35.11
CA PRO A 431 12.67 -19.36 35.09
C PRO A 431 13.30 -18.21 35.87
N SER A 432 14.46 -18.50 36.46
CA SER A 432 15.21 -17.53 37.25
C SER A 432 16.67 -17.56 36.83
N LEU A 433 17.35 -16.45 37.07
CA LEU A 433 18.73 -16.26 36.65
C LEU A 433 19.69 -16.47 37.81
N LYS A 434 20.85 -17.06 37.53
CA LYS A 434 21.83 -17.34 38.56
C LYS A 434 23.23 -17.20 37.98
N VAL A 435 24.19 -16.88 38.84
CA VAL A 435 25.59 -16.73 38.47
C VAL A 435 26.44 -17.53 39.45
N GLY A 436 27.38 -18.31 38.91
CA GLY A 436 28.24 -19.13 39.74
C GLY A 436 29.68 -19.09 39.27
N PHE A 437 30.56 -19.61 40.13
CA PHE A 437 31.99 -19.71 39.84
C PHE A 437 32.39 -21.16 39.75
N LEU A 438 33.19 -21.50 38.75
CA LEU A 438 33.61 -22.88 38.55
C LEU A 438 34.80 -23.19 39.44
N PRO A 439 34.68 -24.12 40.38
CA PRO A 439 35.81 -24.45 41.26
C PRO A 439 36.87 -25.24 40.50
N PRO A 440 38.09 -25.33 41.02
CA PRO A 440 39.15 -26.07 40.31
C PRO A 440 38.83 -27.54 40.21
N ALA A 441 39.68 -28.25 39.46
CA ALA A 441 39.43 -29.65 39.14
C ALA A 441 39.42 -30.50 40.40
N GLY A 442 38.51 -31.49 40.42
CA GLY A 442 38.41 -32.41 41.53
C GLY A 442 37.41 -32.02 42.60
N LYS A 443 36.87 -30.81 42.55
CA LYS A 443 35.88 -30.35 43.52
C LYS A 443 34.76 -29.59 42.83
N GLU A 444 34.35 -30.06 41.65
CA GLU A 444 33.38 -29.32 40.85
C GLU A 444 31.99 -29.35 41.46
N GLN A 445 31.65 -30.40 42.23
CA GLN A 445 30.31 -30.54 42.77
C GLN A 445 30.00 -29.53 43.87
N ALA A 446 31.00 -28.86 44.41
CA ALA A 446 30.79 -27.88 45.49
C ALA A 446 30.74 -26.47 44.90
N VAL A 447 29.70 -26.22 44.13
CA VAL A 447 29.50 -24.95 43.43
C VAL A 447 28.36 -24.20 44.11
N SER A 448 28.57 -22.91 44.38
CA SER A 448 27.59 -22.07 45.04
C SER A 448 27.01 -21.07 44.04
N TRP A 449 25.70 -20.86 44.12
CA TRP A 449 24.98 -20.00 43.19
C TRP A 449 24.54 -18.72 43.89
N VAL A 450 24.47 -17.64 43.11
CA VAL A 450 23.95 -16.36 43.57
C VAL A 450 22.79 -15.96 42.67
N SER A 451 21.65 -15.64 43.27
CA SER A 451 20.42 -15.40 42.53
C SER A 451 20.36 -13.94 42.09
N LEU A 452 20.62 -13.70 40.80
CA LEU A 452 20.51 -12.34 40.26
C LEU A 452 19.04 -11.92 40.16
N GLU A 453 18.19 -12.80 39.62
CA GLU A 453 16.78 -12.50 39.45
C GLU A 453 15.98 -13.75 39.78
N GLU A 454 15.05 -13.63 40.73
CA GLU A 454 14.21 -14.73 41.16
C GLU A 454 12.75 -14.39 40.94
N ALA A 455 11.99 -15.36 40.43
CA ALA A 455 10.58 -15.17 40.14
C ALA A 455 9.73 -15.85 41.21
N GLU A 456 8.61 -15.22 41.54
CA GLU A 456 7.72 -15.77 42.56
C GLU A 456 7.14 -17.10 42.10
N PRO A 457 7.08 -18.10 42.97
CA PRO A 457 6.59 -19.42 42.56
C PRO A 457 5.08 -19.55 42.75
N PHE A 458 4.53 -20.61 42.17
CA PHE A 458 3.12 -20.95 42.32
C PHE A 458 3.00 -22.12 43.26
N PRO A 459 2.53 -21.93 44.50
CA PRO A 459 2.46 -23.03 45.46
C PRO A 459 1.23 -23.91 45.33
N ASP A 460 0.46 -23.79 44.24
CA ASP A 460 -0.74 -24.59 44.04
C ASP A 460 -0.52 -25.74 43.06
N ILE A 461 0.73 -26.06 42.74
CA ILE A 461 1.06 -27.12 41.80
C ILE A 461 2.09 -28.04 42.45
N SER A 462 1.78 -29.34 42.49
CA SER A 462 2.68 -30.35 43.02
C SER A 462 3.03 -31.33 41.90
N TRP A 463 4.32 -31.61 41.74
CA TRP A 463 4.80 -32.47 40.67
C TRP A 463 5.63 -33.61 41.22
N SER A 464 5.57 -34.74 40.53
CA SER A 464 6.31 -35.94 40.93
C SER A 464 6.69 -36.72 39.69
N ILE A 465 7.65 -37.63 39.85
CA ILE A 465 8.15 -38.46 38.77
C ILE A 465 7.91 -39.92 39.12
N ARG A 466 7.29 -40.66 38.21
CA ARG A 466 6.95 -42.07 38.40
C ARG A 466 7.74 -42.92 37.43
N VAL A 467 8.28 -44.04 37.93
CA VAL A 467 9.05 -44.98 37.14
C VAL A 467 8.20 -46.21 36.86
N LEU A 468 8.15 -46.62 35.60
CA LEU A 468 7.29 -47.71 35.17
C LEU A 468 8.10 -48.78 34.46
N GLN A 469 7.80 -50.04 34.78
CA GLN A 469 8.46 -51.20 34.18
C GLN A 469 7.48 -51.97 33.32
N PRO A 470 7.78 -52.21 32.04
CA PRO A 470 6.84 -52.91 31.19
C PRO A 470 6.74 -54.38 31.58
N PRO A 471 5.55 -54.99 31.41
CA PRO A 471 5.32 -56.42 31.67
C PRO A 471 6.36 -57.31 30.99
N GLN A 473 6.02 -59.90 28.27
CA GLN A 473 5.27 -60.00 27.02
C GLN A 473 5.56 -58.81 26.12
N GLN A 474 5.43 -57.60 26.68
CA GLN A 474 5.65 -56.38 25.90
C GLN A 474 7.12 -56.09 25.67
N GLU A 475 8.03 -56.70 26.42
CA GLU A 475 9.45 -56.47 26.25
C GLU A 475 9.99 -57.27 25.08
N HIS A 476 10.89 -56.67 24.33
CA HIS A 476 11.52 -57.33 23.20
C HIS A 476 12.65 -58.24 23.69
N VAL A 477 13.30 -58.92 22.75
CA VAL A 477 14.37 -59.84 23.09
C VAL A 477 15.73 -59.16 23.05
N GLN A 478 15.97 -58.32 22.04
CA GLN A 478 17.28 -57.68 21.91
C GLN A 478 17.50 -56.66 23.03
N TYR A 479 16.46 -55.95 23.43
CA TYR A 479 16.55 -54.90 24.45
C TYR A 479 15.56 -55.22 25.57
N ALA A 480 16.06 -55.76 26.67
CA ALA A 480 15.22 -56.13 27.81
C ALA A 480 15.68 -55.40 29.06
N GLY A 481 14.74 -55.15 29.96
CA GLY A 481 15.03 -54.48 31.21
C GLY A 481 14.89 -52.97 31.19
N LEU A 482 14.59 -52.39 30.04
CA LEU A 482 14.44 -50.93 29.96
C LEU A 482 13.17 -50.49 30.67
N ASP A 483 13.24 -49.32 31.31
CA ASP A 483 12.10 -48.72 31.99
C ASP A 483 11.95 -47.28 31.54
N PHE A 484 10.73 -46.77 31.63
CA PHE A 484 10.42 -45.40 31.25
C PHE A 484 9.81 -44.67 32.44
N GLU A 485 9.48 -43.39 32.23
CA GLU A 485 9.05 -42.53 33.31
C GLU A 485 7.90 -41.63 32.84
N ALA A 486 7.22 -41.03 33.81
CA ALA A 486 6.11 -40.13 33.55
C ALA A 486 6.04 -39.06 34.63
N ILE A 487 5.78 -37.82 34.21
CA ILE A 487 5.68 -36.69 35.13
C ILE A 487 4.21 -36.44 35.43
N LEU A 488 3.87 -36.33 36.71
CA LEU A 488 2.50 -36.15 37.15
C LEU A 488 2.36 -34.84 37.90
N LEU A 489 1.42 -34.01 37.46
CA LEU A 489 1.11 -32.73 38.11
C LEU A 489 -0.29 -32.80 38.69
N GLN A 490 -0.43 -32.46 39.96
CA GLN A 490 -1.71 -32.53 40.65
C GLN A 490 -1.85 -31.31 41.56
N PRO A 491 -3.08 -30.91 41.87
CA PRO A 491 -3.28 -29.81 42.81
C PRO A 491 -2.73 -30.14 44.19
N SER A 492 -2.24 -29.11 44.88
CA SER A 492 -1.67 -29.28 46.21
C SER A 492 -2.70 -28.99 47.29
N GLN A 499 -12.09 -37.92 42.05
CA GLN A 499 -12.99 -36.93 41.47
C GLN A 499 -12.22 -35.90 40.66
N VAL A 500 -10.96 -36.21 40.36
CA VAL A 500 -10.06 -35.31 39.65
C VAL A 500 -9.87 -35.85 38.23
N PRO A 501 -10.30 -35.12 37.21
CA PRO A 501 -10.03 -35.56 35.83
C PRO A 501 -8.55 -35.44 35.50
N MET A 502 -8.13 -36.24 34.52
CA MET A 502 -6.74 -36.28 34.09
C MET A 502 -6.62 -35.97 32.62
N VAL A 503 -5.47 -35.41 32.23
CA VAL A 503 -5.13 -35.15 30.84
C VAL A 503 -3.80 -35.83 30.56
N VAL A 504 -3.77 -36.67 29.53
CA VAL A 504 -2.57 -37.44 29.18
C VAL A 504 -1.93 -36.80 27.95
N MET A 505 -0.63 -36.52 28.04
CA MET A 505 0.09 -35.85 26.96
C MET A 505 1.35 -36.63 26.62
N PRO A 506 1.40 -37.31 25.48
CA PRO A 506 2.67 -37.87 24.99
C PRO A 506 3.43 -36.86 24.16
N HIS A 507 4.76 -36.99 24.19
CA HIS A 507 5.62 -36.07 23.46
C HIS A 507 5.73 -36.46 22.00
N GLY A 508 6.11 -35.48 21.17
CA GLY A 508 6.34 -35.74 19.76
C GLY A 508 7.66 -36.42 19.54
N GLY A 509 8.31 -36.16 18.40
CA GLY A 509 9.57 -36.76 18.11
C GLY A 509 9.51 -37.81 17.03
N PRO A 510 9.53 -39.09 17.40
CA PRO A 510 9.40 -39.63 18.76
C PRO A 510 10.71 -39.67 19.54
N HIS A 511 11.81 -39.17 18.99
CA HIS A 511 13.08 -39.13 19.71
C HIS A 511 13.27 -37.78 20.39
N SER A 512 12.29 -37.44 21.23
CA SER A 512 12.37 -36.26 22.08
C SER A 512 12.00 -36.65 23.50
N SER A 513 11.88 -35.68 24.41
CA SER A 513 11.58 -36.03 25.80
C SER A 513 10.97 -34.83 26.50
N PHE A 514 10.23 -35.13 27.57
CA PHE A 514 9.75 -34.12 28.50
C PHE A 514 10.74 -33.98 29.65
N VAL A 515 10.95 -32.74 30.10
CA VAL A 515 11.83 -32.45 31.22
C VAL A 515 11.07 -31.58 32.21
N THR A 516 11.52 -31.63 33.47
CA THR A 516 10.88 -30.87 34.54
C THR A 516 11.31 -29.41 34.43
N ALA A 517 10.64 -28.69 33.53
CA ALA A 517 10.85 -27.26 33.33
C ALA A 517 9.51 -26.55 33.38
N TRP A 518 9.54 -25.24 33.19
CA TRP A 518 8.33 -24.43 33.23
C TRP A 518 7.59 -24.58 31.91
N MET A 519 6.47 -25.30 31.93
CA MET A 519 5.60 -25.46 30.76
C MET A 519 4.31 -24.71 31.03
N LEU A 520 3.94 -23.80 30.12
CA LEU A 520 2.79 -22.93 30.35
C LEU A 520 1.48 -23.72 30.34
N PHE A 521 1.26 -24.54 29.30
CA PHE A 521 -0.03 -25.20 29.16
C PHE A 521 -0.30 -26.21 30.27
N PRO A 522 0.62 -27.12 30.63
CA PRO A 522 0.34 -28.00 31.78
C PRO A 522 0.08 -27.23 33.07
N ALA A 523 0.80 -26.13 33.28
CA ALA A 523 0.60 -25.33 34.48
C ALA A 523 -0.81 -24.73 34.50
N MET A 524 -1.27 -24.20 33.37
CA MET A 524 -2.59 -23.58 33.35
C MET A 524 -3.69 -24.63 33.43
N LEU A 525 -3.47 -25.81 32.83
CA LEU A 525 -4.43 -26.90 32.99
C LEU A 525 -4.53 -27.35 34.44
N CYS A 526 -3.40 -27.43 35.14
CA CYS A 526 -3.44 -27.79 36.56
C CYS A 526 -4.12 -26.70 37.38
N LYS A 527 -3.90 -25.43 37.02
CA LYS A 527 -4.59 -24.34 37.70
C LYS A 527 -6.09 -24.41 37.47
N MET A 528 -6.52 -24.87 36.30
CA MET A 528 -7.96 -25.03 36.04
C MET A 528 -8.56 -26.14 36.89
N GLY A 529 -7.78 -27.18 37.20
CA GLY A 529 -8.26 -28.27 38.01
C GLY A 529 -8.06 -29.64 37.39
N PHE A 530 -7.18 -29.73 36.41
CA PHE A 530 -6.91 -30.98 35.70
C PHE A 530 -5.56 -31.53 36.11
N ALA A 531 -5.55 -32.78 36.56
CA ALA A 531 -4.28 -33.47 36.76
C ALA A 531 -3.67 -33.78 35.41
N VAL A 532 -2.37 -33.52 35.27
CA VAL A 532 -1.67 -33.65 33.99
C VAL A 532 -0.60 -34.72 34.12
N LEU A 533 -0.53 -35.61 33.13
CA LEU A 533 0.44 -36.70 33.10
C LEU A 533 1.19 -36.65 31.77
N LEU A 534 2.47 -36.32 31.83
CA LEU A 534 3.33 -36.30 30.65
C LEU A 534 4.14 -37.59 30.61
N VAL A 535 4.01 -38.34 29.52
CA VAL A 535 4.58 -39.67 29.41
C VAL A 535 5.81 -39.62 28.53
N ASN A 536 6.89 -40.24 29.00
CA ASN A 536 8.13 -40.40 28.23
C ASN A 536 8.27 -41.90 27.94
N TYR A 537 7.64 -42.34 26.85
CA TYR A 537 7.62 -43.76 26.51
C TYR A 537 9.01 -44.21 26.07
N ARG A 538 9.13 -45.53 25.86
CA ARG A 538 10.39 -46.09 25.36
C ARG A 538 10.70 -45.53 23.98
N GLY A 539 11.94 -45.09 23.79
CA GLY A 539 12.35 -44.40 22.58
C GLY A 539 12.61 -42.93 22.76
N SER A 540 12.45 -42.41 23.97
CA SER A 540 12.70 -41.00 24.24
C SER A 540 14.20 -40.76 24.41
N THR A 541 14.56 -39.50 24.65
CA THR A 541 15.95 -39.12 24.85
C THR A 541 16.26 -38.98 26.34
N GLY A 542 17.51 -39.22 26.69
CA GLY A 542 17.94 -39.18 28.07
C GLY A 542 17.94 -40.50 28.79
N PHE A 543 17.77 -41.62 28.07
CA PHE A 543 17.71 -42.93 28.69
C PHE A 543 18.71 -43.91 28.11
N GLY A 544 19.68 -43.44 27.33
CA GLY A 544 20.66 -44.31 26.70
C GLY A 544 20.36 -44.57 25.24
N GLN A 545 21.38 -45.09 24.55
CA GLN A 545 21.25 -45.35 23.12
C GLN A 545 20.32 -46.54 22.85
N ASP A 546 20.29 -47.52 23.74
CA ASP A 546 19.44 -48.69 23.53
C ASP A 546 17.97 -48.31 23.50
N SER A 547 17.55 -47.39 24.39
CA SER A 547 16.17 -46.96 24.40
C SER A 547 15.77 -46.30 23.09
N ILE A 548 16.66 -45.48 22.54
CA ILE A 548 16.39 -44.84 21.25
C ILE A 548 16.33 -45.89 20.15
N LEU A 549 17.27 -46.84 20.14
CA LEU A 549 17.35 -47.80 19.05
C LEU A 549 16.25 -48.85 19.11
N SER A 550 15.60 -49.03 20.26
CA SER A 550 14.54 -50.03 20.34
C SER A 550 13.31 -49.62 19.53
N LEU A 551 12.99 -48.33 19.51
CA LEU A 551 11.74 -47.88 18.90
C LEU A 551 11.62 -48.13 17.40
N PRO A 552 12.63 -47.84 16.57
CA PRO A 552 12.44 -47.98 15.12
C PRO A 552 12.02 -49.39 14.73
N GLY A 553 11.09 -49.47 13.77
CA GLY A 553 10.56 -50.73 13.32
C GLY A 553 9.36 -51.24 14.10
N ASN A 554 9.02 -50.60 15.22
CA ASN A 554 7.90 -51.01 16.05
C ASN A 554 6.97 -49.85 16.39
N VAL A 555 6.99 -48.79 15.60
CA VAL A 555 6.20 -47.60 15.88
C VAL A 555 4.74 -47.90 15.55
N GLY A 556 3.90 -47.94 16.57
CA GLY A 556 2.49 -48.20 16.36
C GLY A 556 1.92 -49.28 17.25
N HIS A 557 2.78 -50.19 17.71
CA HIS A 557 2.35 -51.28 18.56
C HIS A 557 3.14 -51.39 19.85
N GLN A 558 4.16 -50.56 20.06
CA GLN A 558 4.96 -50.60 21.27
C GLN A 558 4.79 -49.37 22.16
N ASP A 559 4.81 -48.16 21.57
CA ASP A 559 4.63 -46.95 22.37
C ASP A 559 3.20 -46.78 22.83
N VAL A 560 2.23 -47.20 22.02
CA VAL A 560 0.83 -47.12 22.42
C VAL A 560 0.58 -47.96 23.67
N LYS A 561 1.12 -49.18 23.68
CA LYS A 561 0.98 -50.03 24.86
C LYS A 561 1.65 -49.42 26.08
N ASP A 562 2.80 -48.76 25.88
CA ASP A 562 3.49 -48.12 26.98
C ASP A 562 2.65 -46.99 27.58
N VAL A 563 2.07 -46.15 26.72
CA VAL A 563 1.23 -45.06 27.21
C VAL A 563 0.00 -45.60 27.93
N GLN A 564 -0.62 -46.64 27.36
CA GLN A 564 -1.79 -47.23 28.00
C GLN A 564 -1.45 -47.83 29.35
N PHE A 565 -0.30 -48.51 29.45
CA PHE A 565 0.12 -49.08 30.72
C PHE A 565 0.38 -47.99 31.75
N ALA A 566 1.03 -46.90 31.34
CA ALA A 566 1.26 -45.80 32.26
C ALA A 566 -0.05 -45.22 32.76
N VAL A 567 -1.01 -45.01 31.87
CA VAL A 567 -2.30 -44.46 32.27
C VAL A 567 -3.00 -45.40 33.25
N GLU A 568 -2.99 -46.71 32.94
CA GLU A 568 -3.67 -47.67 33.80
C GLU A 568 -3.02 -47.72 35.18
N GLN A 569 -1.69 -47.73 35.24
CA GLN A 569 -1.01 -47.79 36.52
C GLN A 569 -1.28 -46.53 37.34
N VAL A 570 -1.24 -45.36 36.71
CA VAL A 570 -1.49 -44.13 37.43
C VAL A 570 -2.92 -44.09 37.95
N LEU A 571 -3.88 -44.51 37.12
CA LEU A 571 -5.27 -44.53 37.56
C LEU A 571 -5.47 -45.48 38.73
N GLN A 572 -4.85 -46.67 38.66
CA GLN A 572 -4.99 -47.64 39.75
C GLN A 572 -4.36 -47.13 41.03
N GLU A 573 -3.20 -46.49 40.94
CA GLU A 573 -2.47 -46.09 42.14
C GLU A 573 -3.04 -44.81 42.75
N GLU A 574 -3.00 -43.70 42.00
CA GLU A 574 -3.36 -42.41 42.54
C GLU A 574 -4.84 -42.25 42.85
N HIS A 575 -5.69 -43.15 42.33
CA HIS A 575 -7.13 -43.13 42.60
C HIS A 575 -7.77 -41.82 42.14
N PHE A 576 -7.69 -41.58 40.83
CA PHE A 576 -8.37 -40.46 40.21
C PHE A 576 -9.75 -40.91 39.71
N ASP A 577 -10.41 -40.06 38.92
CA ASP A 577 -11.71 -40.38 38.36
C ASP A 577 -11.50 -41.07 37.01
N ALA A 578 -11.83 -42.35 36.93
CA ALA A 578 -11.66 -43.11 35.70
C ALA A 578 -12.71 -42.75 34.66
N GLY A 579 -13.83 -42.16 35.07
CA GLY A 579 -14.86 -41.78 34.12
C GLY A 579 -14.42 -40.69 33.16
N ARG A 580 -13.73 -39.68 33.68
CA ARG A 580 -13.32 -38.52 32.90
C ARG A 580 -11.81 -38.54 32.73
N VAL A 581 -11.35 -39.01 31.56
CA VAL A 581 -9.89 -39.00 31.24
C VAL A 581 -9.76 -38.49 29.80
N ALA A 582 -8.88 -37.52 29.55
CA ALA A 582 -8.78 -36.94 28.19
C ALA A 582 -7.39 -37.19 27.60
N LEU A 583 -7.22 -36.83 26.33
CA LEU A 583 -5.91 -37.02 25.64
C LEU A 583 -5.57 -35.73 24.87
N MET A 584 -4.28 -35.45 24.67
CA MET A 584 -3.86 -34.24 23.92
C MET A 584 -2.43 -34.44 23.41
N GLY A 585 -2.21 -34.28 22.10
CA GLY A 585 -0.87 -34.53 21.54
C GLY A 585 -0.64 -33.83 20.22
N GLY A 586 0.62 -33.74 19.78
CA GLY A 586 0.95 -33.11 18.49
C GLY A 586 1.93 -33.95 17.71
N SER A 587 2.01 -33.76 16.38
CA SER A 587 2.89 -34.58 15.51
C SER A 587 2.82 -36.06 15.91
N HIS A 588 3.95 -36.65 16.32
CA HIS A 588 3.97 -38.10 16.66
C HIS A 588 2.99 -38.36 17.82
N GLY A 589 2.93 -37.45 18.79
CA GLY A 589 1.97 -37.59 19.90
C GLY A 589 0.56 -37.70 19.37
N GLY A 590 0.22 -36.93 18.32
CA GLY A 590 -1.11 -37.01 17.71
C GLY A 590 -1.34 -38.38 17.09
N PHE A 591 -0.36 -38.88 16.35
CA PHE A 591 -0.45 -40.25 15.78
C PHE A 591 -0.76 -41.23 16.90
N LEU A 592 0.00 -41.16 17.99
CA LEU A 592 -0.23 -42.07 19.16
C LEU A 592 -1.65 -41.86 19.69
N SER A 593 -2.03 -40.62 19.99
CA SER A 593 -3.39 -40.33 20.53
C SER A 593 -4.45 -41.03 19.68
N CYS A 594 -4.39 -40.84 18.36
CA CYS A 594 -5.41 -41.44 17.45
C CYS A 594 -5.42 -42.97 17.64
N HIS A 595 -4.25 -43.60 17.61
CA HIS A 595 -4.17 -45.07 17.84
C HIS A 595 -4.92 -45.42 19.12
N LEU A 596 -4.58 -44.77 20.24
CA LEU A 596 -5.20 -45.11 21.54
C LEU A 596 -6.74 -45.03 21.44
N ILE A 597 -7.29 -43.93 20.94
CA ILE A 597 -8.78 -43.75 20.94
C ILE A 597 -9.43 -44.78 20.01
N GLY A 598 -8.68 -45.34 19.05
CA GLY A 598 -9.23 -46.37 18.16
C GLY A 598 -9.03 -47.76 18.72
N GLN A 599 -7.81 -48.07 19.15
CA GLN A 599 -7.50 -49.43 19.69
C GLN A 599 -8.19 -49.62 21.04
N TYR A 600 -8.30 -48.55 21.85
CA TYR A 600 -9.00 -48.62 23.15
C TYR A 600 -10.19 -47.66 23.09
N PRO A 601 -11.37 -48.09 22.63
CA PRO A 601 -12.50 -47.18 22.45
C PRO A 601 -13.11 -46.56 23.70
N GLU A 602 -13.41 -47.35 24.73
CA GLU A 602 -14.12 -46.82 25.92
C GLU A 602 -13.14 -46.57 27.09
N THR A 603 -12.14 -45.71 26.88
CA THR A 603 -11.19 -45.39 27.97
C THR A 603 -10.98 -43.89 28.04
N TYR A 604 -11.47 -43.14 27.04
CA TYR A 604 -11.23 -41.68 27.00
C TYR A 604 -12.55 -40.95 26.73
N SER A 605 -12.62 -39.66 27.03
CA SER A 605 -13.89 -38.89 26.87
C SER A 605 -13.69 -37.69 25.94
N ALA A 606 -12.47 -37.47 25.44
CA ALA A 606 -12.22 -36.36 24.49
C ALA A 606 -10.82 -36.51 23.88
N CYS A 607 -10.48 -35.64 22.92
CA CYS A 607 -9.13 -35.69 22.31
C CYS A 607 -8.88 -34.39 21.52
N VAL A 608 -7.77 -33.71 21.78
CA VAL A 608 -7.41 -32.48 21.01
C VAL A 608 -6.06 -32.73 20.33
N VAL A 609 -6.06 -32.96 19.01
CA VAL A 609 -4.79 -33.25 18.29
C VAL A 609 -4.39 -32.03 17.46
N ARG A 610 -3.09 -31.93 17.14
CA ARG A 610 -2.59 -30.80 16.32
C ARG A 610 -1.64 -31.35 15.24
N ASN A 611 -1.77 -30.89 14.00
CA ASN A 611 -0.91 -31.38 12.88
C ASN A 611 -0.53 -32.84 13.10
N PRO A 612 -1.47 -33.81 13.05
CA PRO A 612 -1.16 -35.20 13.33
C PRO A 612 -0.76 -36.04 12.12
N VAL A 613 -0.09 -37.18 12.37
CA VAL A 613 0.27 -38.11 11.26
C VAL A 613 -0.85 -39.16 11.16
N ILE A 614 -1.51 -39.27 10.00
CA ILE A 614 -2.68 -40.20 9.88
C ILE A 614 -2.33 -41.36 8.94
N ASN A 615 -1.52 -41.12 7.91
CA ASN A 615 -1.08 -42.23 7.02
C ASN A 615 0.39 -42.03 6.61
N ILE A 616 1.25 -42.97 6.99
CA ILE A 616 2.70 -42.85 6.67
C ILE A 616 2.88 -43.05 5.16
N ALA A 617 2.12 -43.97 4.56
CA ALA A 617 2.28 -44.27 3.12
C ALA A 617 2.09 -43.00 2.29
N SER A 618 0.97 -42.30 2.47
CA SER A 618 0.68 -41.07 1.68
C SER A 618 1.69 -39.96 2.03
N MET A 619 2.10 -39.88 3.29
CA MET A 619 3.01 -38.78 3.74
C MET A 619 4.36 -38.87 2.99
N MET A 620 4.85 -40.08 2.70
CA MET A 620 6.20 -40.24 2.09
C MET A 620 6.41 -39.27 0.93
N GLY A 621 5.44 -39.15 0.02
CA GLY A 621 5.64 -38.32 -1.18
C GLY A 621 5.33 -36.85 -0.96
N SER A 622 4.87 -36.47 0.23
CA SER A 622 4.46 -35.07 0.48
C SER A 622 5.18 -34.47 1.69
N THR A 623 6.38 -34.96 2.02
CA THR A 623 7.10 -34.48 3.23
C THR A 623 8.51 -34.11 2.86
N ASP A 624 9.17 -33.32 3.71
CA ASP A 624 10.56 -32.86 3.45
C ASP A 624 11.54 -33.91 4.00
N ILE A 625 11.05 -34.82 4.85
CA ILE A 625 11.91 -35.86 5.46
C ILE A 625 11.33 -37.24 5.12
N PRO A 626 11.42 -37.72 3.87
CA PRO A 626 10.84 -39.01 3.51
C PRO A 626 11.53 -40.16 4.21
N ASP A 627 12.74 -39.92 4.71
CA ASP A 627 13.51 -40.97 5.43
C ASP A 627 12.76 -41.39 6.70
N TRP A 628 12.20 -40.42 7.42
CA TRP A 628 11.51 -40.71 8.70
C TRP A 628 10.54 -41.87 8.51
N CYS A 629 9.69 -41.81 7.49
CA CYS A 629 8.67 -42.87 7.27
C CYS A 629 9.34 -44.24 7.13
N MET A 630 10.30 -44.38 6.19
CA MET A 630 10.99 -45.67 5.96
C MET A 630 11.58 -46.19 7.28
N VAL A 631 12.46 -45.40 7.91
CA VAL A 631 13.13 -45.83 9.17
C VAL A 631 12.07 -46.28 10.19
N GLU A 632 11.12 -45.39 10.53
CA GLU A 632 10.11 -45.73 11.57
C GLU A 632 9.41 -47.04 11.21
N ALA A 633 9.05 -47.22 9.94
CA ALA A 633 8.33 -48.45 9.51
C ALA A 633 9.25 -49.66 9.65
N GLY A 634 10.55 -49.49 9.41
CA GLY A 634 11.51 -50.58 9.60
C GLY A 634 12.31 -50.84 8.34
N PHE A 635 12.40 -49.85 7.45
CA PHE A 635 13.12 -50.03 6.16
C PHE A 635 14.29 -49.05 6.09
N SER A 636 15.30 -49.38 5.27
CA SER A 636 16.46 -48.47 5.10
C SER A 636 16.18 -47.49 3.95
N TYR A 637 16.16 -46.19 4.25
CA TYR A 637 15.87 -45.17 3.21
C TYR A 637 17.01 -45.16 2.19
N SER A 638 16.67 -45.17 0.91
CA SER A 638 17.71 -45.09 -0.16
C SER A 638 17.27 -44.06 -1.21
N SER A 639 18.09 -43.03 -1.44
CA SER A 639 17.73 -41.97 -2.42
C SER A 639 17.28 -42.62 -3.74
N ASP A 640 18.07 -43.57 -4.25
CA ASP A 640 17.69 -44.28 -5.51
C ASP A 640 16.90 -45.53 -5.17
N CYS A 641 15.60 -45.39 -4.92
CA CYS A 641 14.74 -46.56 -4.58
C CYS A 641 13.26 -46.20 -4.73
N LEU A 642 12.45 -47.11 -5.28
CA LEU A 642 10.98 -46.88 -5.38
C LEU A 642 10.28 -47.90 -4.46
N PRO A 643 9.61 -47.45 -3.38
CA PRO A 643 8.99 -48.38 -2.45
C PRO A 643 8.14 -49.45 -3.13
N ASP A 644 8.26 -50.70 -2.67
CA ASP A 644 7.50 -51.83 -3.27
C ASP A 644 6.12 -51.96 -2.62
N LEU A 645 5.43 -53.07 -2.85
CA LEU A 645 4.11 -53.31 -2.23
C LEU A 645 4.30 -53.64 -0.74
N SER A 646 5.30 -54.48 -0.44
CA SER A 646 5.59 -54.83 0.98
C SER A 646 5.72 -53.54 1.80
N VAL A 647 6.58 -52.61 1.35
CA VAL A 647 6.76 -51.32 2.07
C VAL A 647 5.38 -50.70 2.31
N TRP A 648 4.63 -50.42 1.24
CA TRP A 648 3.31 -49.77 1.38
C TRP A 648 2.48 -50.50 2.44
N ALA A 649 2.32 -51.82 2.29
CA ALA A 649 1.51 -52.62 3.23
C ALA A 649 1.91 -52.30 4.67
N ALA A 650 3.18 -52.47 5.01
CA ALA A 650 3.66 -52.21 6.39
C ALA A 650 3.22 -50.82 6.85
N MET A 651 3.56 -49.78 6.08
CA MET A 651 3.21 -48.39 6.47
C MET A 651 1.72 -48.29 6.79
N LEU A 652 0.86 -48.86 5.94
CA LEU A 652 -0.61 -48.74 6.14
C LEU A 652 -1.03 -49.47 7.42
N ASP A 653 -0.40 -50.61 7.73
CA ASP A 653 -0.78 -51.42 8.91
C ASP A 653 -0.43 -50.65 10.20
N LYS A 654 0.56 -49.76 10.13
CA LYS A 654 1.00 -49.00 11.33
C LYS A 654 0.26 -47.66 11.40
N SER A 655 -0.49 -47.31 10.34
CA SER A 655 -1.20 -46.00 10.31
C SER A 655 -2.48 -46.06 11.15
N PRO A 656 -2.82 -45.00 11.92
CA PRO A 656 -3.99 -45.02 12.79
C PRO A 656 -5.34 -44.94 12.07
N ILE A 657 -5.32 -44.77 10.74
CA ILE A 657 -6.59 -44.65 9.95
C ILE A 657 -7.22 -46.05 9.82
N LYS A 658 -6.44 -47.11 10.06
CA LYS A 658 -6.97 -48.49 9.92
C LYS A 658 -7.87 -48.82 11.13
N TYR A 659 -7.93 -47.95 12.13
CA TYR A 659 -8.81 -48.16 13.31
C TYR A 659 -9.91 -47.11 13.30
N ALA A 660 -9.85 -46.18 12.33
CA ALA A 660 -10.85 -45.10 12.25
C ALA A 660 -12.28 -45.63 12.44
N PRO A 661 -12.76 -46.70 11.77
CA PRO A 661 -14.15 -47.14 11.94
C PRO A 661 -14.65 -47.36 13.37
N GLN A 662 -13.73 -47.54 14.32
CA GLN A 662 -14.12 -47.70 15.75
C GLN A 662 -14.13 -46.46 16.65
N VAL A 663 -13.48 -45.37 16.22
CA VAL A 663 -13.38 -44.14 17.06
C VAL A 663 -14.78 -43.66 17.44
N LYS A 664 -15.01 -43.35 18.73
CA LYS A 664 -16.32 -42.83 19.17
C LYS A 664 -16.10 -41.67 20.17
N THR A 665 -14.88 -41.15 20.25
CA THR A 665 -14.56 -40.03 21.18
C THR A 665 -14.59 -38.73 20.41
N PRO A 666 -15.24 -37.67 20.91
CA PRO A 666 -15.23 -36.37 20.25
C PRO A 666 -13.81 -35.92 19.99
N LEU A 667 -13.52 -35.46 18.77
CA LEU A 667 -12.13 -35.08 18.42
C LEU A 667 -12.05 -33.61 17.97
N LEU A 668 -11.10 -32.85 18.52
CA LEU A 668 -10.90 -31.44 18.07
C LEU A 668 -9.60 -31.41 17.26
N LEU A 669 -9.68 -31.02 15.99
CA LEU A 669 -8.48 -31.05 15.12
C LEU A 669 -8.02 -29.63 14.81
N MET A 670 -6.73 -29.34 14.98
CA MET A 670 -6.18 -28.00 14.62
C MET A 670 -5.10 -28.22 13.57
N LEU A 671 -5.22 -27.59 12.40
CA LEU A 671 -4.26 -27.87 11.31
C LEU A 671 -3.58 -26.58 10.82
N GLY A 672 -2.32 -26.67 10.41
CA GLY A 672 -1.62 -25.50 9.84
C GLY A 672 -1.54 -25.66 8.34
N GLN A 673 -2.24 -24.81 7.59
CA GLN A 673 -2.31 -24.98 6.11
C GLN A 673 -0.90 -25.04 5.48
N GLU A 674 0.09 -24.39 6.09
CA GLU A 674 1.43 -24.34 5.45
C GLU A 674 2.42 -25.27 6.18
N ASP A 675 1.94 -26.34 6.82
CA ASP A 675 2.87 -27.32 7.45
C ASP A 675 3.57 -28.09 6.33
N ARG A 676 4.86 -28.06 6.22
CA ARG A 676 5.59 -28.79 5.14
C ARG A 676 6.23 -30.05 5.73
N ARG A 677 6.27 -30.16 7.09
CA ARG A 677 6.76 -31.42 7.71
C ARG A 677 5.65 -32.48 7.59
N VAL A 678 4.51 -32.24 8.22
CA VAL A 678 3.35 -33.18 8.08
C VAL A 678 2.29 -32.48 7.21
N PRO A 679 2.15 -32.85 5.92
CA PRO A 679 1.12 -32.27 5.06
C PRO A 679 -0.20 -32.19 5.80
N PHE A 680 -0.89 -31.04 5.72
CA PHE A 680 -2.14 -30.83 6.49
C PHE A 680 -3.27 -31.72 5.96
N LYS A 681 -3.08 -32.35 4.80
CA LYS A 681 -4.13 -33.22 4.20
C LYS A 681 -4.30 -34.48 5.07
N GLN A 682 -3.28 -34.84 5.84
CA GLN A 682 -3.35 -36.04 6.73
C GLN A 682 -4.57 -35.91 7.66
N GLY A 683 -4.58 -34.87 8.49
CA GLY A 683 -5.72 -34.66 9.41
C GLY A 683 -7.04 -34.66 8.65
N MET A 684 -7.07 -34.01 7.48
CA MET A 684 -8.33 -33.90 6.69
C MET A 684 -8.91 -35.31 6.43
N GLU A 685 -8.07 -36.26 5.98
CA GLU A 685 -8.61 -37.60 5.62
C GLU A 685 -9.23 -38.27 6.87
N TYR A 686 -8.56 -38.20 8.02
CA TYR A 686 -9.16 -38.76 9.27
C TYR A 686 -10.51 -38.10 9.51
N TYR A 687 -10.53 -36.77 9.47
CA TYR A 687 -11.80 -36.01 9.72
C TYR A 687 -12.90 -36.56 8.82
N ARG A 688 -12.65 -36.60 7.51
CA ARG A 688 -13.69 -37.06 6.55
C ARG A 688 -14.29 -38.39 7.02
N VAL A 689 -13.43 -39.38 7.28
CA VAL A 689 -13.93 -40.73 7.69
C VAL A 689 -14.87 -40.56 8.91
N LEU A 690 -14.36 -39.98 10.00
CA LEU A 690 -15.18 -39.83 11.23
C LEU A 690 -16.47 -39.06 10.90
N LYS A 691 -16.37 -37.97 10.13
CA LYS A 691 -17.55 -37.15 9.78
C LYS A 691 -18.60 -38.03 9.09
N ALA A 692 -18.17 -38.81 8.08
CA ALA A 692 -19.11 -39.68 7.33
C ALA A 692 -19.80 -40.65 8.30
N ARG A 693 -19.06 -41.16 9.29
CA ARG A 693 -19.63 -42.11 10.28
C ARG A 693 -20.30 -41.33 11.42
N ASN A 694 -20.55 -40.03 11.24
CA ASN A 694 -21.25 -39.20 12.25
C ASN A 694 -20.52 -39.23 13.59
N VAL A 695 -19.24 -38.83 13.61
CA VAL A 695 -18.50 -38.74 14.90
C VAL A 695 -18.19 -37.26 15.15
N PRO A 696 -18.58 -36.66 16.29
CA PRO A 696 -18.38 -35.23 16.51
C PRO A 696 -16.93 -34.80 16.31
N VAL A 697 -16.67 -34.04 15.25
CA VAL A 697 -15.29 -33.52 14.99
C VAL A 697 -15.35 -32.03 14.68
N ARG A 698 -14.52 -31.21 15.33
CA ARG A 698 -14.45 -29.76 15.00
C ARG A 698 -13.06 -29.46 14.42
N LEU A 699 -13.00 -28.83 13.25
CA LEU A 699 -11.68 -28.57 12.61
C LEU A 699 -11.41 -27.06 12.59
N LEU A 700 -10.22 -26.65 13.04
CA LEU A 700 -9.84 -25.21 13.01
C LEU A 700 -8.57 -25.07 12.17
N LEU A 701 -8.71 -24.70 10.89
CA LEU A 701 -7.53 -24.61 9.99
C LEU A 701 -6.92 -23.21 10.08
N TYR A 702 -5.63 -23.12 10.41
CA TYR A 702 -4.93 -21.80 10.45
C TYR A 702 -4.29 -21.60 9.09
N PRO A 703 -4.64 -20.52 8.36
CA PRO A 703 -4.14 -20.35 7.00
C PRO A 703 -2.65 -20.08 6.80
N LYS A 704 -1.91 -19.81 7.88
CA LYS A 704 -0.48 -19.43 7.71
C LYS A 704 0.40 -20.15 8.75
N SER A 705 -0.21 -20.92 9.66
CA SER A 705 0.56 -21.60 10.73
C SER A 705 1.42 -22.72 10.11
N THR A 706 2.48 -23.14 10.82
CA THR A 706 3.34 -24.24 10.33
C THR A 706 3.28 -25.39 11.30
N HIS A 707 4.31 -26.23 11.34
CA HIS A 707 4.31 -27.44 12.20
C HIS A 707 4.28 -27.04 13.67
N ALA A 708 4.77 -25.84 14.00
CA ALA A 708 4.88 -25.42 15.42
C ALA A 708 3.64 -24.63 15.85
N LEU A 709 2.98 -23.92 14.93
CA LEU A 709 1.83 -23.04 15.32
C LEU A 709 2.29 -22.15 16.47
N SER A 710 3.42 -21.45 16.30
CA SER A 710 4.00 -20.65 17.41
C SER A 710 3.50 -19.19 17.38
N GLU A 711 2.93 -18.75 16.26
CA GLU A 711 2.49 -17.33 16.14
C GLU A 711 1.60 -16.99 17.35
N VAL A 712 1.80 -15.83 17.97
CA VAL A 712 1.05 -15.48 19.22
C VAL A 712 -0.46 -15.58 18.95
N GLU A 713 -0.93 -15.08 17.80
CA GLU A 713 -2.37 -15.09 17.49
C GLU A 713 -2.87 -16.54 17.40
N VAL A 714 -2.11 -17.40 16.71
CA VAL A 714 -2.51 -18.83 16.55
C VAL A 714 -2.40 -19.54 17.92
N GLU A 715 -1.28 -19.37 18.62
CA GLU A 715 -1.07 -20.09 19.91
C GLU A 715 -2.17 -19.70 20.92
N SER A 716 -2.48 -18.41 21.00
CA SER A 716 -3.50 -17.95 21.98
C SER A 716 -4.85 -18.60 21.69
N ASP A 717 -5.27 -18.59 20.42
CA ASP A 717 -6.59 -19.17 20.03
C ASP A 717 -6.57 -20.67 20.28
N SER A 718 -5.60 -21.38 19.69
CA SER A 718 -5.51 -22.86 19.84
C SER A 718 -5.66 -23.23 21.32
N PHE A 719 -4.76 -22.74 22.18
CA PHE A 719 -4.79 -23.11 23.62
C PHE A 719 -6.19 -22.87 24.16
N MET A 720 -6.70 -21.64 24.02
CA MET A 720 -8.03 -21.31 24.57
C MET A 720 -9.07 -22.34 24.12
N ASN A 721 -9.24 -22.50 22.80
CA ASN A 721 -10.25 -23.46 22.27
C ASN A 721 -10.08 -24.83 22.94
N ALA A 722 -8.85 -25.36 22.96
CA ALA A 722 -8.59 -26.69 23.55
C ALA A 722 -9.20 -26.77 24.94
N VAL A 723 -8.80 -25.86 25.84
CA VAL A 723 -9.30 -25.88 27.24
C VAL A 723 -10.83 -26.03 27.24
N LEU A 724 -11.54 -25.09 26.59
CA LEU A 724 -13.03 -25.14 26.58
C LEU A 724 -13.49 -26.54 26.15
N TRP A 725 -13.03 -27.01 25.00
CA TRP A 725 -13.40 -28.36 24.51
C TRP A 725 -13.29 -29.37 25.66
N LEU A 726 -12.08 -29.55 26.19
CA LEU A 726 -11.86 -30.54 27.28
C LEU A 726 -12.87 -30.29 28.40
N CYS A 727 -12.87 -29.07 28.96
CA CYS A 727 -13.79 -28.73 30.08
C CYS A 727 -15.22 -29.20 29.73
N THR A 728 -15.75 -28.79 28.58
CA THR A 728 -17.14 -29.13 28.21
C THR A 728 -17.35 -30.63 28.28
N HIS A 729 -16.62 -31.39 27.47
CA HIS A 729 -16.83 -32.86 27.40
C HIS A 729 -16.56 -33.50 28.77
N LEU A 730 -15.50 -33.08 29.44
CA LEU A 730 -15.13 -33.68 30.75
C LEU A 730 -15.77 -32.87 31.89
N PRO B 10 15.86 -16.75 -30.89
CA PRO B 10 14.68 -16.53 -30.05
C PRO B 10 13.83 -15.35 -30.52
N GLU B 11 14.38 -14.54 -31.42
CA GLU B 11 13.62 -13.38 -31.92
C GLU B 11 12.54 -13.82 -32.89
N GLU B 12 12.85 -14.77 -33.77
CA GLU B 12 11.86 -15.22 -34.75
C GLU B 12 10.66 -15.86 -34.08
N ALA B 13 10.90 -16.69 -33.06
CA ALA B 13 9.80 -17.32 -32.34
C ALA B 13 8.95 -16.29 -31.62
N ALA B 14 9.59 -15.29 -31.00
CA ALA B 14 8.84 -14.24 -30.33
C ALA B 14 7.98 -13.45 -31.31
N ALA B 15 8.54 -13.12 -32.48
CA ALA B 15 7.76 -12.41 -33.49
C ALA B 15 6.59 -13.25 -33.97
N LEU B 16 6.82 -14.55 -34.20
CA LEU B 16 5.74 -15.43 -34.64
C LEU B 16 4.63 -15.51 -33.60
N TYR B 17 5.00 -15.66 -32.32
CA TYR B 17 3.99 -15.71 -31.27
C TYR B 17 3.22 -14.39 -31.18
N ARG B 18 3.93 -13.27 -31.30
CA ARG B 18 3.26 -11.97 -31.28
C ARG B 18 2.27 -11.85 -32.44
N GLY B 19 2.66 -12.30 -33.63
CA GLY B 19 1.76 -12.23 -34.77
C GLY B 19 0.54 -13.14 -34.61
N LEU B 20 0.76 -14.36 -34.10
CA LEU B 20 -0.34 -15.31 -33.99
C LEU B 20 -1.27 -15.03 -32.82
N SER B 21 -0.82 -14.28 -31.81
CA SER B 21 -1.68 -13.95 -30.69
C SER B 21 -2.53 -12.71 -30.94
N ARG B 22 -2.38 -12.07 -32.10
CA ARG B 22 -3.13 -10.86 -32.39
C ARG B 22 -4.60 -11.14 -32.72
N GLN B 23 -4.91 -12.32 -33.23
CA GLN B 23 -6.26 -12.62 -33.67
C GLN B 23 -7.20 -12.73 -32.47
N PRO B 24 -8.34 -12.04 -32.48
CA PRO B 24 -9.25 -12.06 -31.34
C PRO B 24 -10.12 -13.31 -31.35
N ALA B 25 -10.93 -13.45 -30.30
CA ALA B 25 -11.84 -14.58 -30.17
C ALA B 25 -13.18 -14.11 -29.61
N LEU B 26 -14.26 -14.70 -30.12
CA LEU B 26 -15.60 -14.34 -29.69
C LEU B 26 -15.87 -14.86 -28.28
N SER B 27 -16.76 -14.17 -27.57
CA SER B 27 -17.10 -14.60 -26.21
C SER B 27 -18.61 -14.74 -26.02
N ALA B 28 -19.38 -13.86 -26.63
CA ALA B 28 -20.84 -13.86 -26.45
C ALA B 28 -21.46 -13.01 -27.55
N ALA B 29 -22.78 -13.12 -27.68
CA ALA B 29 -23.52 -12.34 -28.65
C ALA B 29 -24.96 -12.20 -28.18
N CYS B 30 -25.64 -11.17 -28.71
CA CYS B 30 -27.03 -10.91 -28.39
C CYS B 30 -27.66 -10.14 -29.54
N LEU B 31 -28.98 -10.12 -29.56
CA LEU B 31 -29.75 -9.46 -30.61
C LEU B 31 -30.64 -8.39 -30.01
N GLY B 32 -30.66 -7.22 -30.67
CA GLY B 32 -31.45 -6.11 -30.20
C GLY B 32 -32.87 -6.13 -30.73
N PRO B 33 -33.66 -5.13 -30.35
CA PRO B 33 -35.05 -5.06 -30.83
C PRO B 33 -35.12 -4.71 -32.30
N GLU B 34 -36.24 -5.08 -32.91
CA GLU B 34 -36.47 -4.83 -34.33
C GLU B 34 -37.09 -3.45 -34.52
N VAL B 35 -36.52 -2.67 -35.44
CA VAL B 35 -36.95 -1.30 -35.70
C VAL B 35 -37.48 -1.23 -37.12
N THR B 36 -38.67 -0.67 -37.28
CA THR B 36 -39.31 -0.50 -38.58
C THR B 36 -38.90 0.84 -39.16
N THR B 37 -38.10 0.82 -40.21
CA THR B 37 -37.62 2.04 -40.85
C THR B 37 -38.74 2.77 -41.59
N ARG B 42 -37.05 -3.68 -42.45
CA ARG B 42 -36.73 -3.71 -41.04
C ARG B 42 -35.28 -4.15 -40.83
N TYR B 43 -34.71 -3.78 -39.68
CA TYR B 43 -33.33 -4.11 -39.38
C TYR B 43 -33.18 -4.36 -37.89
N ARG B 44 -32.09 -5.04 -37.53
CA ARG B 44 -31.79 -5.40 -36.16
C ARG B 44 -30.33 -5.13 -35.88
N THR B 45 -30.01 -4.99 -34.60
CA THR B 45 -28.64 -4.75 -34.14
C THR B 45 -28.16 -5.97 -33.37
N VAL B 46 -26.92 -6.39 -33.66
CA VAL B 46 -26.31 -7.54 -33.01
C VAL B 46 -25.08 -7.05 -32.25
N HIS B 47 -25.03 -7.35 -30.96
CA HIS B 47 -23.93 -6.94 -30.10
C HIS B 47 -22.99 -8.12 -29.89
N THR B 48 -21.72 -7.94 -30.24
CA THR B 48 -20.70 -8.97 -30.12
C THR B 48 -19.64 -8.54 -29.12
N GLU B 49 -19.15 -9.49 -28.34
CA GLU B 49 -18.09 -9.25 -27.37
C GLU B 49 -16.88 -10.11 -27.73
N TRP B 50 -15.71 -9.51 -27.75
CA TRP B 50 -14.49 -10.19 -28.15
C TRP B 50 -13.43 -10.06 -27.06
N THR B 51 -12.50 -11.01 -27.07
CA THR B 51 -11.40 -11.05 -26.14
C THR B 51 -10.09 -11.24 -26.92
N GLN B 52 -9.02 -10.63 -26.40
CA GLN B 52 -7.72 -10.70 -27.05
C GLN B 52 -6.64 -10.68 -25.98
N ARG B 53 -5.45 -11.10 -26.35
CA ARG B 53 -4.30 -11.13 -25.45
C ARG B 53 -3.41 -9.94 -25.75
N ASP B 54 -3.18 -9.10 -24.75
CA ASP B 54 -2.26 -7.97 -24.86
C ASP B 54 -0.96 -8.34 -24.18
N LEU B 55 0.12 -8.39 -24.95
CA LEU B 55 1.42 -8.78 -24.43
C LEU B 55 2.20 -7.60 -23.85
N GLU B 56 1.97 -6.38 -24.34
CA GLU B 56 2.64 -5.22 -23.77
C GLU B 56 2.19 -5.00 -22.32
N ARG B 57 0.90 -5.14 -22.06
CA ARG B 57 0.37 -5.05 -20.71
C ARG B 57 0.28 -6.39 -20.01
N MET B 58 0.40 -7.50 -20.75
CA MET B 58 0.28 -8.86 -20.21
C MET B 58 -1.07 -9.04 -19.52
N GLU B 59 -2.14 -8.93 -20.31
CA GLU B 59 -3.49 -9.05 -19.80
C GLU B 59 -4.41 -9.56 -20.88
N ASN B 60 -5.67 -9.78 -20.52
CA ASN B 60 -6.71 -10.17 -21.45
C ASN B 60 -7.67 -9.00 -21.61
N ILE B 61 -7.68 -8.41 -22.80
CA ILE B 61 -8.50 -7.23 -23.08
C ILE B 61 -9.82 -7.70 -23.68
N ARG B 62 -10.92 -7.22 -23.12
CA ARG B 62 -12.27 -7.54 -23.59
C ARG B 62 -12.92 -6.27 -24.13
N PHE B 63 -13.45 -6.34 -25.35
CA PHE B 63 -14.09 -5.20 -25.96
C PHE B 63 -15.40 -5.62 -26.62
N CYS B 64 -16.13 -4.64 -27.13
CA CYS B 64 -17.46 -4.83 -27.68
C CYS B 64 -17.55 -4.18 -29.05
N ARG B 65 -18.49 -4.69 -29.86
CA ARG B 65 -18.71 -4.16 -31.20
C ARG B 65 -20.17 -4.40 -31.56
N GLN B 66 -20.70 -3.57 -32.47
CA GLN B 66 -22.09 -3.64 -32.88
C GLN B 66 -22.18 -3.77 -34.40
N TYR B 67 -23.13 -4.60 -34.85
CA TYR B 67 -23.38 -4.79 -36.27
C TYR B 67 -24.86 -4.59 -36.57
N LEU B 68 -25.17 -4.24 -37.81
CA LEU B 68 -26.53 -4.01 -38.26
C LEU B 68 -26.88 -5.00 -39.37
N VAL B 69 -28.04 -5.63 -39.26
CA VAL B 69 -28.52 -6.59 -40.24
C VAL B 69 -29.91 -6.17 -40.69
N PHE B 70 -30.07 -5.90 -41.99
CA PHE B 70 -31.34 -5.53 -42.58
C PHE B 70 -31.98 -6.77 -43.19
N HIS B 71 -33.18 -7.11 -42.72
CA HIS B 71 -33.86 -8.33 -43.15
C HIS B 71 -35.25 -7.99 -43.67
N ASP B 72 -35.66 -8.71 -44.71
CA ASP B 72 -36.97 -8.50 -45.32
C ASP B 72 -37.95 -9.61 -44.93
N ASP B 74 -37.59 -13.02 -43.96
CA ASP B 74 -36.88 -14.28 -43.73
C ASP B 74 -35.69 -14.41 -44.67
N SER B 75 -35.03 -13.30 -44.96
CA SER B 75 -33.85 -13.29 -45.81
C SER B 75 -32.93 -12.17 -45.36
N VAL B 76 -31.62 -12.43 -45.41
CA VAL B 76 -30.62 -11.45 -45.01
C VAL B 76 -30.37 -10.50 -46.17
N VAL B 77 -31.11 -9.39 -46.21
CA VAL B 77 -30.96 -8.44 -47.31
C VAL B 77 -29.63 -7.73 -47.25
N PHE B 78 -29.21 -7.30 -46.05
CA PHE B 78 -27.98 -6.53 -45.93
C PHE B 78 -27.37 -6.77 -44.56
N ALA B 79 -26.06 -6.59 -44.46
CA ALA B 79 -25.36 -6.74 -43.18
C ALA B 79 -24.08 -5.91 -43.22
N GLY B 80 -23.75 -5.29 -42.08
CA GLY B 80 -22.56 -4.48 -42.02
C GLY B 80 -22.19 -4.02 -40.62
N PRO B 81 -21.02 -3.40 -40.48
CA PRO B 81 -20.60 -2.85 -39.20
C PRO B 81 -21.31 -1.52 -38.93
N ALA B 82 -21.42 -1.20 -37.64
CA ALA B 82 -22.15 -0.02 -37.19
C ALA B 82 -21.38 0.71 -36.09
N GLY B 83 -20.08 0.87 -36.28
CA GLY B 83 -19.27 1.63 -35.37
C GLY B 83 -17.91 1.01 -35.20
N ASN B 84 -17.21 1.43 -34.15
CA ASN B 84 -15.87 0.95 -33.80
C ASN B 84 -15.95 0.09 -32.54
N SER B 85 -14.79 -0.33 -32.06
CA SER B 85 -14.68 -1.21 -30.90
C SER B 85 -14.26 -0.41 -29.68
N VAL B 86 -15.02 -0.55 -28.59
CA VAL B 86 -14.78 0.17 -27.35
C VAL B 86 -14.46 -0.85 -26.26
N GLU B 87 -13.32 -0.69 -25.61
CA GLU B 87 -12.91 -1.59 -24.55
C GLU B 87 -13.65 -1.27 -23.25
N THR B 88 -14.10 -2.33 -22.57
CA THR B 88 -14.81 -2.21 -21.31
C THR B 88 -14.05 -2.96 -20.23
N ARG B 89 -13.95 -2.36 -19.05
CA ARG B 89 -13.22 -2.96 -17.93
C ARG B 89 -14.07 -2.91 -16.67
N GLY B 90 -14.09 -4.01 -15.94
CA GLY B 90 -14.79 -4.09 -14.67
C GLY B 90 -16.17 -4.68 -14.71
N GLU B 91 -16.61 -5.22 -15.84
CA GLU B 91 -17.94 -5.78 -15.98
C GLU B 91 -17.86 -7.30 -15.82
N LEU B 92 -18.65 -7.84 -14.89
CA LEU B 92 -18.66 -9.28 -14.62
C LEU B 92 -19.84 -9.98 -15.29
N LEU B 93 -21.06 -9.52 -15.02
CA LEU B 93 -22.26 -10.12 -15.57
C LEU B 93 -23.15 -9.04 -16.17
N SER B 94 -23.84 -9.37 -17.25
CA SER B 94 -24.75 -8.44 -17.90
C SER B 94 -25.88 -9.23 -18.54
N ARG B 95 -27.05 -8.59 -18.63
CA ARG B 95 -28.21 -9.23 -19.24
C ARG B 95 -29.16 -8.15 -19.74
N GLU B 96 -29.41 -8.12 -21.04
CA GLU B 96 -30.38 -7.20 -21.59
C GLU B 96 -31.79 -7.56 -21.14
N SER B 97 -32.67 -6.57 -21.17
CA SER B 97 -34.04 -6.78 -20.75
C SER B 97 -34.76 -7.68 -21.76
N PRO B 98 -35.79 -8.40 -21.31
CA PRO B 98 -36.56 -9.23 -22.27
C PRO B 98 -37.19 -8.41 -23.37
N SER B 99 -37.61 -7.18 -23.09
CA SER B 99 -38.13 -6.28 -24.11
C SER B 99 -37.06 -5.41 -24.73
N GLY B 100 -35.83 -5.46 -24.24
CA GLY B 100 -34.73 -4.68 -24.76
C GLY B 100 -34.66 -3.25 -24.27
N THR B 101 -35.57 -2.83 -23.38
CA THR B 101 -35.59 -1.44 -22.94
C THR B 101 -34.42 -1.12 -22.03
N MET B 102 -34.16 -1.99 -21.04
CA MET B 102 -33.18 -1.74 -20.00
C MET B 102 -32.02 -2.73 -20.11
N LYS B 103 -31.05 -2.58 -19.21
CA LYS B 103 -29.90 -3.49 -19.18
C LYS B 103 -29.30 -3.48 -17.78
N ALA B 104 -29.13 -4.65 -17.19
CA ALA B 104 -28.58 -4.79 -15.85
C ALA B 104 -27.13 -5.25 -15.94
N VAL B 105 -26.25 -4.56 -15.21
CA VAL B 105 -24.81 -4.83 -15.27
C VAL B 105 -24.28 -4.98 -13.85
N LEU B 106 -23.36 -5.92 -13.67
CA LEU B 106 -22.60 -6.08 -12.43
C LEU B 106 -21.19 -5.57 -12.64
N ARG B 107 -20.77 -4.63 -11.79
CA ARG B 107 -19.49 -3.96 -11.94
C ARG B 107 -18.65 -4.14 -10.68
N LYS B 108 -17.40 -4.54 -10.86
CA LYS B 108 -16.45 -4.66 -9.76
C LYS B 108 -15.58 -3.42 -9.69
N ALA B 109 -16.21 -2.31 -9.29
CA ALA B 109 -15.52 -1.03 -9.19
C ALA B 109 -14.57 -1.00 -8.00
N GLU B 117 -12.91 -3.14 -5.71
CA GLU B 117 -12.93 -3.65 -4.34
C GLU B 117 -14.35 -4.03 -3.93
N LYS B 118 -15.32 -3.20 -4.31
CA LYS B 118 -16.72 -3.44 -4.00
C LYS B 118 -17.47 -3.88 -5.25
N GLN B 119 -18.73 -4.25 -5.06
CA GLN B 119 -19.58 -4.75 -6.14
C GLN B 119 -20.80 -3.86 -6.28
N PHE B 120 -21.13 -3.49 -7.51
CA PHE B 120 -22.22 -2.59 -7.82
C PHE B 120 -23.17 -3.25 -8.81
N LEU B 121 -24.47 -3.02 -8.65
CA LEU B 121 -25.49 -3.50 -9.58
C LEU B 121 -26.17 -2.28 -10.20
N GLU B 122 -25.95 -2.05 -11.49
CA GLU B 122 -26.45 -0.86 -12.15
C GLU B 122 -27.48 -1.21 -13.20
N VAL B 123 -28.46 -0.32 -13.37
CA VAL B 123 -29.56 -0.51 -14.31
C VAL B 123 -29.50 0.63 -15.32
N TRP B 124 -28.98 0.36 -16.51
CA TRP B 124 -28.93 1.35 -17.58
C TRP B 124 -30.21 1.33 -18.38
N GLU B 125 -30.65 2.51 -18.81
CA GLU B 125 -31.79 2.64 -19.70
C GLU B 125 -31.55 3.83 -20.62
N LYS B 126 -31.69 3.60 -21.93
CA LYS B 126 -31.49 4.63 -22.95
C LYS B 126 -30.07 5.15 -22.83
N ASN B 127 -29.86 6.43 -22.50
CA ASN B 127 -28.53 7.02 -22.45
C ASN B 127 -28.19 7.53 -21.05
N ARG B 128 -28.80 6.96 -20.03
CA ARG B 128 -28.55 7.39 -18.65
C ARG B 128 -28.65 6.20 -17.72
N LYS B 129 -27.84 6.23 -16.68
CA LYS B 129 -27.86 5.20 -15.64
C LYS B 129 -29.00 5.50 -14.68
N LEU B 130 -30.04 4.65 -14.70
CA LEU B 130 -31.20 4.89 -13.84
C LEU B 130 -30.81 4.86 -12.37
N LYS B 131 -30.34 3.71 -11.89
CA LYS B 131 -29.95 3.60 -10.50
C LYS B 131 -28.86 2.53 -10.37
N SER B 132 -27.99 2.75 -9.38
CA SER B 132 -26.93 1.81 -9.02
C SER B 132 -27.06 1.47 -7.55
N PHE B 133 -26.91 0.19 -7.23
CA PHE B 133 -27.01 -0.31 -5.86
C PHE B 133 -25.65 -0.82 -5.41
N ASN B 134 -25.25 -0.41 -4.21
CA ASN B 134 -24.05 -0.90 -3.56
C ASN B 134 -24.41 -2.19 -2.81
N LEU B 135 -23.97 -3.33 -3.34
CA LEU B 135 -24.36 -4.60 -2.75
C LEU B 135 -23.63 -4.88 -1.43
N SER B 136 -22.39 -4.43 -1.31
CA SER B 136 -21.61 -4.75 -0.11
C SER B 136 -22.12 -3.98 1.10
N ALA B 137 -22.42 -2.69 0.94
CA ALA B 137 -22.81 -1.87 2.09
C ALA B 137 -24.18 -2.22 2.64
N LEU B 138 -25.01 -2.92 1.86
CA LEU B 138 -26.31 -3.33 2.38
C LEU B 138 -26.19 -4.43 3.43
N GLU B 139 -25.10 -5.18 3.42
CA GLU B 139 -24.80 -6.21 4.43
C GLU B 139 -25.93 -7.23 4.53
N LYS B 140 -26.15 -7.93 3.41
CA LYS B 140 -27.17 -8.98 3.35
C LYS B 140 -26.65 -10.32 2.86
N HIS B 141 -25.50 -10.36 2.20
CA HIS B 141 -24.95 -11.59 1.65
C HIS B 141 -23.49 -11.36 1.33
N GLY B 142 -22.83 -12.41 0.83
CA GLY B 142 -21.44 -12.34 0.46
C GLY B 142 -21.27 -11.85 -0.96
N PRO B 143 -20.06 -11.98 -1.50
CA PRO B 143 -19.83 -11.59 -2.90
C PRO B 143 -20.63 -12.42 -3.87
N VAL B 144 -20.97 -11.82 -5.00
CA VAL B 144 -21.79 -12.46 -6.03
C VAL B 144 -20.96 -13.52 -6.75
N TYR B 145 -21.63 -14.40 -7.49
CA TYR B 145 -20.99 -15.48 -8.22
C TYR B 145 -20.84 -15.07 -9.68
N GLU B 146 -19.60 -15.12 -10.19
CA GLU B 146 -19.30 -14.76 -11.56
C GLU B 146 -18.98 -15.96 -12.43
N ASP B 147 -19.13 -17.17 -11.90
CA ASP B 147 -18.79 -18.39 -12.65
C ASP B 147 -19.92 -18.75 -13.60
N ASP B 148 -19.71 -19.82 -14.37
CA ASP B 148 -20.72 -20.34 -15.28
C ASP B 148 -21.53 -21.49 -14.69
N CYS B 149 -21.01 -22.18 -13.68
CA CYS B 149 -21.75 -23.29 -13.09
C CYS B 149 -22.93 -22.79 -12.27
N PHE B 150 -22.72 -21.75 -11.44
CA PHE B 150 -23.76 -21.23 -10.57
C PHE B 150 -24.21 -19.82 -10.92
N GLY B 151 -23.36 -19.04 -11.60
CA GLY B 151 -23.70 -17.65 -11.87
C GLY B 151 -24.91 -17.52 -12.77
N CYS B 152 -25.82 -16.62 -12.41
CA CYS B 152 -27.03 -16.40 -13.19
C CYS B 152 -27.59 -15.02 -12.87
N LEU B 153 -28.19 -14.39 -13.87
CA LEU B 153 -28.84 -13.09 -13.70
C LEU B 153 -30.03 -13.06 -14.66
N SER B 154 -31.24 -13.10 -14.12
CA SER B 154 -32.45 -13.22 -14.93
C SER B 154 -33.43 -12.12 -14.58
N TRP B 155 -33.91 -11.41 -15.62
CA TRP B 155 -34.93 -10.39 -15.42
C TRP B 155 -36.28 -11.04 -15.15
N SER B 156 -37.09 -10.35 -14.36
CA SER B 156 -38.44 -10.82 -14.09
C SER B 156 -39.31 -10.70 -15.33
N HIS B 157 -40.39 -11.48 -15.35
CA HIS B 157 -41.31 -11.41 -16.49
C HIS B 157 -42.09 -10.10 -16.49
N SER B 158 -42.33 -9.53 -15.31
CA SER B 158 -42.95 -8.22 -15.19
C SER B 158 -41.94 -7.08 -15.30
N GLU B 159 -40.65 -7.40 -15.48
CA GLU B 159 -39.59 -6.42 -15.69
C GLU B 159 -39.39 -5.52 -14.47
N THR B 160 -39.79 -5.97 -13.29
CA THR B 160 -39.69 -5.16 -12.08
C THR B 160 -38.72 -5.70 -11.04
N HIS B 161 -38.26 -6.94 -11.19
CA HIS B 161 -37.38 -7.58 -10.21
C HIS B 161 -36.16 -8.16 -10.90
N LEU B 162 -35.14 -8.45 -10.10
CA LEU B 162 -33.93 -9.11 -10.57
C LEU B 162 -33.59 -10.24 -9.62
N LEU B 163 -32.91 -11.26 -10.14
CA LEU B 163 -32.54 -12.42 -9.33
C LEU B 163 -31.11 -12.83 -9.65
N TYR B 164 -30.35 -13.19 -8.61
CA TYR B 164 -28.98 -13.64 -8.80
C TYR B 164 -28.61 -14.60 -7.66
N VAL B 165 -27.36 -15.05 -7.68
CA VAL B 165 -26.85 -16.02 -6.72
C VAL B 165 -25.62 -15.42 -6.04
N ALA B 166 -25.58 -15.48 -4.71
CA ALA B 166 -24.49 -14.90 -3.95
C ALA B 166 -24.18 -15.77 -2.75
N ASP B 167 -22.96 -15.62 -2.22
CA ASP B 167 -22.52 -16.42 -1.09
C ASP B 167 -23.33 -16.08 0.15
N LYS B 168 -23.41 -17.04 1.07
CA LYS B 168 -24.16 -16.85 2.30
C LYS B 168 -23.39 -15.94 3.26
N LYS B 169 -24.08 -15.48 4.30
CA LYS B 169 -23.51 -14.57 5.29
C LYS B 169 -23.06 -15.38 6.50
N ARG B 170 -21.77 -15.34 6.79
CA ARG B 170 -21.21 -16.02 7.96
C ARG B 170 -21.27 -15.10 9.17
N PRO B 171 -21.73 -15.60 10.32
CA PRO B 171 -21.81 -14.75 11.52
C PRO B 171 -20.44 -14.21 11.90
N LYS B 172 -20.43 -12.98 12.41
CA LYS B 172 -19.19 -12.32 12.79
C LYS B 172 -18.54 -13.04 13.96
N ALA B 173 -17.20 -13.04 13.97
CA ALA B 173 -16.43 -13.69 15.01
C ALA B 173 -15.35 -12.74 15.52
N GLU B 174 -14.99 -12.91 16.79
CA GLU B 174 -13.98 -12.08 17.43
C GLU B 174 -13.06 -12.95 18.28
N SER B 175 -11.85 -12.44 18.52
CA SER B 175 -10.88 -13.14 19.34
C SER B 175 -11.26 -13.08 20.81
N PHE B 176 -10.60 -13.93 21.61
CA PHE B 176 -10.87 -13.96 23.03
C PHE B 176 -10.36 -12.70 23.73
N PHE B 177 -9.24 -12.16 23.28
CA PHE B 177 -8.61 -11.00 23.88
C PHE B 177 -8.74 -9.83 22.90
N GLN B 178 -9.86 -9.12 22.99
CA GLN B 178 -10.14 -7.98 22.13
C GLN B 178 -10.43 -6.76 23.01
N THR B 179 -9.79 -5.65 22.69
CA THR B 179 -9.99 -4.40 23.41
C THR B 179 -11.28 -3.76 22.92
N LYS B 180 -12.29 -3.69 23.79
CA LYS B 180 -13.59 -3.14 23.45
C LYS B 180 -13.80 -1.83 24.19
N ALA B 181 -14.23 -0.81 23.47
CA ALA B 181 -14.48 0.51 24.05
C ALA B 181 -15.64 0.46 25.02
N ALA B 200 -21.62 -11.25 18.53
CA ALA B 200 -20.46 -11.88 17.93
C ALA B 200 -20.08 -13.15 18.69
N ILE B 201 -19.57 -14.15 17.97
CA ILE B 201 -19.12 -15.40 18.55
C ILE B 201 -17.62 -15.31 18.77
N LYS B 202 -17.18 -15.63 19.99
CA LYS B 202 -15.78 -15.54 20.36
C LYS B 202 -15.13 -16.92 20.25
N GLY B 203 -14.04 -16.99 19.48
CA GLY B 203 -13.29 -18.21 19.31
C GLY B 203 -13.53 -18.92 17.99
N ASP B 204 -14.59 -18.57 17.27
CA ASP B 204 -14.89 -19.16 15.97
C ASP B 204 -14.27 -18.41 14.81
N GLN B 205 -13.17 -17.68 15.06
CA GLN B 205 -12.55 -16.89 14.01
C GLN B 205 -11.99 -17.76 12.90
N PHE B 206 -11.32 -18.85 13.25
CA PHE B 206 -10.59 -19.69 12.30
C PHE B 206 -11.32 -20.99 12.00
N LEU B 207 -12.65 -20.94 11.93
CA LEU B 207 -13.43 -22.12 11.58
C LEU B 207 -13.16 -22.53 10.14
N PHE B 208 -13.56 -23.75 9.81
CA PHE B 208 -13.31 -24.33 8.50
C PHE B 208 -14.59 -24.30 7.65
N TYR B 209 -14.47 -23.78 6.44
CA TYR B 209 -15.57 -23.73 5.48
C TYR B 209 -15.11 -24.38 4.19
N GLU B 210 -15.78 -25.45 3.79
CA GLU B 210 -15.36 -26.26 2.64
C GLU B 210 -15.84 -25.65 1.34
N ASP B 211 -14.96 -25.63 0.34
CA ASP B 211 -15.24 -25.03 -0.96
C ASP B 211 -15.51 -26.12 -2.00
N TRP B 212 -15.81 -25.69 -3.21
CA TRP B 212 -16.15 -26.60 -4.31
C TRP B 212 -14.91 -26.89 -5.17
N GLY B 213 -13.87 -27.39 -4.51
CA GLY B 213 -12.73 -27.93 -5.23
C GLY B 213 -11.99 -26.92 -6.08
N GLU B 214 -11.66 -27.34 -7.31
CA GLU B 214 -10.77 -26.59 -8.17
C GLU B 214 -11.39 -25.28 -8.65
N ASN B 215 -10.58 -24.22 -8.63
CA ASN B 215 -10.92 -22.92 -9.20
C ASN B 215 -12.19 -22.31 -8.58
N MET B 216 -12.55 -22.74 -7.37
CA MET B 216 -13.71 -22.22 -6.67
C MET B 216 -13.35 -21.93 -5.22
N VAL B 217 -12.22 -21.27 -5.01
CA VAL B 217 -11.75 -20.99 -3.66
C VAL B 217 -12.71 -20.04 -2.95
N SER B 218 -13.02 -20.35 -1.69
CA SER B 218 -13.91 -19.54 -0.86
C SER B 218 -15.30 -19.44 -1.47
N LYS B 219 -15.86 -20.59 -1.85
CA LYS B 219 -17.22 -20.67 -2.38
C LYS B 219 -17.85 -21.93 -1.76
N SER B 220 -18.54 -21.74 -0.63
CA SER B 220 -19.01 -22.86 0.18
C SER B 220 -20.49 -23.16 -0.06
N THR B 221 -21.37 -22.18 0.19
CA THR B 221 -22.81 -22.39 0.10
C THR B 221 -23.47 -21.15 -0.50
N PRO B 222 -23.88 -21.21 -1.77
CA PRO B 222 -24.56 -20.08 -2.38
C PRO B 222 -26.03 -20.03 -1.98
N VAL B 223 -26.65 -18.89 -2.29
CA VAL B 223 -28.05 -18.63 -1.97
C VAL B 223 -28.64 -17.72 -3.04
N LEU B 224 -29.95 -17.79 -3.19
CA LEU B 224 -30.67 -17.01 -4.20
C LEU B 224 -31.12 -15.68 -3.60
N CYS B 225 -30.82 -14.58 -4.28
CA CYS B 225 -31.19 -13.24 -3.83
C CYS B 225 -32.05 -12.58 -4.89
N VAL B 226 -33.09 -11.88 -4.43
CA VAL B 226 -34.04 -11.19 -5.29
C VAL B 226 -34.05 -9.72 -4.91
N LEU B 227 -33.89 -8.85 -5.91
CA LEU B 227 -33.82 -7.41 -5.71
C LEU B 227 -35.01 -6.74 -6.39
N ASP B 228 -35.69 -5.86 -5.66
CA ASP B 228 -36.81 -5.10 -6.18
C ASP B 228 -36.29 -3.73 -6.60
N ILE B 229 -36.46 -3.39 -7.88
CA ILE B 229 -35.86 -2.17 -8.41
C ILE B 229 -36.54 -0.93 -7.84
N GLU B 230 -37.87 -0.95 -7.72
CA GLU B 230 -38.59 0.23 -7.24
C GLU B 230 -38.20 0.56 -5.81
N SER B 231 -38.47 -0.35 -4.87
CA SER B 231 -38.20 -0.07 -3.46
C SER B 231 -36.70 -0.06 -3.18
N GLY B 232 -35.97 -1.00 -3.75
CA GLY B 232 -34.54 -1.13 -3.48
C GLY B 232 -34.18 -2.17 -2.45
N ASN B 233 -35.12 -2.99 -2.01
CA ASN B 233 -34.86 -4.01 -1.00
C ASN B 233 -34.31 -5.28 -1.65
N ILE B 234 -33.57 -6.05 -0.84
CA ILE B 234 -33.00 -7.32 -1.25
C ILE B 234 -33.48 -8.40 -0.29
N SER B 235 -34.04 -9.47 -0.83
CA SER B 235 -34.57 -10.55 -0.01
C SER B 235 -33.97 -11.88 -0.45
N VAL B 236 -33.65 -12.73 0.52
CA VAL B 236 -33.13 -14.06 0.24
C VAL B 236 -34.26 -15.07 0.37
N LEU B 237 -34.33 -15.99 -0.58
CA LEU B 237 -35.40 -16.98 -0.59
C LEU B 237 -35.24 -17.95 0.58
N GLU B 238 -36.39 -18.45 1.06
CA GLU B 238 -36.39 -19.26 2.28
C GLU B 238 -37.09 -20.59 2.06
N GLY B 239 -36.77 -21.28 0.97
CA GLY B 239 -37.35 -22.59 0.71
C GLY B 239 -36.34 -23.62 0.25
N VAL B 240 -35.10 -23.20 0.06
CA VAL B 240 -34.06 -24.11 -0.43
C VAL B 240 -33.72 -25.11 0.66
N PRO B 241 -33.65 -26.41 0.35
CA PRO B 241 -33.29 -27.40 1.38
C PRO B 241 -31.88 -27.17 1.91
N GLU B 242 -31.67 -27.58 3.16
CA GLU B 242 -30.42 -27.27 3.85
C GLU B 242 -29.24 -27.97 3.19
N SER B 243 -29.42 -29.22 2.75
CA SER B 243 -28.32 -30.02 2.21
C SER B 243 -28.18 -29.89 0.70
N VAL B 244 -28.60 -28.77 0.13
CA VAL B 244 -28.58 -28.57 -1.32
C VAL B 244 -28.10 -27.16 -1.63
N SER B 245 -27.16 -27.04 -2.57
CA SER B 245 -26.69 -25.75 -3.04
C SER B 245 -27.40 -25.41 -4.35
N PRO B 246 -28.05 -24.27 -4.46
CA PRO B 246 -28.82 -23.95 -5.65
C PRO B 246 -28.00 -23.21 -6.71
N GLY B 247 -28.52 -23.25 -7.94
CA GLY B 247 -27.89 -22.53 -9.02
C GLY B 247 -28.74 -22.58 -10.27
N GLN B 248 -28.26 -21.87 -11.30
CA GLN B 248 -28.88 -21.86 -12.63
C GLN B 248 -30.37 -21.53 -12.55
N ALA B 249 -30.71 -20.55 -11.73
CA ALA B 249 -32.11 -20.22 -11.49
C ALA B 249 -32.67 -19.33 -12.59
N PHE B 250 -33.99 -19.42 -12.78
CA PHE B 250 -34.71 -18.54 -13.67
C PHE B 250 -36.15 -18.43 -13.18
N TRP B 251 -36.83 -17.37 -13.61
CA TRP B 251 -38.16 -17.10 -13.12
C TRP B 251 -39.18 -18.05 -13.74
N ALA B 252 -40.12 -18.51 -12.91
CA ALA B 252 -41.19 -19.39 -13.38
C ALA B 252 -42.20 -18.60 -14.20
N PRO B 253 -42.98 -19.28 -15.03
CA PRO B 253 -44.04 -18.58 -15.77
C PRO B 253 -45.05 -17.95 -14.84
N GLY B 254 -45.30 -16.66 -15.04
CA GLY B 254 -46.23 -15.90 -14.22
C GLY B 254 -45.60 -15.16 -13.06
N ASP B 255 -44.28 -15.23 -12.91
CA ASP B 255 -43.56 -14.56 -11.81
C ASP B 255 -44.11 -15.00 -10.46
N THR B 256 -44.40 -16.29 -10.32
CA THR B 256 -44.92 -16.85 -9.08
C THR B 256 -43.86 -17.57 -8.25
N GLY B 257 -42.79 -18.05 -8.88
CA GLY B 257 -41.76 -18.75 -8.16
C GLY B 257 -40.46 -18.77 -8.94
N VAL B 258 -39.50 -19.53 -8.43
CA VAL B 258 -38.18 -19.65 -9.03
C VAL B 258 -37.87 -21.12 -9.23
N VAL B 259 -37.40 -21.47 -10.43
CA VAL B 259 -37.01 -22.84 -10.77
C VAL B 259 -35.50 -22.88 -10.89
N PHE B 260 -34.87 -23.81 -10.18
CA PHE B 260 -33.41 -23.88 -10.13
C PHE B 260 -32.94 -25.32 -10.13
N VAL B 261 -31.62 -25.49 -10.20
CA VAL B 261 -30.96 -26.78 -10.15
C VAL B 261 -30.19 -26.86 -8.84
N GLY B 262 -30.44 -27.92 -8.07
CA GLY B 262 -29.82 -28.11 -6.77
C GLY B 262 -28.81 -29.24 -6.81
N TRP B 263 -27.63 -28.96 -6.26
CA TRP B 263 -26.55 -29.93 -6.16
C TRP B 263 -26.41 -30.41 -4.72
N TRP B 264 -26.20 -31.71 -4.55
CA TRP B 264 -26.09 -32.32 -3.22
C TRP B 264 -24.65 -32.26 -2.74
N HIS B 265 -24.46 -31.79 -1.51
CA HIS B 265 -23.13 -31.66 -0.92
C HIS B 265 -23.07 -32.35 0.43
N GLU B 266 -23.67 -33.53 0.54
CA GLU B 266 -23.65 -34.29 1.77
C GLU B 266 -23.07 -35.68 1.52
N PRO B 267 -22.06 -36.11 2.29
CA PRO B 267 -21.42 -35.38 3.38
C PRO B 267 -20.20 -34.57 2.93
N PHE B 268 -19.72 -34.76 1.70
CA PHE B 268 -18.55 -34.06 1.19
C PHE B 268 -18.95 -33.15 0.04
N ARG B 269 -18.02 -32.30 -0.36
CA ARG B 269 -18.16 -31.44 -1.53
C ARG B 269 -17.12 -31.86 -2.56
N LEU B 270 -17.53 -32.73 -3.48
CA LEU B 270 -16.62 -33.18 -4.52
C LEU B 270 -16.41 -32.07 -5.54
N GLY B 271 -15.29 -32.17 -6.27
CA GLY B 271 -14.99 -31.15 -7.26
C GLY B 271 -16.04 -31.11 -8.36
N ILE B 272 -16.30 -29.92 -8.87
CA ILE B 272 -17.35 -29.73 -9.86
C ILE B 272 -16.84 -29.22 -11.20
N ARG B 273 -15.64 -28.67 -11.29
CA ARG B 273 -15.12 -28.22 -12.57
C ARG B 273 -14.74 -29.41 -13.43
N PHE B 274 -15.12 -29.34 -14.72
CA PHE B 274 -14.86 -30.39 -15.70
C PHE B 274 -15.49 -31.73 -15.31
N CYS B 275 -16.53 -31.71 -14.49
CA CYS B 275 -17.20 -32.92 -14.04
C CYS B 275 -18.70 -32.73 -14.15
N THR B 276 -19.38 -33.69 -14.78
CA THR B 276 -20.82 -33.64 -15.00
C THR B 276 -21.48 -34.91 -14.49
N ASN B 277 -21.02 -35.43 -13.36
CA ASN B 277 -21.60 -36.64 -12.77
C ASN B 277 -21.99 -36.44 -11.31
N ARG B 278 -22.12 -35.19 -10.86
CA ARG B 278 -22.50 -34.92 -9.49
C ARG B 278 -24.01 -35.02 -9.34
N ARG B 279 -24.45 -35.61 -8.23
CA ARG B 279 -25.88 -35.77 -7.98
C ARG B 279 -26.56 -34.41 -7.91
N SER B 280 -27.69 -34.28 -8.58
CA SER B 280 -28.40 -33.01 -8.66
C SER B 280 -29.87 -33.28 -8.93
N ALA B 281 -30.66 -32.22 -8.91
CA ALA B 281 -32.09 -32.32 -9.18
C ALA B 281 -32.63 -30.95 -9.60
N LEU B 282 -33.87 -30.94 -10.05
CA LEU B 282 -34.56 -29.73 -10.49
C LEU B 282 -35.64 -29.40 -9.47
N TYR B 283 -35.59 -28.18 -8.91
CA TYR B 283 -36.50 -27.79 -7.85
C TYR B 283 -37.25 -26.52 -8.21
N TYR B 284 -38.43 -26.35 -7.62
CA TYR B 284 -39.25 -25.16 -7.78
C TYR B 284 -39.64 -24.63 -6.40
N VAL B 285 -39.41 -23.34 -6.16
CA VAL B 285 -39.64 -22.74 -4.86
C VAL B 285 -40.48 -21.49 -5.03
N ASP B 286 -41.58 -21.40 -4.28
CA ASP B 286 -42.42 -20.22 -4.32
C ASP B 286 -41.75 -19.04 -3.63
N LEU B 287 -42.08 -17.83 -4.10
CA LEU B 287 -41.47 -16.62 -3.54
C LEU B 287 -41.84 -16.44 -2.07
N THR B 288 -43.11 -16.66 -1.72
CA THR B 288 -43.60 -16.49 -0.37
C THR B 288 -44.14 -17.81 0.15
N GLY B 289 -43.84 -18.11 1.41
CA GLY B 289 -44.27 -19.33 2.05
C GLY B 289 -43.23 -20.43 2.10
N GLY B 290 -42.20 -20.36 1.27
CA GLY B 290 -41.14 -21.34 1.31
C GLY B 290 -41.52 -22.72 0.81
N LYS B 291 -42.59 -22.83 0.04
CA LYS B 291 -42.99 -24.12 -0.51
C LYS B 291 -41.96 -24.59 -1.55
N CYS B 292 -41.63 -25.88 -1.50
CA CYS B 292 -40.65 -26.46 -2.39
C CYS B 292 -41.26 -27.69 -3.06
N GLU B 293 -40.91 -27.89 -4.33
CA GLU B 293 -41.43 -29.01 -5.11
C GLU B 293 -40.32 -29.57 -5.99
N LEU B 294 -40.39 -30.87 -6.23
CA LEU B 294 -39.42 -31.60 -7.03
C LEU B 294 -39.99 -31.89 -8.41
N LEU B 295 -39.16 -31.73 -9.44
CA LEU B 295 -39.62 -31.89 -10.81
C LEU B 295 -38.92 -32.98 -11.61
N SER B 296 -37.89 -33.61 -11.06
CA SER B 296 -37.15 -34.65 -11.78
C SER B 296 -36.70 -35.72 -10.80
N ASP B 297 -36.03 -36.74 -11.33
CA ASP B 297 -35.50 -37.81 -10.49
C ASP B 297 -34.35 -37.29 -9.63
N GLU B 298 -34.22 -37.85 -8.43
CA GLU B 298 -33.25 -37.39 -7.45
C GLU B 298 -32.00 -38.27 -7.39
N SER B 299 -31.86 -39.21 -8.31
CA SER B 299 -30.73 -40.15 -8.29
C SER B 299 -29.90 -40.08 -9.57
N VAL B 300 -29.88 -38.91 -10.22
CA VAL B 300 -29.13 -38.74 -11.46
C VAL B 300 -28.89 -37.26 -11.66
N ALA B 301 -27.83 -36.93 -12.37
CA ALA B 301 -27.47 -35.54 -12.63
C ALA B 301 -28.39 -34.94 -13.68
N VAL B 302 -28.88 -33.73 -13.41
CA VAL B 302 -29.71 -32.97 -14.34
C VAL B 302 -29.18 -31.55 -14.39
N THR B 303 -29.09 -30.99 -15.60
CA THR B 303 -28.48 -29.69 -15.77
C THR B 303 -29.09 -28.96 -16.95
N SER B 304 -28.74 -27.67 -17.07
CA SER B 304 -29.07 -26.79 -18.18
C SER B 304 -30.56 -26.76 -18.49
N PRO B 305 -31.39 -26.20 -17.61
CA PRO B 305 -32.82 -26.06 -17.94
C PRO B 305 -33.12 -24.74 -18.65
N ARG B 306 -33.98 -24.82 -19.66
CA ARG B 306 -34.39 -23.66 -20.44
C ARG B 306 -35.90 -23.64 -20.58
N LEU B 307 -36.45 -22.45 -20.76
CA LEU B 307 -37.89 -22.24 -20.85
C LEU B 307 -38.27 -21.80 -22.26
N SER B 308 -39.39 -22.33 -22.76
CA SER B 308 -39.84 -22.01 -24.10
C SER B 308 -40.44 -20.60 -24.14
N PRO B 309 -40.37 -19.93 -25.29
CA PRO B 309 -41.02 -18.61 -25.41
C PRO B 309 -42.52 -18.67 -25.17
N ASP B 310 -43.18 -19.78 -25.50
CA ASP B 310 -44.59 -19.93 -25.18
C ASP B 310 -44.83 -20.11 -23.69
N GLN B 311 -43.77 -20.33 -22.90
CA GLN B 311 -43.87 -20.47 -21.45
C GLN B 311 -44.75 -21.65 -21.06
N CYS B 312 -44.52 -22.80 -21.71
CA CYS B 312 -45.31 -23.98 -21.45
C CYS B 312 -44.50 -25.27 -21.36
N ARG B 313 -43.18 -25.22 -21.52
CA ARG B 313 -42.38 -26.44 -21.44
C ARG B 313 -40.95 -26.07 -21.03
N ILE B 314 -40.25 -27.05 -20.49
CA ILE B 314 -38.86 -26.89 -20.05
C ILE B 314 -38.05 -28.05 -20.62
N VAL B 315 -36.82 -27.78 -21.02
CA VAL B 315 -35.94 -28.79 -21.58
C VAL B 315 -34.61 -28.76 -20.83
N TYR B 316 -34.09 -29.95 -20.51
CA TYR B 316 -32.84 -30.04 -19.77
C TYR B 316 -32.07 -31.28 -20.21
N LEU B 317 -30.88 -31.46 -19.66
CA LEU B 317 -30.02 -32.60 -19.97
C LEU B 317 -29.91 -33.49 -18.74
N ARG B 318 -30.08 -34.78 -18.93
CA ARG B 318 -30.01 -35.76 -17.85
C ARG B 318 -28.92 -36.77 -18.15
N PHE B 319 -28.11 -37.10 -17.14
CA PHE B 319 -27.00 -38.01 -17.29
C PHE B 319 -27.29 -39.31 -16.55
N PRO B 320 -27.27 -40.47 -17.24
CA PRO B 320 -27.71 -41.70 -16.58
C PRO B 320 -26.73 -42.25 -15.56
N SER B 321 -25.45 -42.28 -15.88
CA SER B 321 -24.44 -42.89 -15.02
C SER B 321 -23.65 -41.83 -14.28
N LEU B 322 -22.99 -42.25 -13.20
CA LEU B 322 -22.20 -41.36 -12.38
C LEU B 322 -20.72 -41.73 -12.34
N VAL B 323 -20.31 -42.76 -13.05
CA VAL B 323 -18.92 -43.25 -12.98
C VAL B 323 -17.98 -42.32 -13.74
N PRO B 324 -18.15 -42.08 -15.04
CA PRO B 324 -17.19 -41.23 -15.75
C PRO B 324 -17.51 -39.75 -15.60
N HIS B 325 -16.46 -38.93 -15.65
CA HIS B 325 -16.62 -37.51 -15.45
C HIS B 325 -17.23 -36.80 -16.65
N GLN B 326 -17.25 -37.42 -17.82
CA GLN B 326 -17.91 -36.87 -19.00
C GLN B 326 -18.49 -38.02 -19.80
N GLN B 327 -19.77 -37.92 -20.14
CA GLN B 327 -20.47 -39.01 -20.82
C GLN B 327 -21.47 -38.40 -21.80
N CYS B 328 -22.32 -39.26 -22.36
CA CYS B 328 -23.36 -38.84 -23.30
C CYS B 328 -24.68 -38.76 -22.56
N GLY B 329 -25.27 -37.56 -22.53
CA GLY B 329 -26.52 -37.34 -21.85
C GLY B 329 -27.72 -37.49 -22.77
N GLN B 330 -28.90 -37.29 -22.19
CA GLN B 330 -30.15 -37.36 -22.94
C GLN B 330 -30.95 -36.08 -22.71
N LEU B 331 -31.63 -35.62 -23.76
CA LEU B 331 -32.41 -34.39 -23.70
C LEU B 331 -33.82 -34.73 -23.22
N CYS B 332 -34.18 -34.23 -22.03
CA CYS B 332 -35.48 -34.51 -21.44
C CYS B 332 -36.35 -33.25 -21.47
N LEU B 333 -37.65 -33.48 -21.59
CA LEU B 333 -38.64 -32.42 -21.70
C LEU B 333 -39.71 -32.59 -20.62
N TYR B 334 -40.14 -31.47 -20.04
CA TYR B 334 -41.12 -31.45 -18.97
C TYR B 334 -42.20 -30.44 -19.33
N ASP B 335 -43.47 -30.86 -19.21
CA ASP B 335 -44.59 -29.99 -19.53
C ASP B 335 -45.09 -29.31 -18.26
N TRP B 336 -45.22 -27.98 -18.32
CA TRP B 336 -45.57 -27.23 -17.12
C TRP B 336 -47.02 -27.47 -16.71
N TYR B 337 -47.93 -27.56 -17.68
CA TYR B 337 -49.34 -27.72 -17.37
C TYR B 337 -49.73 -29.18 -17.18
N THR B 338 -49.37 -30.04 -18.14
CA THR B 338 -49.74 -31.45 -18.05
C THR B 338 -48.95 -32.19 -16.97
N ARG B 339 -47.83 -31.62 -16.51
CA ARG B 339 -46.99 -32.24 -15.49
C ARG B 339 -46.54 -33.64 -15.90
N VAL B 340 -45.97 -33.73 -17.10
CA VAL B 340 -45.47 -34.99 -17.64
C VAL B 340 -44.05 -34.80 -18.12
N THR B 341 -43.30 -35.90 -18.16
CA THR B 341 -41.91 -35.89 -18.57
C THR B 341 -41.71 -36.87 -19.73
N SER B 342 -40.77 -36.55 -20.60
CA SER B 342 -40.48 -37.38 -21.76
C SER B 342 -39.02 -37.23 -22.15
N VAL B 343 -38.54 -38.15 -22.97
CA VAL B 343 -37.16 -38.15 -23.45
C VAL B 343 -37.19 -37.82 -24.93
N VAL B 344 -36.81 -36.59 -25.28
CA VAL B 344 -36.78 -36.19 -26.68
C VAL B 344 -35.66 -36.91 -27.42
N VAL B 345 -34.48 -37.01 -26.82
CA VAL B 345 -33.35 -37.71 -27.40
C VAL B 345 -32.80 -38.68 -26.36
N ASP B 346 -32.14 -39.73 -26.86
CA ASP B 346 -31.62 -40.78 -26.01
C ASP B 346 -30.14 -40.99 -26.30
N ILE B 347 -29.52 -41.87 -25.52
CA ILE B 347 -28.09 -42.11 -25.63
C ILE B 347 -27.84 -43.01 -26.85
N VAL B 348 -26.98 -42.54 -27.75
CA VAL B 348 -26.60 -43.30 -28.94
C VAL B 348 -25.48 -44.26 -28.56
N PRO B 349 -25.67 -45.57 -28.70
CA PRO B 349 -24.61 -46.51 -28.32
C PRO B 349 -23.35 -46.36 -29.15
N ARG B 350 -23.49 -46.48 -30.48
CA ARG B 350 -22.35 -46.29 -31.37
C ARG B 350 -22.55 -45.10 -32.30
N GLN B 351 -23.63 -45.08 -33.08
CA GLN B 351 -23.92 -43.99 -34.00
C GLN B 351 -25.35 -44.09 -34.52
N LEU B 352 -26.12 -43.02 -34.37
CA LEU B 352 -27.50 -42.96 -34.89
C LEU B 352 -27.46 -42.24 -36.22
N GLY B 353 -27.17 -42.99 -37.28
CA GLY B 353 -26.99 -42.40 -38.59
C GLY B 353 -25.55 -41.95 -38.82
N GLU B 354 -25.33 -41.38 -39.99
CA GLU B 354 -24.00 -40.91 -40.39
C GLU B 354 -23.76 -39.46 -40.02
N ASP B 355 -24.62 -38.86 -39.20
CA ASP B 355 -24.50 -37.46 -38.84
C ASP B 355 -24.59 -37.19 -37.35
N PHE B 356 -25.07 -38.14 -36.54
CA PHE B 356 -25.24 -37.93 -35.11
C PHE B 356 -24.50 -39.01 -34.33
N SER B 357 -23.94 -38.63 -33.18
CA SER B 357 -23.29 -39.57 -32.29
C SER B 357 -23.62 -39.35 -30.82
N GLY B 358 -24.41 -38.35 -30.47
CA GLY B 358 -24.80 -38.10 -29.10
C GLY B 358 -24.60 -36.64 -28.71
N ILE B 359 -25.18 -36.31 -27.57
CA ILE B 359 -25.09 -34.96 -27.00
C ILE B 359 -23.97 -34.96 -25.97
N TYR B 360 -22.96 -34.11 -26.19
CA TYR B 360 -21.80 -34.04 -25.33
C TYR B 360 -21.53 -32.65 -24.80
N CYS B 361 -22.50 -31.74 -24.90
CA CYS B 361 -22.33 -30.38 -24.41
C CYS B 361 -22.76 -30.29 -22.96
N SER B 362 -21.92 -29.64 -22.13
CA SER B 362 -22.24 -29.50 -20.71
C SER B 362 -23.35 -28.49 -20.47
N LEU B 363 -23.33 -27.38 -21.22
CA LEU B 363 -24.32 -26.32 -21.06
C LEU B 363 -24.97 -26.02 -22.39
N LEU B 364 -26.29 -25.96 -22.40
CA LEU B 364 -27.02 -25.51 -23.58
C LEU B 364 -26.88 -24.01 -23.73
N PRO B 365 -27.05 -23.48 -24.95
CA PRO B 365 -26.98 -22.03 -25.14
C PRO B 365 -28.05 -21.31 -24.34
N LEU B 366 -27.76 -20.06 -23.97
CA LEU B 366 -28.72 -19.28 -23.21
C LEU B 366 -30.03 -19.12 -23.96
N GLY B 367 -29.96 -18.85 -25.26
CA GLY B 367 -31.12 -18.92 -26.12
C GLY B 367 -31.00 -20.11 -27.05
N CYS B 368 -31.92 -21.06 -26.94
CA CYS B 368 -31.87 -22.27 -27.75
C CYS B 368 -33.19 -22.67 -28.38
N TRP B 369 -34.31 -22.12 -27.95
CA TRP B 369 -35.60 -22.45 -28.52
C TRP B 369 -35.79 -21.73 -29.86
N SER B 370 -36.93 -21.99 -30.49
CA SER B 370 -37.30 -21.34 -31.74
C SER B 370 -38.58 -20.54 -31.53
N ALA B 371 -38.96 -19.77 -32.55
CA ALA B 371 -40.16 -18.95 -32.46
C ALA B 371 -41.41 -19.82 -32.28
N ASP B 372 -41.47 -20.94 -32.99
CA ASP B 372 -42.61 -21.85 -32.89
C ASP B 372 -42.65 -22.59 -31.56
N SER B 373 -41.60 -22.50 -30.75
CA SER B 373 -41.53 -23.17 -29.45
C SER B 373 -41.70 -24.68 -29.58
N GLN B 374 -41.13 -25.25 -30.66
CA GLN B 374 -41.21 -26.67 -30.89
C GLN B 374 -39.88 -27.28 -31.32
N ARG B 375 -38.84 -26.48 -31.51
CA ARG B 375 -37.54 -26.97 -31.95
C ARG B 375 -36.45 -26.39 -31.05
N VAL B 376 -35.37 -27.16 -30.89
CA VAL B 376 -34.24 -26.76 -30.07
C VAL B 376 -32.96 -26.94 -30.89
N VAL B 377 -32.13 -25.91 -30.94
CA VAL B 377 -30.89 -25.92 -31.69
C VAL B 377 -29.73 -25.92 -30.70
N PHE B 378 -28.79 -26.84 -30.88
CA PHE B 378 -27.61 -26.91 -30.04
C PHE B 378 -26.39 -27.22 -30.91
N ASP B 379 -25.22 -27.28 -30.29
CA ASP B 379 -23.98 -27.62 -30.96
C ASP B 379 -23.29 -28.74 -30.20
N SER B 380 -22.89 -29.78 -30.91
CA SER B 380 -22.28 -30.94 -30.29
C SER B 380 -21.12 -31.45 -31.12
N PRO B 381 -20.14 -32.09 -30.49
CA PRO B 381 -19.07 -32.74 -31.26
C PRO B 381 -19.59 -33.97 -31.99
N GLN B 382 -18.91 -34.29 -33.09
CA GLN B 382 -19.22 -35.46 -33.89
C GLN B 382 -17.92 -35.93 -34.53
N ARG B 383 -17.51 -37.16 -34.22
CA ARG B 383 -16.23 -37.68 -34.67
C ARG B 383 -15.11 -36.72 -34.29
N SER B 384 -14.42 -36.17 -35.28
CA SER B 384 -13.32 -35.24 -35.06
C SER B 384 -13.69 -33.82 -35.49
N ARG B 385 -14.95 -33.43 -35.34
CA ARG B 385 -15.37 -32.07 -35.67
C ARG B 385 -16.50 -31.67 -34.73
N GLN B 386 -17.02 -30.46 -34.93
CA GLN B 386 -18.15 -29.95 -34.15
C GLN B 386 -19.22 -29.46 -35.11
N ASP B 387 -20.48 -29.78 -34.80
CA ASP B 387 -21.57 -29.49 -35.71
C ASP B 387 -22.74 -28.89 -34.94
N LEU B 388 -23.70 -28.35 -35.69
CA LEU B 388 -24.94 -27.80 -35.15
C LEU B 388 -26.10 -28.70 -35.50
N PHE B 389 -26.96 -28.95 -34.51
CA PHE B 389 -28.08 -29.87 -34.66
C PHE B 389 -29.38 -29.19 -34.23
N ALA B 390 -30.46 -29.57 -34.90
CA ALA B 390 -31.81 -29.10 -34.57
C ALA B 390 -32.68 -30.32 -34.26
N VAL B 391 -33.34 -30.30 -33.11
CA VAL B 391 -34.11 -31.43 -32.61
C VAL B 391 -35.54 -30.97 -32.39
N ASP B 392 -36.50 -31.76 -32.88
CA ASP B 392 -37.92 -31.50 -32.66
C ASP B 392 -38.35 -32.17 -31.36
N THR B 393 -39.15 -31.44 -30.59
CA THR B 393 -39.60 -31.93 -29.28
C THR B 393 -40.87 -32.75 -29.36
N GLN B 394 -41.43 -32.95 -30.56
CA GLN B 394 -42.61 -33.79 -30.74
C GLN B 394 -42.30 -35.06 -31.51
N MET B 395 -41.71 -34.93 -32.70
CA MET B 395 -41.36 -36.12 -33.48
C MET B 395 -40.15 -36.83 -32.87
N GLY B 396 -39.12 -36.08 -32.48
CA GLY B 396 -37.92 -36.64 -31.90
C GLY B 396 -36.75 -36.77 -32.85
N SER B 397 -36.88 -36.31 -34.09
CA SER B 397 -35.80 -36.42 -35.06
C SER B 397 -34.76 -35.33 -34.84
N VAL B 398 -33.51 -35.64 -35.17
CA VAL B 398 -32.39 -34.70 -35.06
C VAL B 398 -31.79 -34.52 -36.44
N THR B 399 -31.70 -33.27 -36.88
CA THR B 399 -31.19 -32.94 -38.21
C THR B 399 -29.95 -32.07 -38.07
N SER B 400 -28.90 -32.40 -38.83
CA SER B 400 -27.65 -31.67 -38.80
C SER B 400 -27.69 -30.55 -39.84
N LEU B 401 -27.59 -29.30 -39.38
CA LEU B 401 -27.61 -28.17 -40.30
C LEU B 401 -26.28 -27.99 -41.03
N THR B 402 -25.16 -28.32 -40.39
CA THR B 402 -23.84 -28.16 -40.97
C THR B 402 -23.26 -29.47 -41.49
N ALA B 403 -24.12 -30.42 -41.85
CA ALA B 403 -23.66 -31.71 -42.34
C ALA B 403 -22.96 -31.56 -43.67
N GLY B 404 -22.06 -32.51 -43.95
CA GLY B 404 -21.29 -32.47 -45.17
C GLY B 404 -20.10 -31.53 -45.07
N GLY B 405 -19.43 -31.36 -46.20
CA GLY B 405 -18.26 -30.51 -46.26
C GLY B 405 -16.98 -31.25 -45.92
N SER B 406 -15.91 -30.46 -45.81
CA SER B 406 -14.60 -31.02 -45.51
C SER B 406 -14.26 -31.01 -44.03
N GLY B 407 -14.88 -30.13 -43.25
CA GLY B 407 -14.60 -30.08 -41.83
C GLY B 407 -14.94 -28.70 -41.28
N GLY B 408 -14.38 -28.42 -40.12
CA GLY B 408 -14.59 -27.14 -39.45
C GLY B 408 -15.38 -27.31 -38.15
N SER B 409 -15.29 -26.27 -37.32
CA SER B 409 -15.96 -26.23 -36.03
C SER B 409 -16.93 -25.07 -35.99
N TRP B 410 -18.19 -25.36 -35.64
CA TRP B 410 -19.26 -24.38 -35.57
C TRP B 410 -19.73 -24.26 -34.12
N LYS B 411 -19.97 -23.03 -33.68
CA LYS B 411 -20.48 -22.79 -32.34
C LYS B 411 -21.64 -21.81 -32.41
N LEU B 412 -22.71 -22.10 -31.70
CA LEU B 412 -23.90 -21.26 -31.67
C LEU B 412 -23.84 -20.32 -30.49
N LEU B 413 -24.00 -19.02 -30.74
CA LEU B 413 -23.97 -18.03 -29.67
C LEU B 413 -25.36 -17.66 -29.17
N THR B 414 -26.30 -17.43 -30.08
CA THR B 414 -27.66 -17.11 -29.67
C THR B 414 -28.60 -17.37 -30.84
N ILE B 415 -29.89 -17.50 -30.51
CA ILE B 415 -30.96 -17.59 -31.51
C ILE B 415 -32.20 -16.89 -30.98
N ASP B 416 -32.63 -15.84 -31.68
CA ASP B 416 -33.81 -15.09 -31.28
C ASP B 416 -34.64 -14.80 -32.53
N ARG B 417 -35.92 -15.15 -32.48
CA ARG B 417 -36.85 -14.95 -33.60
C ARG B 417 -36.30 -15.57 -34.87
N ASP B 418 -35.82 -16.81 -34.74
CA ASP B 418 -35.31 -17.62 -35.86
C ASP B 418 -34.10 -17.00 -36.54
N LEU B 419 -33.33 -16.17 -35.83
CA LEU B 419 -32.09 -15.60 -36.33
C LEU B 419 -30.95 -16.15 -35.49
N MET B 420 -29.99 -16.80 -36.14
CA MET B 420 -28.92 -17.52 -35.46
C MET B 420 -27.59 -16.84 -35.69
N VAL B 421 -26.82 -16.66 -34.63
CA VAL B 421 -25.47 -16.10 -34.67
C VAL B 421 -24.48 -17.23 -34.39
N VAL B 422 -23.50 -17.37 -35.27
CA VAL B 422 -22.63 -18.55 -35.29
C VAL B 422 -21.18 -18.11 -35.44
N GLN B 423 -20.29 -18.80 -34.75
CA GLN B 423 -18.85 -18.62 -34.92
C GLN B 423 -18.28 -19.86 -35.61
N PHE B 424 -17.51 -19.63 -36.68
CA PHE B 424 -16.93 -20.70 -37.47
C PHE B 424 -15.42 -20.62 -37.42
N SER B 425 -14.77 -21.74 -37.10
CA SER B 425 -13.31 -21.77 -37.02
C SER B 425 -12.79 -23.06 -37.65
N THR B 426 -11.59 -22.97 -38.22
CA THR B 426 -10.90 -24.11 -38.80
C THR B 426 -9.42 -23.99 -38.45
N PRO B 427 -8.69 -25.11 -38.39
CA PRO B 427 -7.27 -25.06 -38.00
C PRO B 427 -6.41 -24.10 -38.81
N SER B 428 -6.85 -23.71 -40.00
CA SER B 428 -6.07 -22.84 -40.87
C SER B 428 -6.68 -21.45 -41.03
N VAL B 429 -7.64 -21.07 -40.19
CA VAL B 429 -8.23 -19.74 -40.26
C VAL B 429 -8.81 -19.36 -38.90
N PRO B 430 -8.52 -18.15 -38.40
CA PRO B 430 -9.06 -17.73 -37.11
C PRO B 430 -10.58 -17.64 -37.15
N PRO B 431 -11.24 -17.60 -35.99
CA PRO B 431 -12.71 -17.63 -35.99
C PRO B 431 -13.34 -16.46 -36.70
N SER B 432 -14.49 -16.71 -37.31
CA SER B 432 -15.24 -15.70 -38.05
C SER B 432 -16.71 -15.75 -37.63
N LEU B 433 -17.39 -14.62 -37.82
CA LEU B 433 -18.76 -14.45 -37.39
C LEU B 433 -19.72 -14.60 -38.56
N LYS B 434 -20.88 -15.21 -38.31
CA LYS B 434 -21.87 -15.43 -39.36
C LYS B 434 -23.27 -15.33 -38.76
N VAL B 435 -24.22 -14.97 -39.61
CA VAL B 435 -25.63 -14.82 -39.23
C VAL B 435 -26.47 -15.58 -40.24
N GLY B 436 -27.42 -16.38 -39.75
CA GLY B 436 -28.27 -17.16 -40.62
C GLY B 436 -29.71 -17.14 -40.14
N PHE B 437 -30.59 -17.62 -41.03
CA PHE B 437 -32.03 -17.72 -40.74
C PHE B 437 -32.43 -19.19 -40.72
N LEU B 438 -33.23 -19.57 -39.73
CA LEU B 438 -33.65 -20.95 -39.60
C LEU B 438 -34.85 -21.22 -40.51
N PRO B 439 -34.73 -22.10 -41.49
CA PRO B 439 -35.86 -22.39 -42.38
C PRO B 439 -36.92 -23.22 -41.66
N PRO B 440 -38.13 -23.27 -42.20
CA PRO B 440 -39.20 -24.04 -41.52
C PRO B 440 -38.88 -25.52 -41.49
N ALA B 441 -39.73 -26.26 -40.77
CA ALA B 441 -39.48 -27.67 -40.52
C ALA B 441 -39.48 -28.47 -41.82
N GLY B 442 -38.57 -29.45 -41.89
CA GLY B 442 -38.47 -30.32 -43.04
C GLY B 442 -37.47 -29.88 -44.09
N LYS B 443 -36.92 -28.67 -43.98
CA LYS B 443 -35.94 -28.17 -44.93
C LYS B 443 -34.81 -27.45 -44.20
N GLU B 444 -34.40 -27.98 -43.05
CA GLU B 444 -33.43 -27.28 -42.21
C GLU B 444 -32.03 -27.28 -42.83
N GLN B 445 -31.71 -28.29 -43.64
CA GLN B 445 -30.36 -28.41 -44.18
C GLN B 445 -30.05 -27.35 -45.24
N ALA B 446 -31.06 -26.65 -45.76
CA ALA B 446 -30.84 -25.62 -46.77
C ALA B 446 -30.79 -24.24 -46.12
N VAL B 447 -29.75 -24.03 -45.34
CA VAL B 447 -29.55 -22.79 -44.58
C VAL B 447 -28.40 -22.02 -45.22
N SER B 448 -28.62 -20.72 -45.44
CA SER B 448 -27.63 -19.84 -46.05
C SER B 448 -27.05 -18.90 -45.00
N TRP B 449 -25.74 -18.69 -45.07
CA TRP B 449 -25.02 -17.87 -44.10
C TRP B 449 -24.58 -16.55 -44.74
N VAL B 450 -24.50 -15.51 -43.91
CA VAL B 450 -23.99 -14.21 -44.31
C VAL B 450 -22.82 -13.87 -43.39
N SER B 451 -21.68 -13.51 -43.97
CA SER B 451 -20.45 -13.31 -43.22
C SER B 451 -20.39 -11.87 -42.71
N LEU B 452 -20.65 -11.69 -41.42
CA LEU B 452 -20.53 -10.37 -40.81
C LEU B 452 -19.07 -9.95 -40.68
N GLU B 453 -18.22 -10.86 -40.20
CA GLU B 453 -16.80 -10.57 -40.01
C GLU B 453 -16.00 -11.80 -40.40
N GLU B 454 -15.08 -11.64 -41.34
CA GLU B 454 -14.24 -12.72 -41.83
C GLU B 454 -12.77 -12.40 -41.59
N ALA B 455 -12.02 -13.39 -41.13
CA ALA B 455 -10.61 -13.23 -40.83
C ALA B 455 -9.76 -13.84 -41.93
N GLU B 456 -8.64 -13.21 -42.23
CA GLU B 456 -7.75 -13.70 -43.27
C GLU B 456 -7.18 -15.06 -42.87
N PRO B 457 -7.11 -16.01 -43.79
CA PRO B 457 -6.63 -17.35 -43.45
C PRO B 457 -5.12 -17.48 -43.64
N PHE B 458 -4.57 -18.57 -43.11
CA PHE B 458 -3.17 -18.90 -43.27
C PHE B 458 -3.05 -20.03 -44.28
N PRO B 459 -2.57 -19.78 -45.50
CA PRO B 459 -2.50 -20.82 -46.51
C PRO B 459 -1.27 -21.71 -46.43
N ASP B 460 -0.51 -21.65 -45.34
CA ASP B 460 0.69 -22.46 -45.17
C ASP B 460 0.47 -23.65 -44.25
N ILE B 461 -0.78 -23.99 -43.95
CA ILE B 461 -1.11 -25.10 -43.06
C ILE B 461 -2.13 -25.98 -43.75
N SER B 462 -1.85 -27.27 -43.84
CA SER B 462 -2.74 -28.25 -44.42
C SER B 462 -3.09 -29.29 -43.36
N TRP B 463 -4.38 -29.57 -43.21
CA TRP B 463 -4.86 -30.48 -42.18
C TRP B 463 -5.69 -31.59 -42.79
N SER B 464 -5.64 -32.77 -42.15
CA SER B 464 -6.38 -33.94 -42.61
C SER B 464 -6.76 -34.77 -41.41
N ILE B 465 -7.72 -35.67 -41.61
CA ILE B 465 -8.22 -36.55 -40.56
C ILE B 465 -7.98 -37.99 -40.99
N ARG B 466 -7.36 -38.78 -40.11
CA ARG B 466 -7.03 -40.17 -40.37
C ARG B 466 -7.82 -41.07 -39.45
N VAL B 467 -8.36 -42.16 -40.00
CA VAL B 467 -9.14 -43.14 -39.26
C VAL B 467 -8.29 -44.38 -39.04
N LEU B 468 -8.23 -44.85 -37.80
CA LEU B 468 -7.38 -45.96 -37.42
C LEU B 468 -8.19 -47.07 -36.76
N GLN B 469 -7.89 -48.31 -37.13
CA GLN B 469 -8.56 -49.49 -36.59
C GLN B 469 -7.57 -50.30 -35.77
N PRO B 470 -7.88 -50.60 -34.51
CA PRO B 470 -6.94 -51.34 -33.68
C PRO B 470 -6.84 -52.79 -34.15
N PRO B 471 -5.65 -53.42 -34.01
CA PRO B 471 -5.43 -54.83 -34.33
C PRO B 471 -6.46 -55.75 -33.70
N GLN B 473 -6.13 -58.47 -31.10
CA GLN B 473 -5.39 -58.63 -29.87
C GLN B 473 -5.66 -57.48 -28.91
N GLN B 474 -5.54 -56.25 -29.41
CA GLN B 474 -5.75 -55.07 -28.58
C GLN B 474 -7.22 -54.78 -28.33
N GLU B 475 -8.13 -55.36 -29.11
CA GLU B 475 -9.55 -55.14 -28.93
C GLU B 475 -10.09 -55.99 -27.80
N HIS B 476 -10.99 -55.42 -27.02
CA HIS B 476 -11.63 -56.14 -25.92
C HIS B 476 -12.75 -57.02 -26.45
N VAL B 477 -13.41 -57.74 -25.55
CA VAL B 477 -14.48 -58.64 -25.93
C VAL B 477 -15.85 -57.96 -25.85
N GLN B 478 -16.07 -57.17 -24.81
CA GLN B 478 -17.38 -56.53 -24.65
C GLN B 478 -17.61 -55.47 -25.71
N TYR B 479 -16.56 -54.74 -26.09
CA TYR B 479 -16.65 -53.64 -27.05
C TYR B 479 -15.66 -53.91 -28.18
N ALA B 480 -16.16 -54.39 -29.31
CA ALA B 480 -15.33 -54.70 -30.46
C ALA B 480 -15.79 -53.92 -31.68
N GLY B 481 -14.84 -53.63 -32.57
CA GLY B 481 -15.13 -52.90 -33.79
C GLY B 481 -14.99 -51.40 -33.69
N LEU B 482 -14.69 -50.86 -32.52
CA LEU B 482 -14.53 -49.42 -32.37
C LEU B 482 -13.26 -48.94 -33.06
N ASP B 483 -13.33 -47.75 -33.64
CA ASP B 483 -12.19 -47.11 -34.29
C ASP B 483 -12.04 -45.69 -33.77
N PHE B 484 -10.82 -45.18 -33.84
CA PHE B 484 -10.51 -43.83 -33.39
C PHE B 484 -9.89 -43.05 -34.54
N GLU B 485 -9.56 -41.78 -34.27
CA GLU B 485 -9.12 -40.87 -35.31
C GLU B 485 -7.98 -40.00 -34.80
N ALA B 486 -7.29 -39.35 -35.74
CA ALA B 486 -6.18 -38.47 -35.43
C ALA B 486 -6.11 -37.35 -36.46
N ILE B 487 -5.85 -36.13 -35.99
CA ILE B 487 -5.75 -34.96 -36.85
C ILE B 487 -4.28 -34.70 -37.14
N LEU B 488 -3.94 -34.53 -38.41
CA LEU B 488 -2.56 -34.34 -38.85
C LEU B 488 -2.42 -32.98 -39.53
N LEU B 489 -1.48 -32.17 -39.05
CA LEU B 489 -1.17 -30.87 -39.63
C LEU B 489 0.23 -30.92 -40.22
N GLN B 490 0.37 -30.52 -41.48
CA GLN B 490 1.65 -30.55 -42.17
C GLN B 490 1.79 -29.29 -43.01
N PRO B 491 3.02 -28.88 -43.30
CA PRO B 491 3.22 -27.73 -44.19
C PRO B 491 2.67 -28.00 -45.59
N SER B 492 2.19 -26.93 -46.22
CA SER B 492 1.62 -27.04 -47.56
C SER B 492 2.64 -26.70 -48.63
N GLN B 499 12.02 -35.88 -43.82
CA GLN B 499 12.92 -34.94 -43.19
C GLN B 499 12.15 -33.94 -42.34
N VAL B 500 10.90 -34.26 -42.05
CA VAL B 500 9.99 -33.39 -41.30
C VAL B 500 9.80 -33.99 -39.91
N PRO B 501 10.23 -33.32 -38.85
CA PRO B 501 9.96 -33.83 -37.50
C PRO B 501 8.48 -33.72 -37.16
N MET B 502 8.06 -34.56 -36.22
CA MET B 502 6.67 -34.62 -35.80
C MET B 502 6.55 -34.39 -34.30
N VAL B 503 5.41 -33.83 -33.89
CA VAL B 503 5.07 -33.65 -32.49
C VAL B 503 3.73 -34.33 -32.24
N VAL B 504 3.69 -35.23 -31.25
CA VAL B 504 2.50 -36.00 -30.94
C VAL B 504 1.86 -35.42 -29.68
N MET B 505 0.57 -35.14 -29.76
CA MET B 505 -0.16 -34.52 -28.65
C MET B 505 -1.43 -35.31 -28.34
N PRO B 506 -1.47 -36.05 -27.24
CA PRO B 506 -2.74 -36.63 -26.78
C PRO B 506 -3.50 -35.66 -25.90
N HIS B 507 -4.83 -35.79 -25.93
CA HIS B 507 -5.68 -34.89 -25.17
C HIS B 507 -5.78 -35.36 -23.72
N GLY B 508 -6.17 -34.42 -22.86
CA GLY B 508 -6.40 -34.74 -21.45
C GLY B 508 -7.73 -35.43 -21.26
N GLY B 509 -8.38 -35.22 -20.12
CA GLY B 509 -9.64 -35.84 -19.86
C GLY B 509 -9.59 -36.93 -18.81
N PRO B 510 -9.61 -38.19 -19.25
CA PRO B 510 -9.48 -38.67 -20.63
C PRO B 510 -10.79 -38.67 -21.42
N HIS B 511 -11.88 -38.19 -20.85
CA HIS B 511 -13.16 -38.12 -21.56
C HIS B 511 -13.34 -36.74 -22.18
N SER B 512 -12.36 -36.36 -23.00
CA SER B 512 -12.43 -35.14 -23.80
C SER B 512 -12.07 -35.47 -25.23
N SER B 513 -11.94 -34.46 -26.10
CA SER B 513 -11.65 -34.73 -27.49
C SER B 513 -11.04 -33.51 -28.14
N PHE B 514 -10.30 -33.75 -29.22
CA PHE B 514 -9.82 -32.70 -30.10
C PHE B 514 -10.81 -32.50 -31.24
N VAL B 515 -11.01 -31.24 -31.64
CA VAL B 515 -11.89 -30.90 -32.74
C VAL B 515 -11.14 -29.98 -33.69
N THR B 516 -11.58 -29.97 -34.94
CA THR B 516 -10.94 -29.17 -35.98
C THR B 516 -11.36 -27.71 -35.81
N ALA B 517 -10.69 -27.03 -34.87
CA ALA B 517 -10.91 -25.62 -34.60
C ALA B 517 -9.56 -24.91 -34.61
N TRP B 518 -9.59 -23.61 -34.37
CA TRP B 518 -8.38 -22.80 -34.37
C TRP B 518 -7.63 -23.01 -33.06
N MET B 519 -6.52 -23.73 -33.11
CA MET B 519 -5.65 -23.95 -31.95
C MET B 519 -4.35 -23.19 -32.18
N LEU B 520 -3.99 -22.33 -31.23
CA LEU B 520 -2.83 -21.45 -31.42
C LEU B 520 -1.53 -22.24 -31.45
N PHE B 521 -1.31 -23.11 -30.45
CA PHE B 521 -0.02 -23.78 -30.34
C PHE B 521 0.25 -24.73 -31.49
N PRO B 522 -0.67 -25.62 -31.90
CA PRO B 522 -0.39 -26.45 -33.09
C PRO B 522 -0.14 -25.62 -34.33
N ALA B 523 -0.85 -24.51 -34.50
CA ALA B 523 -0.64 -23.65 -35.66
C ALA B 523 0.76 -23.05 -35.65
N MET B 524 1.22 -22.58 -34.49
CA MET B 524 2.55 -21.96 -34.45
C MET B 524 3.64 -23.01 -34.58
N LEU B 525 3.42 -24.22 -34.03
CA LEU B 525 4.38 -25.30 -34.24
C LEU B 525 4.48 -25.68 -35.71
N CYS B 526 3.35 -25.73 -36.42
CA CYS B 526 3.39 -26.02 -37.85
C CYS B 526 4.07 -24.89 -38.62
N LYS B 527 3.85 -23.64 -38.20
CA LYS B 527 4.54 -22.52 -38.83
C LYS B 527 6.05 -22.60 -38.60
N MET B 528 6.48 -23.12 -37.45
CA MET B 528 7.91 -23.29 -37.21
C MET B 528 8.51 -24.37 -38.10
N GLY B 529 7.72 -25.38 -38.46
CA GLY B 529 8.21 -26.43 -39.32
C GLY B 529 8.01 -27.84 -38.77
N PHE B 530 7.12 -27.97 -37.80
CA PHE B 530 6.85 -29.25 -37.14
C PHE B 530 5.50 -29.77 -37.58
N ALA B 531 5.49 -31.00 -38.10
CA ALA B 531 4.22 -31.69 -38.32
C ALA B 531 3.60 -32.06 -36.99
N VAL B 532 2.30 -31.80 -36.84
CA VAL B 532 1.60 -31.99 -35.57
C VAL B 532 0.55 -33.05 -35.75
N LEU B 533 0.46 -33.99 -34.80
CA LEU B 533 -0.51 -35.08 -34.83
C LEU B 533 -1.25 -35.09 -33.50
N LEU B 534 -2.54 -34.76 -33.54
CA LEU B 534 -3.39 -34.78 -32.35
C LEU B 534 -4.21 -36.07 -32.38
N VAL B 535 -4.08 -36.88 -31.33
CA VAL B 535 -4.65 -38.21 -31.28
C VAL B 535 -5.89 -38.20 -30.40
N ASN B 536 -6.97 -38.80 -30.90
CA ASN B 536 -8.20 -38.99 -30.13
C ASN B 536 -8.34 -40.50 -29.91
N TYR B 537 -7.71 -40.99 -28.86
CA TYR B 537 -7.71 -42.43 -28.59
C TYR B 537 -9.09 -42.90 -28.16
N ARG B 538 -9.22 -44.22 -28.01
CA ARG B 538 -10.47 -44.80 -27.54
C ARG B 538 -10.78 -44.31 -26.14
N GLY B 539 -12.02 -43.88 -25.92
CA GLY B 539 -12.41 -43.25 -24.68
C GLY B 539 -12.69 -41.77 -24.79
N SER B 540 -12.53 -41.19 -25.98
CA SER B 540 -12.78 -39.77 -26.18
C SER B 540 -14.28 -39.52 -26.33
N THR B 541 -14.64 -38.25 -26.51
CA THR B 541 -16.02 -37.86 -26.69
C THR B 541 -16.33 -37.65 -28.17
N GLY B 542 -17.59 -37.87 -28.54
CA GLY B 542 -18.02 -37.76 -29.91
C GLY B 542 -18.01 -39.04 -30.70
N PHE B 543 -17.85 -40.20 -30.03
CA PHE B 543 -17.79 -41.48 -30.72
C PHE B 543 -18.79 -42.48 -30.18
N GLY B 544 -19.76 -42.05 -29.38
CA GLY B 544 -20.75 -42.95 -28.79
C GLY B 544 -20.44 -43.28 -27.35
N GLN B 545 -21.46 -43.83 -26.68
CA GLN B 545 -21.33 -44.16 -25.26
C GLN B 545 -20.41 -45.36 -25.05
N ASP B 546 -20.37 -46.29 -26.00
CA ASP B 546 -19.53 -47.48 -25.84
C ASP B 546 -18.06 -47.10 -25.79
N SER B 547 -17.65 -46.14 -26.62
CA SER B 547 -16.25 -45.71 -26.62
C SER B 547 -15.86 -45.11 -25.28
N ILE B 548 -16.74 -44.32 -24.69
CA ILE B 548 -16.47 -43.75 -23.37
C ILE B 548 -16.42 -44.84 -22.32
N LEU B 549 -17.36 -45.79 -22.36
CA LEU B 549 -17.44 -46.81 -21.32
C LEU B 549 -16.34 -47.86 -21.42
N SER B 550 -15.69 -47.98 -22.58
CA SER B 550 -14.64 -48.98 -22.71
C SER B 550 -13.40 -48.61 -21.89
N LEU B 551 -13.08 -47.32 -21.80
CA LEU B 551 -11.83 -46.90 -21.17
C LEU B 551 -11.71 -47.22 -19.69
N PRO B 552 -12.72 -46.97 -18.84
CA PRO B 552 -12.52 -47.18 -17.40
C PRO B 552 -12.11 -48.61 -17.07
N GLY B 553 -11.18 -48.74 -16.12
CA GLY B 553 -10.65 -50.02 -15.74
C GLY B 553 -9.46 -50.49 -16.54
N ASN B 554 -9.12 -49.79 -17.63
CA ASN B 554 -7.99 -50.18 -18.48
C ASN B 554 -7.07 -49.00 -18.76
N VAL B 555 -7.08 -47.98 -17.92
CA VAL B 555 -6.29 -46.77 -18.14
C VAL B 555 -4.83 -47.09 -17.83
N GLY B 556 -3.99 -47.09 -18.85
CA GLY B 556 -2.57 -47.36 -18.65
C GLY B 556 -2.01 -48.39 -19.59
N HIS B 557 -2.87 -49.28 -20.09
CA HIS B 557 -2.45 -50.33 -21.00
C HIS B 557 -3.23 -50.38 -22.30
N GLN B 558 -4.25 -49.53 -22.46
CA GLN B 558 -5.05 -49.51 -23.68
C GLN B 558 -4.88 -48.24 -24.50
N ASP B 559 -4.89 -47.07 -23.85
CA ASP B 559 -4.73 -45.82 -24.59
C ASP B 559 -3.29 -45.63 -25.05
N VAL B 560 -2.32 -46.09 -24.25
CA VAL B 560 -0.92 -45.99 -24.65
C VAL B 560 -0.67 -46.77 -25.94
N LYS B 561 -1.21 -47.99 -26.01
CA LYS B 561 -1.07 -48.78 -27.23
C LYS B 561 -1.75 -48.11 -28.41
N ASP B 562 -2.90 -47.47 -28.18
CA ASP B 562 -3.58 -46.77 -29.26
C ASP B 562 -2.74 -45.62 -29.79
N VAL B 563 -2.15 -44.82 -28.90
CA VAL B 563 -1.32 -43.71 -29.34
C VAL B 563 -0.08 -44.21 -30.08
N GLN B 564 0.54 -45.28 -29.57
CA GLN B 564 1.71 -45.84 -30.22
C GLN B 564 1.37 -46.38 -31.61
N PHE B 565 0.22 -47.04 -31.74
CA PHE B 565 -0.21 -47.55 -33.04
C PHE B 565 -0.47 -46.42 -34.01
N ALA B 566 -1.11 -45.35 -33.55
CA ALA B 566 -1.34 -44.20 -34.42
C ALA B 566 -0.04 -43.60 -34.89
N VAL B 567 0.92 -43.44 -33.99
CA VAL B 567 2.22 -42.87 -34.36
C VAL B 567 2.92 -43.77 -35.39
N GLU B 568 2.91 -45.09 -35.14
CA GLU B 568 3.58 -46.00 -36.05
C GLU B 568 2.94 -45.99 -37.43
N GLN B 569 1.60 -46.00 -37.49
CA GLN B 569 0.92 -46.00 -38.77
C GLN B 569 1.19 -44.70 -39.53
N VAL B 570 1.15 -43.55 -38.84
CA VAL B 570 1.41 -42.29 -39.50
C VAL B 570 2.84 -42.23 -40.02
N LEU B 571 3.79 -42.69 -39.21
CA LEU B 571 5.19 -42.69 -39.66
C LEU B 571 5.38 -43.60 -40.86
N GLN B 572 4.76 -44.78 -40.85
CA GLN B 572 4.90 -45.69 -41.98
C GLN B 572 4.28 -45.12 -43.24
N GLU B 573 3.11 -44.48 -43.12
CA GLU B 573 2.39 -44.03 -44.30
C GLU B 573 2.96 -42.72 -44.85
N GLU B 574 2.92 -41.65 -44.05
CA GLU B 574 3.28 -40.33 -44.53
C GLU B 574 4.76 -40.16 -44.82
N HIS B 575 5.61 -41.09 -44.35
CA HIS B 575 7.05 -41.06 -44.62
C HIS B 575 7.69 -39.77 -44.10
N PHE B 576 7.62 -39.60 -42.78
CA PHE B 576 8.30 -38.50 -42.11
C PHE B 576 9.67 -38.98 -41.62
N ASP B 577 10.33 -38.17 -40.80
CA ASP B 577 11.64 -38.52 -40.25
C ASP B 577 11.42 -39.27 -38.93
N ALA B 578 11.76 -40.56 -38.92
CA ALA B 578 11.58 -41.37 -37.72
C ALA B 578 12.63 -41.08 -36.67
N GLY B 579 13.75 -40.46 -37.05
CA GLY B 579 14.78 -40.13 -36.08
C GLY B 579 14.34 -39.08 -35.08
N ARG B 580 13.66 -38.05 -35.55
CA ARG B 580 13.25 -36.92 -34.71
C ARG B 580 11.74 -36.95 -34.55
N VAL B 581 11.28 -37.51 -33.42
CA VAL B 581 9.87 -37.51 -33.04
C VAL B 581 9.78 -37.08 -31.59
N ALA B 582 8.90 -36.14 -31.29
CA ALA B 582 8.76 -35.58 -29.96
C ALA B 582 7.33 -35.76 -29.45
N LEU B 583 7.19 -35.73 -28.13
CA LEU B 583 5.90 -35.83 -27.48
C LEU B 583 5.63 -34.56 -26.69
N MET B 584 4.36 -34.18 -26.57
CA MET B 584 4.02 -33.01 -25.73
C MET B 584 2.57 -33.15 -25.27
N GLY B 585 2.38 -33.56 -24.01
CA GLY B 585 1.01 -33.77 -23.49
C GLY B 585 0.78 -32.98 -22.23
N GLY B 586 -0.46 -32.60 -21.97
CA GLY B 586 -0.79 -31.86 -20.74
C GLY B 586 -1.75 -32.67 -19.87
N SER B 587 -1.49 -32.70 -18.57
CA SER B 587 -2.38 -33.42 -17.62
C SER B 587 -2.43 -34.92 -17.93
N HIS B 588 -3.62 -35.47 -18.16
CA HIS B 588 -3.76 -36.92 -18.48
C HIS B 588 -2.89 -37.25 -19.69
N GLY B 589 -2.78 -36.31 -20.64
CA GLY B 589 -1.88 -36.53 -21.78
C GLY B 589 -0.46 -36.68 -21.27
N GLY B 590 -0.08 -35.92 -20.25
CA GLY B 590 1.26 -36.06 -19.65
C GLY B 590 1.40 -37.45 -19.05
N PHE B 591 0.35 -37.93 -18.38
CA PHE B 591 0.37 -39.30 -17.87
C PHE B 591 0.64 -40.29 -19.01
N LEU B 592 -0.06 -40.12 -20.13
CA LEU B 592 0.16 -40.97 -21.29
C LEU B 592 1.55 -40.78 -21.87
N SER B 593 2.04 -39.54 -21.89
CA SER B 593 3.38 -39.28 -22.42
C SER B 593 4.46 -39.94 -21.56
N CYS B 594 4.30 -39.87 -20.24
CA CYS B 594 5.25 -40.54 -19.35
C CYS B 594 5.20 -42.05 -19.56
N HIS B 595 4.00 -42.61 -19.70
CA HIS B 595 3.88 -44.04 -20.00
C HIS B 595 4.60 -44.38 -21.30
N LEU B 596 4.43 -43.54 -22.33
CA LEU B 596 5.03 -43.82 -23.63
C LEU B 596 6.55 -43.76 -23.56
N ILE B 597 7.09 -42.73 -22.92
CA ILE B 597 8.54 -42.61 -22.83
C ILE B 597 9.14 -43.65 -21.88
N GLY B 598 8.33 -44.24 -21.00
CA GLY B 598 8.83 -45.29 -20.15
C GLY B 598 8.81 -46.66 -20.80
N GLN B 599 7.71 -47.00 -21.47
CA GLN B 599 7.57 -48.32 -22.07
C GLN B 599 8.25 -48.45 -23.42
N TYR B 600 8.46 -47.34 -24.13
CA TYR B 600 9.13 -47.34 -25.44
C TYR B 600 10.24 -46.31 -25.40
N PRO B 601 11.40 -46.68 -24.85
CA PRO B 601 12.45 -45.68 -24.61
C PRO B 601 13.15 -45.20 -25.88
N GLU B 602 13.31 -46.06 -26.88
CA GLU B 602 14.12 -45.75 -28.06
C GLU B 602 13.27 -45.29 -29.24
N THR B 603 12.15 -44.62 -28.98
CA THR B 603 11.27 -44.17 -30.05
C THR B 603 11.04 -42.67 -30.08
N TYR B 604 11.48 -41.93 -29.06
CA TYR B 604 11.25 -40.50 -29.00
C TYR B 604 12.54 -39.80 -28.58
N SER B 605 12.63 -38.51 -28.93
CA SER B 605 13.82 -37.72 -28.66
C SER B 605 13.60 -36.56 -27.71
N ALA B 606 12.36 -36.30 -27.29
CA ALA B 606 12.07 -35.21 -26.36
C ALA B 606 10.70 -35.44 -25.75
N CYS B 607 10.38 -34.65 -24.74
CA CYS B 607 9.07 -34.71 -24.09
C CYS B 607 8.85 -33.46 -23.27
N VAL B 608 7.66 -32.89 -23.38
CA VAL B 608 7.26 -31.73 -22.58
C VAL B 608 5.93 -32.06 -21.93
N VAL B 609 5.86 -31.97 -20.61
CA VAL B 609 4.66 -32.32 -19.86
C VAL B 609 4.34 -31.18 -18.91
N ARG B 610 3.05 -30.86 -18.79
CA ARG B 610 2.56 -29.82 -17.89
C ARG B 610 1.57 -30.45 -16.91
N ASN B 611 1.90 -30.38 -15.62
CA ASN B 611 1.05 -30.89 -14.55
C ASN B 611 0.61 -32.35 -14.79
N PRO B 612 1.56 -33.28 -14.85
CA PRO B 612 1.20 -34.67 -15.16
C PRO B 612 0.71 -35.40 -13.91
N VAL B 613 0.18 -36.60 -14.14
CA VAL B 613 -0.23 -37.52 -13.09
C VAL B 613 0.77 -38.67 -13.07
N ILE B 614 1.43 -38.87 -11.93
CA ILE B 614 2.54 -39.79 -11.83
C ILE B 614 2.21 -40.98 -10.93
N ASN B 615 1.54 -40.76 -9.81
CA ASN B 615 1.18 -41.83 -8.89
C ASN B 615 -0.28 -41.66 -8.50
N ILE B 616 -1.12 -42.62 -8.90
CA ILE B 616 -2.54 -42.53 -8.60
C ILE B 616 -2.79 -42.77 -7.12
N ALA B 617 -2.07 -43.71 -6.52
CA ALA B 617 -2.29 -44.05 -5.12
C ALA B 617 -1.97 -42.87 -4.21
N SER B 618 -0.88 -42.15 -4.49
CA SER B 618 -0.56 -40.97 -3.71
C SER B 618 -1.48 -39.80 -4.06
N MET B 619 -1.98 -39.77 -5.29
CA MET B 619 -2.87 -38.69 -5.70
C MET B 619 -4.22 -38.78 -4.99
N MET B 620 -4.71 -40.00 -4.77
CA MET B 620 -6.04 -40.19 -4.18
C MET B 620 -6.17 -39.44 -2.85
N GLY B 621 -5.12 -39.45 -2.03
CA GLY B 621 -5.23 -38.86 -0.70
C GLY B 621 -5.31 -37.35 -0.71
N SER B 622 -4.76 -36.69 -1.73
CA SER B 622 -4.70 -35.23 -1.80
C SER B 622 -5.23 -34.77 -3.16
N THR B 623 -6.55 -34.61 -3.25
CA THR B 623 -7.20 -34.06 -4.43
C THR B 623 -8.66 -33.80 -4.08
N ASP B 624 -9.35 -33.08 -4.95
CA ASP B 624 -10.77 -32.79 -4.75
C ASP B 624 -11.68 -33.78 -5.46
N ILE B 625 -11.13 -34.72 -6.22
CA ILE B 625 -11.93 -35.73 -6.90
C ILE B 625 -11.35 -37.11 -6.61
N PRO B 626 -11.51 -37.63 -5.40
CA PRO B 626 -11.02 -38.99 -5.12
C PRO B 626 -11.73 -40.07 -5.91
N ASP B 627 -12.93 -39.80 -6.44
CA ASP B 627 -13.65 -40.81 -7.19
C ASP B 627 -13.01 -41.06 -8.56
N TRP B 628 -12.30 -40.06 -9.09
CA TRP B 628 -11.66 -40.22 -10.40
C TRP B 628 -10.66 -41.37 -10.37
N CYS B 629 -9.83 -41.42 -9.33
CA CYS B 629 -8.83 -42.47 -9.22
C CYS B 629 -9.47 -43.85 -9.10
N MET B 630 -10.50 -43.97 -8.26
CA MET B 630 -11.16 -45.26 -8.08
C MET B 630 -11.84 -45.72 -9.36
N VAL B 631 -12.50 -44.80 -10.07
CA VAL B 631 -13.19 -45.18 -11.30
C VAL B 631 -12.20 -45.59 -12.38
N GLU B 632 -11.12 -44.81 -12.54
CA GLU B 632 -10.13 -45.15 -13.55
C GLU B 632 -9.41 -46.46 -13.23
N ALA B 633 -9.16 -46.72 -11.94
CA ALA B 633 -8.54 -47.98 -11.56
C ALA B 633 -9.46 -49.16 -11.87
N GLY B 634 -10.75 -49.02 -11.61
CA GLY B 634 -11.70 -50.06 -11.94
C GLY B 634 -12.61 -50.45 -10.80
N PHE B 635 -12.61 -49.66 -9.72
CA PHE B 635 -13.40 -49.95 -8.54
C PHE B 635 -14.46 -48.88 -8.34
N SER B 636 -15.63 -49.30 -7.85
CA SER B 636 -16.70 -48.37 -7.56
C SER B 636 -16.31 -47.50 -6.36
N TYR B 637 -16.65 -46.21 -6.44
CA TYR B 637 -16.31 -45.26 -5.40
C TYR B 637 -17.43 -45.22 -4.36
N SER B 638 -17.04 -45.35 -3.08
CA SER B 638 -17.97 -45.27 -1.97
C SER B 638 -17.47 -44.23 -0.98
N SER B 639 -18.36 -43.33 -0.57
CA SER B 639 -17.96 -42.27 0.36
C SER B 639 -17.52 -42.85 1.70
N ASP B 640 -18.26 -43.83 2.22
CA ASP B 640 -17.94 -44.46 3.50
C ASP B 640 -17.21 -45.77 3.22
N CYS B 641 -15.94 -45.67 2.85
CA CYS B 641 -15.13 -46.84 2.57
C CYS B 641 -13.65 -46.48 2.73
N LEU B 642 -12.84 -47.51 2.93
CA LEU B 642 -11.40 -47.39 3.01
C LEU B 642 -10.76 -48.42 2.10
N PRO B 643 -9.87 -48.02 1.19
CA PRO B 643 -9.30 -48.98 0.25
C PRO B 643 -8.44 -50.03 0.93
N ASP B 644 -8.42 -51.23 0.34
CA ASP B 644 -7.66 -52.35 0.86
C ASP B 644 -6.27 -52.36 0.22
N LEU B 645 -5.54 -53.46 0.41
CA LEU B 645 -4.20 -53.58 -0.19
C LEU B 645 -4.29 -53.85 -1.68
N SER B 646 -5.30 -54.58 -2.13
CA SER B 646 -5.43 -54.89 -3.56
C SER B 646 -5.66 -53.63 -4.37
N VAL B 647 -6.45 -52.69 -3.86
CA VAL B 647 -6.71 -51.45 -4.58
C VAL B 647 -5.43 -50.64 -4.72
N TRP B 648 -4.65 -50.52 -3.64
CA TRP B 648 -3.39 -49.81 -3.71
C TRP B 648 -2.42 -50.50 -4.68
N ALA B 649 -2.41 -51.83 -4.68
CA ALA B 649 -1.57 -52.56 -5.63
C ALA B 649 -1.98 -52.26 -7.06
N ALA B 650 -3.29 -52.20 -7.32
CA ALA B 650 -3.76 -51.88 -8.67
C ALA B 650 -3.31 -50.49 -9.11
N MET B 651 -3.54 -49.48 -8.25
CA MET B 651 -3.13 -48.12 -8.63
C MET B 651 -1.61 -48.01 -8.75
N LEU B 652 -0.86 -48.81 -8.00
CA LEU B 652 0.59 -48.79 -8.15
C LEU B 652 1.02 -49.44 -9.45
N ASP B 653 0.34 -50.50 -9.87
CA ASP B 653 0.68 -51.17 -11.12
C ASP B 653 0.33 -50.32 -12.33
N LYS B 654 -0.74 -49.53 -12.24
CA LYS B 654 -1.14 -48.71 -13.38
C LYS B 654 -0.38 -47.40 -13.51
N SER B 655 0.37 -47.00 -12.47
CA SER B 655 1.05 -45.72 -12.48
C SER B 655 2.30 -45.77 -13.36
N PRO B 656 2.67 -44.63 -13.98
CA PRO B 656 3.87 -44.63 -14.85
C PRO B 656 5.18 -44.64 -14.09
N ILE B 657 5.18 -44.31 -12.79
CA ILE B 657 6.42 -44.30 -12.02
C ILE B 657 7.06 -45.68 -11.99
N LYS B 658 6.25 -46.73 -12.17
CA LYS B 658 6.77 -48.09 -12.23
C LYS B 658 7.82 -48.25 -13.32
N TYR B 659 7.71 -47.47 -14.39
CA TYR B 659 8.65 -47.54 -15.51
C TYR B 659 9.71 -46.44 -15.45
N ALA B 660 9.84 -45.77 -14.30
CA ALA B 660 10.79 -44.67 -14.18
C ALA B 660 12.24 -45.07 -14.45
N PRO B 661 12.78 -46.19 -13.91
CA PRO B 661 14.21 -46.47 -14.09
C PRO B 661 14.60 -46.86 -15.51
N GLN B 662 13.68 -46.78 -16.46
CA GLN B 662 13.98 -47.10 -17.86
C GLN B 662 13.95 -45.88 -18.77
N VAL B 663 13.68 -44.69 -18.23
CA VAL B 663 13.57 -43.50 -19.06
C VAL B 663 14.95 -43.04 -19.49
N LYS B 664 15.09 -42.71 -20.78
CA LYS B 664 16.37 -42.23 -21.30
C LYS B 664 16.19 -41.03 -22.24
N THR B 665 15.10 -40.29 -22.12
CA THR B 665 14.84 -39.13 -22.98
C THR B 665 14.79 -37.85 -22.15
N PRO B 666 15.36 -36.76 -22.64
CA PRO B 666 15.31 -35.50 -21.89
C PRO B 666 13.87 -35.05 -21.66
N LEU B 667 13.63 -34.47 -20.49
CA LEU B 667 12.29 -34.12 -20.05
C LEU B 667 12.26 -32.68 -19.55
N LEU B 668 11.12 -32.03 -19.77
CA LEU B 668 10.89 -30.67 -19.30
C LEU B 668 9.52 -30.62 -18.64
N LEU B 669 9.48 -30.19 -17.38
CA LEU B 669 8.25 -30.18 -16.60
C LEU B 669 7.83 -28.76 -16.28
N MET B 670 6.53 -28.50 -16.33
CA MET B 670 5.94 -27.24 -15.91
C MET B 670 4.88 -27.54 -14.86
N LEU B 671 5.00 -26.90 -13.70
CA LEU B 671 4.14 -27.20 -12.57
C LEU B 671 3.53 -25.92 -12.02
N GLY B 672 2.31 -26.04 -11.50
CA GLY B 672 1.67 -24.95 -10.82
C GLY B 672 1.62 -25.17 -9.32
N GLN B 673 2.26 -24.28 -8.56
CA GLN B 673 2.38 -24.49 -7.11
C GLN B 673 1.04 -24.44 -6.40
N GLU B 674 0.02 -23.82 -7.00
CA GLU B 674 -1.29 -23.72 -6.38
C GLU B 674 -2.31 -24.65 -7.03
N ASP B 675 -1.84 -25.64 -7.80
CA ASP B 675 -2.75 -26.57 -8.44
C ASP B 675 -3.47 -27.43 -7.39
N ARG B 676 -4.78 -27.55 -7.53
CA ARG B 676 -5.59 -28.30 -6.56
C ARG B 676 -6.24 -29.54 -7.14
N ARG B 677 -6.25 -29.71 -8.47
CA ARG B 677 -6.77 -30.94 -9.06
C ARG B 677 -5.71 -32.03 -9.09
N VAL B 678 -4.55 -31.72 -9.64
CA VAL B 678 -3.40 -32.62 -9.62
C VAL B 678 -2.30 -31.95 -8.79
N PRO B 679 -2.07 -32.40 -7.56
CA PRO B 679 -1.08 -31.71 -6.71
C PRO B 679 0.31 -31.72 -7.33
N PHE B 680 1.04 -30.63 -7.11
CA PHE B 680 2.32 -30.40 -7.77
C PHE B 680 3.43 -31.30 -7.24
N LYS B 681 3.21 -32.05 -6.17
CA LYS B 681 4.21 -33.02 -5.73
C LYS B 681 4.35 -34.19 -6.69
N GLN B 682 3.32 -34.46 -7.49
CA GLN B 682 3.35 -35.60 -8.41
C GLN B 682 4.47 -35.47 -9.41
N GLY B 683 4.64 -34.27 -9.98
CA GLY B 683 5.76 -34.04 -10.87
C GLY B 683 7.10 -34.04 -10.16
N MET B 684 7.12 -33.58 -8.91
CA MET B 684 8.40 -33.50 -8.20
C MET B 684 8.95 -34.87 -7.84
N GLU B 685 8.08 -35.85 -7.53
CA GLU B 685 8.65 -37.16 -7.24
C GLU B 685 9.25 -37.81 -8.49
N TYR B 686 8.59 -37.62 -9.64
CA TYR B 686 9.17 -38.09 -10.91
C TYR B 686 10.48 -37.36 -11.21
N TYR B 687 10.53 -36.06 -10.94
CA TYR B 687 11.75 -35.29 -11.14
C TYR B 687 12.88 -35.81 -10.26
N ARG B 688 12.57 -36.12 -8.99
CA ARG B 688 13.58 -36.65 -8.09
C ARG B 688 14.10 -38.00 -8.57
N VAL B 689 13.18 -38.88 -9.00
CA VAL B 689 13.60 -40.20 -9.47
C VAL B 689 14.49 -40.07 -10.70
N LEU B 690 14.13 -39.18 -11.63
CA LEU B 690 14.94 -39.01 -12.83
C LEU B 690 16.29 -38.36 -12.51
N LYS B 691 16.31 -37.42 -11.56
CA LYS B 691 17.56 -36.77 -11.19
C LYS B 691 18.51 -37.73 -10.49
N ALA B 692 17.97 -38.68 -9.73
CA ALA B 692 18.84 -39.65 -9.05
C ALA B 692 19.62 -40.50 -10.05
N ARG B 693 19.04 -40.78 -11.21
CA ARG B 693 19.68 -41.60 -12.24
C ARG B 693 20.47 -40.76 -13.23
N ASN B 694 20.59 -39.45 -13.00
CA ASN B 694 21.39 -38.55 -13.84
C ASN B 694 20.87 -38.48 -15.28
N VAL B 695 19.60 -38.12 -15.41
CA VAL B 695 18.96 -37.91 -16.70
C VAL B 695 18.68 -36.41 -16.84
N PRO B 696 19.00 -35.80 -17.97
CA PRO B 696 18.80 -34.34 -18.11
C PRO B 696 17.33 -33.96 -17.98
N VAL B 697 17.03 -33.18 -16.95
CA VAL B 697 15.67 -32.74 -16.65
C VAL B 697 15.69 -31.25 -16.35
N ARG B 698 14.70 -30.54 -16.88
CA ARG B 698 14.51 -29.12 -16.59
C ARG B 698 13.13 -28.93 -15.96
N LEU B 699 13.07 -28.11 -14.92
CA LEU B 699 11.83 -27.89 -14.18
C LEU B 699 11.54 -26.40 -14.10
N LEU B 700 10.26 -26.04 -14.27
CA LEU B 700 9.79 -24.67 -14.13
C LEU B 700 8.56 -24.69 -13.26
N LEU B 701 8.60 -23.96 -12.14
CA LEU B 701 7.51 -23.95 -11.18
C LEU B 701 6.93 -22.54 -11.10
N TYR B 702 5.61 -22.42 -11.27
CA TYR B 702 4.95 -21.13 -11.23
C TYR B 702 4.23 -20.97 -9.91
N PRO B 703 4.64 -20.02 -9.05
CA PRO B 703 4.12 -20.00 -7.68
C PRO B 703 2.64 -19.69 -7.56
N LYS B 704 2.01 -19.08 -8.57
CA LYS B 704 0.61 -18.66 -8.45
C LYS B 704 -0.26 -19.23 -9.55
N SER B 705 0.24 -20.16 -10.35
CA SER B 705 -0.54 -20.71 -11.46
C SER B 705 -1.55 -21.73 -10.93
N THR B 706 -2.31 -22.32 -11.85
CA THR B 706 -3.32 -23.31 -11.50
C THR B 706 -3.29 -24.48 -12.48
N HIS B 707 -4.32 -25.33 -12.45
CA HIS B 707 -4.33 -26.51 -13.30
C HIS B 707 -4.36 -26.16 -14.79
N ALA B 708 -4.79 -24.95 -15.15
CA ALA B 708 -4.94 -24.58 -16.55
C ALA B 708 -3.75 -23.80 -17.11
N LEU B 709 -2.95 -23.16 -16.26
CA LEU B 709 -1.87 -22.28 -16.71
C LEU B 709 -2.41 -21.21 -17.65
N SER B 710 -3.55 -20.63 -17.29
CA SER B 710 -4.28 -19.74 -18.18
C SER B 710 -3.83 -18.29 -18.11
N GLU B 711 -2.94 -17.94 -17.18
CA GLU B 711 -2.45 -16.57 -17.10
C GLU B 711 -1.64 -16.22 -18.35
N VAL B 712 -1.72 -14.95 -18.76
CA VAL B 712 -1.10 -14.54 -20.02
C VAL B 712 0.42 -14.69 -19.93
N GLU B 713 1.02 -14.16 -18.86
CA GLU B 713 2.47 -14.28 -18.71
C GLU B 713 2.90 -15.73 -18.56
N VAL B 714 2.16 -16.50 -17.75
CA VAL B 714 2.49 -17.91 -17.53
C VAL B 714 2.39 -18.68 -18.84
N GLU B 715 1.30 -18.49 -19.59
CA GLU B 715 1.12 -19.21 -20.84
C GLU B 715 2.19 -18.82 -21.85
N SER B 716 2.50 -17.53 -21.97
CA SER B 716 3.52 -17.10 -22.91
C SER B 716 4.87 -17.71 -22.57
N ASP B 717 5.27 -17.64 -21.29
CA ASP B 717 6.56 -18.18 -20.90
C ASP B 717 6.63 -19.69 -21.12
N SER B 718 5.56 -20.41 -20.75
CA SER B 718 5.57 -21.86 -20.91
C SER B 718 5.65 -22.26 -22.38
N PHE B 719 4.85 -21.59 -23.23
CA PHE B 719 4.87 -21.93 -24.65
C PHE B 719 6.23 -21.63 -25.27
N MET B 720 6.82 -20.48 -24.94
CA MET B 720 8.12 -20.14 -25.49
C MET B 720 9.19 -21.13 -25.04
N ASN B 721 9.16 -21.51 -23.75
CA ASN B 721 10.15 -22.47 -23.26
C ASN B 721 9.99 -23.81 -23.94
N ALA B 722 8.75 -24.27 -24.12
CA ALA B 722 8.52 -25.54 -24.79
C ALA B 722 9.02 -25.51 -26.23
N VAL B 723 8.75 -24.41 -26.94
CA VAL B 723 9.18 -24.32 -28.33
C VAL B 723 10.71 -24.31 -28.42
N LEU B 724 11.38 -23.55 -27.55
CA LEU B 724 12.84 -23.54 -27.57
C LEU B 724 13.41 -24.91 -27.22
N TRP B 725 12.82 -25.59 -26.25
CA TRP B 725 13.29 -26.93 -25.89
C TRP B 725 13.18 -27.89 -27.07
N LEU B 726 12.01 -27.89 -27.74
CA LEU B 726 11.82 -28.78 -28.87
C LEU B 726 12.76 -28.44 -30.01
N CYS B 727 12.95 -27.14 -30.29
CA CYS B 727 13.84 -26.75 -31.37
C CYS B 727 15.28 -27.13 -31.08
N THR B 728 15.71 -26.97 -29.82
CA THR B 728 17.10 -27.26 -29.48
C THR B 728 17.37 -28.76 -29.51
N HIS B 729 16.50 -29.56 -28.91
CA HIS B 729 16.77 -30.99 -28.84
C HIS B 729 16.52 -31.71 -30.16
N LEU B 730 15.53 -31.25 -30.94
CA LEU B 730 15.26 -31.85 -32.24
C LEU B 730 15.83 -30.99 -33.38
N PRO C 10 34.00 17.56 -4.70
CA PRO C 10 32.82 17.30 -3.85
C PRO C 10 33.02 16.11 -2.91
N GLU C 11 34.06 15.32 -3.15
CA GLU C 11 34.32 14.16 -2.29
C GLU C 11 34.88 14.58 -0.94
N GLU C 12 35.79 15.56 -0.94
CA GLU C 12 36.38 16.01 0.32
C GLU C 12 35.34 16.60 1.25
N ALA C 13 34.43 17.43 0.70
CA ALA C 13 33.39 18.02 1.52
C ALA C 13 32.45 16.96 2.07
N ALA C 14 32.10 15.97 1.25
CA ALA C 14 31.23 14.89 1.72
C ALA C 14 31.90 14.10 2.85
N ALA C 15 33.19 13.80 2.69
CA ALA C 15 33.91 13.08 3.75
C ALA C 15 33.97 13.90 5.02
N LEU C 16 34.23 15.22 4.90
CA LEU C 16 34.28 16.07 6.07
C LEU C 16 32.94 16.12 6.79
N TYR C 17 31.85 16.25 6.02
CA TYR C 17 30.52 16.26 6.64
C TYR C 17 30.21 14.93 7.32
N ARG C 18 30.59 13.83 6.68
CA ARG C 18 30.38 12.51 7.29
C ARG C 18 31.15 12.39 8.59
N GLY C 19 32.39 12.87 8.61
CA GLY C 19 33.17 12.80 9.83
C GLY C 19 32.61 13.67 10.94
N LEU C 20 32.17 14.89 10.60
CA LEU C 20 31.69 15.82 11.62
C LEU C 20 30.29 15.50 12.11
N SER C 21 29.50 14.75 11.34
CA SER C 21 28.17 14.38 11.79
C SER C 21 28.15 13.13 12.65
N ARG C 22 29.31 12.51 12.88
CA ARG C 22 29.37 11.28 13.67
C ARG C 22 29.19 11.54 15.16
N GLN C 23 29.55 12.72 15.64
CA GLN C 23 29.52 13.00 17.07
C GLN C 23 28.08 13.07 17.57
N PRO C 24 27.74 12.35 18.63
CA PRO C 24 26.36 12.33 19.12
C PRO C 24 26.06 13.56 19.97
N ALA C 25 24.80 13.68 20.39
CA ALA C 25 24.35 14.79 21.23
C ALA C 25 23.40 14.28 22.31
N LEU C 26 23.52 14.85 23.51
CA LEU C 26 22.68 14.46 24.63
C LEU C 26 21.25 14.95 24.43
N SER C 27 20.30 14.23 25.03
CA SER C 27 18.90 14.63 24.92
C SER C 27 18.23 14.73 26.28
N ALA C 28 18.57 13.85 27.20
CA ALA C 28 17.93 13.82 28.52
C ALA C 28 18.78 12.96 29.45
N ALA C 29 18.48 13.05 30.74
CA ALA C 29 19.17 12.27 31.75
C ALA C 29 18.26 12.09 32.95
N CYS C 30 18.57 11.06 33.75
CA CYS C 30 17.81 10.76 34.96
C CYS C 30 18.72 10.00 35.91
N LEU C 31 18.30 9.95 37.17
CA LEU C 31 19.06 9.29 38.23
C LEU C 31 18.23 8.19 38.86
N GLY C 32 18.87 7.03 39.07
CA GLY C 32 18.19 5.90 39.65
C GLY C 32 18.23 5.89 41.16
N PRO C 33 17.63 4.87 41.77
CA PRO C 33 17.64 4.78 43.24
C PRO C 33 19.02 4.45 43.78
N GLU C 34 19.22 4.81 45.05
CA GLU C 34 20.49 4.57 45.72
C GLU C 34 20.50 3.19 46.35
N VAL C 35 21.57 2.43 46.09
CA VAL C 35 21.70 1.06 46.56
C VAL C 35 22.88 0.99 47.53
N THR C 36 22.65 0.41 48.70
CA THR C 36 23.67 0.25 49.72
C THR C 36 24.38 -1.08 49.51
N THR C 37 25.64 -1.02 49.09
CA THR C 37 26.43 -2.22 48.82
C THR C 37 26.78 -2.95 50.11
N ARG C 42 28.01 3.54 48.89
CA ARG C 42 26.77 3.55 48.13
C ARG C 42 27.04 4.02 46.70
N TYR C 43 26.14 3.63 45.78
CA TYR C 43 26.30 4.00 44.38
C TYR C 43 24.93 4.22 43.76
N ARG C 44 24.94 4.93 42.63
CA ARG C 44 23.73 5.27 41.90
C ARG C 44 23.95 5.02 40.43
N THR C 45 22.84 4.87 39.70
CA THR C 45 22.86 4.66 38.26
C THR C 45 22.26 5.87 37.57
N VAL C 46 22.92 6.33 36.51
CA VAL C 46 22.49 7.48 35.72
C VAL C 46 22.18 7.00 34.31
N HIS C 47 20.97 7.28 33.84
CA HIS C 47 20.52 6.89 32.52
C HIS C 47 20.61 8.08 31.58
N THR C 48 21.35 7.94 30.49
CA THR C 48 21.54 8.99 29.51
C THR C 48 20.96 8.56 28.17
N GLU C 49 20.35 9.52 27.47
CA GLU C 49 19.79 9.28 26.14
C GLU C 49 20.50 10.17 25.14
N TRP C 50 20.91 9.59 24.02
CA TRP C 50 21.68 10.30 23.01
C TRP C 50 21.00 10.19 21.66
N THR C 51 21.29 11.16 20.80
CA THR C 51 20.77 11.20 19.45
C THR C 51 21.91 11.43 18.48
N GLN C 52 21.80 10.84 17.28
CA GLN C 52 22.83 10.94 16.26
C GLN C 52 22.16 10.93 14.90
N ARG C 53 22.90 11.39 13.89
CA ARG C 53 22.42 11.42 12.52
C ARG C 53 23.02 10.26 11.75
N ASP C 54 22.16 9.41 11.20
CA ASP C 54 22.59 8.31 10.35
C ASP C 54 22.36 8.69 8.90
N LEU C 55 23.44 8.77 8.13
CA LEU C 55 23.36 9.17 6.73
C LEU C 55 23.09 8.01 5.79
N GLU C 56 23.51 6.79 6.15
CA GLU C 56 23.21 5.63 5.32
C GLU C 56 21.70 5.39 5.27
N ARG C 57 21.03 5.50 6.40
CA ARG C 57 19.58 5.37 6.46
C ARG C 57 18.86 6.70 6.34
N MET C 58 19.58 7.82 6.48
CA MET C 58 19.00 9.16 6.44
C MET C 58 17.91 9.32 7.49
N GLU C 59 18.31 9.20 8.76
CA GLU C 59 17.38 9.27 9.86
C GLU C 59 18.10 9.78 11.11
N ASN C 60 17.34 9.97 12.18
CA ASN C 60 17.88 10.36 13.48
C ASN C 60 17.74 9.16 14.42
N ILE C 61 18.87 8.59 14.80
CA ILE C 61 18.90 7.41 15.65
C ILE C 61 19.03 7.85 17.10
N ARG C 62 18.14 7.34 17.96
CA ARG C 62 18.14 7.63 19.38
C ARG C 62 18.47 6.36 20.16
N PHE C 63 19.45 6.44 21.06
CA PHE C 63 19.85 5.29 21.84
C PHE C 63 20.03 5.70 23.30
N CYS C 64 20.30 4.71 24.14
CA CYS C 64 20.39 4.88 25.59
C CYS C 64 21.66 4.25 26.11
N ARG C 65 22.11 4.74 27.26
CA ARG C 65 23.32 4.23 27.90
C ARG C 65 23.18 4.45 29.41
N GLN C 66 23.89 3.62 30.19
CA GLN C 66 23.82 3.66 31.63
C GLN C 66 25.22 3.82 32.23
N TYR C 67 25.32 4.62 33.28
CA TYR C 67 26.58 4.85 33.98
C TYR C 67 26.38 4.61 35.47
N LEU C 68 27.47 4.28 36.16
CA LEU C 68 27.45 4.03 37.59
C LEU C 68 28.37 5.02 38.30
N VAL C 69 27.87 5.63 39.37
CA VAL C 69 28.63 6.60 40.16
C VAL C 69 28.61 6.15 41.61
N PHE C 70 29.79 5.89 42.18
CA PHE C 70 29.94 5.49 43.57
C PHE C 70 30.28 6.73 44.39
N HIS C 71 29.44 7.05 45.37
CA HIS C 71 29.60 8.25 46.18
C HIS C 71 29.66 7.90 47.65
N ASP C 72 30.48 8.62 48.40
CA ASP C 72 30.63 8.38 49.82
C ASP C 72 29.93 9.48 50.64
N ASP C 74 29.05 12.88 50.04
CA ASP C 74 29.04 14.15 49.31
C ASP C 74 30.31 14.33 48.50
N SER C 75 30.83 13.23 47.95
CA SER C 75 32.01 13.26 47.11
C SER C 75 31.91 12.15 46.07
N VAL C 76 32.38 12.45 44.86
CA VAL C 76 32.34 11.48 43.77
C VAL C 76 33.54 10.55 43.90
N VAL C 77 33.37 9.43 44.59
CA VAL C 77 34.47 8.50 44.79
C VAL C 77 34.87 7.81 43.50
N PHE C 78 33.88 7.37 42.71
CA PHE C 78 34.18 6.63 41.49
C PHE C 78 33.07 6.87 40.47
N ALA C 79 33.41 6.71 39.19
CA ALA C 79 32.43 6.85 38.12
C ALA C 79 32.89 6.05 36.93
N GLY C 80 31.95 5.43 36.22
CA GLY C 80 32.29 4.64 35.06
C GLY C 80 31.09 4.17 34.26
N PRO C 81 31.37 3.57 33.10
CA PRO C 81 30.29 3.00 32.28
C PRO C 81 29.84 1.66 32.83
N ALA C 82 28.59 1.32 32.51
CA ALA C 82 27.96 0.12 33.04
C ALA C 82 27.18 -0.62 31.94
N GLY C 83 27.79 -0.74 30.77
CA GLY C 83 27.20 -1.49 29.69
C GLY C 83 27.47 -0.85 28.36
N ASN C 84 26.71 -1.28 27.35
CA ASN C 84 26.81 -0.77 25.99
C ASN C 84 25.57 0.06 25.66
N SER C 85 25.49 0.50 24.41
CA SER C 85 24.41 1.37 23.95
C SER C 85 23.41 0.56 23.14
N VAL C 86 22.13 0.67 23.51
CA VAL C 86 21.05 -0.06 22.86
C VAL C 86 20.10 0.94 22.23
N GLU C 87 19.86 0.78 20.93
CA GLU C 87 18.98 1.69 20.21
C GLU C 87 17.52 1.35 20.48
N THR C 88 16.70 2.37 20.71
CA THR C 88 15.28 2.22 20.97
C THR C 88 14.49 2.97 19.91
N ARG C 89 13.42 2.36 19.41
CA ARG C 89 12.58 2.95 18.38
C ARG C 89 11.12 2.86 18.77
N GLY C 90 10.40 3.95 18.56
CA GLY C 90 8.97 3.99 18.81
C GLY C 90 8.54 4.56 20.14
N GLU C 91 9.46 5.10 20.93
CA GLU C 91 9.15 5.64 22.25
C GLU C 91 8.99 7.16 22.14
N LEU C 92 7.84 7.67 22.59
CA LEU C 92 7.55 9.10 22.54
C LEU C 92 7.78 9.79 23.88
N LEU C 93 7.15 9.30 24.93
CA LEU C 93 7.26 9.88 26.27
C LEU C 93 7.56 8.78 27.27
N SER C 94 8.35 9.12 28.29
CA SER C 94 8.69 8.18 29.35
C SER C 94 8.91 8.95 30.64
N ARG C 95 8.63 8.30 31.76
CA ARG C 95 8.82 8.91 33.07
C ARG C 95 9.00 7.83 34.11
N GLU C 96 10.15 7.82 34.77
CA GLU C 96 10.38 6.88 35.85
C GLU C 96 9.49 7.20 37.05
N SER C 97 9.25 6.19 37.87
CA SER C 97 8.40 6.36 39.04
C SER C 97 9.10 7.27 40.06
N PRO C 98 8.32 7.96 40.90
CA PRO C 98 8.95 8.78 41.95
C PRO C 98 9.82 7.97 42.89
N SER C 99 9.44 6.73 43.18
CA SER C 99 10.26 5.83 44.00
C SER C 99 11.21 4.99 43.16
N GLY C 100 11.14 5.06 41.84
CA GLY C 100 12.02 4.31 40.96
C GLY C 100 11.61 2.88 40.72
N THR C 101 10.48 2.43 41.28
CA THR C 101 10.08 1.03 41.13
C THR C 101 9.60 0.73 39.73
N MET C 102 8.74 1.58 39.17
CA MET C 102 8.08 1.34 37.90
C MET C 102 8.54 2.35 36.86
N LYS C 103 8.01 2.21 35.64
CA LYS C 103 8.33 3.14 34.56
C LYS C 103 7.20 3.12 33.53
N ALA C 104 6.67 4.29 33.21
CA ALA C 104 5.59 4.42 32.24
C ALA C 104 6.13 4.91 30.91
N VAL C 105 5.75 4.23 29.83
CA VAL C 105 6.26 4.53 28.50
C VAL C 105 5.09 4.67 27.53
N LEU C 106 5.20 5.63 26.62
CA LEU C 106 4.27 5.79 25.50
C LEU C 106 4.94 5.30 24.23
N ARG C 107 4.29 4.37 23.54
CA ARG C 107 4.86 3.72 22.36
C ARG C 107 3.94 3.90 21.17
N LYS C 108 4.51 4.33 20.04
CA LYS C 108 3.78 4.46 18.79
C LYS C 108 4.02 3.23 17.93
N ALA C 109 3.45 2.11 18.37
CA ALA C 109 3.62 0.83 17.67
C ALA C 109 2.80 0.81 16.39
N GLU C 117 1.13 2.95 14.10
CA GLU C 117 -0.18 3.43 13.69
C GLU C 117 -1.04 3.79 14.90
N LYS C 118 -0.98 2.94 15.93
CA LYS C 118 -1.73 3.14 17.15
C LYS C 118 -0.80 3.59 18.28
N GLN C 119 -1.40 3.93 19.41
CA GLN C 119 -0.67 4.42 20.57
C GLN C 119 -0.92 3.51 21.76
N PHE C 120 0.15 3.15 22.46
CA PHE C 120 0.11 2.24 23.59
C PHE C 120 0.73 2.89 24.82
N LEU C 121 0.16 2.63 25.99
CA LEU C 121 0.69 3.10 27.26
C LEU C 121 1.08 1.88 28.09
N GLU C 122 2.38 1.67 28.30
CA GLU C 122 2.87 0.48 28.96
C GLU C 122 3.52 0.82 30.29
N VAL C 123 3.37 -0.09 31.26
CA VAL C 123 3.90 0.10 32.61
C VAL C 123 4.90 -1.03 32.86
N TRP C 124 6.19 -0.73 32.76
CA TRP C 124 7.24 -1.70 33.04
C TRP C 124 7.58 -1.69 34.53
N GLU C 125 7.87 -2.88 35.06
CA GLU C 125 8.34 -3.02 36.42
C GLU C 125 9.32 -4.19 36.49
N LYS C 126 10.50 -3.95 37.03
CA LYS C 126 11.55 -4.95 37.17
C LYS C 126 11.92 -5.45 35.78
N ASN C 127 11.70 -6.72 35.45
CA ASN C 127 12.10 -7.28 34.17
C ASN C 127 10.89 -7.81 33.38
N ARG C 128 9.71 -7.26 33.63
CA ARG C 128 8.51 -7.72 32.95
C ARG C 128 7.56 -6.54 32.75
N LYS C 129 6.84 -6.56 31.63
CA LYS C 129 5.84 -5.56 31.34
C LYS C 129 4.56 -5.89 32.11
N LEU C 130 4.22 -5.07 33.10
CA LEU C 130 3.04 -5.34 33.92
C LEU C 130 1.78 -5.33 33.08
N LYS C 131 1.45 -4.18 32.49
CA LYS C 131 0.26 -4.08 31.67
C LYS C 131 0.46 -2.99 30.62
N SER C 132 -0.18 -3.20 29.46
CA SER C 132 -0.19 -2.25 28.37
C SER C 132 -1.64 -1.93 28.00
N PHE C 133 -1.92 -0.65 27.78
CA PHE C 133 -3.25 -0.18 27.44
C PHE C 133 -3.25 0.35 26.02
N ASN C 134 -4.25 -0.07 25.25
CA ASN C 134 -4.49 0.44 23.90
C ASN C 134 -5.33 1.70 24.02
N LEU C 135 -4.72 2.87 23.80
CA LEU C 135 -5.42 4.12 23.99
C LEU C 135 -6.44 4.39 22.88
N SER C 136 -6.14 3.98 21.65
CA SER C 136 -7.03 4.29 20.54
C SER C 136 -8.33 3.49 20.61
N ALA C 137 -8.25 2.19 20.92
CA ALA C 137 -9.43 1.34 20.91
C ALA C 137 -10.41 1.67 22.03
N LEU C 138 -9.96 2.36 23.08
CA LEU C 138 -10.88 2.73 24.14
C LEU C 138 -11.86 3.81 23.71
N GLU C 139 -11.50 4.60 22.67
CA GLU C 139 -12.38 5.60 22.08
C GLU C 139 -12.87 6.60 23.15
N LYS C 140 -11.90 7.33 23.73
CA LYS C 140 -12.20 8.34 24.73
C LYS C 140 -11.59 9.70 24.43
N HIS C 141 -10.60 9.78 23.54
CA HIS C 141 -9.92 11.03 23.23
C HIS C 141 -9.14 10.84 21.94
N GLY C 142 -8.48 11.91 21.49
CA GLY C 142 -7.67 11.86 20.30
C GLY C 142 -6.26 11.41 20.60
N PRO C 143 -5.36 11.57 19.63
CA PRO C 143 -3.96 11.19 19.86
C PRO C 143 -3.32 12.04 20.95
N VAL C 144 -2.34 11.44 21.63
CA VAL C 144 -1.66 12.08 22.75
C VAL C 144 -0.73 13.17 22.21
N TYR C 145 -0.27 14.04 23.11
CA TYR C 145 0.62 15.15 22.75
C TYR C 145 2.05 14.77 23.08
N GLU C 146 2.93 14.85 22.07
CA GLU C 146 4.33 14.52 22.23
C GLU C 146 5.24 15.74 22.24
N ASP C 147 4.66 16.94 22.21
CA ASP C 147 5.45 18.16 22.16
C ASP C 147 5.98 18.53 23.54
N ASP C 148 6.75 19.63 23.61
CA ASP C 148 7.27 20.13 24.87
C ASP C 148 6.43 21.24 25.47
N CYS C 149 5.62 21.93 24.65
CA CYS C 149 4.80 23.01 25.18
C CYS C 149 3.65 22.48 26.01
N PHE C 150 2.96 21.44 25.53
CA PHE C 150 1.81 20.88 26.23
C PHE C 150 2.03 19.46 26.74
N GLY C 151 2.96 18.71 26.15
CA GLY C 151 3.13 17.32 26.53
C GLY C 151 3.60 17.17 27.97
N CYS C 152 2.97 16.25 28.70
CA CYS C 152 3.32 16.01 30.09
C CYS C 152 2.87 14.62 30.49
N LEU C 153 3.63 13.99 31.38
CA LEU C 153 3.29 12.68 31.92
C LEU C 153 3.81 12.63 33.36
N SER C 154 2.90 12.64 34.33
CA SER C 154 3.27 12.75 35.74
C SER C 154 2.65 11.62 36.53
N TRP C 155 3.48 10.92 37.30
CA TRP C 155 3.00 9.88 38.20
C TRP C 155 2.29 10.49 39.40
N SER C 156 1.29 9.77 39.89
CA SER C 156 0.58 10.21 41.08
C SER C 156 1.47 10.09 42.31
N HIS C 157 1.13 10.85 43.35
CA HIS C 157 1.91 10.78 44.59
C HIS C 157 1.68 9.46 45.31
N SER C 158 0.50 8.85 45.14
CA SER C 158 0.21 7.53 45.67
C SER C 158 0.67 6.41 44.74
N GLU C 159 1.25 6.76 43.59
CA GLU C 159 1.82 5.81 42.63
C GLU C 159 0.75 4.90 42.03
N THR C 160 -0.51 5.32 42.03
CA THR C 160 -1.60 4.49 41.53
C THR C 160 -2.28 5.04 40.28
N HIS C 161 -2.01 6.29 39.91
CA HIS C 161 -2.67 6.93 38.78
C HIS C 161 -1.63 7.55 37.85
N LEU C 162 -2.06 7.85 36.63
CA LEU C 162 -1.24 8.54 35.66
C LEU C 162 -2.05 9.67 35.04
N LEU C 163 -1.37 10.71 34.57
CA LEU C 163 -2.03 11.86 33.98
C LEU C 163 -1.28 12.30 32.74
N TYR C 164 -2.02 12.67 31.69
CA TYR C 164 -1.40 13.16 30.47
C TYR C 164 -2.37 14.09 29.76
N VAL C 165 -1.96 14.57 28.59
CA VAL C 165 -2.73 15.54 27.81
C VAL C 165 -2.95 14.96 26.42
N ALA C 166 -4.20 15.00 25.95
CA ALA C 166 -4.55 14.43 24.66
C ALA C 166 -5.61 15.29 23.98
N ASP C 167 -5.70 15.16 22.66
CA ASP C 167 -6.64 15.95 21.89
C ASP C 167 -8.08 15.57 22.24
N LYS C 168 -8.99 16.52 22.03
CA LYS C 168 -10.39 16.29 22.34
C LYS C 168 -11.03 15.39 21.29
N LYS C 169 -12.23 14.89 21.60
CA LYS C 169 -12.96 13.99 20.72
C LYS C 169 -13.98 14.78 19.92
N ARG C 170 -13.83 14.76 18.60
CA ARG C 170 -14.77 15.44 17.70
C ARG C 170 -15.91 14.50 17.35
N PRO C 171 -17.16 14.97 17.42
CA PRO C 171 -18.30 14.10 17.09
C PRO C 171 -18.21 13.59 15.66
N LYS C 172 -18.66 12.35 15.46
CA LYS C 172 -18.60 11.72 14.16
C LYS C 172 -19.51 12.43 13.17
N ALA C 173 -19.09 12.46 11.91
CA ALA C 173 -19.83 13.10 10.85
C ALA C 173 -19.94 12.17 9.65
N GLU C 174 -21.03 12.33 8.89
CA GLU C 174 -21.29 11.51 7.72
C GLU C 174 -21.80 12.39 6.59
N SER C 175 -21.65 11.88 5.37
CA SER C 175 -22.11 12.61 4.19
C SER C 175 -23.62 12.52 4.06
N PHE C 176 -24.17 13.37 3.20
CA PHE C 176 -25.62 13.37 2.99
C PHE C 176 -26.09 12.11 2.26
N PHE C 177 -25.28 11.60 1.34
CA PHE C 177 -25.61 10.44 0.53
C PHE C 177 -24.71 9.29 0.96
N GLN C 178 -25.15 8.56 1.97
CA GLN C 178 -24.39 7.42 2.50
C GLN C 178 -25.29 6.19 2.47
N THR C 179 -24.76 5.09 1.95
CA THR C 179 -25.49 3.83 1.89
C THR C 179 -25.42 3.17 3.25
N LYS C 180 -26.57 3.06 3.93
CA LYS C 180 -26.66 2.49 5.26
C LYS C 180 -27.41 1.17 5.20
N ALA C 181 -26.83 0.14 5.82
CA ALA C 181 -27.44 -1.19 5.85
C ALA C 181 -28.75 -1.17 6.64
N ALA C 200 -24.80 10.50 14.57
CA ALA C 200 -23.87 11.17 13.68
C ALA C 200 -24.48 12.43 13.10
N ILE C 201 -23.66 13.45 12.86
CA ILE C 201 -24.09 14.70 12.27
C ILE C 201 -23.81 14.64 10.78
N LYS C 202 -24.82 14.95 9.97
CA LYS C 202 -24.72 14.88 8.52
C LYS C 202 -24.43 16.28 7.97
N GLY C 203 -23.36 16.38 7.19
CA GLY C 203 -22.97 17.63 6.55
C GLY C 203 -21.82 18.35 7.22
N ASP C 204 -21.47 17.98 8.45
CA ASP C 204 -20.36 18.59 9.17
C ASP C 204 -19.05 17.87 8.94
N GLN C 205 -18.90 17.16 7.82
CA GLN C 205 -17.70 16.40 7.56
C GLN C 205 -16.48 17.30 7.40
N PHE C 206 -16.62 18.40 6.67
CA PHE C 206 -15.49 19.27 6.31
C PHE C 206 -15.48 20.56 7.11
N LEU C 207 -15.84 20.48 8.39
CA LEU C 207 -15.80 21.65 9.26
C LEU C 207 -14.36 22.09 9.48
N PHE C 208 -14.20 23.30 9.99
CA PHE C 208 -12.89 23.90 10.19
C PHE C 208 -12.51 23.86 11.66
N TYR C 209 -11.30 23.36 11.94
CA TYR C 209 -10.76 23.31 13.30
C TYR C 209 -9.40 23.99 13.29
N GLU C 210 -9.26 25.06 14.07
CA GLU C 210 -8.06 25.88 14.05
C GLU C 210 -6.97 25.28 14.93
N ASP C 211 -5.74 25.30 14.42
CA ASP C 211 -4.59 24.71 15.10
C ASP C 211 -3.72 25.81 15.71
N TRP C 212 -2.66 25.39 16.38
CA TRP C 212 -1.75 26.31 17.07
C TRP C 212 -0.54 26.64 16.19
N GLY C 213 -0.83 27.15 15.00
CA GLY C 213 0.20 27.73 14.16
C GLY C 213 1.27 26.75 13.72
N GLU C 214 2.52 27.20 13.82
CA GLU C 214 3.65 26.48 13.24
C GLU C 214 3.92 25.16 13.96
N ASN C 215 4.19 24.12 13.18
CA ASN C 215 4.65 22.82 13.67
C ASN C 215 3.66 22.17 14.64
N MET C 216 2.40 22.58 14.60
CA MET C 216 1.36 22.03 15.46
C MET C 216 0.11 21.72 14.65
N VAL C 217 0.30 21.07 13.51
CA VAL C 217 -0.81 20.79 12.61
C VAL C 217 -1.77 19.81 13.27
N SER C 218 -3.07 20.09 13.16
CA SER C 218 -4.14 19.25 13.72
C SER C 218 -4.01 19.13 15.24
N LYS C 219 -3.86 20.27 15.90
CA LYS C 219 -3.80 20.33 17.36
C LYS C 219 -4.62 21.56 17.78
N SER C 220 -5.90 21.35 18.06
CA SER C 220 -6.84 22.45 18.26
C SER C 220 -7.11 22.71 19.74
N THR C 221 -7.61 21.71 20.47
CA THR C 221 -7.99 21.89 21.87
C THR C 221 -7.62 20.65 22.66
N PRO C 222 -6.55 20.72 23.47
CA PRO C 222 -6.17 19.58 24.29
C PRO C 222 -7.02 19.49 25.55
N VAL C 223 -6.90 18.34 26.23
CA VAL C 223 -7.66 18.06 27.44
C VAL C 223 -6.83 17.14 28.32
N LEU C 224 -7.10 17.19 29.62
CA LEU C 224 -6.37 16.41 30.62
C LEU C 224 -7.06 15.06 30.83
N CYS C 225 -6.29 13.98 30.75
CA CYS C 225 -6.81 12.63 30.93
C CYS C 225 -6.08 11.96 32.08
N VAL C 226 -6.83 11.23 32.90
CA VAL C 226 -6.31 10.53 34.07
C VAL C 226 -6.64 9.06 33.93
N LEU C 227 -5.63 8.21 34.09
CA LEU C 227 -5.76 6.77 33.94
C LEU C 227 -5.49 6.08 35.27
N ASP C 228 -6.38 5.19 35.67
CA ASP C 228 -6.24 4.41 36.89
C ASP C 228 -5.65 3.05 36.51
N ILE C 229 -4.49 2.73 37.08
CA ILE C 229 -3.75 1.54 36.67
C ILE C 229 -4.49 0.27 37.10
N GLU C 230 -5.03 0.26 38.32
CA GLU C 230 -5.70 -0.94 38.83
C GLU C 230 -6.92 -1.29 37.99
N SER C 231 -7.92 -0.40 37.96
CA SER C 231 -9.15 -0.69 37.23
C SER C 231 -8.94 -0.68 35.73
N GLY C 232 -8.17 0.29 35.23
CA GLY C 232 -7.97 0.44 33.80
C GLY C 232 -8.85 1.48 33.14
N ASN C 233 -9.59 2.27 33.90
CA ASN C 233 -10.48 3.28 33.35
C ASN C 233 -9.72 4.57 33.05
N ILE C 234 -10.26 5.34 32.10
CA ILE C 234 -9.71 6.63 31.71
C ILE C 234 -10.79 7.68 31.86
N SER C 235 -10.49 8.75 32.59
CA SER C 235 -11.46 9.81 32.84
C SER C 235 -10.88 11.16 32.44
N VAL C 236 -11.71 11.99 31.83
CA VAL C 236 -11.31 13.34 31.44
C VAL C 236 -11.82 14.33 32.49
N LEU C 237 -10.96 15.26 32.88
CA LEU C 237 -11.32 16.22 33.91
C LEU C 237 -12.40 17.18 33.40
N GLU C 238 -13.24 17.64 34.33
CA GLU C 238 -14.40 18.44 33.96
C GLU C 238 -14.46 19.76 34.70
N GLY C 239 -13.33 20.48 34.76
CA GLY C 239 -13.30 21.77 35.42
C GLY C 239 -12.57 22.83 34.63
N VAL C 240 -11.97 22.44 33.51
CA VAL C 240 -11.19 23.38 32.69
C VAL C 240 -12.13 24.37 32.04
N PRO C 241 -11.84 25.67 32.10
CA PRO C 241 -12.72 26.66 31.44
C PRO C 241 -12.76 26.45 29.93
N GLU C 242 -13.88 26.84 29.33
CA GLU C 242 -14.12 26.56 27.92
C GLU C 242 -13.12 27.28 27.02
N SER C 243 -12.79 28.54 27.35
CA SER C 243 -11.94 29.37 26.51
C SER C 243 -10.47 29.27 26.87
N VAL C 244 -10.03 28.14 27.44
CA VAL C 244 -8.66 27.97 27.89
C VAL C 244 -8.18 26.58 27.50
N SER C 245 -6.99 26.50 26.92
CA SER C 245 -6.36 25.22 26.61
C SER C 245 -5.35 24.89 27.70
N PRO C 246 -5.43 23.72 28.33
CA PRO C 246 -4.54 23.41 29.45
C PRO C 246 -3.26 22.71 29.01
N GLY C 247 -2.27 22.75 29.90
CA GLY C 247 -1.03 22.06 29.64
C GLY C 247 -0.12 22.11 30.86
N GLN C 248 1.02 21.43 30.72
CA GLN C 248 2.08 21.43 31.74
C GLN C 248 1.53 21.06 33.12
N ALA C 249 0.66 20.06 33.16
CA ALA C 249 -0.02 19.70 34.40
C ALA C 249 0.86 18.81 35.27
N PHE C 250 0.61 18.88 36.58
CA PHE C 250 1.23 18.00 37.54
C PHE C 250 0.31 17.85 38.74
N TRP C 251 0.52 16.78 39.51
CA TRP C 251 -0.38 16.47 40.61
C TRP C 251 -0.14 17.42 41.78
N ALA C 252 -1.24 17.84 42.41
CA ALA C 252 -1.17 18.70 43.57
C ALA C 252 -0.70 17.91 44.80
N PRO C 253 -0.18 18.58 45.82
CA PRO C 253 0.19 17.87 47.04
C PRO C 253 -1.01 17.20 47.69
N GLY C 254 -0.87 15.91 47.98
CA GLY C 254 -1.93 15.14 48.57
C GLY C 254 -2.81 14.38 47.59
N ASP C 255 -2.52 14.47 46.29
CA ASP C 255 -3.31 13.81 45.24
C ASP C 255 -4.78 14.20 45.33
N THR C 256 -5.03 15.50 45.58
CA THR C 256 -6.39 16.02 45.67
C THR C 256 -6.84 16.75 44.42
N GLY C 257 -5.91 17.26 43.62
CA GLY C 257 -6.27 17.98 42.42
C GLY C 257 -5.11 18.03 41.44
N VAL C 258 -5.29 18.80 40.38
CA VAL C 258 -4.30 18.96 39.33
C VAL C 258 -4.04 20.45 39.12
N VAL C 259 -2.77 20.82 39.08
CA VAL C 259 -2.35 22.20 38.84
C VAL C 259 -1.74 22.28 37.45
N PHE C 260 -2.22 23.21 36.64
CA PHE C 260 -1.81 23.30 35.24
C PHE C 260 -1.68 24.76 34.82
N VAL C 261 -1.19 24.96 33.59
CA VAL C 261 -1.05 26.26 32.97
C VAL C 261 -2.04 26.34 31.83
N GLY C 262 -2.87 27.38 31.83
CA GLY C 262 -3.90 27.56 30.82
C GLY C 262 -3.56 28.72 29.90
N TRP C 263 -3.70 28.46 28.60
CA TRP C 263 -3.46 29.45 27.56
C TRP C 263 -4.78 29.91 26.97
N TRP C 264 -4.90 31.20 26.73
CA TRP C 264 -6.13 31.80 26.20
C TRP C 264 -6.12 31.77 24.68
N HIS C 265 -7.21 31.28 24.10
CA HIS C 265 -7.33 31.16 22.65
C HIS C 265 -8.60 31.84 22.16
N GLU C 266 -8.93 33.00 22.71
CA GLU C 266 -10.10 33.75 22.30
C GLU C 266 -9.71 35.15 21.86
N PRO C 267 -10.11 35.59 20.66
CA PRO C 267 -10.92 34.86 19.68
C PRO C 267 -10.08 34.08 18.67
N PHE C 268 -8.77 34.30 18.61
CA PHE C 268 -7.89 33.63 17.66
C PHE C 268 -6.92 32.74 18.41
N ARG C 269 -6.21 31.91 17.64
CA ARG C 269 -5.14 31.06 18.14
C ARG C 269 -3.83 31.52 17.50
N LEU C 270 -3.12 32.40 18.20
CA LEU C 270 -1.84 32.88 17.69
C LEU C 270 -0.79 31.79 17.80
N GLY C 271 0.26 31.92 16.99
CA GLY C 271 1.32 30.93 17.00
C GLY C 271 2.01 30.89 18.35
N ILE C 272 2.44 29.70 18.75
CA ILE C 272 3.03 29.50 20.06
C ILE C 272 4.48 29.02 20.01
N ARG C 273 4.97 28.50 18.89
CA ARG C 273 6.35 28.08 18.81
C ARG C 273 7.28 29.29 18.76
N PHE C 274 8.36 29.23 19.52
CA PHE C 274 9.36 30.30 19.62
C PHE C 274 8.75 31.62 20.11
N CYS C 275 7.64 31.56 20.83
CA CYS C 275 6.97 32.75 21.32
C CYS C 275 6.59 32.54 22.78
N THR C 276 6.95 33.49 23.64
CA THR C 276 6.68 33.41 25.07
C THR C 276 5.97 34.66 25.56
N ASN C 277 5.03 35.17 24.76
CA ASN C 277 4.26 36.36 25.13
C ASN C 277 2.75 36.13 25.02
N ARG C 278 2.32 34.87 24.98
CA ARG C 278 0.90 34.57 24.89
C ARG C 278 0.27 34.63 26.27
N ARG C 279 -0.94 35.20 26.33
CA ARG C 279 -1.64 35.32 27.61
C ARG C 279 -1.91 33.95 28.19
N SER C 280 -1.63 33.81 29.49
CA SER C 280 -1.76 32.52 30.17
C SER C 280 -1.99 32.76 31.65
N ALA C 281 -2.25 31.69 32.37
CA ALA C 281 -2.45 31.76 33.81
C ALA C 281 -2.21 30.39 34.43
N LEU C 282 -2.18 30.36 35.76
CA LEU C 282 -1.96 29.14 36.53
C LEU C 282 -3.27 28.77 37.22
N TYR C 283 -3.76 27.55 36.98
CA TYR C 283 -5.05 27.12 37.48
C TYR C 283 -4.92 25.84 38.29
N TYR C 284 -5.86 25.64 39.20
CA TYR C 284 -5.95 24.43 40.01
C TYR C 284 -7.37 23.88 39.93
N VAL C 285 -7.49 22.59 39.62
CA VAL C 285 -8.79 21.95 39.40
C VAL C 285 -8.87 20.69 40.23
N ASP C 286 -9.94 20.56 41.01
CA ASP C 286 -10.15 19.36 41.82
C ASP C 286 -10.56 18.20 40.94
N LEU C 287 -10.20 16.98 41.38
CA LEU C 287 -10.50 15.78 40.60
C LEU C 287 -12.00 15.57 40.48
N THR C 288 -12.75 15.75 41.57
CA THR C 288 -14.19 15.55 41.58
C THR C 288 -14.88 16.86 41.95
N GLY C 289 -15.98 17.14 41.26
CA GLY C 289 -16.75 18.35 41.48
C GLY C 289 -16.49 19.46 40.49
N GLY C 290 -15.37 19.43 39.79
CA GLY C 290 -15.08 20.43 38.79
C GLY C 290 -14.76 21.81 39.33
N LYS C 291 -14.38 21.91 40.60
CA LYS C 291 -14.01 23.19 41.17
C LYS C 291 -12.71 23.71 40.55
N CYS C 292 -12.68 25.00 40.24
CA CYS C 292 -11.53 25.63 39.61
C CYS C 292 -11.12 26.84 40.42
N GLU C 293 -9.81 27.07 40.51
CA GLU C 293 -9.27 28.19 41.27
C GLU C 293 -8.09 28.79 40.51
N LEU C 294 -7.91 30.09 40.68
CA LEU C 294 -6.85 30.85 40.03
C LEU C 294 -5.74 31.15 41.03
N LEU C 295 -4.49 31.02 40.57
CA LEU C 295 -3.35 31.19 41.46
C LEU C 295 -2.40 32.31 41.06
N SER C 296 -2.60 32.96 39.92
CA SER C 296 -1.69 34.02 39.48
C SER C 296 -2.49 35.09 38.75
N ASP C 297 -1.80 36.13 38.30
CA ASP C 297 -2.44 37.20 37.55
C ASP C 297 -2.87 36.69 36.17
N GLU C 298 -3.97 37.23 35.67
CA GLU C 298 -4.57 36.78 34.43
C GLU C 298 -4.24 37.68 33.24
N SER C 299 -3.35 38.65 33.42
CA SER C 299 -3.02 39.60 32.36
C SER C 299 -1.54 39.57 31.99
N VAL C 300 -0.89 38.41 32.16
CA VAL C 300 0.53 38.28 31.86
C VAL C 300 0.82 36.80 31.67
N ALA C 301 1.85 36.51 30.89
CA ALA C 301 2.24 35.14 30.62
C ALA C 301 2.95 34.53 31.82
N VAL C 302 2.55 33.31 32.18
CA VAL C 302 3.18 32.55 33.25
C VAL C 302 3.44 31.13 32.75
N THR C 303 4.62 30.59 33.05
CA THR C 303 5.01 29.31 32.50
C THR C 303 5.94 28.58 33.46
N SER C 304 6.19 27.31 33.15
CA SER C 304 7.15 26.43 33.80
C SER C 304 6.97 26.38 35.31
N PRO C 305 5.88 25.79 35.81
CA PRO C 305 5.73 25.62 37.26
C PRO C 305 6.33 24.31 37.75
N ARG C 306 7.00 24.39 38.90
CA ARG C 306 7.63 23.23 39.52
C ARG C 306 7.27 23.18 40.99
N LEU C 307 7.29 21.98 41.56
CA LEU C 307 6.91 21.74 42.95
C LEU C 307 8.13 21.31 43.76
N SER C 308 8.23 21.83 44.98
CA SER C 308 9.36 21.51 45.84
C SER C 308 9.23 20.10 46.40
N PRO C 309 10.36 19.44 46.69
CA PRO C 309 10.28 18.11 47.33
C PRO C 309 9.57 18.13 48.68
N ASP C 310 9.64 19.24 49.42
CA ASP C 310 8.87 19.36 50.65
C ASP C 310 7.38 19.50 50.39
N GLN C 311 6.98 19.73 49.14
CA GLN C 311 5.57 19.86 48.76
C GLN C 311 4.89 21.01 49.48
N CYS C 312 5.56 22.17 49.50
CA CYS C 312 5.03 23.33 50.18
C CYS C 312 5.18 24.63 49.40
N ARG C 313 5.76 24.62 48.21
CA ARG C 313 5.92 25.85 47.44
C ARG C 313 6.01 25.50 45.95
N ILE C 314 5.70 26.49 45.13
CA ILE C 314 5.74 26.36 43.67
C ILE C 314 6.52 27.54 43.11
N VAL C 315 7.30 27.31 42.08
CA VAL C 315 8.10 28.34 41.44
C VAL C 315 7.82 28.33 39.94
N TYR C 316 7.66 29.52 39.36
CA TYR C 316 7.37 29.63 37.93
C TYR C 316 8.01 30.89 37.37
N LEU C 317 7.87 31.08 36.06
CA LEU C 317 8.41 32.25 35.37
C LEU C 317 7.27 33.12 34.88
N ARG C 318 7.37 34.41 35.13
CA ARG C 318 6.35 35.37 34.72
C ARG C 318 6.97 36.42 33.80
N PHE C 319 6.26 36.74 32.72
CA PHE C 319 6.74 37.69 31.72
C PHE C 319 5.93 38.97 31.79
N PRO C 320 6.55 40.13 32.00
CA PRO C 320 5.76 41.35 32.23
C PRO C 320 5.11 41.90 30.98
N SER C 321 5.82 41.96 29.86
CA SER C 321 5.33 42.58 28.64
C SER C 321 4.91 41.52 27.64
N LEU C 322 4.10 41.94 26.67
CA LEU C 322 3.59 41.06 25.63
C LEU C 322 4.03 41.46 24.24
N VAL C 323 4.82 42.51 24.09
CA VAL C 323 5.19 43.02 22.77
C VAL C 323 6.24 42.13 22.11
N PRO C 324 7.41 41.90 22.69
CA PRO C 324 8.41 41.09 22.01
C PRO C 324 8.20 39.60 22.24
N HIS C 325 8.61 38.82 21.25
CA HIS C 325 8.39 37.37 21.31
C HIS C 325 9.35 36.66 22.27
N GLN C 326 10.44 37.31 22.67
CA GLN C 326 11.34 36.77 23.67
C GLN C 326 11.89 37.92 24.50
N GLN C 327 11.79 37.79 25.82
CA GLN C 327 12.19 38.87 26.72
C GLN C 327 12.80 38.26 27.97
N CYS C 328 13.03 39.11 28.97
CA CYS C 328 13.60 38.69 30.25
C CYS C 328 12.47 38.56 31.27
N GLY C 329 12.27 37.35 31.79
CA GLY C 329 11.23 37.10 32.75
C GLY C 329 11.71 37.23 34.18
N GLN C 330 10.78 37.00 35.11
CA GLN C 330 11.09 37.05 36.54
C GLN C 330 10.63 35.75 37.20
N LEU C 331 11.41 35.30 38.18
CA LEU C 331 11.13 34.05 38.87
C LEU C 331 10.21 34.34 40.05
N CYS C 332 8.98 33.83 40.01
CA CYS C 332 7.99 34.06 41.04
C CYS C 332 7.76 32.79 41.86
N LEU C 333 7.45 32.99 43.13
CA LEU C 333 7.25 31.91 44.08
C LEU C 333 5.88 32.04 44.75
N TYR C 334 5.21 30.91 44.95
CA TYR C 334 3.88 30.85 45.53
C TYR C 334 3.88 29.82 46.66
N ASP C 335 3.38 30.21 47.81
CA ASP C 335 3.32 29.32 48.97
C ASP C 335 1.97 28.62 49.01
N TRP C 336 2.01 27.28 49.14
CA TRP C 336 0.78 26.50 49.06
C TRP C 336 -0.08 26.71 50.31
N TYR C 337 0.53 26.80 51.48
CA TYR C 337 -0.22 26.92 52.72
C TYR C 337 -0.56 28.37 53.05
N THR C 338 0.45 29.25 53.04
CA THR C 338 0.21 30.65 53.37
C THR C 338 -0.56 31.39 52.29
N ARG C 339 -0.62 30.84 51.08
CA ARG C 339 -1.33 31.46 49.95
C ARG C 339 -0.82 32.87 49.68
N VAL C 340 0.49 33.00 49.53
CA VAL C 340 1.14 34.27 49.26
C VAL C 340 2.06 34.12 48.07
N THR C 341 2.32 35.24 47.39
CA THR C 341 3.16 35.26 46.21
C THR C 341 4.29 36.27 46.41
N SER C 342 5.43 35.98 45.80
CA SER C 342 6.60 36.84 45.92
C SER C 342 7.45 36.72 44.66
N VAL C 343 8.36 37.66 44.49
CA VAL C 343 9.27 37.70 43.34
C VAL C 343 10.66 37.39 43.85
N VAL C 344 11.15 36.18 43.58
CA VAL C 344 12.49 35.80 44.00
C VAL C 344 13.53 36.56 43.20
N VAL C 345 13.35 36.67 41.89
CA VAL C 345 14.25 37.40 41.02
C VAL C 345 13.42 38.38 40.18
N ASP C 346 14.08 39.44 39.73
CA ASP C 346 13.43 40.49 38.97
C ASP C 346 14.18 40.73 37.68
N ILE C 347 13.62 41.61 36.85
CA ILE C 347 14.20 41.90 35.54
C ILE C 347 15.41 42.81 35.71
N VAL C 348 16.55 42.38 35.18
CA VAL C 348 17.77 43.16 35.22
C VAL C 348 17.76 44.13 34.05
N PRO C 349 17.80 45.45 34.30
CA PRO C 349 17.77 46.40 33.19
C PRO C 349 18.97 46.29 32.27
N ARG C 350 20.18 46.43 32.83
CA ARG C 350 21.40 46.28 32.04
C ARG C 350 22.24 45.10 32.52
N GLN C 351 22.62 45.07 33.79
CA GLN C 351 23.41 43.98 34.35
C GLN C 351 23.44 44.05 35.87
N LEU C 352 23.07 42.97 36.54
CA LEU C 352 23.11 42.89 38.00
C LEU C 352 24.41 42.19 38.39
N GLY C 353 25.49 42.96 38.47
CA GLY C 353 26.80 42.39 38.72
C GLY C 353 27.49 41.98 37.43
N GLU C 354 28.69 41.44 37.59
CA GLU C 354 29.50 41.01 36.46
C GLU C 354 29.26 39.55 36.09
N ASP C 355 28.22 38.92 36.63
CA ASP C 355 27.94 37.52 36.37
C ASP C 355 26.51 37.22 35.97
N PHE C 356 25.57 38.14 36.17
CA PHE C 356 24.16 37.91 35.87
C PHE C 356 23.65 39.00 34.92
N SER C 357 22.75 38.61 34.02
CA SER C 357 22.10 39.55 33.13
C SER C 357 20.61 39.31 32.95
N GLY C 358 20.05 38.28 33.58
CA GLY C 358 18.63 38.00 33.49
C GLY C 358 18.36 36.55 33.16
N ILE C 359 17.10 36.18 33.32
CA ILE C 359 16.61 34.83 33.03
C ILE C 359 16.00 34.83 31.64
N TYR C 360 16.56 34.01 30.75
CA TYR C 360 16.13 33.95 29.37
C TYR C 360 15.74 32.55 28.92
N CYS C 361 15.54 31.63 29.85
CA CYS C 361 15.16 30.26 29.51
C CYS C 361 13.64 30.14 29.43
N SER C 362 13.16 29.50 28.38
CA SER C 362 11.72 29.33 28.21
C SER C 362 11.14 28.29 29.16
N LEU C 363 11.88 27.21 29.38
CA LEU C 363 11.43 26.11 30.24
C LEU C 363 12.49 25.82 31.28
N LEU C 364 12.07 25.73 32.54
CA LEU C 364 12.96 25.29 33.60
C LEU C 364 13.17 23.78 33.50
N PRO C 365 14.28 23.27 34.05
CA PRO C 365 14.52 21.83 34.02
C PRO C 365 13.43 21.07 34.76
N LEU C 366 13.20 19.82 34.35
CA LEU C 366 12.19 19.01 34.99
C LEU C 366 12.48 18.83 36.48
N GLY C 367 13.74 18.59 36.83
CA GLY C 367 14.17 18.65 38.21
C GLY C 367 15.06 19.85 38.42
N CYS C 368 14.63 20.79 39.27
CA CYS C 368 15.39 22.02 39.49
C CYS C 368 15.55 22.38 40.96
N TRP C 369 14.79 21.79 41.87
CA TRP C 369 14.91 22.12 43.28
C TRP C 369 16.12 21.41 43.88
N SER C 370 16.34 21.66 45.17
CA SER C 370 17.42 21.02 45.92
C SER C 370 16.81 20.19 47.05
N ALA C 371 17.68 19.43 47.72
CA ALA C 371 17.22 18.58 48.82
C ALA C 371 16.62 19.42 49.95
N ASP C 372 17.25 20.56 50.25
CA ASP C 372 16.77 21.44 51.31
C ASP C 372 15.48 22.16 50.94
N SER C 373 15.05 22.08 49.68
CA SER C 373 13.83 22.73 49.20
C SER C 373 13.88 24.23 49.43
N GLN C 374 15.06 24.82 49.24
CA GLN C 374 15.23 26.25 49.41
C GLN C 374 16.05 26.90 48.30
N ARG C 375 16.59 26.12 47.37
CA ARG C 375 17.41 26.65 46.30
C ARG C 375 16.94 26.08 44.96
N VAL C 376 17.11 26.87 43.90
CA VAL C 376 16.72 26.48 42.56
C VAL C 376 17.90 26.70 41.62
N VAL C 377 18.24 25.69 40.84
CA VAL C 377 19.36 25.74 39.91
C VAL C 377 18.80 25.73 38.49
N PHE C 378 19.26 26.69 37.67
CA PHE C 378 18.84 26.76 36.28
C PHE C 378 20.06 27.11 35.43
N ASP C 379 19.85 27.20 34.12
CA ASP C 379 20.88 27.57 33.16
C ASP C 379 20.36 28.69 32.29
N SER C 380 21.14 29.75 32.15
CA SER C 380 20.73 30.92 31.39
C SER C 380 21.88 31.46 30.57
N PRO C 381 21.59 32.12 29.45
CA PRO C 381 22.65 32.79 28.70
C PRO C 381 23.15 34.03 29.44
N GLN C 382 24.39 34.38 29.17
CA GLN C 382 25.03 35.56 29.74
C GLN C 382 26.04 36.06 28.73
N ARG C 383 25.86 37.29 28.25
CA ARG C 383 26.69 37.85 27.19
C ARG C 383 26.71 36.91 26.00
N SER C 384 27.89 36.39 25.66
CA SER C 384 28.05 35.48 24.54
C SER C 384 28.37 34.06 25.00
N ARG C 385 27.83 33.64 26.14
CA ARG C 385 28.03 32.28 26.63
C ARG C 385 26.78 31.83 27.38
N GLN C 386 26.83 30.62 27.92
CA GLN C 386 25.74 30.07 28.72
C GLN C 386 26.31 29.58 30.04
N ASP C 387 25.60 29.86 31.14
CA ASP C 387 26.11 29.56 32.47
C ASP C 387 25.01 28.93 33.31
N LEU C 388 25.42 28.38 34.45
CA LEU C 388 24.52 27.79 35.44
C LEU C 388 24.45 28.68 36.66
N PHE C 389 23.23 28.89 37.16
CA PHE C 389 23.00 29.78 38.28
C PHE C 389 22.18 29.08 39.35
N ALA C 390 22.45 29.44 40.61
CA ALA C 390 21.71 28.95 41.76
C ALA C 390 21.11 30.13 42.50
N VAL C 391 19.81 30.08 42.75
CA VAL C 391 19.06 31.19 43.34
C VAL C 391 18.40 30.70 44.61
N ASP C 392 18.54 31.47 45.69
CA ASP C 392 17.87 31.19 46.95
C ASP C 392 16.48 31.81 46.95
N THR C 393 15.51 31.06 47.44
CA THR C 393 14.12 31.52 47.45
C THR C 393 13.76 32.31 48.70
N GLN C 394 14.71 32.53 49.61
CA GLN C 394 14.48 33.33 50.80
C GLN C 394 15.28 34.62 50.78
N MET C 395 16.60 34.53 50.61
CA MET C 395 17.43 35.74 50.54
C MET C 395 17.22 36.46 49.22
N GLY C 396 17.21 35.73 48.10
CA GLY C 396 17.04 36.31 46.79
C GLY C 396 18.32 36.48 45.99
N SER C 397 19.46 36.04 46.52
CA SER C 397 20.72 36.18 45.81
C SER C 397 20.87 35.10 44.74
N VAL C 398 21.59 35.45 43.68
CA VAL C 398 21.87 34.54 42.57
C VAL C 398 23.37 34.39 42.44
N THR C 399 23.85 33.14 42.48
CA THR C 399 25.27 32.84 42.42
C THR C 399 25.56 32.00 41.19
N SER C 400 26.62 32.37 40.46
CA SER C 400 27.01 31.66 39.25
C SER C 400 28.01 30.56 39.60
N LEU C 401 27.63 29.30 39.34
CA LEU C 401 28.51 28.19 39.64
C LEU C 401 29.64 28.05 38.62
N THR C 402 29.39 28.39 37.36
CA THR C 402 30.38 28.25 36.30
C THR C 402 31.02 29.59 35.94
N ALA C 403 31.07 30.52 36.89
CA ALA C 403 31.65 31.84 36.63
C ALA C 403 33.14 31.73 36.40
N GLY C 404 33.68 32.70 35.66
CA GLY C 404 35.08 32.69 35.32
C GLY C 404 35.40 31.78 34.15
N GLY C 405 36.68 31.64 33.88
CA GLY C 405 37.14 30.81 32.78
C GLY C 405 37.21 31.57 31.47
N SER C 406 37.48 30.81 30.42
CA SER C 406 37.61 31.39 29.08
C SER C 406 36.32 31.37 28.28
N GLY C 407 35.40 30.46 28.60
CA GLY C 407 34.15 30.38 27.87
C GLY C 407 33.54 29.00 27.99
N GLY C 408 32.64 28.71 27.07
CA GLY C 408 31.97 27.42 27.04
C GLY C 408 30.47 27.55 27.36
N SER C 409 29.74 26.51 27.00
CA SER C 409 28.31 26.43 27.21
C SER C 409 27.98 25.25 28.10
N TRP C 410 27.24 25.51 29.18
CA TRP C 410 26.83 24.50 30.14
C TRP C 410 25.32 24.36 30.12
N LYS C 411 24.85 23.11 30.19
CA LYS C 411 23.42 22.83 30.23
C LYS C 411 23.14 21.84 31.34
N LEU C 412 22.10 22.10 32.13
CA LEU C 412 21.71 21.23 33.22
C LEU C 412 20.63 20.26 32.77
N LEU C 413 20.85 18.97 32.98
CA LEU C 413 19.86 17.97 32.58
C LEU C 413 18.95 17.55 33.73
N THR C 414 19.51 17.32 34.91
CA THR C 414 18.69 16.97 36.07
C THR C 414 19.48 17.23 37.34
N ILE C 415 18.75 17.32 38.45
CA ILE C 415 19.34 17.41 39.79
C ILE C 415 18.45 16.66 40.77
N ASP C 416 19.00 15.62 41.39
CA ASP C 416 18.26 14.84 42.37
C ASP C 416 19.17 14.55 43.55
N ARG C 417 18.70 14.87 44.76
CA ARG C 417 19.46 14.67 45.99
C ARG C 417 20.83 15.33 45.90
N ASP C 418 20.84 16.57 45.42
CA ASP C 418 22.04 17.40 45.32
C ASP C 418 23.09 16.82 44.39
N LEU C 419 22.68 16.00 43.43
CA LEU C 419 23.57 15.46 42.40
C LEU C 419 23.14 16.02 41.05
N MET C 420 24.06 16.71 40.36
CA MET C 420 23.74 17.44 39.15
C MET C 420 24.41 16.79 37.95
N VAL C 421 23.64 16.61 36.87
CA VAL C 421 24.15 16.08 35.60
C VAL C 421 24.19 17.23 34.60
N VAL C 422 25.33 17.40 33.95
CA VAL C 422 25.61 18.60 33.16
C VAL C 422 26.23 18.19 31.83
N GLN C 423 25.85 18.89 30.77
CA GLN C 423 26.48 18.75 29.47
C GLN C 423 27.30 20.00 29.17
N PHE C 424 28.56 19.81 28.78
CA PHE C 424 29.48 20.91 28.51
C PHE C 424 29.92 20.85 27.06
N SER C 425 29.80 21.98 26.36
CA SER C 425 30.20 22.04 24.96
C SER C 425 30.94 23.35 24.69
N THR C 426 31.87 23.30 23.74
CA THR C 426 32.61 24.46 23.29
C THR C 426 32.77 24.37 21.78
N PRO C 427 32.92 25.50 21.09
CA PRO C 427 33.02 25.48 19.62
C PRO C 427 34.08 24.55 19.06
N SER C 428 35.07 24.17 19.85
CA SER C 428 36.17 23.33 19.38
C SER C 428 36.16 21.93 19.99
N VAL C 429 35.05 21.51 20.62
CA VAL C 429 34.96 20.17 21.18
C VAL C 429 33.50 19.75 21.28
N PRO C 430 33.14 18.55 20.82
CA PRO C 430 31.75 18.10 20.91
C PRO C 430 31.30 17.97 22.36
N PRO C 431 29.99 17.91 22.61
CA PRO C 431 29.51 17.91 23.99
C PRO C 431 30.00 16.73 24.80
N SER C 432 30.19 16.95 26.10
CA SER C 432 30.68 15.95 27.03
C SER C 432 29.81 15.96 28.28
N LEU C 433 29.79 14.83 28.96
CA LEU C 433 28.93 14.62 30.12
C LEU C 433 29.73 14.77 31.41
N LYS C 434 29.10 15.34 32.44
CA LYS C 434 29.76 15.56 33.71
C LYS C 434 28.75 15.42 34.84
N VAL C 435 29.25 15.05 36.02
CA VAL C 435 28.44 14.87 37.22
C VAL C 435 29.09 15.61 38.36
N GLY C 436 28.31 16.40 39.10
CA GLY C 436 28.84 17.17 40.21
C GLY C 436 27.92 17.11 41.41
N PHE C 437 28.46 17.58 42.54
CA PHE C 437 27.72 17.65 43.80
C PHE C 437 27.54 19.11 44.20
N LEU C 438 26.34 19.46 44.64
CA LEU C 438 26.04 20.83 45.02
C LEU C 438 26.51 21.08 46.45
N PRO C 439 27.46 21.99 46.67
CA PRO C 439 27.93 22.26 48.04
C PRO C 439 26.88 23.06 48.81
N PRO C 440 26.98 23.09 50.14
CA PRO C 440 25.99 23.83 50.93
C PRO C 440 26.03 25.31 50.64
N ALA C 441 25.06 26.02 51.23
CA ALA C 441 24.87 27.44 50.93
C ALA C 441 26.09 28.26 51.36
N GLY C 442 26.42 29.26 50.55
CA GLY C 442 27.53 30.14 50.84
C GLY C 442 28.85 29.74 50.22
N LYS C 443 28.96 28.55 49.65
CA LYS C 443 30.18 28.08 49.02
C LYS C 443 29.88 27.37 47.71
N GLU C 444 28.90 27.89 46.96
CA GLU C 444 28.45 27.20 45.76
C GLU C 444 29.49 27.24 44.63
N GLN C 445 30.34 28.27 44.61
CA GLN C 445 31.29 28.42 43.52
C GLN C 445 32.41 27.39 43.55
N ALA C 446 32.58 26.67 44.65
CA ALA C 446 33.64 25.67 44.77
C ALA C 446 33.07 24.27 44.49
N VAL C 447 32.67 24.07 43.24
CA VAL C 447 32.05 22.84 42.79
C VAL C 447 33.04 22.09 41.90
N SER C 448 33.20 20.80 42.15
CA SER C 448 34.12 19.96 41.41
C SER C 448 33.34 19.00 40.50
N TRP C 449 33.83 18.82 39.29
CA TRP C 449 33.17 18.00 38.28
C TRP C 449 33.95 16.71 38.05
N VAL C 450 33.21 15.65 37.69
CA VAL C 450 33.78 14.37 37.31
C VAL C 450 33.30 14.04 35.90
N SER C 451 34.23 13.72 35.01
CA SER C 451 33.92 13.52 33.60
C SER C 451 33.49 12.09 33.36
N LEU C 452 32.18 11.88 33.18
CA LEU C 452 31.68 10.55 32.84
C LEU C 452 32.04 10.16 31.42
N GLU C 453 31.84 11.08 30.47
CA GLU C 453 32.13 10.82 29.06
C GLU C 453 32.73 12.07 28.45
N GLU C 454 33.92 11.94 27.88
CA GLU C 454 34.63 13.05 27.27
C GLU C 454 34.89 12.76 25.80
N ALA C 455 34.68 13.76 24.95
CA ALA C 455 34.86 13.62 23.52
C ALA C 455 36.16 14.27 23.08
N GLU C 456 36.83 13.66 22.10
CA GLU C 456 38.09 14.19 21.62
C GLU C 456 37.86 15.55 20.97
N PRO C 457 38.74 16.52 21.21
CA PRO C 457 38.54 17.87 20.66
C PRO C 457 39.22 18.03 19.30
N PHE C 458 38.87 19.13 18.63
CA PHE C 458 39.47 19.49 17.36
C PHE C 458 40.43 20.63 17.59
N PRO C 459 41.75 20.41 17.54
CA PRO C 459 42.71 21.48 17.82
C PRO C 459 43.01 22.39 16.64
N ASP C 460 42.23 22.33 15.56
CA ASP C 460 42.44 23.16 14.38
C ASP C 460 41.48 24.33 14.31
N ILE C 461 40.77 24.63 15.40
CA ILE C 461 39.80 25.71 15.44
C ILE C 461 40.11 26.59 16.65
N SER C 462 40.26 27.89 16.43
CA SER C 462 40.49 28.87 17.48
C SER C 462 39.36 29.88 17.48
N TRP C 463 38.79 30.13 18.65
CA TRP C 463 37.64 31.01 18.78
C TRP C 463 37.92 32.11 19.78
N SER C 464 37.31 33.27 19.55
CA SER C 464 37.48 34.44 20.40
C SER C 464 36.20 35.25 20.39
N ILE C 465 36.06 36.13 21.38
CA ILE C 465 34.89 36.99 21.53
C ILE C 465 35.34 38.44 21.46
N ARG C 466 34.69 39.22 20.60
CA ARG C 466 35.01 40.62 20.40
C ARG C 466 33.87 41.49 20.86
N VAL C 467 34.19 42.58 21.56
CA VAL C 467 33.21 43.53 22.07
C VAL C 467 33.26 44.79 21.21
N LEU C 468 32.09 45.24 20.76
CA LEU C 468 31.99 46.36 19.85
C LEU C 468 31.08 47.44 20.43
N GLN C 469 31.50 48.69 20.28
CA GLN C 469 30.75 49.84 20.74
C GLN C 469 30.28 50.67 19.56
N PRO C 470 28.97 50.94 19.45
CA PRO C 470 28.48 51.69 18.30
C PRO C 470 28.92 53.15 18.38
N PRO C 471 29.17 53.80 17.22
CA PRO C 471 29.51 55.22 17.14
C PRO C 471 28.56 56.11 17.92
N GLN C 473 26.15 58.79 16.81
CA GLN C 473 25.22 58.95 15.70
C GLN C 473 24.25 57.78 15.64
N GLN C 474 24.79 56.56 15.66
CA GLN C 474 23.96 55.36 15.57
C GLN C 474 23.25 55.04 16.88
N GLU C 475 23.69 55.62 18.00
CA GLU C 475 23.06 55.36 19.28
C GLU C 475 21.79 56.18 19.44
N HIS C 476 20.77 55.58 20.03
CA HIS C 476 19.52 56.26 20.28
C HIS C 476 19.63 57.13 21.53
N VAL C 477 18.55 57.83 21.87
CA VAL C 477 18.55 58.71 23.02
C VAL C 477 18.04 58.01 24.28
N GLN C 478 17.00 57.18 24.14
CA GLN C 478 16.44 56.52 25.31
C GLN C 478 17.39 55.46 25.86
N TYR C 479 18.10 54.76 24.98
CA TYR C 479 19.01 53.68 25.36
C TYR C 479 20.39 53.99 24.80
N ALA C 480 21.29 54.47 25.64
CA ALA C 480 22.65 54.83 25.24
C ALA C 480 23.66 54.05 26.05
N GLY C 481 24.81 53.80 25.45
CA GLY C 481 25.88 53.08 26.10
C GLY C 481 25.87 51.57 25.91
N LEU C 482 24.87 51.03 25.24
CA LEU C 482 24.81 49.58 25.02
C LEU C 482 25.89 49.15 24.04
N ASP C 483 26.44 47.96 24.27
CA ASP C 483 27.44 47.36 23.40
C ASP C 483 27.03 45.94 23.07
N PHE C 484 27.50 45.46 21.92
CA PHE C 484 27.20 44.11 21.46
C PHE C 484 28.51 43.35 21.25
N GLU C 485 28.39 42.09 20.82
CA GLU C 485 29.53 41.20 20.74
C GLU C 485 29.44 40.35 19.47
N ALA C 486 30.57 39.73 19.12
CA ALA C 486 30.66 38.87 17.96
C ALA C 486 31.68 37.77 18.21
N ILE C 487 31.34 36.55 17.79
CA ILE C 487 32.21 35.39 17.96
C ILE C 487 32.97 35.16 16.66
N LEU C 488 34.29 35.02 16.74
CA LEU C 488 35.15 34.86 15.59
C LEU C 488 35.87 33.52 15.65
N LEU C 489 35.74 32.73 14.60
CA LEU C 489 36.42 31.44 14.47
C LEU C 489 37.43 31.53 13.34
N GLN C 490 38.68 31.15 13.61
CA GLN C 490 39.74 31.22 12.62
C GLN C 490 40.61 29.98 12.75
N PRO C 491 41.30 29.59 11.67
CA PRO C 491 42.23 28.47 11.76
C PRO C 491 43.36 28.75 12.73
N SER C 492 43.83 27.68 13.38
CA SER C 492 44.91 27.80 14.36
C SER C 492 46.26 27.49 13.73
N GLN C 499 44.57 36.80 3.44
CA GLN C 499 44.28 35.86 2.37
C GLN C 499 43.24 34.84 2.80
N VAL C 500 42.56 35.12 3.90
CA VAL C 500 41.57 34.23 4.50
C VAL C 500 40.19 34.80 4.24
N PRO C 501 39.34 34.12 3.48
CA PRO C 501 37.96 34.60 3.30
C PRO C 501 37.16 34.46 4.58
N MET C 502 36.12 35.28 4.69
CA MET C 502 35.26 35.30 5.87
C MET C 502 33.82 35.04 5.49
N VAL C 503 33.07 34.46 6.43
CA VAL C 503 31.64 34.24 6.29
C VAL C 503 30.96 34.89 7.49
N VAL C 504 29.99 35.77 7.22
CA VAL C 504 29.29 36.52 8.25
C VAL C 504 27.91 35.90 8.43
N MET C 505 27.56 35.59 9.68
CA MET C 505 26.28 34.95 10.00
C MET C 505 25.57 35.70 11.11
N PRO C 506 24.50 36.42 10.80
CA PRO C 506 23.64 36.96 11.86
C PRO C 506 22.57 35.97 12.28
N HIS C 507 22.18 36.07 13.55
CA HIS C 507 21.19 35.14 14.09
C HIS C 507 19.79 35.58 13.73
N GLY C 508 18.86 34.63 13.79
CA GLY C 508 17.45 34.92 13.56
C GLY C 508 16.82 35.58 14.76
N GLY C 509 15.54 35.34 15.00
CA GLY C 509 14.86 35.92 16.12
C GLY C 509 13.87 37.00 15.75
N PRO C 510 14.26 38.28 15.93
CA PRO C 510 15.59 38.77 16.26
C PRO C 510 15.91 38.75 17.76
N HIS C 511 15.02 38.24 18.60
CA HIS C 511 15.28 38.15 20.03
C HIS C 511 15.84 36.78 20.39
N SER C 512 16.95 36.43 19.72
CA SER C 512 17.70 35.23 20.03
C SER C 512 19.16 35.58 20.16
N SER C 513 20.04 34.59 20.31
CA SER C 513 21.46 34.89 20.48
C SER C 513 22.30 33.69 20.10
N PHE C 514 23.55 33.97 19.76
CA PHE C 514 24.56 32.94 19.57
C PHE C 514 25.32 32.74 20.88
N VAL C 515 25.65 31.48 21.18
CA VAL C 515 26.42 31.13 22.36
C VAL C 515 27.58 30.25 21.95
N THR C 516 28.62 30.25 22.78
CA THR C 516 29.83 29.47 22.49
C THR C 516 29.56 28.01 22.81
N ALA C 517 28.90 27.33 21.86
CA ALA C 517 28.61 25.91 21.95
C ALA C 517 29.08 25.23 20.68
N TRP C 518 28.86 23.92 20.61
CA TRP C 518 29.27 23.14 19.45
C TRP C 518 28.27 23.34 18.32
N MET C 519 28.67 24.09 17.29
CA MET C 519 27.85 24.31 16.10
C MET C 519 28.51 23.60 14.94
N LEU C 520 27.75 22.71 14.27
CA LEU C 520 28.32 21.87 13.23
C LEU C 520 28.76 22.68 12.01
N PHE C 521 27.86 23.54 11.50
CA PHE C 521 28.16 24.24 10.25
C PHE C 521 29.32 25.21 10.38
N PRO C 522 29.38 26.09 11.40
CA PRO C 522 30.58 26.94 11.54
C PRO C 522 31.86 26.13 11.69
N ALA C 523 31.81 25.01 12.40
CA ALA C 523 32.99 24.17 12.56
C ALA C 523 33.45 23.61 11.23
N MET C 524 32.52 23.13 10.41
CA MET C 524 32.92 22.54 9.13
C MET C 524 33.38 23.61 8.16
N LEU C 525 32.76 24.80 8.21
CA LEU C 525 33.25 25.91 7.38
C LEU C 525 34.66 26.31 7.77
N CYS C 526 34.96 26.35 9.07
CA CYS C 526 36.33 26.66 9.51
C CYS C 526 37.29 25.56 9.10
N LYS C 527 36.86 24.31 9.15
CA LYS C 527 37.70 23.21 8.68
C LYS C 527 37.97 23.31 7.18
N MET C 528 37.02 23.82 6.41
CA MET C 528 37.24 24.02 4.98
C MET C 528 38.26 25.12 4.72
N GLY C 529 38.33 26.13 5.60
CA GLY C 529 39.27 27.20 5.44
C GLY C 529 38.66 28.58 5.47
N PHE C 530 37.45 28.69 5.99
CA PHE C 530 36.71 29.95 6.06
C PHE C 530 36.68 30.46 7.48
N ALA C 531 37.13 31.69 7.68
CA ALA C 531 36.92 32.35 8.97
C ALA C 531 35.45 32.69 9.12
N VAL C 532 34.89 32.40 10.29
CA VAL C 532 33.46 32.56 10.54
C VAL C 532 33.26 33.60 11.62
N LEU C 533 32.32 34.52 11.40
CA LEU C 533 32.00 35.59 12.35
C LEU C 533 30.50 35.56 12.62
N LEU C 534 30.13 35.20 13.84
CA LEU C 534 28.73 35.19 14.26
C LEU C 534 28.46 36.47 15.07
N VAL C 535 27.50 37.26 14.61
CA VAL C 535 27.24 38.58 15.16
C VAL C 535 26.00 38.53 16.04
N ASN C 536 26.11 39.11 17.23
CA ASN C 536 24.98 39.27 18.15
C ASN C 536 24.70 40.76 18.24
N TYR C 537 23.89 41.26 17.31
CA TYR C 537 23.60 42.68 17.23
C TYR C 537 22.74 43.12 18.41
N ARG C 538 22.53 44.44 18.50
CA ARG C 538 21.67 44.99 19.55
C ARG C 538 20.25 44.46 19.37
N GLY C 539 19.65 44.01 20.47
CA GLY C 539 18.37 43.35 20.43
C GLY C 539 18.42 41.86 20.70
N SER C 540 19.60 41.30 20.92
CA SER C 540 19.74 39.89 21.20
C SER C 540 19.40 39.60 22.67
N THR C 541 19.47 38.33 23.05
CA THR C 541 19.21 37.91 24.41
C THR C 541 20.51 37.72 25.18
N GLY C 542 20.45 37.92 26.49
CA GLY C 542 21.61 37.81 27.34
C GLY C 542 22.33 39.11 27.61
N PHE C 543 21.72 40.26 27.26
CA PHE C 543 22.36 41.56 27.45
C PHE C 543 21.50 42.53 28.23
N GLY C 544 20.44 42.06 28.88
CA GLY C 544 19.55 42.93 29.64
C GLY C 544 18.27 43.25 28.88
N GLN C 545 17.30 43.76 29.64
CA GLN C 545 16.00 44.07 29.06
C GLN C 545 16.07 45.29 28.13
N ASP C 546 16.96 46.24 28.42
CA ASP C 546 17.05 47.44 27.60
C ASP C 546 17.50 47.09 26.18
N SER C 547 18.44 46.15 26.05
CA SER C 547 18.90 45.76 24.73
C SER C 547 17.77 45.15 23.91
N ILE C 548 16.95 44.32 24.54
CA ILE C 548 15.80 43.74 23.84
C ILE C 548 14.80 44.82 23.46
N LEU C 549 14.51 45.75 24.38
CA LEU C 549 13.48 46.74 24.14
C LEU C 549 13.91 47.82 23.15
N SER C 550 15.21 47.97 22.91
CA SER C 550 15.66 49.00 21.97
C SER C 550 15.29 48.64 20.53
N LEU C 551 15.34 47.36 20.18
CA LEU C 551 15.16 46.95 18.79
C LEU C 551 13.79 47.26 18.20
N PRO C 552 12.67 46.97 18.87
CA PRO C 552 11.36 47.16 18.22
C PRO C 552 11.15 48.59 17.75
N GLY C 553 10.56 48.73 16.56
CA GLY C 553 10.34 50.01 15.95
C GLY C 553 11.47 50.52 15.09
N ASN C 554 12.63 49.85 15.11
CA ASN C 554 13.79 50.27 14.33
C ASN C 554 14.39 49.12 13.53
N VAL C 555 13.60 48.09 13.25
CA VAL C 555 14.10 46.90 12.56
C VAL C 555 14.27 47.25 11.09
N GLY C 556 15.51 47.28 10.62
CA GLY C 556 15.77 47.57 9.22
C GLY C 556 16.82 48.63 9.01
N HIS C 557 17.00 49.51 10.00
CA HIS C 557 17.97 50.58 9.91
C HIS C 557 18.95 50.63 11.07
N GLN C 558 18.78 49.77 12.08
CA GLN C 558 19.68 49.75 13.23
C GLN C 558 20.53 48.50 13.32
N ASP C 559 19.95 47.31 13.10
CA ASP C 559 20.73 46.08 13.16
C ASP C 559 21.63 45.93 11.95
N VAL C 560 21.18 46.40 10.79
CA VAL C 560 22.01 46.34 9.59
C VAL C 560 23.30 47.14 9.79
N LYS C 561 23.17 48.35 10.34
CA LYS C 561 24.34 49.16 10.61
C LYS C 561 25.25 48.49 11.63
N ASP C 562 24.67 47.82 12.63
CA ASP C 562 25.49 47.13 13.62
C ASP C 562 26.29 46.00 12.98
N VAL C 563 25.66 45.20 12.12
CA VAL C 563 26.37 44.12 11.46
C VAL C 563 27.46 44.66 10.54
N GLN C 564 27.15 45.73 9.80
CA GLN C 564 28.15 46.33 8.92
C GLN C 564 29.33 46.88 9.70
N PHE C 565 29.07 47.52 10.84
CA PHE C 565 30.14 48.04 11.67
C PHE C 565 31.00 46.91 12.22
N ALA C 566 30.38 45.82 12.66
CA ALA C 566 31.15 44.68 13.14
C ALA C 566 32.04 44.12 12.05
N VAL C 567 31.50 43.97 10.85
CA VAL C 567 32.28 43.43 9.73
C VAL C 567 33.46 44.36 9.42
N GLU C 568 33.19 45.67 9.37
CA GLU C 568 34.25 46.62 9.05
C GLU C 568 35.35 46.61 10.10
N GLN C 569 34.97 46.59 11.38
CA GLN C 569 35.96 46.59 12.44
C GLN C 569 36.80 45.31 12.42
N VAL C 570 36.15 44.16 12.21
CA VAL C 570 36.89 42.91 12.17
C VAL C 570 37.85 42.89 10.98
N LEU C 571 37.39 43.36 9.82
CA LEU C 571 38.26 43.39 8.65
C LEU C 571 39.44 44.32 8.87
N GLN C 572 39.21 45.48 9.47
CA GLN C 572 40.30 46.43 9.72
C GLN C 572 41.30 45.86 10.72
N GLU C 573 40.82 45.20 11.77
CA GLU C 573 41.71 44.74 12.83
C GLU C 573 42.44 43.46 12.45
N GLU C 574 41.70 42.37 12.20
CA GLU C 574 42.30 41.07 12.00
C GLU C 574 43.06 40.94 10.69
N HIS C 575 42.87 41.87 9.76
CA HIS C 575 43.59 41.88 8.48
C HIS C 575 43.34 40.60 7.68
N PHE C 576 42.06 40.40 7.32
CA PHE C 576 41.68 39.31 6.44
C PHE C 576 41.65 39.81 4.99
N ASP C 577 41.11 39.01 4.09
CA ASP C 577 41.01 39.37 2.68
C ASP C 577 39.68 40.10 2.47
N ALA C 578 39.75 41.40 2.17
CA ALA C 578 38.54 42.18 1.96
C ALA C 578 37.89 41.88 0.61
N GLY C 579 38.63 41.31 -0.33
CA GLY C 579 38.06 40.99 -1.62
C GLY C 579 36.98 39.92 -1.55
N ARG C 580 37.23 38.88 -0.77
CA ARG C 580 36.33 37.73 -0.67
C ARG C 580 35.68 37.72 0.70
N VAL C 581 34.46 38.25 0.78
CA VAL C 581 33.64 38.21 1.99
C VAL C 581 32.24 37.77 1.59
N ALA C 582 31.70 36.80 2.32
CA ALA C 582 30.41 36.22 2.01
C ALA C 582 29.46 36.35 3.20
N LEU C 583 28.16 36.31 2.90
CA LEU C 583 27.13 36.36 3.91
C LEU C 583 26.32 35.07 3.88
N MET C 584 25.80 34.67 5.04
CA MET C 584 24.92 33.48 5.07
C MET C 584 24.01 33.58 6.29
N GLY C 585 22.75 33.98 6.07
CA GLY C 585 21.82 34.16 7.20
C GLY C 585 20.56 33.33 6.99
N GLY C 586 19.93 32.92 8.08
CA GLY C 586 18.68 32.14 7.99
C GLY C 586 17.54 32.91 8.61
N SER C 587 16.38 32.92 7.95
CA SER C 587 15.17 33.58 8.49
C SER C 587 15.41 35.10 8.66
N HIS C 588 15.23 35.62 9.87
CA HIS C 588 15.44 37.08 10.12
C HIS C 588 16.86 37.45 9.69
N GLY C 589 17.82 36.55 9.90
CA GLY C 589 19.19 36.81 9.42
C GLY C 589 19.17 36.99 7.91
N GLY C 590 18.34 36.21 7.21
CA GLY C 590 18.20 36.38 5.74
C GLY C 590 17.66 37.76 5.45
N PHE C 591 16.67 38.21 6.22
CA PHE C 591 16.17 39.57 6.06
C PHE C 591 17.31 40.58 6.19
N LEU C 592 18.14 40.41 7.22
CA LEU C 592 19.29 41.29 7.40
C LEU C 592 20.31 41.13 6.27
N SER C 593 20.50 39.91 5.79
CA SER C 593 21.44 39.68 4.70
C SER C 593 20.97 40.35 3.42
N CYS C 594 19.67 40.26 3.12
CA CYS C 594 19.13 40.94 1.94
C CYS C 594 19.28 42.45 2.08
N HIS C 595 19.00 42.99 3.28
CA HIS C 595 19.22 44.41 3.51
C HIS C 595 20.68 44.79 3.26
N LEU C 596 21.61 43.96 3.74
CA LEU C 596 23.03 44.28 3.60
C LEU C 596 23.46 44.25 2.14
N ILE C 597 23.05 43.22 1.40
CA ILE C 597 23.44 43.13 0.00
C ILE C 597 22.72 44.16 -0.86
N GLY C 598 21.60 44.72 -0.37
CA GLY C 598 20.94 45.77 -1.10
C GLY C 598 21.53 47.16 -0.86
N GLN C 599 21.80 47.48 0.41
CA GLN C 599 22.28 48.81 0.76
C GLN C 599 23.78 48.97 0.55
N TYR C 600 24.55 47.88 0.57
CA TYR C 600 26.00 47.91 0.37
C TYR C 600 26.35 46.91 -0.72
N PRO C 601 26.20 47.29 -1.99
CA PRO C 601 26.34 46.30 -3.07
C PRO C 601 27.77 45.86 -3.32
N GLU C 602 28.75 46.74 -3.14
CA GLU C 602 30.13 46.47 -3.53
C GLU C 602 30.99 46.00 -2.34
N THR C 603 30.39 45.31 -1.38
CA THR C 603 31.12 44.86 -0.20
C THR C 603 31.11 43.36 0.00
N TYR C 604 30.30 42.60 -0.76
CA TYR C 604 30.20 41.16 -0.59
C TYR C 604 30.24 40.48 -1.95
N SER C 605 30.62 39.21 -1.94
CA SER C 605 30.78 38.44 -3.17
C SER C 605 29.83 37.26 -3.29
N ALA C 606 29.04 36.97 -2.25
CA ALA C 606 28.09 35.86 -2.30
C ALA C 606 27.06 36.06 -1.20
N CYS C 607 26.02 35.24 -1.23
CA CYS C 607 24.98 35.26 -0.21
C CYS C 607 24.16 34.00 -0.29
N VAL C 608 23.88 33.40 0.86
CA VAL C 608 23.03 32.22 0.96
C VAL C 608 21.97 32.51 2.02
N VAL C 609 20.70 32.40 1.65
CA VAL C 609 19.59 32.71 2.54
C VAL C 609 18.61 31.55 2.52
N ARG C 610 18.09 31.21 3.70
CA ARG C 610 17.10 30.14 3.85
C ARG C 610 15.84 30.73 4.48
N ASN C 611 14.73 30.65 3.75
CA ASN C 611 13.43 31.13 4.21
C ASN C 611 13.48 32.58 4.72
N PRO C 612 13.84 33.53 3.87
CA PRO C 612 13.97 34.91 4.32
C PRO C 612 12.62 35.61 4.39
N VAL C 613 12.64 36.81 4.99
CA VAL C 613 11.49 37.70 5.04
C VAL C 613 11.77 38.87 4.11
N ILE C 614 10.91 39.07 3.12
CA ILE C 614 11.15 40.01 2.05
C ILE C 614 10.17 41.18 2.09
N ASN C 615 8.89 40.93 2.36
CA ASN C 615 7.88 41.98 2.41
C ASN C 615 7.04 41.77 3.66
N ILE C 616 7.14 42.72 4.60
CA ILE C 616 6.40 42.60 5.85
C ILE C 616 4.90 42.80 5.61
N ALA C 617 4.55 43.77 4.74
CA ALA C 617 3.15 44.06 4.50
C ALA C 617 2.42 42.88 3.88
N SER C 618 3.05 42.19 2.93
CA SER C 618 2.44 41.00 2.36
C SER C 618 2.50 39.82 3.32
N MET C 619 3.50 39.80 4.20
CA MET C 619 3.62 38.70 5.16
C MET C 619 2.51 38.75 6.20
N MET C 620 2.11 39.96 6.61
CA MET C 620 1.12 40.11 7.68
C MET C 620 -0.17 39.34 7.36
N GLY C 621 -0.60 39.36 6.10
CA GLY C 621 -1.87 38.75 5.76
C GLY C 621 -1.86 37.23 5.81
N SER C 622 -0.70 36.61 5.62
CA SER C 622 -0.58 35.15 5.56
C SER C 622 0.54 34.69 6.50
N THR C 623 0.19 34.50 7.77
CA THR C 623 1.11 33.96 8.76
C THR C 623 0.30 33.67 10.02
N ASP C 624 0.92 32.94 10.95
CA ASP C 624 0.28 32.63 12.22
C ASP C 624 0.64 33.60 13.33
N ILE C 625 1.52 34.57 13.07
CA ILE C 625 1.88 35.57 14.06
C ILE C 625 1.76 36.96 13.45
N PRO C 626 0.55 37.45 13.21
CA PRO C 626 0.41 38.82 12.67
C PRO C 626 0.91 39.90 13.62
N ASP C 627 1.02 39.60 14.91
CA ASP C 627 1.48 40.61 15.86
C ASP C 627 2.98 40.89 15.71
N TRP C 628 3.73 39.93 15.20
CA TRP C 628 5.18 40.12 15.02
C TRP C 628 5.45 41.29 14.08
N CYS C 629 4.73 41.34 12.96
CA CYS C 629 4.93 42.41 11.99
C CYS C 629 4.58 43.77 12.57
N MET C 630 3.45 43.85 13.28
CA MET C 630 3.03 45.13 13.87
C MET C 630 4.02 45.59 14.93
N VAL C 631 4.49 44.67 15.78
CA VAL C 631 5.42 45.06 16.83
C VAL C 631 6.75 45.50 16.25
N GLU C 632 7.27 44.75 15.27
CA GLU C 632 8.55 45.12 14.68
C GLU C 632 8.45 46.44 13.91
N ALA C 633 7.30 46.69 13.26
CA ALA C 633 7.12 47.96 12.56
C ALA C 633 7.09 49.12 13.54
N GLY C 634 6.43 48.95 14.68
CA GLY C 634 6.41 49.97 15.71
C GLY C 634 5.02 50.32 16.20
N PHE C 635 4.02 49.52 15.84
CA PHE C 635 2.64 49.78 16.19
C PHE C 635 2.13 48.68 17.13
N SER C 636 1.28 49.07 18.08
CA SER C 636 0.67 48.11 18.98
C SER C 636 -0.31 47.23 18.21
N TYR C 637 -0.32 45.94 18.54
CA TYR C 637 -1.18 44.98 17.87
C TYR C 637 -2.52 44.90 18.58
N SER C 638 -3.60 45.02 17.80
CA SER C 638 -4.96 44.90 18.31
C SER C 638 -5.70 43.86 17.51
N SER C 639 -6.38 42.93 18.20
CA SER C 639 -7.10 41.87 17.50
C SER C 639 -8.23 42.43 16.65
N ASP C 640 -8.98 43.39 17.20
CA ASP C 640 -10.10 44.01 16.49
C ASP C 640 -9.62 45.34 15.93
N CYS C 641 -8.86 45.27 14.83
CA CYS C 641 -8.35 46.46 14.18
C CYS C 641 -8.02 46.13 12.73
N LEU C 642 -7.97 47.18 11.91
CA LEU C 642 -7.57 47.08 10.51
C LEU C 642 -6.53 48.15 10.23
N PRO C 643 -5.37 47.78 9.67
CA PRO C 643 -4.31 48.76 9.46
C PRO C 643 -4.70 49.82 8.43
N ASP C 644 -4.16 51.02 8.63
CA ASP C 644 -4.43 52.15 7.75
C ASP C 644 -3.38 52.21 6.65
N LEU C 645 -3.34 53.32 5.91
CA LEU C 645 -2.35 53.47 4.85
C LEU C 645 -0.96 53.77 5.42
N SER C 646 -0.89 54.48 6.54
CA SER C 646 0.41 54.81 7.13
C SER C 646 1.15 53.55 7.58
N VAL C 647 0.42 52.59 8.15
CA VAL C 647 1.04 51.36 8.61
C VAL C 647 1.61 50.58 7.44
N TRP C 648 0.84 50.46 6.36
CA TRP C 648 1.34 49.78 5.16
C TRP C 648 2.55 50.50 4.58
N ALA C 649 2.53 51.83 4.59
CA ALA C 649 3.68 52.59 4.11
C ALA C 649 4.91 52.31 4.97
N ALA C 650 4.73 52.22 6.28
CA ALA C 650 5.86 51.92 7.17
C ALA C 650 6.45 50.55 6.86
N MET C 651 5.59 49.52 6.78
CA MET C 651 6.10 48.17 6.49
C MET C 651 6.71 48.10 5.10
N LEU C 652 6.23 48.90 4.16
CA LEU C 652 6.84 48.91 2.83
C LEU C 652 8.21 49.59 2.86
N ASP C 653 8.36 50.64 3.67
CA ASP C 653 9.63 51.34 3.75
C ASP C 653 10.68 50.50 4.46
N LYS C 654 10.26 49.69 5.44
CA LYS C 654 11.23 48.88 6.18
C LYS C 654 11.62 47.58 5.47
N SER C 655 10.89 47.18 4.42
CA SER C 655 11.16 45.91 3.76
C SER C 655 12.40 46.00 2.87
N PRO C 656 13.13 44.89 2.70
CA PRO C 656 14.33 44.93 1.85
C PRO C 656 14.04 44.95 0.37
N ILE C 657 12.83 44.60 -0.07
CA ILE C 657 12.50 44.61 -1.49
C ILE C 657 12.65 46.00 -2.08
N LYS C 658 12.53 47.03 -1.24
CA LYS C 658 12.72 48.40 -1.69
C LYS C 658 14.09 48.61 -2.32
N TYR C 659 15.09 47.84 -1.89
CA TYR C 659 16.45 47.94 -2.41
C TYR C 659 16.76 46.87 -3.44
N ALA C 660 15.73 46.18 -3.96
CA ALA C 660 15.96 45.11 -4.91
C ALA C 660 16.67 45.54 -6.19
N PRO C 661 16.31 46.66 -6.85
CA PRO C 661 16.94 46.97 -8.14
C PRO C 661 18.40 47.39 -8.05
N GLN C 662 19.00 47.31 -6.87
CA GLN C 662 20.42 47.66 -6.69
C GLN C 662 21.29 46.45 -6.40
N VAL C 663 20.72 45.25 -6.33
CA VAL C 663 21.49 44.06 -5.97
C VAL C 663 22.37 43.64 -7.15
N LYS C 664 23.63 43.34 -6.85
CA LYS C 664 24.55 42.89 -7.90
C LYS C 664 25.41 41.71 -7.45
N THR C 665 24.96 40.93 -6.47
CA THR C 665 25.70 39.79 -5.96
C THR C 665 24.93 38.50 -6.20
N PRO C 666 25.61 37.43 -6.60
CA PRO C 666 24.91 36.15 -6.81
C PRO C 666 24.23 35.67 -5.54
N LEU C 667 23.06 35.07 -5.70
CA LEU C 667 22.22 34.68 -4.58
C LEU C 667 21.76 33.23 -4.73
N LEU C 668 21.61 32.56 -3.60
CA LEU C 668 21.12 31.19 -3.55
C LEU C 668 20.05 31.10 -2.47
N LEU C 669 18.86 30.65 -2.85
CA LEU C 669 17.73 30.60 -1.94
C LEU C 669 17.32 29.16 -1.67
N MET C 670 16.95 28.88 -0.42
CA MET C 670 16.39 27.60 -0.03
C MET C 670 15.04 27.86 0.63
N LEU C 671 13.99 27.21 0.14
CA LEU C 671 12.64 27.47 0.59
C LEU C 671 11.95 26.17 0.97
N GLY C 672 11.06 26.26 1.95
CA GLY C 672 10.23 25.13 2.32
C GLY C 672 8.80 25.33 1.88
N GLN C 673 8.30 24.46 1.01
CA GLN C 673 6.97 24.64 0.43
C GLN C 673 5.86 24.56 1.47
N GLU C 674 6.10 23.93 2.60
CA GLU C 674 5.09 23.79 3.65
C GLU C 674 5.37 24.70 4.84
N ASP C 675 6.22 25.71 4.67
CA ASP C 675 6.51 26.63 5.75
C ASP C 675 5.26 27.46 6.09
N ARG C 676 4.97 27.56 7.38
CA ARG C 676 3.78 28.27 7.85
C ARG C 676 4.08 29.51 8.67
N ARG C 677 5.33 29.70 9.11
CA ARG C 677 5.69 30.92 9.82
C ARG C 677 6.05 32.03 8.84
N VAL C 678 6.95 31.76 7.92
CA VAL C 678 7.29 32.68 6.84
C VAL C 678 6.87 32.03 5.52
N PRO C 679 5.77 32.46 4.90
CA PRO C 679 5.31 31.78 3.68
C PRO C 679 6.35 31.83 2.57
N PHE C 680 6.40 30.75 1.80
CA PHE C 680 7.44 30.56 0.79
C PHE C 680 7.29 31.47 -0.42
N LYS C 681 6.19 32.21 -0.53
CA LYS C 681 6.07 33.18 -1.62
C LYS C 681 7.00 34.38 -1.42
N GLN C 682 7.42 34.64 -0.18
CA GLN C 682 8.27 35.79 0.11
C GLN C 682 9.59 35.70 -0.63
N GLY C 683 10.20 34.52 -0.62
CA GLY C 683 11.41 34.32 -1.39
C GLY C 683 11.18 34.34 -2.88
N MET C 684 10.02 33.86 -3.33
CA MET C 684 9.76 33.80 -4.77
C MET C 684 9.57 35.17 -5.38
N GLU C 685 8.97 36.11 -4.65
CA GLU C 685 8.85 37.45 -5.26
C GLU C 685 10.22 38.12 -5.41
N TYR C 686 11.10 37.95 -4.42
CA TYR C 686 12.47 38.44 -4.55
C TYR C 686 13.20 37.75 -5.70
N TYR C 687 12.99 36.44 -5.85
CA TYR C 687 13.59 35.70 -6.95
C TYR C 687 13.12 36.23 -8.29
N ARG C 688 11.81 36.51 -8.41
CA ARG C 688 11.27 37.05 -9.65
C ARG C 688 11.86 38.42 -9.96
N VAL C 689 11.95 39.28 -8.94
CA VAL C 689 12.51 40.62 -9.17
C VAL C 689 13.96 40.53 -9.61
N LEU C 690 14.74 39.64 -8.98
CA LEU C 690 16.15 39.51 -9.36
C LEU C 690 16.30 38.88 -10.75
N LYS C 691 15.43 37.93 -11.09
CA LYS C 691 15.50 37.30 -12.40
C LYS C 691 15.13 38.27 -13.52
N ALA C 692 14.21 39.21 -13.24
CA ALA C 692 13.83 40.18 -14.26
C ALA C 692 15.01 41.06 -14.66
N ARG C 693 15.91 41.35 -13.73
CA ARG C 693 17.07 42.19 -14.00
C ARG C 693 18.30 41.39 -14.43
N ASN C 694 18.14 40.08 -14.64
CA ASN C 694 19.21 39.21 -15.14
C ASN C 694 20.40 39.15 -14.17
N VAL C 695 20.12 38.76 -12.94
CA VAL C 695 21.14 38.56 -11.91
C VAL C 695 21.20 37.06 -11.63
N PRO C 696 22.40 36.47 -11.57
CA PRO C 696 22.50 35.01 -11.36
C PRO C 696 21.90 34.60 -10.02
N VAL C 697 20.84 33.79 -10.09
CA VAL C 697 20.13 33.33 -8.90
C VAL C 697 19.88 31.83 -9.04
N ARG C 698 20.08 31.10 -7.95
CA ARG C 698 19.77 29.68 -7.87
C ARG C 698 18.74 29.44 -6.78
N LEU C 699 17.74 28.61 -7.08
CA LEU C 699 16.65 28.35 -6.15
C LEU C 699 16.51 26.86 -5.92
N LEU C 700 16.27 26.48 -4.66
CA LEU C 700 16.01 25.09 -4.29
C LEU C 700 14.77 25.07 -3.40
N LEU C 701 13.75 24.33 -3.82
CA LEU C 701 12.49 24.26 -3.10
C LEU C 701 12.26 22.85 -2.60
N TYR C 702 12.00 22.71 -1.30
CA TYR C 702 11.77 21.40 -0.70
C TYR C 702 10.29 21.21 -0.46
N PRO C 703 9.63 20.25 -1.14
CA PRO C 703 8.16 20.20 -1.10
C PRO C 703 7.58 19.85 0.26
N LYS C 704 8.34 19.25 1.17
CA LYS C 704 7.78 18.80 2.45
C LYS C 704 8.53 19.35 3.65
N SER C 705 9.43 20.32 3.45
CA SER C 705 10.21 20.87 4.55
C SER C 705 9.35 21.86 5.34
N THR C 706 9.97 22.45 6.37
CA THR C 706 9.29 23.41 7.23
C THR C 706 10.20 24.59 7.54
N HIS C 707 9.82 25.42 8.52
CA HIS C 707 10.60 26.61 8.83
C HIS C 707 12.00 26.27 9.33
N ALA C 708 12.22 25.07 9.83
CA ALA C 708 13.51 24.72 10.42
C ALA C 708 14.44 23.98 9.47
N LEU C 709 13.91 23.34 8.42
CA LEU C 709 14.71 22.48 7.54
C LEU C 709 15.45 21.42 8.35
N SER C 710 14.75 20.81 9.30
CA SER C 710 15.36 19.92 10.26
C SER C 710 15.48 18.48 9.79
N GLU C 711 14.90 18.14 8.64
CA GLU C 711 15.01 16.78 8.13
C GLU C 711 16.47 16.46 7.77
N VAL C 712 16.85 15.20 7.95
CA VAL C 712 18.25 14.82 7.77
C VAL C 712 18.66 15.00 6.31
N GLU C 713 17.86 14.47 5.38
CA GLU C 713 18.18 14.61 3.96
C GLU C 713 18.15 16.07 3.53
N VAL C 714 17.13 16.81 3.98
CA VAL C 714 17.00 18.22 3.63
C VAL C 714 18.19 19.01 4.16
N GLU C 715 18.54 18.81 5.42
CA GLU C 715 19.65 19.55 6.01
C GLU C 715 20.96 19.20 5.33
N SER C 716 21.20 17.92 5.05
CA SER C 716 22.43 17.52 4.38
C SER C 716 22.54 18.15 3.01
N ASP C 717 21.46 18.07 2.21
CA ASP C 717 21.50 18.64 0.87
C ASP C 717 21.69 20.15 0.90
N SER C 718 20.98 20.84 1.80
CA SER C 718 21.11 22.29 1.87
C SER C 718 22.51 22.71 2.28
N PHE C 719 23.08 22.05 3.30
CA PHE C 719 24.41 22.41 3.75
C PHE C 719 25.45 22.14 2.66
N MET C 720 25.35 21.00 1.98
CA MET C 720 26.30 20.70 0.92
C MET C 720 26.20 21.70 -0.22
N ASN C 721 24.97 22.06 -0.61
CA ASN C 721 24.80 23.04 -1.68
C ASN C 721 25.37 24.39 -1.29
N ALA C 722 25.13 24.82 -0.05
CA ALA C 722 25.66 26.11 0.40
C ALA C 722 27.18 26.09 0.39
N VAL C 723 27.79 25.00 0.86
CA VAL C 723 29.25 24.94 0.90
C VAL C 723 29.82 24.96 -0.51
N LEU C 724 29.23 24.21 -1.44
CA LEU C 724 29.73 24.23 -2.81
C LEU C 724 29.56 25.60 -3.45
N TRP C 725 28.43 26.26 -3.19
CA TRP C 725 28.21 27.60 -3.74
C TRP C 725 29.27 28.58 -3.23
N LEU C 726 29.53 28.57 -1.91
CA LEU C 726 30.52 29.46 -1.34
C LEU C 726 31.91 29.17 -1.86
N CYS C 727 32.26 27.88 -1.97
CA CYS C 727 33.58 27.52 -2.46
C CYS C 727 33.76 27.92 -3.93
N THR C 728 32.72 27.75 -4.74
CA THR C 728 32.84 28.07 -6.17
C THR C 728 32.92 29.57 -6.39
N HIS C 729 32.06 30.35 -5.74
CA HIS C 729 32.05 31.78 -6.00
C HIS C 729 33.20 32.52 -5.31
N LEU C 730 33.62 32.05 -4.15
CA LEU C 730 34.76 32.66 -3.46
C LEU C 730 36.03 31.83 -3.64
N PRO D 10 -33.97 17.37 5.51
CA PRO D 10 -32.80 17.15 4.67
C PRO D 10 -32.99 16.01 3.68
N GLU D 11 -34.04 15.21 3.88
CA GLU D 11 -34.30 14.09 2.96
C GLU D 11 -34.85 14.58 1.64
N GLU D 12 -35.77 15.56 1.67
CA GLU D 12 -36.36 16.07 0.44
C GLU D 12 -35.32 16.71 -0.46
N ALA D 13 -34.41 17.50 0.13
CA ALA D 13 -33.36 18.13 -0.67
C ALA D 13 -32.42 17.09 -1.27
N ALA D 14 -32.08 16.06 -0.49
CA ALA D 14 -31.22 15.01 -1.02
C ALA D 14 -31.88 14.27 -2.17
N ALA D 15 -33.18 13.97 -2.03
CA ALA D 15 -33.89 13.31 -3.12
C ALA D 15 -33.95 14.19 -4.36
N LEU D 16 -34.21 15.49 -4.17
CA LEU D 16 -34.26 16.40 -5.30
C LEU D 16 -32.91 16.49 -6.02
N TYR D 17 -31.82 16.58 -5.24
CA TYR D 17 -30.49 16.61 -5.86
C TYR D 17 -30.19 15.32 -6.60
N ARG D 18 -30.56 14.18 -6.01
CA ARG D 18 -30.35 12.90 -6.68
C ARG D 18 -31.13 12.84 -7.99
N GLY D 19 -32.37 13.32 -7.99
CA GLY D 19 -33.16 13.31 -9.22
C GLY D 19 -32.59 14.24 -10.28
N LEU D 20 -32.15 15.44 -9.88
CA LEU D 20 -31.67 16.41 -10.85
C LEU D 20 -30.27 16.11 -11.36
N SER D 21 -29.48 15.32 -10.62
CA SER D 21 -28.14 14.97 -11.09
C SER D 21 -28.13 13.77 -12.02
N ARG D 22 -29.29 13.16 -12.27
CA ARG D 22 -29.36 11.97 -13.12
C ARG D 22 -29.18 12.30 -14.60
N GLN D 23 -29.53 13.51 -15.02
CA GLN D 23 -29.50 13.85 -16.43
C GLN D 23 -28.06 13.94 -16.93
N PRO D 24 -27.72 13.28 -18.02
CA PRO D 24 -26.34 13.28 -18.52
C PRO D 24 -26.04 14.55 -19.30
N ALA D 25 -24.78 14.68 -19.72
CA ALA D 25 -24.33 15.83 -20.50
C ALA D 25 -23.38 15.37 -21.61
N LEU D 26 -23.50 16.00 -22.78
CA LEU D 26 -22.66 15.66 -23.91
C LEU D 26 -21.23 16.14 -23.69
N SER D 27 -20.28 15.44 -24.32
CA SER D 27 -18.88 15.84 -24.20
C SER D 27 -18.20 16.00 -25.55
N ALA D 28 -18.56 15.16 -26.51
CA ALA D 28 -17.92 15.20 -27.82
C ALA D 28 -18.77 14.39 -28.80
N ALA D 29 -18.46 14.54 -30.09
CA ALA D 29 -19.15 13.81 -31.13
C ALA D 29 -18.24 13.68 -32.34
N CYS D 30 -18.55 12.69 -33.19
CA CYS D 30 -17.80 12.45 -34.41
C CYS D 30 -18.70 11.74 -35.40
N LEU D 31 -18.28 11.75 -36.66
CA LEU D 31 -19.05 11.14 -37.75
C LEU D 31 -18.23 10.07 -38.42
N GLY D 32 -18.86 8.92 -38.70
CA GLY D 32 -18.19 7.82 -39.33
C GLY D 32 -18.22 7.88 -40.84
N PRO D 33 -17.64 6.89 -41.49
CA PRO D 33 -17.63 6.87 -42.97
C PRO D 33 -19.02 6.57 -43.52
N GLU D 34 -19.22 6.99 -44.77
CA GLU D 34 -20.49 6.79 -45.45
C GLU D 34 -20.49 5.43 -46.15
N VAL D 35 -21.57 4.67 -45.93
CA VAL D 35 -21.71 3.32 -46.46
C VAL D 35 -22.88 3.31 -47.43
N THR D 36 -22.65 2.77 -48.63
CA THR D 36 -23.68 2.67 -49.66
C THR D 36 -24.40 1.34 -49.51
N THR D 37 -25.65 1.38 -49.09
CA THR D 37 -26.44 0.16 -48.88
C THR D 37 -26.79 -0.51 -50.20
N ARG D 42 -28.01 5.92 -48.67
CA ARG D 42 -26.78 5.89 -47.90
C ARG D 42 -27.03 6.30 -46.45
N TYR D 43 -26.14 5.86 -45.56
CA TYR D 43 -26.30 6.16 -44.15
C TYR D 43 -24.93 6.35 -43.51
N ARG D 44 -24.93 7.01 -42.35
CA ARG D 44 -23.71 7.31 -41.61
C ARG D 44 -23.94 6.99 -40.15
N THR D 45 -22.84 6.80 -39.43
CA THR D 45 -22.85 6.52 -38.00
C THR D 45 -22.26 7.70 -37.25
N VAL D 46 -22.91 8.11 -36.17
CA VAL D 46 -22.48 9.22 -35.33
C VAL D 46 -22.17 8.67 -33.94
N HIS D 47 -20.96 8.93 -33.46
CA HIS D 47 -20.51 8.47 -32.16
C HIS D 47 -20.60 9.62 -31.16
N THR D 48 -21.34 9.42 -30.08
CA THR D 48 -21.53 10.43 -29.05
C THR D 48 -20.94 9.93 -27.74
N GLU D 49 -20.34 10.85 -26.99
CA GLU D 49 -19.77 10.55 -25.68
C GLU D 49 -20.50 11.40 -24.63
N TRP D 50 -20.90 10.76 -23.54
CA TRP D 50 -21.67 11.43 -22.50
C TRP D 50 -20.98 11.25 -21.15
N THR D 51 -21.27 12.18 -20.24
CA THR D 51 -20.75 12.15 -18.89
C THR D 51 -21.90 12.34 -17.91
N GLN D 52 -21.78 11.69 -16.75
CA GLN D 52 -22.81 11.75 -15.73
C GLN D 52 -22.14 11.67 -14.36
N ARG D 53 -22.88 12.08 -13.34
CA ARG D 53 -22.40 12.05 -11.96
C ARG D 53 -23.01 10.85 -11.25
N ASP D 54 -22.15 9.97 -10.74
CA ASP D 54 -22.58 8.83 -9.94
C ASP D 54 -22.35 9.15 -8.48
N LEU D 55 -23.43 9.19 -7.70
CA LEU D 55 -23.35 9.52 -6.29
C LEU D 55 -23.08 8.32 -5.41
N GLU D 56 -23.51 7.12 -5.82
CA GLU D 56 -23.21 5.92 -5.05
C GLU D 56 -21.70 5.67 -5.01
N ARG D 57 -21.02 5.84 -6.14
CA ARG D 57 -19.58 5.71 -6.20
C ARG D 57 -18.86 7.03 -6.02
N MET D 58 -19.58 8.16 -6.11
CA MET D 58 -18.99 9.49 -6.00
C MET D 58 -17.90 9.70 -7.05
N GLU D 59 -18.30 9.64 -8.32
CA GLU D 59 -17.37 9.76 -9.41
C GLU D 59 -18.09 10.33 -10.63
N ASN D 60 -17.33 10.57 -11.70
CA ASN D 60 -17.86 11.02 -12.97
C ASN D 60 -17.73 9.87 -13.97
N ILE D 61 -18.86 9.32 -14.38
CA ILE D 61 -18.89 8.18 -15.29
C ILE D 61 -19.02 8.69 -16.72
N ARG D 62 -18.13 8.22 -17.60
CA ARG D 62 -18.14 8.58 -19.01
C ARG D 62 -18.46 7.35 -19.84
N PHE D 63 -19.45 7.47 -20.72
CA PHE D 63 -19.84 6.37 -21.57
C PHE D 63 -20.03 6.84 -23.01
N CYS D 64 -20.30 5.89 -23.89
CA CYS D 64 -20.38 6.14 -25.33
C CYS D 64 -21.66 5.53 -25.88
N ARG D 65 -22.11 6.08 -27.01
CA ARG D 65 -23.31 5.60 -27.67
C ARG D 65 -23.18 5.89 -29.17
N GLN D 66 -23.88 5.10 -29.98
CA GLN D 66 -23.83 5.21 -31.43
C GLN D 66 -25.22 5.40 -32.01
N TYR D 67 -25.33 6.25 -33.02
CA TYR D 67 -26.58 6.52 -33.71
C TYR D 67 -26.38 6.35 -35.21
N LEU D 68 -27.47 6.05 -35.92
CA LEU D 68 -27.45 5.87 -37.36
C LEU D 68 -28.37 6.89 -38.02
N VAL D 69 -27.87 7.55 -39.06
CA VAL D 69 -28.62 8.56 -39.80
C VAL D 69 -28.60 8.18 -41.28
N PHE D 70 -29.78 7.96 -41.85
CA PHE D 70 -29.93 7.63 -43.26
C PHE D 70 -30.27 8.91 -44.02
N HIS D 71 -29.44 9.26 -44.99
CA HIS D 71 -29.59 10.51 -45.73
C HIS D 71 -29.65 10.22 -47.23
N ASP D 72 -30.47 10.98 -47.93
CA ASP D 72 -30.62 10.81 -49.38
C ASP D 72 -29.92 11.94 -50.13
N ASP D 74 -29.03 15.31 -49.37
CA ASP D 74 -29.01 16.54 -48.59
C ASP D 74 -30.29 16.68 -47.76
N SER D 75 -30.81 15.56 -47.27
CA SER D 75 -31.99 15.55 -46.43
C SER D 75 -31.89 14.40 -45.44
N VAL D 76 -32.36 14.64 -44.22
CA VAL D 76 -32.33 13.61 -43.18
C VAL D 76 -33.53 12.70 -43.35
N VAL D 77 -33.35 11.61 -44.09
CA VAL D 77 -34.46 10.69 -44.34
C VAL D 77 -34.86 9.94 -43.08
N PHE D 78 -33.87 9.46 -42.31
CA PHE D 78 -34.17 8.67 -41.13
C PHE D 78 -33.07 8.85 -40.10
N ALA D 79 -33.41 8.63 -38.84
CA ALA D 79 -32.42 8.72 -37.76
C ALA D 79 -32.90 7.88 -36.59
N GLY D 80 -31.94 7.22 -35.93
CA GLY D 80 -32.28 6.36 -34.81
C GLY D 80 -31.10 5.85 -34.02
N PRO D 81 -31.37 5.21 -32.88
CA PRO D 81 -30.29 4.60 -32.11
C PRO D 81 -29.84 3.28 -32.72
N ALA D 82 -28.59 2.92 -32.41
CA ALA D 82 -27.96 1.74 -33.00
C ALA D 82 -27.19 0.96 -31.94
N GLY D 83 -27.80 0.78 -30.77
CA GLY D 83 -27.21 -0.03 -29.74
C GLY D 83 -27.49 0.55 -28.37
N ASN D 84 -26.72 0.08 -27.39
CA ASN D 84 -26.81 0.52 -26.00
C ASN D 84 -25.58 1.34 -25.63
N SER D 85 -25.50 1.72 -24.37
CA SER D 85 -24.42 2.55 -23.87
C SER D 85 -23.41 1.70 -23.09
N VAL D 86 -22.14 1.83 -23.46
CA VAL D 86 -21.06 1.07 -22.85
C VAL D 86 -20.11 2.04 -22.16
N GLU D 87 -19.86 1.82 -20.88
CA GLU D 87 -18.98 2.69 -20.11
C GLU D 87 -17.52 2.35 -20.40
N THR D 88 -16.70 3.39 -20.58
CA THR D 88 -15.28 3.24 -20.85
C THR D 88 -14.49 3.95 -19.75
N ARG D 89 -13.42 3.30 -19.28
CA ARG D 89 -12.59 3.85 -18.22
C ARG D 89 -11.12 3.78 -18.62
N GLY D 90 -10.40 4.85 -18.36
CA GLY D 90 -8.97 4.90 -18.60
C GLY D 90 -8.54 5.54 -19.90
N GLU D 91 -9.45 6.11 -20.67
CA GLU D 91 -9.14 6.72 -21.96
C GLU D 91 -8.98 8.22 -21.78
N LEU D 92 -7.83 8.75 -22.21
CA LEU D 92 -7.53 10.18 -22.09
C LEU D 92 -7.77 10.93 -23.39
N LEU D 93 -7.14 10.49 -24.47
CA LEU D 93 -7.25 11.14 -25.77
C LEU D 93 -7.55 10.09 -26.83
N SER D 94 -8.35 10.48 -27.82
CA SER D 94 -8.68 9.59 -28.93
C SER D 94 -8.90 10.42 -30.18
N ARG D 95 -8.62 9.82 -31.34
CA ARG D 95 -8.81 10.50 -32.61
C ARG D 95 -8.99 9.47 -33.70
N GLU D 96 -10.14 9.48 -34.37
CA GLU D 96 -10.37 8.60 -35.49
C GLU D 96 -9.49 8.98 -36.66
N SER D 97 -9.24 8.01 -37.54
CA SER D 97 -8.40 8.23 -38.69
C SER D 97 -9.08 9.19 -39.67
N PRO D 98 -8.31 9.92 -40.48
CA PRO D 98 -8.94 10.79 -41.49
C PRO D 98 -9.81 10.03 -42.47
N SER D 99 -9.43 8.79 -42.81
CA SER D 99 -10.25 7.95 -43.66
C SER D 99 -11.21 7.07 -42.88
N GLY D 100 -11.14 7.08 -41.55
CA GLY D 100 -12.01 6.29 -40.71
C GLY D 100 -11.60 4.84 -40.54
N THR D 101 -10.48 4.41 -41.12
CA THR D 101 -10.08 3.01 -41.04
C THR D 101 -9.61 2.64 -39.65
N MET D 102 -8.74 3.46 -39.05
CA MET D 102 -8.08 3.16 -37.79
C MET D 102 -8.54 4.13 -36.71
N LYS D 103 -8.01 3.93 -35.50
CA LYS D 103 -8.33 4.80 -34.37
C LYS D 103 -7.21 4.74 -33.36
N ALA D 104 -6.67 5.89 -32.97
CA ALA D 104 -5.58 5.96 -32.00
C ALA D 104 -6.13 6.39 -30.64
N VAL D 105 -5.74 5.66 -29.60
CA VAL D 105 -6.26 5.90 -28.25
C VAL D 105 -5.09 5.99 -27.28
N LEU D 106 -5.19 6.91 -26.32
CA LEU D 106 -4.25 7.01 -25.21
C LEU D 106 -4.92 6.46 -23.96
N ARG D 107 -4.28 5.49 -23.31
CA ARG D 107 -4.86 4.80 -22.16
C ARG D 107 -3.94 4.92 -20.96
N LYS D 108 -4.51 5.29 -19.82
CA LYS D 108 -3.77 5.36 -18.56
C LYS D 108 -4.01 4.09 -17.76
N ALA D 109 -3.46 2.99 -18.26
CA ALA D 109 -3.62 1.69 -17.62
C ALA D 109 -2.80 1.59 -16.34
N GLU D 117 -1.13 3.63 -13.95
CA GLU D 117 0.18 4.08 -13.51
C GLU D 117 1.04 4.49 -14.71
N LYS D 118 0.98 3.70 -15.78
CA LYS D 118 1.74 3.96 -16.99
C LYS D 118 0.80 4.45 -18.09
N GLN D 119 1.40 4.85 -19.21
CA GLN D 119 0.67 5.40 -20.34
C GLN D 119 0.92 4.55 -21.58
N PHE D 120 -0.15 4.22 -22.29
CA PHE D 120 -0.11 3.36 -23.46
C PHE D 120 -0.73 4.07 -24.65
N LEU D 121 -0.15 3.86 -25.83
CA LEU D 121 -0.70 4.40 -27.09
C LEU D 121 -1.08 3.22 -27.97
N GLU D 122 -2.38 3.03 -28.19
CA GLU D 122 -2.87 1.86 -28.91
C GLU D 122 -3.52 2.28 -30.22
N VAL D 123 -3.38 1.41 -31.23
CA VAL D 123 -3.90 1.66 -32.57
C VAL D 123 -4.90 0.55 -32.88
N TRP D 124 -6.19 0.85 -32.76
CA TRP D 124 -7.24 -0.10 -33.09
C TRP D 124 -7.59 -0.03 -34.57
N GLU D 125 -7.88 -1.18 -35.16
CA GLU D 125 -8.35 -1.26 -36.53
C GLU D 125 -9.32 -2.43 -36.64
N LYS D 126 -10.51 -2.15 -37.19
CA LYS D 126 -11.57 -3.15 -37.37
C LYS D 126 -11.93 -3.71 -36.00
N ASN D 127 -11.72 -5.01 -35.73
CA ASN D 127 -12.11 -5.63 -34.48
C ASN D 127 -10.91 -6.19 -33.72
N ARG D 128 -9.73 -5.63 -33.95
CA ARG D 128 -8.53 -6.12 -33.28
C ARG D 128 -7.58 -4.95 -33.03
N LYS D 129 -6.86 -5.03 -31.93
CA LYS D 129 -5.85 -4.04 -31.58
C LYS D 129 -4.58 -4.34 -32.36
N LEU D 130 -4.24 -3.48 -33.32
CA LEU D 130 -3.06 -3.71 -34.14
C LEU D 130 -1.79 -3.74 -33.30
N LYS D 131 -1.46 -2.62 -32.66
CA LYS D 131 -0.28 -2.56 -31.83
C LYS D 131 -0.48 -1.53 -30.73
N SER D 132 0.17 -1.79 -29.59
CA SER D 132 0.18 -0.89 -28.46
C SER D 132 1.62 -0.60 -28.08
N PHE D 133 1.91 0.67 -27.79
CA PHE D 133 3.24 1.12 -27.42
C PHE D 133 3.25 1.58 -25.98
N ASN D 134 4.24 1.12 -25.23
CA ASN D 134 4.48 1.58 -23.86
C ASN D 134 5.33 2.85 -23.92
N LEU D 135 4.72 3.99 -23.64
CA LEU D 135 5.43 5.26 -23.77
C LEU D 135 6.44 5.47 -22.65
N SER D 136 6.15 5.00 -21.44
CA SER D 136 7.04 5.25 -20.31
C SER D 136 8.33 4.45 -20.43
N ALA D 137 8.24 3.17 -20.80
CA ALA D 137 9.43 2.32 -20.82
C ALA D 137 10.40 2.71 -21.93
N LEU D 138 9.96 3.44 -22.95
CA LEU D 138 10.88 3.87 -23.99
C LEU D 138 11.86 4.92 -23.50
N GLU D 139 11.51 5.66 -22.43
CA GLU D 139 12.39 6.63 -21.80
C GLU D 139 12.88 7.68 -22.81
N LYS D 140 11.91 8.43 -23.35
CA LYS D 140 12.21 9.49 -24.30
C LYS D 140 11.60 10.84 -23.94
N HIS D 141 10.61 10.88 -23.06
CA HIS D 141 9.94 12.11 -22.68
C HIS D 141 9.16 11.86 -21.40
N GLY D 142 8.50 12.91 -20.91
CA GLY D 142 7.69 12.81 -19.72
C GLY D 142 6.28 12.37 -20.04
N PRO D 143 5.38 12.48 -19.06
CA PRO D 143 3.98 12.12 -19.31
C PRO D 143 3.34 13.02 -20.35
N VAL D 144 2.36 12.46 -21.06
CA VAL D 144 1.67 13.15 -22.15
C VAL D 144 0.74 14.22 -21.57
N TYR D 145 0.29 15.13 -22.41
CA TYR D 145 -0.59 16.22 -22.01
C TYR D 145 -2.03 15.86 -22.35
N GLU D 146 -2.91 15.90 -21.34
CA GLU D 146 -4.31 15.57 -21.52
C GLU D 146 -5.21 16.79 -21.46
N ASP D 147 -4.64 17.99 -21.38
CA ASP D 147 -5.43 19.21 -21.27
C ASP D 147 -5.95 19.64 -22.63
N ASP D 148 -6.72 20.74 -22.65
CA ASP D 148 -7.24 21.30 -23.88
C ASP D 148 -6.39 22.45 -24.42
N CYS D 149 -5.59 23.10 -23.58
CA CYS D 149 -4.76 24.20 -24.05
C CYS D 149 -3.61 23.71 -24.91
N PHE D 150 -2.93 22.64 -24.48
CA PHE D 150 -1.78 22.11 -25.20
C PHE D 150 -2.00 20.72 -25.78
N GLY D 151 -2.93 19.94 -25.23
CA GLY D 151 -3.11 18.57 -25.68
C GLY D 151 -3.56 18.50 -27.13
N CYS D 152 -2.95 17.60 -27.89
CA CYS D 152 -3.30 17.44 -29.30
C CYS D 152 -2.85 16.07 -29.76
N LEU D 153 -3.61 15.48 -30.68
CA LEU D 153 -3.28 14.20 -31.29
C LEU D 153 -3.80 14.22 -32.72
N SER D 154 -2.88 14.27 -33.69
CA SER D 154 -3.26 14.45 -35.09
C SER D 154 -2.64 13.36 -35.94
N TRP D 155 -3.47 12.70 -36.75
CA TRP D 155 -2.99 11.70 -37.69
C TRP D 155 -2.27 12.36 -38.86
N SER D 156 -1.27 11.67 -39.39
CA SER D 156 -0.57 12.16 -40.55
C SER D 156 -1.46 12.10 -41.79
N HIS D 157 -1.12 12.91 -42.79
CA HIS D 157 -1.89 12.90 -44.03
C HIS D 157 -1.67 11.62 -44.81
N SER D 158 -0.49 11.00 -44.67
CA SER D 158 -0.20 9.71 -45.26
C SER D 158 -0.66 8.54 -44.39
N GLU D 159 -1.24 8.84 -43.22
CA GLU D 159 -1.81 7.85 -42.31
C GLU D 159 -0.75 6.90 -41.75
N THR D 160 0.51 7.32 -41.73
CA THR D 160 1.59 6.47 -41.27
C THR D 160 2.28 6.96 -40.00
N HIS D 161 2.02 8.19 -39.57
CA HIS D 161 2.68 8.77 -38.41
C HIS D 161 1.64 9.35 -37.46
N LEU D 162 2.07 9.59 -36.22
CA LEU D 162 1.25 10.23 -35.21
C LEU D 162 2.06 11.33 -34.54
N LEU D 163 1.38 12.35 -34.04
CA LEU D 163 2.05 13.47 -33.38
C LEU D 163 1.29 13.85 -32.12
N TYR D 164 2.03 14.17 -31.06
CA TYR D 164 1.42 14.59 -29.81
C TYR D 164 2.40 15.50 -29.06
N VAL D 165 1.98 15.92 -27.87
CA VAL D 165 2.75 16.84 -27.04
C VAL D 165 2.97 16.20 -25.68
N ALA D 166 4.23 16.21 -25.21
CA ALA D 166 4.57 15.58 -23.95
C ALA D 166 5.63 16.41 -23.23
N ASP D 167 5.72 16.21 -21.92
CA ASP D 167 6.67 16.96 -21.11
C ASP D 167 8.10 16.60 -21.48
N LYS D 168 9.02 17.53 -21.23
CA LYS D 168 10.42 17.32 -21.54
C LYS D 168 11.05 16.37 -20.53
N LYS D 169 12.25 15.88 -20.87
CA LYS D 169 12.98 14.94 -20.04
C LYS D 169 14.00 15.69 -19.20
N ARG D 170 13.85 15.61 -17.88
CA ARG D 170 14.79 16.25 -16.95
C ARG D 170 15.94 15.29 -16.65
N PRO D 171 17.19 15.76 -16.69
CA PRO D 171 18.32 14.87 -16.40
C PRO D 171 18.23 14.29 -15.00
N LYS D 172 18.68 13.04 -14.88
CA LYS D 172 18.62 12.35 -13.59
C LYS D 172 19.53 13.01 -12.57
N ALA D 173 19.10 12.98 -11.31
CA ALA D 173 19.85 13.57 -10.22
C ALA D 173 19.95 12.58 -9.06
N GLU D 174 21.05 12.70 -8.30
CA GLU D 174 21.30 11.82 -7.17
C GLU D 174 21.82 12.65 -5.99
N SER D 175 21.66 12.09 -4.80
CA SER D 175 22.11 12.75 -3.58
C SER D 175 23.64 12.66 -3.47
N PHE D 176 24.19 13.46 -2.57
CA PHE D 176 25.63 13.46 -2.35
C PHE D 176 26.10 12.16 -1.68
N PHE D 177 25.29 11.61 -0.79
CA PHE D 177 25.63 10.41 -0.03
C PHE D 177 24.73 9.28 -0.52
N GLN D 178 25.16 8.60 -1.57
CA GLN D 178 24.40 7.49 -2.15
C GLN D 178 25.30 6.25 -2.18
N THR D 179 24.76 5.13 -1.72
CA THR D 179 25.49 3.87 -1.71
C THR D 179 25.42 3.27 -3.10
N LYS D 180 26.57 3.20 -3.78
CA LYS D 180 26.66 2.69 -5.14
C LYS D 180 27.40 1.37 -5.14
N ALA D 181 26.83 0.38 -5.81
CA ALA D 181 27.43 -0.95 -5.91
C ALA D 181 28.73 -0.91 -6.69
N ALA D 200 24.81 11.14 -14.06
CA ALA D 200 23.88 11.77 -13.14
C ALA D 200 24.50 13.00 -12.49
N ILE D 201 23.68 14.00 -12.21
CA ILE D 201 24.11 15.23 -11.56
C ILE D 201 23.83 15.09 -10.07
N LYS D 202 24.85 15.36 -9.25
CA LYS D 202 24.74 15.23 -7.80
C LYS D 202 24.46 16.60 -7.19
N GLY D 203 23.38 16.67 -6.41
CA GLY D 203 23.00 17.88 -5.71
C GLY D 203 21.84 18.64 -6.34
N ASP D 204 21.50 18.33 -7.59
CA ASP D 204 20.38 18.98 -8.28
C ASP D 204 19.07 18.23 -8.09
N GLN D 205 18.93 17.49 -6.99
CA GLN D 205 17.72 16.71 -6.78
C GLN D 205 16.50 17.61 -6.57
N PHE D 206 16.65 18.67 -5.79
CA PHE D 206 15.52 19.52 -5.38
C PHE D 206 15.51 20.85 -6.13
N LEU D 207 15.87 20.83 -7.41
CA LEU D 207 15.83 22.04 -8.22
C LEU D 207 14.39 22.50 -8.42
N PHE D 208 14.23 23.73 -8.87
CA PHE D 208 12.92 24.34 -9.04
C PHE D 208 12.54 24.37 -10.52
N TYR D 209 11.34 23.89 -10.82
CA TYR D 209 10.79 23.90 -12.17
C TYR D 209 9.43 24.58 -12.13
N GLU D 210 9.30 25.69 -12.86
CA GLU D 210 8.10 26.51 -12.81
C GLU D 210 7.00 25.95 -13.71
N ASP D 211 5.78 25.95 -13.20
CA ASP D 211 4.63 25.40 -13.91
C ASP D 211 3.76 26.52 -14.46
N TRP D 212 2.70 26.14 -15.15
CA TRP D 212 1.79 27.09 -15.80
C TRP D 212 0.58 27.38 -14.90
N GLY D 213 0.88 27.83 -13.69
CA GLY D 213 -0.16 28.38 -12.82
C GLY D 213 -1.23 27.38 -12.43
N GLU D 214 -2.48 27.83 -12.51
CA GLU D 214 -3.61 27.09 -11.97
C GLU D 214 -3.89 25.81 -12.75
N ASN D 215 -4.16 24.73 -12.01
CA ASN D 215 -4.62 23.45 -12.57
C ASN D 215 -3.63 22.85 -13.58
N MET D 216 -2.36 23.25 -13.51
CA MET D 216 -1.33 22.74 -14.40
C MET D 216 -0.08 22.39 -13.60
N VAL D 217 -0.27 21.70 -12.49
CA VAL D 217 0.84 21.36 -11.61
C VAL D 217 1.80 20.42 -12.32
N SER D 218 3.10 20.70 -12.19
CA SER D 218 4.17 19.88 -12.79
C SER D 218 4.04 19.82 -14.31
N LYS D 219 3.89 21.00 -14.92
CA LYS D 219 3.83 21.13 -16.38
C LYS D 219 4.65 22.37 -16.74
N SER D 220 5.94 22.18 -17.02
CA SER D 220 6.88 23.28 -17.17
C SER D 220 7.15 23.62 -18.63
N THR D 221 7.65 22.65 -19.42
CA THR D 221 8.03 22.90 -20.81
C THR D 221 7.65 21.70 -21.66
N PRO D 222 6.59 21.81 -22.46
CA PRO D 222 6.20 20.71 -23.34
C PRO D 222 7.05 20.68 -24.60
N VAL D 223 6.94 19.57 -25.32
CA VAL D 223 7.69 19.33 -26.55
C VAL D 223 6.85 18.47 -27.48
N LEU D 224 7.12 18.58 -28.77
CA LEU D 224 6.40 17.84 -29.80
C LEU D 224 7.08 16.51 -30.08
N CYS D 225 6.31 15.43 -30.05
CA CYS D 225 6.83 14.08 -30.30
C CYS D 225 6.09 13.47 -31.48
N VAL D 226 6.84 12.78 -32.34
CA VAL D 226 6.32 12.14 -33.53
C VAL D 226 6.65 10.66 -33.47
N LEU D 227 5.64 9.82 -33.66
CA LEU D 227 5.77 8.37 -33.58
C LEU D 227 5.49 7.75 -34.95
N ASP D 228 6.39 6.87 -35.39
CA ASP D 228 6.24 6.15 -36.64
C ASP D 228 5.65 4.79 -36.33
N ILE D 229 4.49 4.49 -36.92
CA ILE D 229 3.75 3.28 -36.56
C ILE D 229 4.49 2.03 -37.05
N GLU D 230 5.03 2.08 -38.27
CA GLU D 230 5.69 0.90 -38.84
C GLU D 230 6.91 0.51 -38.01
N SER D 231 7.91 1.40 -37.94
CA SER D 231 9.15 1.07 -37.23
C SER D 231 8.93 1.02 -35.73
N GLY D 232 8.17 1.95 -35.18
CA GLY D 232 7.97 2.04 -33.75
C GLY D 232 8.86 3.04 -33.03
N ASN D 233 9.59 3.87 -33.75
CA ASN D 233 10.48 4.86 -33.15
C ASN D 233 9.72 6.13 -32.80
N ILE D 234 10.26 6.85 -31.81
CA ILE D 234 9.71 8.12 -31.37
C ILE D 234 10.80 9.18 -31.47
N SER D 235 10.50 10.28 -32.14
CA SER D 235 11.48 11.35 -32.34
C SER D 235 10.90 12.68 -31.88
N VAL D 236 11.72 13.48 -31.23
CA VAL D 236 11.33 14.81 -30.78
C VAL D 236 11.84 15.84 -31.77
N LEU D 237 10.99 16.79 -32.12
CA LEU D 237 11.34 17.81 -33.10
C LEU D 237 12.42 18.73 -32.55
N GLU D 238 13.26 19.23 -33.46
CA GLU D 238 14.43 20.01 -33.04
C GLU D 238 14.49 21.37 -33.72
N GLY D 239 13.36 22.08 -33.75
CA GLY D 239 13.34 23.42 -34.34
C GLY D 239 12.60 24.44 -33.51
N VAL D 240 12.01 23.99 -32.41
CA VAL D 240 11.22 24.89 -31.55
C VAL D 240 12.17 25.85 -30.84
N PRO D 241 11.88 27.15 -30.84
CA PRO D 241 12.76 28.11 -30.14
C PRO D 241 12.80 27.82 -28.64
N GLU D 242 13.93 28.19 -28.02
CA GLU D 242 14.16 27.84 -26.63
C GLU D 242 13.17 28.52 -25.70
N SER D 243 12.85 29.79 -25.97
CA SER D 243 11.99 30.59 -25.08
C SER D 243 10.52 30.50 -25.44
N VAL D 244 10.08 29.40 -26.06
CA VAL D 244 8.70 29.25 -26.52
C VAL D 244 8.22 27.85 -26.21
N SER D 245 7.03 27.74 -25.63
CA SER D 245 6.40 26.45 -25.38
C SER D 245 5.39 26.17 -26.48
N PRO D 246 5.47 25.03 -27.17
CA PRO D 246 4.58 24.78 -28.30
C PRO D 246 3.30 24.06 -27.89
N GLY D 247 2.31 24.15 -28.78
CA GLY D 247 1.06 23.45 -28.56
C GLY D 247 0.15 23.56 -29.77
N GLN D 248 -0.99 22.88 -29.67
CA GLN D 248 -2.04 22.92 -30.69
C GLN D 248 -1.50 22.62 -32.08
N ALA D 249 -0.63 21.63 -32.17
CA ALA D 249 0.05 21.33 -33.42
C ALA D 249 -0.83 20.48 -34.34
N PHE D 250 -0.58 20.61 -35.64
CA PHE D 250 -1.21 19.77 -36.64
C PHE D 250 -0.28 19.68 -37.85
N TRP D 251 -0.49 18.65 -38.67
CA TRP D 251 0.40 18.40 -39.78
C TRP D 251 0.17 19.39 -40.90
N ALA D 252 1.26 19.85 -41.51
CA ALA D 252 1.18 20.76 -42.64
C ALA D 252 0.73 20.02 -43.89
N PRO D 253 0.21 20.75 -44.88
CA PRO D 253 -0.16 20.10 -46.14
C PRO D 253 1.04 19.45 -46.82
N GLY D 254 0.90 18.18 -47.17
CA GLY D 254 1.96 17.43 -47.80
C GLY D 254 2.83 16.63 -46.85
N ASP D 255 2.54 16.66 -45.55
CA ASP D 255 3.33 15.95 -44.54
C ASP D 255 4.80 16.35 -44.61
N THR D 256 5.06 17.64 -44.79
CA THR D 256 6.41 18.17 -44.86
C THR D 256 6.86 18.84 -43.57
N GLY D 257 5.93 19.31 -42.75
CA GLY D 257 6.30 19.97 -41.52
C GLY D 257 5.14 19.98 -40.54
N VAL D 258 5.32 20.70 -39.44
CA VAL D 258 4.33 20.81 -38.38
C VAL D 258 4.08 22.28 -38.10
N VAL D 259 2.80 22.66 -38.04
CA VAL D 259 2.38 24.03 -37.74
C VAL D 259 1.78 24.03 -36.35
N PHE D 260 2.26 24.93 -35.49
CA PHE D 260 1.84 24.95 -34.10
C PHE D 260 1.72 26.39 -33.60
N VAL D 261 1.23 26.53 -32.37
CA VAL D 261 1.09 27.80 -31.69
C VAL D 261 2.09 27.83 -30.54
N GLY D 262 2.91 28.86 -30.49
CA GLY D 262 3.94 29.00 -29.48
C GLY D 262 3.61 30.11 -28.49
N TRP D 263 3.74 29.79 -27.21
CA TRP D 263 3.51 30.73 -26.12
C TRP D 263 4.83 31.15 -25.51
N TRP D 264 4.95 32.44 -25.21
CA TRP D 264 6.18 33.00 -24.66
C TRP D 264 6.17 32.90 -23.14
N HIS D 265 7.26 32.38 -22.58
CA HIS D 265 7.38 32.20 -21.14
C HIS D 265 8.65 32.85 -20.62
N GLU D 266 8.98 34.04 -21.11
CA GLU D 266 10.16 34.76 -20.67
C GLU D 266 9.76 36.13 -20.16
N PRO D 267 10.17 36.51 -18.94
CA PRO D 267 10.97 35.75 -17.99
C PRO D 267 10.14 34.92 -17.03
N PHE D 268 8.83 35.14 -16.96
CA PHE D 268 7.95 34.43 -16.04
C PHE D 268 6.97 33.57 -16.83
N ARG D 269 6.26 32.71 -16.10
CA ARG D 269 5.19 31.88 -16.64
C ARG D 269 3.89 32.32 -15.99
N LEU D 270 3.17 33.22 -16.64
CA LEU D 270 1.90 33.68 -16.10
C LEU D 270 0.83 32.61 -16.26
N GLY D 271 -0.21 32.70 -15.45
CA GLY D 271 -1.27 31.71 -15.51
C GLY D 271 -1.97 31.73 -16.86
N ILE D 272 -2.40 30.57 -17.32
CA ILE D 272 -2.99 30.43 -18.63
C ILE D 272 -4.43 29.95 -18.61
N ARG D 273 -4.92 29.38 -17.51
CA ARG D 273 -6.31 28.96 -17.45
C ARG D 273 -7.23 30.17 -17.33
N PHE D 274 -8.32 30.15 -18.12
CA PHE D 274 -9.31 31.22 -18.16
C PHE D 274 -8.70 32.56 -18.58
N CYS D 275 -7.58 32.54 -19.31
CA CYS D 275 -6.92 33.75 -19.74
C CYS D 275 -6.53 33.60 -21.21
N THR D 276 -6.90 34.59 -22.02
CA THR D 276 -6.63 34.59 -23.45
C THR D 276 -5.91 35.86 -23.87
N ASN D 277 -4.97 36.33 -23.05
CA ASN D 277 -4.21 37.52 -23.36
C ASN D 277 -2.70 37.29 -23.26
N ARG D 278 -2.26 36.03 -23.29
CA ARG D 278 -0.85 35.73 -23.21
C ARG D 278 -0.21 35.85 -24.59
N ARG D 279 1.00 36.42 -24.62
CA ARG D 279 1.70 36.60 -25.89
C ARG D 279 1.96 35.25 -26.55
N SER D 280 1.69 35.17 -27.85
CA SER D 280 1.81 33.92 -28.58
C SER D 280 2.04 34.24 -30.06
N ALA D 281 2.30 33.18 -30.83
CA ALA D 281 2.50 33.34 -32.26
C ALA D 281 2.25 32.00 -32.95
N LEU D 282 2.23 32.03 -34.27
CA LEU D 282 2.01 30.85 -35.10
C LEU D 282 3.32 30.51 -35.81
N TYR D 283 3.80 29.28 -35.62
CA TYR D 283 5.09 28.87 -36.15
C TYR D 283 4.96 27.63 -37.02
N TYR D 284 5.90 27.47 -37.94
CA TYR D 284 5.99 26.30 -38.81
C TYR D 284 7.40 25.75 -38.75
N VAL D 285 7.53 24.44 -38.50
CA VAL D 285 8.82 23.80 -38.31
C VAL D 285 8.91 22.57 -39.20
N ASP D 286 9.97 22.48 -40.00
CA ASP D 286 10.18 21.32 -40.85
C ASP D 286 10.59 20.11 -40.03
N LEU D 287 10.22 18.93 -40.53
CA LEU D 287 10.53 17.69 -39.81
C LEU D 287 12.02 17.46 -39.69
N THR D 288 12.77 17.70 -40.77
CA THR D 288 14.21 17.50 -40.80
C THR D 288 14.90 18.82 -41.10
N GLY D 289 16.01 19.07 -40.40
CA GLY D 289 16.78 20.27 -40.56
C GLY D 289 16.52 21.35 -39.52
N GLY D 290 15.39 21.28 -38.82
CA GLY D 290 15.11 22.24 -37.77
C GLY D 290 14.80 23.64 -38.25
N LYS D 291 14.41 23.80 -39.51
CA LYS D 291 14.04 25.11 -40.01
C LYS D 291 12.75 25.60 -39.37
N CYS D 292 12.72 26.87 -39.00
CA CYS D 292 11.57 27.46 -38.35
C CYS D 292 11.16 28.72 -39.10
N GLU D 293 9.85 28.96 -39.17
CA GLU D 293 9.31 30.11 -39.88
C GLU D 293 8.13 30.68 -39.10
N LEU D 294 7.96 31.99 -39.20
CA LEU D 294 6.90 32.71 -38.51
C LEU D 294 5.79 33.07 -39.50
N LEU D 295 4.54 32.92 -39.05
CA LEU D 295 3.40 33.13 -39.92
C LEU D 295 2.45 34.23 -39.49
N SER D 296 2.64 34.82 -38.31
CA SER D 296 1.75 35.86 -37.80
C SER D 296 2.55 36.89 -37.04
N ASP D 297 1.86 37.91 -36.55
CA ASP D 297 2.50 38.94 -35.73
C ASP D 297 2.92 38.37 -34.38
N GLU D 298 4.03 38.89 -33.86
CA GLU D 298 4.63 38.38 -32.64
C GLU D 298 4.30 39.22 -31.41
N SER D 299 3.41 40.19 -31.54
CA SER D 299 3.09 41.10 -30.44
C SER D 299 1.61 41.05 -30.07
N VAL D 300 0.96 39.91 -30.30
CA VAL D 300 -0.46 39.76 -30.00
C VAL D 300 -0.76 38.28 -29.88
N ALA D 301 -1.79 37.95 -29.12
CA ALA D 301 -2.19 36.56 -28.91
C ALA D 301 -2.90 36.01 -30.14
N VAL D 302 -2.50 34.81 -30.56
CA VAL D 302 -3.12 34.10 -31.67
C VAL D 302 -3.39 32.67 -31.23
N THR D 303 -4.57 32.15 -31.56
CA THR D 303 -4.97 30.84 -31.07
C THR D 303 -5.89 30.16 -32.06
N SER D 304 -6.15 28.87 -31.81
CA SER D 304 -7.11 28.03 -32.51
C SER D 304 -6.92 28.05 -34.02
N PRO D 305 -5.84 27.48 -34.54
CA PRO D 305 -5.69 27.38 -36.00
C PRO D 305 -6.29 26.10 -36.56
N ARG D 306 -6.96 26.23 -37.70
CA ARG D 306 -7.60 25.10 -38.37
C ARG D 306 -7.23 25.13 -39.84
N LEU D 307 -7.26 23.95 -40.47
CA LEU D 307 -6.88 23.78 -41.86
C LEU D 307 -8.09 23.39 -42.70
N SER D 308 -8.20 23.97 -43.89
CA SER D 308 -9.32 23.70 -44.76
C SER D 308 -9.20 22.31 -45.39
N PRO D 309 -10.33 21.67 -45.72
CA PRO D 309 -10.25 20.37 -46.42
C PRO D 309 -9.54 20.46 -47.76
N ASP D 310 -9.61 21.59 -48.45
CA ASP D 310 -8.84 21.77 -49.68
C ASP D 310 -7.35 21.90 -49.41
N GLN D 311 -6.94 22.07 -48.15
CA GLN D 311 -5.54 22.17 -47.76
C GLN D 311 -4.86 23.36 -48.43
N CYS D 312 -5.52 24.52 -48.39
CA CYS D 312 -4.99 25.71 -49.01
C CYS D 312 -5.14 26.97 -48.17
N ARG D 313 -5.72 26.91 -46.98
CA ARG D 313 -5.88 28.10 -46.16
C ARG D 313 -5.97 27.68 -44.69
N ILE D 314 -5.66 28.63 -43.82
CA ILE D 314 -5.69 28.43 -42.37
C ILE D 314 -6.47 29.58 -41.75
N VAL D 315 -7.26 29.30 -40.73
CA VAL D 315 -8.05 30.30 -40.04
C VAL D 315 -7.78 30.22 -38.54
N TYR D 316 -7.61 31.38 -37.91
CA TYR D 316 -7.32 31.42 -36.48
C TYR D 316 -7.96 32.65 -35.86
N LEU D 317 -7.82 32.78 -34.54
CA LEU D 317 -8.36 33.92 -33.80
C LEU D 317 -7.22 34.76 -33.26
N ARG D 318 -7.31 36.07 -33.45
CA ARG D 318 -6.29 37.01 -33.00
C ARG D 318 -6.91 38.00 -32.03
N PHE D 319 -6.20 38.28 -30.93
CA PHE D 319 -6.68 39.17 -29.90
C PHE D 319 -5.86 40.45 -29.89
N PRO D 320 -6.49 41.62 -30.06
CA PRO D 320 -5.69 42.85 -30.23
C PRO D 320 -5.04 43.34 -28.94
N SER D 321 -5.76 43.35 -27.84
CA SER D 321 -5.26 43.91 -26.59
C SER D 321 -4.84 42.80 -25.63
N LEU D 322 -4.03 43.18 -24.64
CA LEU D 322 -3.53 42.24 -23.66
C LEU D 322 -3.96 42.58 -22.23
N VAL D 323 -4.75 43.62 -22.04
CA VAL D 323 -5.12 44.07 -20.69
C VAL D 323 -6.17 43.15 -20.08
N PRO D 324 -7.35 42.95 -20.67
CA PRO D 324 -8.35 42.11 -20.02
C PRO D 324 -8.13 40.63 -20.32
N HIS D 325 -8.54 39.80 -19.37
CA HIS D 325 -8.33 38.36 -19.50
C HIS D 325 -9.29 37.70 -20.49
N GLN D 326 -10.38 38.37 -20.87
CA GLN D 326 -11.27 37.87 -21.90
C GLN D 326 -11.83 39.06 -22.66
N GLN D 327 -11.73 39.01 -23.99
CA GLN D 327 -12.13 40.13 -24.83
C GLN D 327 -12.74 39.58 -26.12
N CYS D 328 -12.97 40.47 -27.07
CA CYS D 328 -13.54 40.11 -28.38
C CYS D 328 -12.41 40.04 -29.39
N GLY D 329 -12.21 38.85 -29.98
CA GLY D 329 -11.17 38.64 -30.95
C GLY D 329 -11.65 38.85 -32.37
N GLN D 330 -10.72 38.66 -33.31
CA GLN D 330 -11.02 38.77 -34.73
C GLN D 330 -10.57 37.51 -35.45
N LEU D 331 -11.35 37.10 -36.45
CA LEU D 331 -11.07 35.89 -37.21
C LEU D 331 -10.15 36.24 -38.37
N CYS D 332 -8.93 35.72 -38.35
CA CYS D 332 -7.93 36.00 -39.37
C CYS D 332 -7.72 34.77 -40.24
N LEU D 333 -7.39 35.03 -41.51
CA LEU D 333 -7.20 33.99 -42.51
C LEU D 333 -5.83 34.16 -43.16
N TYR D 334 -5.16 33.03 -43.42
CA TYR D 334 -3.83 33.00 -44.00
C TYR D 334 -3.84 32.02 -45.18
N ASP D 335 -3.31 32.47 -46.32
CA ASP D 335 -3.27 31.64 -47.51
C ASP D 335 -1.93 30.93 -47.59
N TRP D 336 -1.96 29.60 -47.78
CA TRP D 336 -0.73 28.82 -47.75
C TRP D 336 0.13 29.08 -48.98
N TYR D 337 -0.49 29.23 -50.15
CA TYR D 337 0.26 29.41 -51.38
C TYR D 337 0.61 30.87 -51.64
N THR D 338 -0.40 31.75 -51.59
CA THR D 338 -0.16 33.17 -51.85
C THR D 338 0.61 33.85 -50.73
N ARG D 339 0.68 33.24 -49.54
CA ARG D 339 1.38 33.81 -48.40
C ARG D 339 0.88 35.21 -48.06
N VAL D 340 -0.44 35.33 -47.91
CA VAL D 340 -1.08 36.59 -47.58
C VAL D 340 -2.00 36.38 -46.39
N THR D 341 -2.26 37.46 -45.66
CA THR D 341 -3.10 37.44 -44.48
C THR D 341 -4.23 38.45 -44.63
N SER D 342 -5.37 38.14 -44.03
CA SER D 342 -6.54 39.00 -44.11
C SER D 342 -7.39 38.82 -42.86
N VAL D 343 -8.30 39.76 -42.64
CA VAL D 343 -9.20 39.74 -41.49
C VAL D 343 -10.60 39.47 -42.01
N VAL D 344 -11.09 38.24 -41.81
CA VAL D 344 -12.43 37.88 -42.25
C VAL D 344 -13.47 38.60 -41.41
N VAL D 345 -13.28 38.65 -40.09
CA VAL D 345 -14.19 39.34 -39.19
C VAL D 345 -13.36 40.27 -38.30
N ASP D 346 -14.02 41.32 -37.81
CA ASP D 346 -13.36 42.33 -37.00
C ASP D 346 -14.12 42.51 -35.69
N ILE D 347 -13.55 43.34 -34.82
CA ILE D 347 -14.13 43.57 -33.50
C ILE D 347 -15.34 44.49 -33.63
N VAL D 348 -16.48 44.04 -33.12
CA VAL D 348 -17.70 44.82 -33.13
C VAL D 348 -17.69 45.74 -31.91
N PRO D 349 -17.73 47.07 -32.09
CA PRO D 349 -17.69 47.97 -30.94
C PRO D 349 -18.89 47.81 -30.03
N ARG D 350 -20.10 47.98 -30.58
CA ARG D 350 -21.32 47.79 -29.80
C ARG D 350 -22.16 46.64 -30.33
N GLN D 351 -22.54 46.67 -31.60
CA GLN D 351 -23.34 45.61 -32.21
C GLN D 351 -23.37 45.76 -33.73
N LEU D 352 -23.00 44.71 -34.45
CA LEU D 352 -23.04 44.70 -35.92
C LEU D 352 -24.34 44.02 -36.33
N GLY D 353 -25.41 44.80 -36.39
CA GLY D 353 -26.73 44.24 -36.65
C GLY D 353 -27.42 43.77 -35.38
N GLU D 354 -28.61 43.24 -35.58
CA GLU D 354 -29.42 42.76 -34.47
C GLU D 354 -29.20 41.28 -34.16
N ASP D 355 -28.15 40.68 -34.73
CA ASP D 355 -27.88 39.26 -34.54
C ASP D 355 -26.45 38.94 -34.15
N PHE D 356 -25.51 39.87 -34.31
CA PHE D 356 -24.10 39.63 -34.02
C PHE D 356 -23.59 40.66 -33.03
N SER D 357 -22.69 40.23 -32.14
CA SER D 357 -22.03 41.13 -31.21
C SER D 357 -20.54 40.87 -31.05
N GLY D 358 -19.98 39.88 -31.72
CA GLY D 358 -18.56 39.59 -31.64
C GLY D 358 -18.30 38.13 -31.38
N ILE D 359 -17.04 37.76 -31.56
CA ILE D 359 -16.56 36.39 -31.34
C ILE D 359 -15.95 36.33 -29.95
N TYR D 360 -16.51 35.47 -29.10
CA TYR D 360 -16.08 35.35 -27.71
C TYR D 360 -15.69 33.93 -27.33
N CYS D 361 -15.49 33.05 -28.31
CA CYS D 361 -15.11 31.66 -28.04
C CYS D 361 -13.60 31.54 -27.97
N SER D 362 -13.11 30.84 -26.94
CA SER D 362 -11.67 30.67 -26.78
C SER D 362 -11.10 29.67 -27.79
N LEU D 363 -11.83 28.60 -28.06
CA LEU D 363 -11.39 27.55 -28.96
C LEU D 363 -12.45 27.31 -30.02
N LEU D 364 -12.02 27.28 -31.28
CA LEU D 364 -12.92 26.89 -32.36
C LEU D 364 -13.14 25.37 -32.32
N PRO D 365 -14.24 24.90 -32.90
CA PRO D 365 -14.48 23.46 -32.94
C PRO D 365 -13.39 22.73 -33.72
N LEU D 366 -13.17 21.47 -33.37
CA LEU D 366 -12.16 20.68 -34.05
C LEU D 366 -12.45 20.58 -35.54
N GLY D 367 -13.71 20.36 -35.90
CA GLY D 367 -14.14 20.48 -37.28
C GLY D 367 -15.02 21.69 -37.42
N CYS D 368 -14.60 22.67 -38.23
CA CYS D 368 -15.35 23.91 -38.40
C CYS D 368 -15.52 24.34 -39.85
N TRP D 369 -14.75 23.80 -40.79
CA TRP D 369 -14.87 24.19 -42.18
C TRP D 369 -16.09 23.51 -42.81
N SER D 370 -16.32 23.83 -44.08
CA SER D 370 -17.39 23.22 -44.87
C SER D 370 -16.79 22.44 -46.03
N ALA D 371 -17.65 21.72 -46.75
CA ALA D 371 -17.19 20.93 -47.88
C ALA D 371 -16.59 21.81 -48.97
N ASP D 372 -17.22 22.97 -49.22
CA ASP D 372 -16.73 23.89 -50.23
C ASP D 372 -15.44 24.59 -49.82
N SER D 373 -15.02 24.45 -48.57
CA SER D 373 -13.80 25.08 -48.06
C SER D 373 -13.84 26.59 -48.22
N GLN D 374 -15.01 27.17 -48.01
CA GLN D 374 -15.19 28.61 -48.11
C GLN D 374 -16.01 29.21 -46.97
N ARG D 375 -16.55 28.38 -46.08
CA ARG D 375 -17.37 28.86 -44.97
C ARG D 375 -16.90 28.23 -43.67
N VAL D 376 -17.08 28.96 -42.58
CA VAL D 376 -16.67 28.51 -41.25
C VAL D 376 -17.86 28.69 -40.31
N VAL D 377 -18.20 27.64 -39.57
CA VAL D 377 -19.32 27.65 -38.64
C VAL D 377 -18.76 27.57 -37.22
N PHE D 378 -19.21 28.49 -36.36
CA PHE D 378 -18.80 28.50 -34.97
C PHE D 378 -20.01 28.81 -34.09
N ASP D 379 -19.80 28.83 -32.78
CA ASP D 379 -20.84 29.16 -31.81
C ASP D 379 -20.31 30.23 -30.88
N SER D 380 -21.09 31.29 -30.69
CA SER D 380 -20.67 32.42 -29.89
C SER D 380 -21.83 32.92 -29.04
N PRO D 381 -21.54 33.53 -27.88
CA PRO D 381 -22.60 34.17 -27.11
C PRO D 381 -23.09 35.43 -27.79
N GLN D 382 -24.34 35.78 -27.49
CA GLN D 382 -24.97 36.98 -28.01
C GLN D 382 -25.98 37.44 -26.98
N ARG D 383 -25.80 38.65 -26.44
CA ARG D 383 -26.63 39.15 -25.36
C ARG D 383 -26.65 38.15 -24.21
N SER D 384 -27.83 37.63 -23.90
CA SER D 384 -27.99 36.66 -22.82
C SER D 384 -28.31 35.26 -23.35
N ARG D 385 -27.78 34.90 -24.51
CA ARG D 385 -27.98 33.56 -25.06
C ARG D 385 -26.73 33.15 -25.83
N GLN D 386 -26.78 31.96 -26.43
CA GLN D 386 -25.69 31.45 -27.26
C GLN D 386 -26.26 31.03 -28.60
N ASP D 387 -25.55 31.36 -29.68
CA ASP D 387 -26.06 31.12 -31.02
C ASP D 387 -24.97 30.53 -31.89
N LEU D 388 -25.38 30.04 -33.06
CA LEU D 388 -24.48 29.49 -34.07
C LEU D 388 -24.41 30.44 -35.26
N PHE D 389 -23.18 30.67 -35.74
CA PHE D 389 -22.95 31.62 -36.82
C PHE D 389 -22.13 30.97 -37.92
N ALA D 390 -22.40 31.38 -39.16
CA ALA D 390 -21.66 30.94 -40.34
C ALA D 390 -21.06 32.17 -41.02
N VAL D 391 -19.76 32.12 -41.27
CA VAL D 391 -19.01 33.26 -41.80
C VAL D 391 -18.35 32.83 -43.10
N ASP D 392 -18.48 33.65 -44.14
CA ASP D 392 -17.82 33.43 -45.41
C ASP D 392 -16.43 34.05 -45.38
N THR D 393 -15.46 33.32 -45.91
CA THR D 393 -14.07 33.78 -45.90
C THR D 393 -13.71 34.63 -47.10
N GLN D 394 -14.66 34.88 -48.01
CA GLN D 394 -14.42 35.75 -49.16
C GLN D 394 -15.23 37.04 -49.07
N MET D 395 -16.55 36.93 -48.90
CA MET D 395 -17.37 38.13 -48.78
C MET D 395 -17.16 38.80 -47.42
N GLY D 396 -17.15 38.01 -46.35
CA GLY D 396 -16.98 38.53 -45.00
C GLY D 396 -18.26 38.66 -44.20
N SER D 397 -19.40 38.26 -44.75
CA SER D 397 -20.66 38.36 -44.03
C SER D 397 -20.81 37.24 -43.01
N VAL D 398 -21.53 37.53 -41.93
CA VAL D 398 -21.80 36.58 -40.87
C VAL D 398 -23.32 36.42 -40.75
N THR D 399 -23.79 35.18 -40.85
CA THR D 399 -25.22 34.88 -40.81
C THR D 399 -25.51 33.98 -39.62
N SER D 400 -26.57 34.31 -38.87
CA SER D 400 -26.96 33.54 -37.70
C SER D 400 -27.96 32.46 -38.10
N LEU D 401 -27.58 31.20 -37.90
CA LEU D 401 -28.47 30.10 -38.25
C LEU D 401 -29.59 29.92 -37.25
N THR D 402 -29.34 30.19 -35.96
CA THR D 402 -30.33 30.02 -34.91
C THR D 402 -30.97 31.33 -34.49
N ALA D 403 -31.02 32.31 -35.39
CA ALA D 403 -31.59 33.61 -35.08
C ALA D 403 -33.09 33.49 -34.84
N GLY D 404 -33.63 34.42 -34.06
CA GLY D 404 -35.03 34.41 -33.72
C GLY D 404 -35.35 33.44 -32.60
N GLY D 405 -36.63 33.28 -32.33
CA GLY D 405 -37.08 32.41 -31.28
C GLY D 405 -37.16 33.11 -29.93
N SER D 406 -37.43 32.30 -28.91
CA SER D 406 -37.56 32.81 -27.55
C SER D 406 -36.27 32.75 -26.76
N GLY D 407 -35.35 31.86 -27.11
CA GLY D 407 -34.10 31.75 -26.40
C GLY D 407 -33.50 30.36 -26.58
N GLY D 408 -32.60 30.03 -25.68
CA GLY D 408 -31.92 28.75 -25.70
C GLY D 408 -30.44 28.88 -26.02
N SER D 409 -29.70 27.82 -25.70
CA SER D 409 -28.27 27.75 -25.92
C SER D 409 -27.94 26.61 -26.87
N TRP D 410 -27.20 26.92 -27.93
CA TRP D 410 -26.80 25.96 -28.95
C TRP D 410 -25.28 25.81 -28.93
N LYS D 411 -24.82 24.57 -29.06
CA LYS D 411 -23.38 24.29 -29.11
C LYS D 411 -23.10 23.35 -30.27
N LEU D 412 -22.06 23.65 -31.04
CA LEU D 412 -21.68 22.83 -32.18
C LEU D 412 -20.60 21.84 -31.77
N LEU D 413 -20.82 20.56 -32.04
CA LEU D 413 -19.83 19.54 -31.70
C LEU D 413 -18.93 19.18 -32.86
N THR D 414 -19.48 19.01 -34.05
CA THR D 414 -18.66 18.70 -35.22
C THR D 414 -19.45 19.02 -36.48
N ILE D 415 -18.72 19.17 -37.59
CA ILE D 415 -19.32 19.31 -38.92
C ILE D 415 -18.43 18.63 -39.94
N ASP D 416 -18.97 17.61 -40.60
CA ASP D 416 -18.23 16.87 -41.62
C ASP D 416 -19.15 16.65 -42.81
N ARG D 417 -18.67 17.02 -44.00
CA ARG D 417 -19.43 16.88 -45.25
C ARG D 417 -20.81 17.54 -45.12
N ASP D 418 -20.81 18.76 -44.58
CA ASP D 418 -22.01 19.59 -44.45
C ASP D 418 -23.06 18.97 -43.54
N LEU D 419 -22.65 18.09 -42.61
CA LEU D 419 -23.55 17.51 -41.62
C LEU D 419 -23.12 18.01 -40.24
N MET D 420 -24.03 18.66 -39.52
CA MET D 420 -23.71 19.33 -38.27
C MET D 420 -24.38 18.62 -37.11
N VAL D 421 -23.63 18.40 -36.04
CA VAL D 421 -24.12 17.81 -34.80
C VAL D 421 -24.16 18.90 -33.74
N VAL D 422 -25.30 19.05 -33.09
CA VAL D 422 -25.58 20.21 -32.24
C VAL D 422 -26.20 19.74 -30.93
N GLN D 423 -25.82 20.38 -29.84
CA GLN D 423 -26.45 20.18 -28.54
C GLN D 423 -27.27 21.42 -28.19
N PHE D 424 -28.53 21.22 -27.81
CA PHE D 424 -29.44 22.30 -27.49
C PHE D 424 -29.89 22.18 -26.04
N SER D 425 -29.77 23.27 -25.29
CA SER D 425 -30.17 23.26 -23.88
C SER D 425 -30.90 24.56 -23.55
N THR D 426 -31.83 24.47 -22.61
CA THR D 426 -32.58 25.60 -22.11
C THR D 426 -32.74 25.44 -20.60
N PRO D 427 -32.88 26.54 -19.85
CA PRO D 427 -32.98 26.45 -18.38
C PRO D 427 -34.05 25.49 -17.87
N SER D 428 -35.04 25.15 -18.68
CA SER D 428 -36.13 24.30 -18.25
C SER D 428 -36.12 22.92 -18.93
N VAL D 429 -35.02 22.55 -19.58
CA VAL D 429 -34.92 21.22 -20.19
C VAL D 429 -33.47 20.81 -20.31
N PRO D 430 -33.11 19.58 -19.92
CA PRO D 430 -31.72 19.13 -20.02
C PRO D 430 -31.27 19.08 -21.48
N PRO D 431 -29.96 19.02 -21.73
CA PRO D 431 -29.48 19.08 -23.11
C PRO D 431 -29.98 17.94 -23.98
N SER D 432 -30.17 18.24 -25.26
CA SER D 432 -30.65 17.28 -26.24
C SER D 432 -29.78 17.35 -27.49
N LEU D 433 -29.76 16.25 -28.23
CA LEU D 433 -28.91 16.09 -29.39
C LEU D 433 -29.71 16.30 -30.68
N LYS D 434 -29.08 16.93 -31.68
CA LYS D 434 -29.74 17.21 -32.94
C LYS D 434 -28.73 17.11 -34.07
N VAL D 435 -29.22 16.80 -35.26
CA VAL D 435 -28.41 16.68 -36.47
C VAL D 435 -29.08 17.49 -37.57
N GLY D 436 -28.28 18.30 -38.28
CA GLY D 436 -28.80 19.12 -39.35
C GLY D 436 -27.89 19.12 -40.55
N PHE D 437 -28.43 19.65 -41.66
CA PHE D 437 -27.69 19.78 -42.91
C PHE D 437 -27.51 21.25 -43.24
N LEU D 438 -26.31 21.61 -43.66
CA LEU D 438 -26.01 23.00 -43.98
C LEU D 438 -26.48 23.33 -45.39
N PRO D 439 -27.42 24.24 -45.57
CA PRO D 439 -27.89 24.58 -46.92
C PRO D 439 -26.85 25.41 -47.66
N PRO D 440 -26.95 25.51 -48.99
CA PRO D 440 -25.95 26.28 -49.74
C PRO D 440 -25.99 27.75 -49.38
N ALA D 441 -25.02 28.48 -49.93
CA ALA D 441 -24.83 29.89 -49.57
C ALA D 441 -26.04 30.73 -49.96
N GLY D 442 -26.37 31.69 -49.10
CA GLY D 442 -27.48 32.58 -49.34
C GLY D 442 -28.80 32.16 -48.75
N LYS D 443 -28.91 30.94 -48.24
CA LYS D 443 -30.14 30.44 -47.63
C LYS D 443 -29.83 29.67 -46.36
N GLU D 444 -28.86 30.15 -45.58
CA GLU D 444 -28.40 29.41 -44.41
C GLU D 444 -29.44 29.39 -43.29
N GLN D 445 -30.29 30.42 -43.21
CA GLN D 445 -31.24 30.52 -42.11
C GLN D 445 -32.36 29.50 -42.19
N ALA D 446 -32.54 28.83 -43.34
CA ALA D 446 -33.60 27.84 -43.49
C ALA D 446 -33.03 26.43 -43.28
N VAL D 447 -32.63 26.17 -42.05
CA VAL D 447 -32.01 24.91 -41.65
C VAL D 447 -33.00 24.12 -40.80
N SER D 448 -33.17 22.85 -41.12
CA SER D 448 -34.09 21.97 -40.41
C SER D 448 -33.31 20.97 -39.55
N TRP D 449 -33.81 20.73 -38.34
CA TRP D 449 -33.14 19.87 -37.38
C TRP D 449 -33.92 18.56 -37.21
N VAL D 450 -33.18 17.50 -36.90
CA VAL D 450 -33.77 16.20 -36.58
C VAL D 450 -33.28 15.81 -35.19
N SER D 451 -34.21 15.43 -34.32
CA SER D 451 -33.90 15.18 -32.92
C SER D 451 -33.47 13.73 -32.74
N LEU D 452 -32.17 13.51 -32.57
CA LEU D 452 -31.66 12.16 -32.31
C LEU D 452 -32.04 11.71 -30.90
N GLU D 453 -31.82 12.58 -29.91
CA GLU D 453 -32.12 12.25 -28.51
C GLU D 453 -32.72 13.48 -27.85
N GLU D 454 -33.91 13.33 -27.28
CA GLU D 454 -34.62 14.40 -26.62
C GLU D 454 -34.88 14.04 -25.16
N ALA D 455 -34.66 15.00 -24.27
CA ALA D 455 -34.84 14.79 -22.84
C ALA D 455 -36.15 15.42 -22.37
N GLU D 456 -36.81 14.77 -21.43
CA GLU D 456 -38.07 15.28 -20.92
C GLU D 456 -37.85 16.60 -20.20
N PRO D 457 -38.71 17.59 -20.41
CA PRO D 457 -38.52 18.90 -19.80
C PRO D 457 -39.19 19.00 -18.42
N PHE D 458 -38.84 20.06 -17.70
CA PHE D 458 -39.45 20.36 -16.41
C PHE D 458 -40.41 21.52 -16.59
N PRO D 459 -41.72 21.30 -16.55
CA PRO D 459 -42.67 22.38 -16.77
C PRO D 459 -42.97 23.24 -15.55
N ASP D 460 -42.19 23.12 -14.48
CA ASP D 460 -42.41 23.89 -13.26
C ASP D 460 -41.44 25.06 -13.14
N ILE D 461 -40.74 25.41 -14.21
CA ILE D 461 -39.76 26.50 -14.20
C ILE D 461 -40.06 27.43 -15.37
N SER D 462 -40.22 28.71 -15.07
CA SER D 462 -40.45 29.74 -16.08
C SER D 462 -39.31 30.75 -16.03
N TRP D 463 -38.74 31.05 -17.19
CA TRP D 463 -37.59 31.94 -17.28
C TRP D 463 -37.87 33.09 -18.23
N SER D 464 -37.26 34.24 -17.94
CA SER D 464 -37.43 35.44 -18.75
C SER D 464 -36.14 36.25 -18.69
N ILE D 465 -36.00 37.17 -19.64
CA ILE D 465 -34.83 38.03 -19.74
C ILE D 465 -35.28 39.48 -19.60
N ARG D 466 -34.63 40.22 -18.71
CA ARG D 466 -34.95 41.61 -18.43
C ARG D 466 -33.80 42.50 -18.85
N VAL D 467 -34.12 43.62 -19.51
CA VAL D 467 -33.14 44.59 -19.97
C VAL D 467 -33.18 45.81 -19.05
N LEU D 468 -32.02 46.24 -18.58
CA LEU D 468 -31.91 47.31 -17.61
C LEU D 468 -31.00 48.41 -18.14
N GLN D 469 -31.42 49.66 -17.93
CA GLN D 469 -30.67 50.83 -18.34
C GLN D 469 -30.19 51.60 -17.13
N PRO D 470 -28.89 51.87 -16.99
CA PRO D 470 -28.40 52.56 -15.81
C PRO D 470 -28.84 54.02 -15.82
N PRO D 471 -29.08 54.61 -14.64
CA PRO D 471 -29.42 56.03 -14.48
C PRO D 471 -28.47 56.96 -15.23
N GLN D 473 -26.05 59.57 -13.99
CA GLN D 473 -25.13 59.68 -12.87
C GLN D 473 -24.15 58.51 -12.86
N GLN D 474 -24.70 57.29 -12.94
CA GLN D 474 -23.87 56.09 -12.91
C GLN D 474 -23.16 55.83 -14.24
N GLU D 475 -23.59 56.45 -15.33
CA GLU D 475 -22.96 56.25 -16.62
C GLU D 475 -21.70 57.09 -16.74
N HIS D 476 -20.68 56.51 -17.35
CA HIS D 476 -19.42 57.20 -17.57
C HIS D 476 -19.54 58.13 -18.78
N VAL D 477 -18.45 58.84 -19.09
CA VAL D 477 -18.45 59.78 -20.20
C VAL D 477 -17.95 59.14 -21.48
N GLN D 478 -16.90 58.30 -21.38
CA GLN D 478 -16.34 57.69 -22.59
C GLN D 478 -17.30 56.67 -23.18
N TYR D 479 -18.01 55.93 -22.34
CA TYR D 479 -18.92 54.87 -22.77
C TYR D 479 -20.30 55.14 -22.19
N ALA D 480 -21.19 55.68 -23.02
CA ALA D 480 -22.55 56.02 -22.58
C ALA D 480 -23.57 55.28 -23.45
N GLY D 481 -24.72 54.99 -22.85
CA GLY D 481 -25.80 54.31 -23.54
C GLY D 481 -25.79 52.80 -23.42
N LEU D 482 -24.79 52.22 -22.78
CA LEU D 482 -24.73 50.77 -22.63
C LEU D 482 -25.81 50.29 -21.67
N ASP D 483 -26.36 49.11 -21.96
CA ASP D 483 -27.36 48.47 -21.12
C ASP D 483 -26.95 47.04 -20.85
N PHE D 484 -27.42 46.50 -19.73
CA PHE D 484 -27.13 45.13 -19.33
C PHE D 484 -28.44 44.37 -19.16
N GLU D 485 -28.32 43.09 -18.79
CA GLU D 485 -29.47 42.20 -18.75
C GLU D 485 -29.38 41.29 -17.53
N ALA D 486 -30.50 40.65 -17.21
CA ALA D 486 -30.60 39.73 -16.08
C ALA D 486 -31.62 38.65 -16.39
N ILE D 487 -31.29 37.41 -16.03
CA ILE D 487 -32.16 36.27 -16.25
C ILE D 487 -32.92 35.98 -14.96
N LEU D 488 -34.23 35.84 -15.06
CA LEU D 488 -35.09 35.62 -13.91
C LEU D 488 -35.82 34.30 -14.04
N LEU D 489 -35.69 33.45 -13.02
CA LEU D 489 -36.37 32.16 -12.96
C LEU D 489 -37.38 32.19 -11.81
N GLN D 490 -38.63 31.83 -12.11
CA GLN D 490 -39.69 31.86 -11.12
C GLN D 490 -40.56 30.63 -11.30
N PRO D 491 -41.25 30.20 -10.25
CA PRO D 491 -42.18 29.07 -10.39
C PRO D 491 -43.32 29.40 -11.35
N SER D 492 -43.79 28.37 -12.05
CA SER D 492 -44.86 28.53 -13.02
C SER D 492 -46.21 28.20 -12.41
N GLN D 499 -44.51 37.00 -1.69
CA GLN D 499 -44.22 36.00 -0.66
C GLN D 499 -43.19 35.01 -1.14
N VAL D 500 -42.50 35.34 -2.22
CA VAL D 500 -41.52 34.47 -2.86
C VAL D 500 -40.13 35.04 -2.57
N PRO D 501 -39.28 34.32 -1.84
CA PRO D 501 -37.91 34.78 -1.65
C PRO D 501 -37.10 34.70 -2.93
N MET D 502 -36.06 35.52 -3.01
CA MET D 502 -35.21 35.60 -4.18
C MET D 502 -33.76 35.32 -3.82
N VAL D 503 -33.02 34.78 -4.78
CA VAL D 503 -31.58 34.56 -4.65
C VAL D 503 -30.90 35.27 -5.81
N VAL D 504 -29.94 36.13 -5.50
CA VAL D 504 -29.23 36.92 -6.50
C VAL D 504 -27.85 36.32 -6.71
N MET D 505 -27.50 36.07 -7.97
CA MET D 505 -26.23 35.43 -8.32
C MET D 505 -25.52 36.24 -9.39
N PRO D 506 -24.44 36.94 -9.05
CA PRO D 506 -23.58 37.52 -10.09
C PRO D 506 -22.52 36.55 -10.55
N HIS D 507 -22.09 36.72 -11.81
CA HIS D 507 -21.06 35.83 -12.40
C HIS D 507 -19.66 36.32 -12.01
N GLY D 508 -18.64 35.49 -12.27
CA GLY D 508 -17.26 35.86 -11.95
C GLY D 508 -16.54 36.38 -13.18
N GLY D 509 -15.21 36.38 -13.15
CA GLY D 509 -14.41 36.90 -14.29
C GLY D 509 -13.41 38.01 -14.07
N PRO D 510 -13.79 39.29 -14.10
CA PRO D 510 -15.15 39.77 -14.29
C PRO D 510 -15.63 39.84 -15.73
N HIS D 511 -14.93 39.15 -16.64
CA HIS D 511 -15.27 39.23 -18.09
C HIS D 511 -15.86 37.89 -18.55
N SER D 512 -16.81 37.34 -17.80
CA SER D 512 -17.51 36.09 -18.23
C SER D 512 -18.97 36.46 -18.53
N SER D 513 -19.89 35.48 -18.53
CA SER D 513 -21.32 35.84 -18.75
C SER D 513 -22.26 34.64 -18.53
N PHE D 514 -23.50 34.91 -18.11
CA PHE D 514 -24.51 33.88 -17.98
C PHE D 514 -25.27 33.74 -19.29
N VAL D 515 -25.60 32.50 -19.65
CA VAL D 515 -26.37 32.21 -20.86
C VAL D 515 -27.54 31.31 -20.48
N THR D 516 -28.58 31.35 -21.30
CA THR D 516 -29.79 30.57 -21.06
C THR D 516 -29.51 29.12 -21.45
N ALA D 517 -28.86 28.39 -20.54
CA ALA D 517 -28.57 26.98 -20.70
C ALA D 517 -29.04 26.24 -19.46
N TRP D 518 -28.82 24.93 -19.45
CA TRP D 518 -29.24 24.09 -18.32
C TRP D 518 -28.24 24.24 -17.19
N MET D 519 -28.63 24.94 -16.13
CA MET D 519 -27.81 25.10 -14.93
C MET D 519 -28.47 24.33 -13.80
N LEU D 520 -27.71 23.42 -13.17
CA LEU D 520 -28.29 22.52 -12.17
C LEU D 520 -28.72 23.28 -10.92
N PHE D 521 -27.82 24.11 -10.36
CA PHE D 521 -28.12 24.75 -9.08
C PHE D 521 -29.28 25.73 -9.17
N PRO D 522 -29.34 26.66 -10.15
CA PRO D 522 -30.54 27.51 -10.24
C PRO D 522 -31.83 26.71 -10.42
N ALA D 523 -31.77 25.63 -11.19
CA ALA D 523 -32.95 24.80 -11.40
C ALA D 523 -33.41 24.18 -10.09
N MET D 524 -32.48 23.66 -9.29
CA MET D 524 -32.89 23.01 -8.05
C MET D 524 -33.34 24.03 -7.03
N LEU D 525 -32.73 25.22 -7.02
CA LEU D 525 -33.21 26.29 -6.14
C LEU D 525 -34.62 26.71 -6.51
N CYS D 526 -34.92 26.82 -7.81
CA CYS D 526 -36.29 27.15 -8.23
C CYS D 526 -37.25 26.03 -7.87
N LYS D 527 -36.82 24.78 -7.98
CA LYS D 527 -37.66 23.66 -7.56
C LYS D 527 -37.93 23.70 -6.07
N MET D 528 -36.98 24.17 -5.27
CA MET D 528 -37.21 24.29 -3.84
C MET D 528 -38.22 25.39 -3.52
N GLY D 529 -38.28 26.44 -4.35
CA GLY D 529 -39.23 27.50 -4.14
C GLY D 529 -38.62 28.88 -4.10
N PHE D 530 -37.40 29.01 -4.62
CA PHE D 530 -36.66 30.27 -4.62
C PHE D 530 -36.63 30.85 -6.02
N ALA D 531 -37.08 32.09 -6.16
CA ALA D 531 -36.87 32.81 -7.41
C ALA D 531 -35.39 33.15 -7.55
N VAL D 532 -34.84 32.92 -8.74
CA VAL D 532 -33.41 33.08 -8.98
C VAL D 532 -33.20 34.18 -10.01
N LEU D 533 -32.26 35.08 -9.75
CA LEU D 533 -31.95 36.19 -10.64
C LEU D 533 -30.45 36.18 -10.91
N LEU D 534 -30.07 35.88 -12.15
CA LEU D 534 -28.68 35.89 -12.57
C LEU D 534 -28.40 37.19 -13.31
N VAL D 535 -27.44 37.96 -12.82
CA VAL D 535 -27.18 39.30 -13.30
C VAL D 535 -25.94 39.29 -14.18
N ASN D 536 -26.04 39.93 -15.35
CA ASN D 536 -24.92 40.13 -16.26
C ASN D 536 -24.63 41.63 -16.27
N TYR D 537 -23.81 42.08 -15.32
CA TYR D 537 -23.54 43.50 -15.18
C TYR D 537 -22.67 43.99 -16.33
N ARG D 538 -22.46 45.31 -16.36
CA ARG D 538 -21.60 45.91 -17.38
C ARG D 538 -20.18 45.37 -17.23
N GLY D 539 -19.58 44.97 -18.35
CA GLY D 539 -18.29 44.31 -18.34
C GLY D 539 -18.35 42.84 -18.68
N SER D 540 -19.53 42.29 -18.93
CA SER D 540 -19.68 40.89 -19.28
C SER D 540 -19.34 40.67 -20.76
N THR D 541 -19.42 39.43 -21.19
CA THR D 541 -19.15 39.07 -22.58
C THR D 541 -20.45 38.92 -23.35
N GLY D 542 -20.39 39.18 -24.65
CA GLY D 542 -21.55 39.11 -25.51
C GLY D 542 -22.26 40.43 -25.72
N PHE D 543 -21.65 41.56 -25.31
CA PHE D 543 -22.29 42.86 -25.44
C PHE D 543 -21.43 43.87 -26.17
N GLY D 544 -20.37 43.43 -26.84
CA GLY D 544 -19.48 44.33 -27.56
C GLY D 544 -18.20 44.61 -26.79
N GLN D 545 -17.23 45.16 -27.52
CA GLN D 545 -15.93 45.44 -26.92
C GLN D 545 -16.00 46.61 -25.94
N ASP D 546 -16.88 47.57 -26.19
CA ASP D 546 -16.98 48.73 -25.30
C ASP D 546 -17.42 48.32 -23.90
N SER D 547 -18.37 47.38 -23.81
CA SER D 547 -18.82 46.92 -22.51
C SER D 547 -17.70 46.27 -21.73
N ILE D 548 -16.87 45.47 -22.40
CA ILE D 548 -15.73 44.86 -21.73
C ILE D 548 -14.73 45.92 -21.30
N LEU D 549 -14.43 46.89 -22.18
CA LEU D 549 -13.40 47.87 -21.88
C LEU D 549 -13.83 48.89 -20.84
N SER D 550 -15.14 49.04 -20.60
CA SER D 550 -15.58 50.02 -19.60
C SER D 550 -15.21 49.59 -18.19
N LEU D 551 -15.26 48.30 -17.90
CA LEU D 551 -15.08 47.82 -16.53
C LEU D 551 -13.71 48.10 -15.92
N PRO D 552 -12.59 47.84 -16.61
CA PRO D 552 -11.29 48.00 -15.95
C PRO D 552 -11.08 49.40 -15.40
N GLY D 553 -10.48 49.48 -14.22
CA GLY D 553 -10.25 50.74 -13.55
C GLY D 553 -11.39 51.21 -12.66
N ASN D 554 -12.54 50.54 -12.72
CA ASN D 554 -13.70 50.92 -11.92
C ASN D 554 -14.31 49.73 -11.17
N VAL D 555 -13.52 48.69 -10.94
CA VAL D 555 -14.02 47.47 -10.31
C VAL D 555 -14.19 47.75 -8.82
N GLY D 556 -15.43 47.76 -8.35
CA GLY D 556 -15.69 47.98 -6.94
C GLY D 556 -16.74 49.04 -6.68
N HIS D 557 -16.92 49.96 -7.63
CA HIS D 557 -17.89 51.03 -7.49
C HIS D 557 -18.86 51.14 -8.65
N GLN D 558 -18.70 50.32 -9.69
CA GLN D 558 -19.59 50.36 -10.85
C GLN D 558 -20.45 49.11 -10.99
N ASP D 559 -19.87 47.92 -10.83
CA ASP D 559 -20.66 46.69 -10.95
C ASP D 559 -21.56 46.49 -9.75
N VAL D 560 -21.11 46.90 -8.56
CA VAL D 560 -21.94 46.78 -7.37
C VAL D 560 -23.22 47.59 -7.53
N LYS D 561 -23.09 48.83 -8.02
CA LYS D 561 -24.26 49.65 -8.26
C LYS D 561 -25.18 49.04 -9.30
N ASP D 562 -24.60 48.41 -10.33
CA ASP D 562 -25.41 47.77 -11.35
C ASP D 562 -26.22 46.61 -10.76
N VAL D 563 -25.58 45.77 -9.95
CA VAL D 563 -26.29 44.66 -9.34
C VAL D 563 -27.39 45.16 -8.40
N GLN D 564 -27.08 46.19 -7.61
CA GLN D 564 -28.07 46.75 -6.69
C GLN D 564 -29.25 47.34 -7.45
N PHE D 565 -28.99 48.03 -8.56
CA PHE D 565 -30.06 48.59 -9.37
C PHE D 565 -30.93 47.50 -9.97
N ALA D 566 -30.31 46.43 -10.46
CA ALA D 566 -31.07 45.31 -11.00
C ALA D 566 -31.96 44.70 -9.93
N VAL D 567 -31.43 44.49 -8.74
CA VAL D 567 -32.21 43.90 -7.65
C VAL D 567 -33.39 44.82 -7.29
N GLU D 568 -33.12 46.12 -7.18
CA GLU D 568 -34.17 47.06 -6.81
C GLU D 568 -35.27 47.10 -7.87
N GLN D 569 -34.89 47.14 -9.15
CA GLN D 569 -35.89 47.20 -10.21
C GLN D 569 -36.72 45.92 -10.24
N VAL D 570 -36.08 44.76 -10.09
CA VAL D 570 -36.82 43.51 -10.11
C VAL D 570 -37.78 43.43 -8.92
N LEU D 571 -37.32 43.84 -7.74
CA LEU D 571 -38.19 43.82 -6.57
C LEU D 571 -39.37 44.76 -6.75
N GLN D 572 -39.13 45.95 -7.29
CA GLN D 572 -40.23 46.91 -7.50
C GLN D 572 -41.23 46.39 -8.52
N GLU D 573 -40.75 45.78 -9.60
CA GLU D 573 -41.64 45.37 -10.68
C GLU D 573 -42.37 44.08 -10.36
N GLU D 574 -41.63 42.98 -10.17
CA GLU D 574 -42.23 41.67 -10.03
C GLU D 574 -42.99 41.48 -8.73
N HIS D 575 -42.80 42.36 -7.75
CA HIS D 575 -43.52 42.32 -6.47
C HIS D 575 -43.27 41.00 -5.74
N PHE D 576 -42.00 40.78 -5.39
CA PHE D 576 -41.61 39.65 -4.56
C PHE D 576 -41.59 40.07 -3.09
N ASP D 577 -41.04 39.23 -2.22
CA ASP D 577 -40.94 39.53 -0.80
C ASP D 577 -39.61 40.24 -0.55
N ALA D 578 -39.68 41.52 -0.19
CA ALA D 578 -38.47 42.29 0.06
C ALA D 578 -37.83 41.93 1.38
N GLY D 579 -38.56 41.31 2.30
CA GLY D 579 -37.99 40.93 3.58
C GLY D 579 -36.92 39.86 3.45
N ARG D 580 -37.17 38.86 2.62
CA ARG D 580 -36.27 37.71 2.47
C ARG D 580 -35.62 37.78 1.09
N VAL D 581 -34.40 38.31 1.05
CA VAL D 581 -33.58 38.32 -0.16
C VAL D 581 -32.19 37.85 0.21
N ALA D 582 -31.64 36.92 -0.56
CA ALA D 582 -30.35 36.32 -0.28
C ALA D 582 -29.40 36.51 -1.46
N LEU D 583 -28.11 36.45 -1.17
CA LEU D 583 -27.07 36.56 -2.17
C LEU D 583 -26.26 35.27 -2.21
N MET D 584 -25.76 34.92 -3.38
CA MET D 584 -24.85 33.80 -3.53
C MET D 584 -23.98 34.04 -4.75
N GLY D 585 -22.66 33.99 -4.55
CA GLY D 585 -21.73 34.28 -5.65
C GLY D 585 -20.42 33.57 -5.44
N GLY D 586 -19.81 33.12 -6.54
CA GLY D 586 -18.54 32.40 -6.44
C GLY D 586 -17.40 33.22 -7.01
N SER D 587 -16.26 33.22 -6.33
CA SER D 587 -15.06 33.94 -6.83
C SER D 587 -15.31 35.45 -6.92
N HIS D 588 -15.13 36.04 -8.11
CA HIS D 588 -15.37 37.49 -8.29
C HIS D 588 -16.80 37.80 -7.85
N GLY D 589 -17.74 36.89 -8.11
CA GLY D 589 -19.10 37.08 -7.61
C GLY D 589 -19.08 37.21 -6.11
N GLY D 590 -18.22 36.44 -5.44
CA GLY D 590 -18.08 36.59 -4.00
C GLY D 590 -17.54 37.96 -3.60
N PHE D 591 -16.61 38.49 -4.40
CA PHE D 591 -16.10 39.85 -4.17
C PHE D 591 -17.25 40.86 -4.25
N LEU D 592 -18.08 40.74 -5.28
CA LEU D 592 -19.23 41.63 -5.43
C LEU D 592 -20.24 41.42 -4.30
N SER D 593 -20.44 40.17 -3.88
CA SER D 593 -21.38 39.90 -2.80
C SER D 593 -20.90 40.51 -1.48
N CYS D 594 -19.61 40.40 -1.20
CA CYS D 594 -19.06 41.02 0.01
C CYS D 594 -19.21 42.53 -0.06
N HIS D 595 -18.93 43.13 -1.22
CA HIS D 595 -19.15 44.56 -1.39
C HIS D 595 -20.60 44.93 -1.12
N LEU D 596 -21.54 44.13 -1.64
CA LEU D 596 -22.96 44.44 -1.49
C LEU D 596 -23.39 44.34 -0.03
N ILE D 597 -22.98 43.28 0.66
CA ILE D 597 -23.37 43.12 2.06
C ILE D 597 -22.64 44.11 2.96
N GLY D 598 -21.54 44.69 2.51
CA GLY D 598 -20.87 45.70 3.28
C GLY D 598 -21.45 47.10 3.10
N GLN D 599 -21.72 47.48 1.86
CA GLN D 599 -22.20 48.83 1.57
C GLN D 599 -23.70 48.98 1.78
N TYR D 600 -24.47 47.89 1.71
CA TYR D 600 -25.92 47.92 1.92
C TYR D 600 -26.27 46.87 2.95
N PRO D 601 -26.12 47.19 4.24
CA PRO D 601 -26.26 46.15 5.27
C PRO D 601 -27.69 45.70 5.51
N GLU D 602 -28.67 46.59 5.36
CA GLU D 602 -30.05 46.30 5.73
C GLU D 602 -30.91 45.89 4.53
N THR D 603 -30.32 45.24 3.54
CA THR D 603 -31.05 44.85 2.34
C THR D 603 -31.04 43.36 2.06
N TYR D 604 -30.24 42.57 2.79
CA TYR D 604 -30.13 41.14 2.54
C TYR D 604 -30.18 40.40 3.87
N SER D 605 -30.56 39.13 3.81
CA SER D 605 -30.72 38.30 5.00
C SER D 605 -29.77 37.12 5.06
N ALA D 606 -28.98 36.87 4.01
CA ALA D 606 -28.03 35.76 4.01
C ALA D 606 -27.01 36.00 2.92
N CYS D 607 -25.96 35.18 2.91
CA CYS D 607 -24.92 35.26 1.89
C CYS D 607 -24.10 33.99 1.91
N VAL D 608 -23.83 33.44 0.73
CA VAL D 608 -22.98 32.27 0.57
C VAL D 608 -21.92 32.61 -0.47
N VAL D 609 -20.65 32.48 -0.10
CA VAL D 609 -19.54 32.83 -0.98
C VAL D 609 -18.56 31.67 -1.02
N ARG D 610 -18.04 31.38 -2.21
CA ARG D 610 -17.05 30.32 -2.41
C ARG D 610 -15.80 30.93 -3.01
N ASN D 611 -14.68 30.82 -2.28
CA ASN D 611 -13.38 31.32 -2.72
C ASN D 611 -13.43 32.79 -3.17
N PRO D 612 -13.78 33.70 -2.26
CA PRO D 612 -13.91 35.11 -2.66
C PRO D 612 -12.56 35.81 -2.69
N VAL D 613 -12.59 37.03 -3.22
CA VAL D 613 -11.43 37.92 -3.24
C VAL D 613 -11.71 39.05 -2.25
N ILE D 614 -10.84 39.19 -1.26
CA ILE D 614 -11.09 40.08 -0.14
C ILE D 614 -10.11 41.25 -0.12
N ASN D 615 -8.83 41.01 -0.40
CA ASN D 615 -7.82 42.06 -0.41
C ASN D 615 -6.98 41.91 -1.66
N ILE D 616 -7.07 42.90 -2.56
CA ILE D 616 -6.32 42.84 -3.81
C ILE D 616 -4.83 43.03 -3.56
N ALA D 617 -4.48 43.95 -2.65
CA ALA D 617 -3.07 44.23 -2.39
C ALA D 617 -2.35 43.02 -1.83
N SER D 618 -2.99 42.29 -0.92
CA SER D 618 -2.37 41.07 -0.40
C SER D 618 -2.43 39.94 -1.42
N MET D 619 -3.44 39.96 -2.30
CA MET D 619 -3.56 38.91 -3.31
C MET D 619 -2.44 39.01 -4.35
N MET D 620 -2.05 40.24 -4.70
CA MET D 620 -1.05 40.43 -5.76
C MET D 620 0.23 39.64 -5.48
N GLY D 621 0.66 39.60 -4.22
CA GLY D 621 1.94 38.97 -3.91
C GLY D 621 1.92 37.47 -4.03
N SER D 622 0.76 36.83 -3.87
CA SER D 622 0.64 35.37 -3.88
C SER D 622 -0.48 34.97 -4.84
N THR D 623 -0.15 34.84 -6.11
CA THR D 623 -1.05 34.34 -7.14
C THR D 623 -0.25 34.11 -8.41
N ASP D 624 -0.86 33.42 -9.37
CA ASP D 624 -0.23 33.17 -10.65
C ASP D 624 -0.58 34.20 -11.71
N ILE D 625 -1.46 35.15 -11.41
CA ILE D 625 -1.82 36.21 -12.35
C ILE D 625 -1.70 37.56 -11.67
N PRO D 626 -0.49 38.04 -11.41
CA PRO D 626 -0.35 39.38 -10.81
C PRO D 626 -0.86 40.50 -11.70
N ASP D 627 -0.96 40.27 -13.02
CA ASP D 627 -1.41 41.33 -13.91
C ASP D 627 -2.91 41.60 -13.74
N TRP D 628 -3.67 40.61 -13.28
CA TRP D 628 -5.11 40.80 -13.09
C TRP D 628 -5.38 41.93 -12.10
N CYS D 629 -4.66 41.92 -10.97
CA CYS D 629 -4.86 42.94 -9.96
C CYS D 629 -4.50 44.33 -10.47
N MET D 630 -3.38 44.44 -11.18
CA MET D 630 -2.96 45.75 -11.70
C MET D 630 -3.94 46.26 -12.74
N VAL D 631 -4.42 45.38 -13.63
CA VAL D 631 -5.35 45.82 -14.67
C VAL D 631 -6.68 46.24 -14.06
N GLU D 632 -7.20 45.44 -13.12
CA GLU D 632 -8.47 45.79 -12.51
C GLU D 632 -8.36 47.07 -11.68
N ALA D 633 -7.22 47.28 -11.02
CA ALA D 633 -7.04 48.52 -10.26
C ALA D 633 -7.01 49.73 -11.19
N GLY D 634 -6.35 49.60 -12.33
CA GLY D 634 -6.32 50.68 -13.31
C GLY D 634 -4.94 51.05 -13.78
N PHE D 635 -3.94 50.23 -13.46
CA PHE D 635 -2.56 50.50 -13.81
C PHE D 635 -2.04 49.45 -14.79
N SER D 636 -1.20 49.88 -15.72
CA SER D 636 -0.59 48.96 -16.67
C SER D 636 0.39 48.04 -15.94
N TYR D 637 0.39 46.77 -16.33
CA TYR D 637 1.25 45.78 -15.70
C TYR D 637 2.60 45.73 -16.42
N SER D 638 3.68 45.81 -15.64
CA SER D 638 5.03 45.72 -16.16
C SER D 638 5.78 44.64 -15.40
N SER D 639 6.44 43.74 -16.14
CA SER D 639 7.16 42.65 -15.49
C SER D 639 8.31 43.16 -14.62
N ASP D 640 9.05 44.15 -15.12
CA ASP D 640 10.17 44.73 -14.38
C ASP D 640 9.70 46.03 -13.74
N CYS D 641 8.95 45.91 -12.66
CA CYS D 641 8.44 47.07 -11.95
C CYS D 641 8.10 46.67 -10.51
N LEU D 642 8.05 47.68 -9.64
CA LEU D 642 7.65 47.51 -8.26
C LEU D 642 6.61 48.57 -7.92
N PRO D 643 5.45 48.18 -7.38
CA PRO D 643 4.39 49.15 -7.12
C PRO D 643 4.79 50.16 -6.05
N ASP D 644 4.25 51.37 -6.19
CA ASP D 644 4.51 52.46 -5.26
C ASP D 644 3.46 52.46 -4.15
N LEU D 645 3.43 53.53 -3.36
CA LEU D 645 2.43 53.64 -2.29
C LEU D 645 1.05 53.96 -2.85
N SER D 646 0.98 54.73 -3.93
CA SER D 646 -0.32 55.08 -4.51
C SER D 646 -1.05 53.86 -5.02
N VAL D 647 -0.33 52.92 -5.63
CA VAL D 647 -0.95 51.71 -6.15
C VAL D 647 -1.53 50.88 -5.02
N TRP D 648 -0.76 50.71 -3.94
CA TRP D 648 -1.26 49.97 -2.78
C TRP D 648 -2.46 50.67 -2.16
N ALA D 649 -2.44 52.00 -2.11
CA ALA D 649 -3.59 52.74 -1.60
C ALA D 649 -4.82 52.50 -2.46
N ALA D 650 -4.64 52.47 -3.78
CA ALA D 650 -5.77 52.21 -4.68
C ALA D 650 -6.35 50.83 -4.45
N MET D 651 -5.50 49.79 -4.41
CA MET D 651 -6.02 48.44 -4.19
C MET D 651 -6.64 48.30 -2.80
N LEU D 652 -6.15 49.05 -1.82
CA LEU D 652 -6.76 49.00 -0.50
C LEU D 652 -8.12 49.68 -0.50
N ASP D 653 -8.27 50.77 -1.24
CA ASP D 653 -9.55 51.47 -1.30
C ASP D 653 -10.60 50.67 -2.05
N LYS D 654 -10.18 49.91 -3.06
CA LYS D 654 -11.15 49.14 -3.84
C LYS D 654 -11.54 47.81 -3.20
N SER D 655 -10.82 47.36 -2.17
CA SER D 655 -11.09 46.06 -1.56
C SER D 655 -12.32 46.11 -0.67
N PRO D 656 -13.05 44.99 -0.56
CA PRO D 656 -14.26 44.99 0.29
C PRO D 656 -13.97 44.94 1.78
N ILE D 657 -12.75 44.57 2.19
CA ILE D 657 -12.42 44.51 3.61
C ILE D 657 -12.57 45.87 4.27
N LYS D 658 -12.46 46.94 3.48
CA LYS D 658 -12.65 48.29 4.00
C LYS D 658 -14.01 48.47 4.64
N TYR D 659 -15.01 47.72 4.17
CA TYR D 659 -16.37 47.80 4.69
C TYR D 659 -16.68 46.68 5.68
N ALA D 660 -15.65 45.97 6.15
CA ALA D 660 -15.88 44.85 7.05
C ALA D 660 -16.59 45.22 8.35
N PRO D 661 -16.23 46.31 9.07
CA PRO D 661 -16.87 46.56 10.38
C PRO D 661 -18.33 46.98 10.30
N GLN D 662 -18.93 46.96 9.12
CA GLN D 662 -20.33 47.32 8.95
C GLN D 662 -21.22 46.13 8.59
N VAL D 663 -20.65 44.93 8.48
CA VAL D 663 -21.42 43.76 8.06
C VAL D 663 -22.29 43.29 9.21
N LYS D 664 -23.56 43.00 8.91
CA LYS D 664 -24.48 42.51 9.94
C LYS D 664 -25.34 41.35 9.43
N THR D 665 -24.89 40.62 8.41
CA THR D 665 -25.64 39.51 7.85
C THR D 665 -24.87 38.20 8.03
N PRO D 666 -25.55 37.11 8.38
CA PRO D 666 -24.85 35.83 8.53
C PRO D 666 -24.17 35.41 7.23
N LEU D 667 -23.00 34.79 7.36
CA LEU D 667 -22.16 34.46 6.23
C LEU D 667 -21.71 33.01 6.31
N LEU D 668 -21.56 32.39 5.14
CA LEU D 668 -21.08 31.02 5.04
C LEU D 668 -20.01 30.98 3.95
N LEU D 669 -18.81 30.51 4.30
CA LEU D 669 -17.67 30.50 3.39
C LEU D 669 -17.27 29.08 3.06
N MET D 670 -16.90 28.86 1.80
CA MET D 670 -16.35 27.60 1.34
C MET D 670 -15.00 27.88 0.69
N LEU D 671 -13.95 27.21 1.16
CA LEU D 671 -12.60 27.49 0.72
C LEU D 671 -11.91 26.21 0.28
N GLY D 672 -11.02 26.34 -0.70
CA GLY D 672 -10.19 25.23 -1.12
C GLY D 672 -8.76 25.41 -0.68
N GLN D 673 -8.26 24.49 0.15
CA GLN D 673 -6.93 24.65 0.74
C GLN D 673 -5.83 24.61 -0.29
N GLU D 674 -6.07 24.04 -1.47
CA GLU D 674 -5.06 23.94 -2.52
C GLU D 674 -5.33 24.91 -3.66
N ASP D 675 -6.17 25.92 -3.44
CA ASP D 675 -6.47 26.89 -4.47
C ASP D 675 -5.23 27.73 -4.79
N ARG D 676 -4.93 27.89 -6.07
CA ARG D 676 -3.74 28.62 -6.49
C ARG D 676 -4.04 29.90 -7.25
N ARG D 677 -5.28 30.11 -7.69
CA ARG D 677 -5.64 31.36 -8.33
C ARG D 677 -6.00 32.43 -7.30
N VAL D 678 -6.90 32.12 -6.39
CA VAL D 678 -7.23 32.98 -5.28
C VAL D 678 -6.82 32.27 -3.99
N PRO D 679 -5.72 32.66 -3.35
CA PRO D 679 -5.26 31.93 -2.17
C PRO D 679 -6.30 31.93 -1.06
N PHE D 680 -6.35 30.81 -0.33
CA PHE D 680 -7.39 30.58 0.66
C PHE D 680 -7.24 31.43 1.92
N LYS D 681 -6.14 32.16 2.08
CA LYS D 681 -6.02 33.08 3.20
C LYS D 681 -6.95 34.28 3.06
N GLN D 682 -7.36 34.60 1.83
CA GLN D 682 -8.21 35.77 1.60
C GLN D 682 -9.53 35.64 2.33
N GLY D 683 -10.15 34.46 2.26
CA GLY D 683 -11.37 34.24 3.03
C GLY D 683 -11.12 34.18 4.52
N MET D 684 -9.96 33.68 4.93
CA MET D 684 -9.71 33.55 6.37
C MET D 684 -9.51 34.89 7.05
N GLU D 685 -8.91 35.87 6.37
CA GLU D 685 -8.79 37.17 7.03
C GLU D 685 -10.15 37.84 7.21
N TYR D 686 -11.04 37.70 6.22
CA TYR D 686 -12.41 38.20 6.38
C TYR D 686 -13.13 37.45 7.48
N TYR D 687 -12.93 36.14 7.58
CA TYR D 687 -13.53 35.36 8.64
C TYR D 687 -13.06 35.81 10.01
N ARG D 688 -11.75 36.09 10.14
CA ARG D 688 -11.22 36.57 11.41
C ARG D 688 -11.80 37.92 11.78
N VAL D 689 -11.90 38.83 10.81
CA VAL D 689 -12.44 40.16 11.09
C VAL D 689 -13.90 40.05 11.53
N LEU D 690 -14.68 39.19 10.86
CA LEU D 690 -16.08 39.05 11.23
C LEU D 690 -16.24 38.35 12.59
N LYS D 691 -15.37 37.39 12.89
CA LYS D 691 -15.44 36.70 14.17
C LYS D 691 -15.07 37.61 15.33
N ALA D 692 -14.14 38.55 15.09
CA ALA D 692 -13.77 39.48 16.16
C ALA D 692 -14.94 40.34 16.60
N ARG D 693 -15.85 40.67 15.68
CA ARG D 693 -17.00 41.50 15.99
C ARG D 693 -18.22 40.69 16.38
N ASN D 694 -18.07 39.36 16.53
CA ASN D 694 -19.15 38.47 16.99
C ASN D 694 -20.34 38.47 16.02
N VAL D 695 -20.06 38.15 14.77
CA VAL D 695 -21.07 37.98 13.73
C VAL D 695 -21.14 36.50 13.38
N PRO D 696 -22.34 35.91 13.30
CA PRO D 696 -22.44 34.47 13.01
C PRO D 696 -21.84 34.12 11.66
N VAL D 697 -20.78 33.31 11.68
CA VAL D 697 -20.07 32.90 10.48
C VAL D 697 -19.83 31.40 10.55
N ARG D 698 -20.03 30.72 9.42
CA ARG D 698 -19.73 29.30 9.28
C ARG D 698 -18.69 29.12 8.18
N LEU D 699 -17.70 28.27 8.43
CA LEU D 699 -16.61 28.05 7.49
C LEU D 699 -16.47 26.57 7.19
N LEU D 700 -16.24 26.25 5.92
CA LEU D 700 -15.98 24.88 5.48
C LEU D 700 -14.74 24.90 4.59
N LEU D 701 -13.71 24.14 4.97
CA LEU D 701 -12.45 24.11 4.25
C LEU D 701 -12.22 22.72 3.69
N TYR D 702 -11.96 22.64 2.38
CA TYR D 702 -11.74 21.37 1.72
C TYR D 702 -10.25 21.18 1.47
N PRO D 703 -9.60 20.19 2.10
CA PRO D 703 -8.13 20.13 2.06
C PRO D 703 -7.55 19.86 0.68
N LYS D 704 -8.31 19.30 -0.26
CA LYS D 704 -7.75 18.91 -1.55
C LYS D 704 -8.50 19.52 -2.72
N SER D 705 -9.40 20.47 -2.48
CA SER D 705 -10.18 21.08 -3.55
C SER D 705 -9.33 22.11 -4.31
N THR D 706 -9.93 22.74 -5.30
CA THR D 706 -9.25 23.74 -6.11
C THR D 706 -10.16 24.94 -6.36
N HIS D 707 -9.78 25.81 -7.30
CA HIS D 707 -10.55 27.02 -7.55
C HIS D 707 -11.96 26.71 -8.06
N ALA D 708 -12.19 25.53 -8.63
CA ALA D 708 -13.47 25.21 -9.24
C ALA D 708 -14.40 24.43 -8.32
N LEU D 709 -13.88 23.74 -7.31
CA LEU D 709 -14.67 22.84 -6.46
C LEU D 709 -15.41 21.82 -7.32
N SER D 710 -14.72 21.26 -8.30
CA SER D 710 -15.33 20.41 -9.30
C SER D 710 -15.45 18.95 -8.90
N GLU D 711 -14.87 18.55 -7.78
CA GLU D 711 -14.99 17.17 -7.32
C GLU D 711 -16.44 16.85 -6.98
N VAL D 712 -16.82 15.59 -7.23
CA VAL D 712 -18.23 15.21 -7.06
C VAL D 712 -18.64 15.31 -5.59
N GLU D 713 -17.84 14.74 -4.69
CA GLU D 713 -18.16 14.82 -3.27
C GLU D 713 -18.11 16.26 -2.77
N VAL D 714 -17.10 17.02 -3.18
CA VAL D 714 -16.97 18.41 -2.75
C VAL D 714 -18.16 19.22 -3.25
N GLU D 715 -18.50 19.08 -4.53
CA GLU D 715 -19.62 19.84 -5.08
C GLU D 715 -20.93 19.47 -4.41
N SER D 716 -21.17 18.17 -4.19
CA SER D 716 -22.40 17.75 -3.55
C SER D 716 -22.51 18.32 -2.14
N ASP D 717 -21.43 18.20 -1.35
CA ASP D 717 -21.47 18.69 0.02
C ASP D 717 -21.67 20.20 0.05
N SER D 718 -20.95 20.94 -0.81
CA SER D 718 -21.07 22.39 -0.81
C SER D 718 -22.48 22.83 -1.19
N PHE D 719 -23.04 22.22 -2.24
CA PHE D 719 -24.38 22.60 -2.68
C PHE D 719 -25.41 22.29 -1.61
N MET D 720 -25.32 21.11 -0.98
CA MET D 720 -26.27 20.77 0.06
C MET D 720 -26.17 21.71 1.25
N ASN D 721 -24.94 22.05 1.67
CA ASN D 721 -24.77 22.97 2.78
C ASN D 721 -25.33 24.34 2.45
N ALA D 722 -25.09 24.83 1.23
CA ALA D 722 -25.62 26.14 0.85
C ALA D 722 -27.14 26.13 0.85
N VAL D 723 -27.75 25.06 0.33
CA VAL D 723 -29.22 25.01 0.29
C VAL D 723 -29.79 24.96 1.69
N LEU D 724 -29.20 24.16 2.59
CA LEU D 724 -29.69 24.12 3.96
C LEU D 724 -29.52 25.46 4.66
N TRP D 725 -28.39 26.13 4.44
CA TRP D 725 -28.17 27.44 5.05
C TRP D 725 -29.23 28.44 4.59
N LEU D 726 -29.48 28.50 3.27
CA LEU D 726 -30.47 29.42 2.75
C LEU D 726 -31.86 29.10 3.25
N CYS D 727 -32.21 27.81 3.30
CA CYS D 727 -33.54 27.43 3.78
C CYS D 727 -33.72 27.76 5.25
N THR D 728 -32.68 27.55 6.06
CA THR D 728 -32.80 27.80 7.49
C THR D 728 -32.88 29.29 7.79
N HIS D 729 -32.01 30.10 7.18
CA HIS D 729 -32.00 31.52 7.51
C HIS D 729 -33.15 32.28 6.86
N LEU D 730 -33.58 31.87 5.66
CA LEU D 730 -34.71 32.52 5.01
C LEU D 730 -35.98 31.68 5.15
#